data_4I9U
#
_entry.id   4I9U
#
_cell.length_a   83.690
_cell.length_b   138.740
_cell.length_c   138.170
_cell.angle_alpha   90.00
_cell.angle_beta   94.82
_cell.angle_gamma   90.00
#
_symmetry.space_group_name_H-M   'P 1 21 1'
#
loop_
_entity.id
_entity.type
_entity.pdbx_description
1 polymer 'L-lactate dehydrogenase A chain'
2 non-polymer '6-({2-[(5-chloro-2-methoxyphenyl)amino]-2-oxoethyl}sulfanyl)pyridine-3-carboxylic acid'
3 water water
#
_entity_poly.entity_id   1
_entity_poly.type   'polypeptide(L)'
_entity_poly.pdbx_seq_one_letter_code
;AALKDQLIHNLLKEEHVPQNKITVVGVGAVGMACAISILMKDLADELALVDVMEDKLKGEMMDLQHGSLFLRTPKIVSGK
DYSVTANSKLVIITAGARQQEGESRLNLVQRNVNIFKFIIPNVVKYSPHCKLLVVSNPVDILTYVAWKISGFPKNRVIGS
GCNLDSARFRYLMGERLGVHALSCHGWILGEHGDSSVPVWSGMNVAGVSLKTLHPELGTDADKEQWKQVHKQVVDSAYEV
IKLKGYTTWAIGLSVADLAESIMKNLRRVHPISTMLKGLYGIKEDVFLSVPCVLGQNGISDVVKVTLTSEEEAHLKKSAD
TLWGIQKELQF
;
_entity_poly.pdbx_strand_id   A,B,C,D,E,F,G,H
#
# COMPACT_ATOMS: atom_id res chain seq x y z
N ALA A 1 -72.62 6.00 -3.60
CA ALA A 1 -72.39 5.70 -2.16
C ALA A 1 -71.25 6.57 -1.67
N ALA A 2 -70.88 6.41 -0.40
CA ALA A 2 -69.74 7.13 0.17
C ALA A 2 -68.47 6.68 -0.55
N LEU A 3 -67.46 7.56 -0.58
CA LEU A 3 -66.26 7.31 -1.37
C LEU A 3 -65.52 6.08 -0.88
N LYS A 4 -65.45 5.92 0.44
CA LYS A 4 -64.85 4.74 1.03
C LYS A 4 -65.55 3.49 0.50
N ASP A 5 -66.85 3.63 0.23
CA ASP A 5 -67.66 2.50 -0.22
C ASP A 5 -67.49 2.26 -1.70
N GLN A 6 -67.21 3.33 -2.44
CA GLN A 6 -66.96 3.19 -3.87
C GLN A 6 -65.60 2.53 -4.01
N LEU A 7 -64.70 2.89 -3.11
CA LEU A 7 -63.31 2.47 -3.20
C LEU A 7 -63.09 1.05 -2.68
N ILE A 8 -63.71 0.74 -1.54
CA ILE A 8 -63.43 -0.48 -0.80
C ILE A 8 -64.66 -1.31 -0.51
N HIS A 9 -64.60 -2.60 -0.83
CA HIS A 9 -65.68 -3.52 -0.51
C HIS A 9 -65.33 -4.32 0.75
N ASN A 10 -66.15 -4.17 1.80
CA ASN A 10 -65.97 -4.93 3.05
C ASN A 10 -66.38 -6.40 2.91
N LEU A 11 -65.55 -7.32 3.40
CA LEU A 11 -65.84 -8.75 3.33
C LEU A 11 -65.90 -9.40 4.70
N LEU A 12 -65.34 -8.73 5.70
CA LEU A 12 -65.29 -9.27 7.03
C LEU A 12 -65.73 -8.17 7.97
N LYS A 13 -66.48 -8.54 9.00
CA LYS A 13 -66.87 -7.57 10.00
C LYS A 13 -65.94 -7.71 11.20
N GLU A 14 -65.20 -6.64 11.45
CA GLU A 14 -63.85 -6.74 11.99
C GLU A 14 -63.81 -6.71 13.52
N GLU A 15 -63.44 -7.86 14.11
CA GLU A 15 -63.31 -7.98 15.54
C GLU A 15 -61.96 -7.47 16.03
N HIS A 16 -61.92 -6.19 16.40
CA HIS A 16 -60.68 -5.56 16.80
C HIS A 16 -60.28 -5.91 18.23
N VAL A 17 -59.37 -6.88 18.36
CA VAL A 17 -58.77 -7.24 19.64
C VAL A 17 -57.25 -7.19 19.57
N PRO A 18 -56.63 -6.20 20.24
CA PRO A 18 -55.17 -6.08 20.13
C PRO A 18 -54.44 -7.35 20.56
N GLN A 19 -53.44 -7.71 19.78
CA GLN A 19 -52.68 -8.93 20.05
C GLN A 19 -51.33 -8.63 20.73
N ASN A 20 -50.77 -7.46 20.49
CA ASN A 20 -49.49 -7.10 21.08
C ASN A 20 -49.50 -5.68 21.55
N LYS A 21 -50.47 -5.37 22.39
CA LYS A 21 -50.76 -4.01 22.78
C LYS A 21 -49.91 -3.64 23.97
N ILE A 22 -49.48 -2.38 24.01
CA ILE A 22 -48.71 -1.85 25.12
C ILE A 22 -49.27 -0.52 25.56
N THR A 23 -49.37 -0.34 26.89
CA THR A 23 -49.79 0.93 27.50
C THR A 23 -48.67 1.61 28.29
N VAL A 24 -48.52 2.90 28.07
CA VAL A 24 -47.62 3.71 28.86
C VAL A 24 -48.48 4.67 29.68
N VAL A 25 -48.43 4.54 31.01
CA VAL A 25 -49.19 5.41 31.89
C VAL A 25 -48.34 6.62 32.28
N GLY A 26 -48.78 7.81 31.88
CA GLY A 26 -47.99 9.02 32.12
C GLY A 26 -47.27 9.53 30.89
N VAL A 27 -47.51 10.79 30.54
CA VAL A 27 -46.91 11.36 29.33
C VAL A 27 -45.99 12.54 29.62
N GLY A 28 -45.22 12.42 30.71
CA GLY A 28 -44.14 13.34 30.94
C GLY A 28 -42.93 12.95 30.11
N ALA A 29 -41.84 13.70 30.25
CA ALA A 29 -40.66 13.44 29.44
C ALA A 29 -40.26 11.96 29.45
N VAL A 30 -40.36 11.31 30.60
CA VAL A 30 -39.97 9.91 30.70
C VAL A 30 -40.88 8.99 29.89
N GLY A 31 -42.17 9.09 30.15
CA GLY A 31 -43.09 8.17 29.53
C GLY A 31 -43.12 8.32 28.02
N MET A 32 -42.97 9.54 27.53
CA MET A 32 -42.99 9.75 26.09
C MET A 32 -41.73 9.13 25.49
N ALA A 33 -40.62 9.25 26.19
CA ALA A 33 -39.38 8.69 25.69
C ALA A 33 -39.54 7.19 25.54
N CYS A 34 -40.24 6.59 26.50
CA CYS A 34 -40.59 5.18 26.45
C CYS A 34 -41.48 4.90 25.24
N ALA A 35 -42.42 5.80 24.97
CA ALA A 35 -43.34 5.54 23.90
C ALA A 35 -42.58 5.57 22.57
N ILE A 36 -41.78 6.60 22.35
CA ILE A 36 -41.16 6.80 21.05
C ILE A 36 -40.16 5.68 20.78
N SER A 37 -39.45 5.22 21.80
CA SER A 37 -38.53 4.09 21.64
C SER A 37 -39.26 2.79 21.29
N ILE A 38 -40.37 2.53 21.99
CA ILE A 38 -41.22 1.36 21.73
C ILE A 38 -41.80 1.37 20.30
N LEU A 39 -42.35 2.50 19.87
CA LEU A 39 -42.85 2.61 18.50
C LEU A 39 -41.78 2.28 17.48
N MET A 40 -40.54 2.65 17.78
CA MET A 40 -39.49 2.64 16.78
C MET A 40 -38.81 1.28 16.68
N LYS A 41 -39.02 0.44 17.70
CA LYS A 41 -38.56 -0.94 17.68
C LYS A 41 -39.67 -1.89 17.24
N ASP A 42 -40.82 -1.36 16.85
CA ASP A 42 -41.87 -2.18 16.29
C ASP A 42 -42.31 -3.24 17.31
N LEU A 43 -42.64 -2.81 18.52
CA LEU A 43 -42.89 -3.76 19.58
C LEU A 43 -44.37 -4.03 19.81
N ALA A 44 -45.21 -3.09 19.40
CA ALA A 44 -46.64 -3.21 19.67
C ALA A 44 -47.47 -3.00 18.40
N ASP A 45 -48.60 -3.68 18.30
CA ASP A 45 -49.56 -3.38 17.26
C ASP A 45 -50.49 -2.28 17.75
N GLU A 46 -50.48 -2.04 19.06
CA GLU A 46 -51.25 -0.94 19.63
C GLU A 46 -50.57 -0.34 20.87
N LEU A 47 -50.45 0.99 20.86
CA LEU A 47 -49.99 1.75 22.01
C LEU A 47 -51.13 2.62 22.56
N ALA A 48 -51.33 2.55 23.86
CA ALA A 48 -52.27 3.46 24.52
C ALA A 48 -51.50 4.31 25.52
N LEU A 49 -51.92 5.57 25.64
CA LEU A 49 -51.32 6.51 26.56
C LEU A 49 -52.40 7.09 27.47
N VAL A 50 -52.25 6.90 28.77
CA VAL A 50 -53.15 7.47 29.76
C VAL A 50 -52.43 8.48 30.62
N ASP A 51 -53.07 9.61 30.87
CA ASP A 51 -52.60 10.53 31.89
C ASP A 51 -53.81 11.27 32.49
N VAL A 52 -53.57 12.36 33.20
CA VAL A 52 -54.68 13.14 33.73
C VAL A 52 -54.73 14.54 33.15
N MET A 53 -53.64 14.99 32.55
CA MET A 53 -53.68 16.27 31.84
C MET A 53 -54.17 15.98 30.43
N GLU A 54 -55.43 16.31 30.15
CA GLU A 54 -56.11 15.79 28.96
C GLU A 54 -55.65 16.41 27.64
N ASP A 55 -55.36 17.70 27.63
CA ASP A 55 -54.77 18.33 26.45
C ASP A 55 -53.43 17.70 26.14
N LYS A 56 -52.50 17.82 27.08
CA LYS A 56 -51.16 17.27 26.92
C LYS A 56 -51.23 15.85 26.39
N LEU A 57 -52.12 15.04 26.98
CA LEU A 57 -52.32 13.65 26.57
C LEU A 57 -52.76 13.59 25.10
N LYS A 58 -53.81 14.35 24.78
CA LYS A 58 -54.39 14.36 23.43
C LYS A 58 -53.39 14.85 22.39
N GLY A 59 -52.50 15.74 22.78
CA GLY A 59 -51.58 16.31 21.82
C GLY A 59 -50.38 15.42 21.56
N GLU A 60 -50.05 14.57 22.52
CA GLU A 60 -48.96 13.61 22.35
C GLU A 60 -49.44 12.48 21.46
N MET A 61 -50.70 12.08 21.66
CA MET A 61 -51.31 11.08 20.81
C MET A 61 -51.27 11.58 19.37
N MET A 62 -51.75 12.79 19.17
CA MET A 62 -51.83 13.35 17.83
C MET A 62 -50.46 13.46 17.18
N ASP A 63 -49.48 13.89 17.96
CA ASP A 63 -48.14 14.08 17.41
C ASP A 63 -47.56 12.74 16.97
N LEU A 64 -47.85 11.66 17.70
CA LEU A 64 -47.36 10.34 17.35
C LEU A 64 -48.09 9.76 16.16
N GLN A 65 -49.40 10.00 16.09
CA GLN A 65 -50.21 9.49 14.99
C GLN A 65 -49.78 10.10 13.66
N HIS A 66 -49.41 11.39 13.70
CA HIS A 66 -49.02 12.09 12.49
C HIS A 66 -47.81 11.41 11.86
N GLY A 67 -47.07 10.65 12.65
CA GLY A 67 -45.87 10.02 12.15
C GLY A 67 -46.13 8.59 11.74
N SER A 68 -47.40 8.22 11.66
CA SER A 68 -47.76 6.84 11.37
C SER A 68 -47.10 6.32 10.10
N LEU A 69 -47.02 7.17 9.07
CA LEU A 69 -46.43 6.77 7.79
C LEU A 69 -45.04 6.15 8.00
N PHE A 70 -44.36 6.57 9.07
CA PHE A 70 -42.99 6.16 9.33
C PHE A 70 -42.91 5.07 10.41
N LEU A 71 -44.05 4.58 10.85
CA LEU A 71 -44.08 3.59 11.90
C LEU A 71 -44.73 2.31 11.41
N ARG A 72 -44.62 1.27 12.22
CA ARG A 72 -45.21 -0.01 11.91
C ARG A 72 -46.10 -0.45 13.07
N THR A 73 -46.63 0.52 13.82
CA THR A 73 -47.61 0.27 14.89
C THR A 73 -48.91 0.95 14.50
N PRO A 74 -49.87 0.18 14.01
CA PRO A 74 -51.01 0.74 13.27
C PRO A 74 -52.02 1.56 14.08
N LYS A 75 -52.02 1.38 15.40
CA LYS A 75 -53.02 2.05 16.22
C LYS A 75 -52.46 2.64 17.51
N ILE A 76 -52.66 3.93 17.68
CA ILE A 76 -52.26 4.68 18.87
C ILE A 76 -53.46 5.44 19.44
N VAL A 77 -53.76 5.20 20.71
CA VAL A 77 -54.92 5.83 21.36
C VAL A 77 -54.52 6.48 22.68
N SER A 78 -55.44 7.25 23.25
CA SER A 78 -55.20 7.92 24.53
C SER A 78 -56.47 8.43 25.20
N GLY A 79 -56.33 8.78 26.47
CA GLY A 79 -57.47 9.29 27.20
C GLY A 79 -57.33 9.08 28.70
N LYS A 80 -58.08 9.86 29.47
CA LYS A 80 -58.02 9.77 30.92
C LYS A 80 -58.76 8.53 31.42
N ASP A 81 -59.64 7.98 30.59
CA ASP A 81 -60.38 6.78 30.96
C ASP A 81 -59.63 5.51 30.56
N TYR A 82 -59.46 4.60 31.52
CA TYR A 82 -58.56 3.46 31.36
C TYR A 82 -59.13 2.34 30.48
N SER A 83 -60.33 2.55 29.97
CA SER A 83 -60.91 1.60 29.03
C SER A 83 -59.97 1.49 27.83
N VAL A 84 -59.23 2.56 27.56
CA VAL A 84 -58.28 2.60 26.45
C VAL A 84 -57.08 1.68 26.62
N THR A 85 -56.81 1.26 27.86
CA THR A 85 -55.68 0.39 28.12
C THR A 85 -56.14 -1.05 28.01
N ALA A 86 -57.38 -1.26 27.58
CA ALA A 86 -57.95 -2.59 27.62
C ALA A 86 -57.11 -3.58 26.80
N ASN A 87 -56.81 -4.72 27.41
CA ASN A 87 -56.19 -5.82 26.69
C ASN A 87 -54.71 -5.62 26.44
N SER A 88 -54.06 -4.77 27.24
CA SER A 88 -52.61 -4.60 27.15
C SER A 88 -51.87 -5.86 27.58
N LYS A 89 -50.84 -6.24 26.84
CA LYS A 89 -49.97 -7.33 27.27
C LYS A 89 -48.98 -6.80 28.31
N LEU A 90 -48.68 -5.52 28.22
CA LEU A 90 -47.67 -4.88 29.04
C LEU A 90 -48.11 -3.46 29.36
N VAL A 91 -48.03 -3.08 30.62
CA VAL A 91 -48.40 -1.73 31.02
C VAL A 91 -47.25 -1.10 31.77
N ILE A 92 -46.79 0.04 31.26
CA ILE A 92 -45.62 0.71 31.78
C ILE A 92 -46.06 1.91 32.59
N ILE A 93 -45.63 1.95 33.86
CA ILE A 93 -46.07 3.02 34.73
C ILE A 93 -44.97 4.05 34.89
N THR A 94 -45.18 5.24 34.33
CA THR A 94 -44.22 6.32 34.47
C THR A 94 -44.81 7.48 35.28
N ALA A 95 -45.99 7.26 35.85
CA ALA A 95 -46.69 8.27 36.61
C ALA A 95 -46.00 8.58 37.95
N GLY A 96 -46.04 9.84 38.35
CA GLY A 96 -45.39 10.21 39.59
C GLY A 96 -45.75 11.62 40.00
N ALA A 97 -45.45 11.98 41.25
CA ALA A 97 -45.83 13.27 41.78
C ALA A 97 -44.59 14.20 41.89
N ARG A 98 -44.74 15.44 41.46
CA ARG A 98 -43.72 16.50 41.65
C ARG A 98 -43.09 16.51 43.03
N ASN A 107 -42.63 14.73 52.74
CA ASN A 107 -42.31 13.59 51.94
C ASN A 107 -43.43 13.07 51.00
N LEU A 108 -43.10 12.24 50.05
CA LEU A 108 -44.01 12.03 48.98
C LEU A 108 -44.62 10.64 49.15
N VAL A 109 -43.85 9.66 48.64
CA VAL A 109 -44.26 8.24 48.44
C VAL A 109 -45.71 7.95 48.70
N GLN A 110 -46.19 8.20 49.92
CA GLN A 110 -47.62 8.04 50.20
C GLN A 110 -48.44 8.79 49.14
N ARG A 111 -47.94 9.94 48.67
CA ARG A 111 -48.61 10.64 47.59
C ARG A 111 -48.57 9.80 46.31
N ASN A 112 -47.37 9.39 45.90
CA ASN A 112 -47.20 8.46 44.79
C ASN A 112 -47.98 7.16 45.05
N VAL A 113 -48.03 6.74 46.30
CA VAL A 113 -48.79 5.54 46.68
C VAL A 113 -50.25 5.84 46.39
N ASN A 114 -50.64 7.08 46.65
CA ASN A 114 -52.02 7.48 46.48
C ASN A 114 -52.38 7.48 45.00
N ILE A 115 -51.51 8.05 44.17
CA ILE A 115 -51.64 7.96 42.73
C ILE A 115 -51.79 6.49 42.26
N PHE A 116 -50.87 5.63 42.68
CA PHE A 116 -50.94 4.22 42.33
C PHE A 116 -52.22 3.57 42.85
N LYS A 117 -52.74 4.09 43.95
CA LYS A 117 -53.98 3.57 44.52
C LYS A 117 -55.15 3.81 43.59
N PHE A 118 -54.99 4.78 42.70
CA PHE A 118 -56.01 5.06 41.67
C PHE A 118 -55.72 4.38 40.35
N ILE A 119 -54.47 4.50 39.90
CA ILE A 119 -54.10 3.99 38.58
C ILE A 119 -54.07 2.46 38.51
N ILE A 120 -53.57 1.82 39.55
CA ILE A 120 -53.30 0.39 39.46
C ILE A 120 -54.53 -0.50 39.44
N PRO A 121 -55.54 -0.21 40.27
CA PRO A 121 -56.75 -1.01 40.17
C PRO A 121 -57.49 -0.82 38.83
N ASN A 122 -57.42 0.39 38.28
CA ASN A 122 -57.91 0.63 36.92
C ASN A 122 -57.18 -0.25 35.90
N VAL A 123 -55.85 -0.20 35.88
CA VAL A 123 -55.09 -1.03 34.98
C VAL A 123 -55.48 -2.49 35.13
N VAL A 124 -55.66 -2.93 36.36
CA VAL A 124 -55.94 -4.34 36.61
C VAL A 124 -57.32 -4.74 36.10
N LYS A 125 -58.26 -3.80 36.18
CA LYS A 125 -59.65 -4.07 35.81
C LYS A 125 -59.79 -4.27 34.30
N TYR A 126 -59.02 -3.53 33.51
CA TYR A 126 -59.09 -3.59 32.05
C TYR A 126 -58.08 -4.53 31.37
N SER A 127 -56.98 -4.83 32.04
CA SER A 127 -56.04 -5.83 31.53
C SER A 127 -55.68 -6.75 32.68
N PRO A 128 -56.51 -7.75 32.93
CA PRO A 128 -56.31 -8.71 34.02
C PRO A 128 -54.98 -9.48 33.94
N HIS A 129 -54.46 -9.64 32.73
CA HIS A 129 -53.34 -10.55 32.48
C HIS A 129 -52.05 -9.86 32.05
N CYS A 130 -52.00 -8.53 32.12
CA CYS A 130 -50.86 -7.76 31.67
C CYS A 130 -49.66 -7.98 32.58
N LYS A 131 -48.48 -7.54 32.13
CA LYS A 131 -47.31 -7.43 33.00
C LYS A 131 -47.18 -5.96 33.37
N LEU A 132 -46.83 -5.68 34.62
CA LEU A 132 -46.61 -4.30 35.05
C LEU A 132 -45.14 -3.98 35.09
N LEU A 133 -44.78 -2.81 34.56
CA LEU A 133 -43.38 -2.38 34.49
C LEU A 133 -43.31 -1.01 35.09
N VAL A 134 -42.92 -0.94 36.36
CA VAL A 134 -42.85 0.30 37.09
C VAL A 134 -41.51 1.01 36.87
N VAL A 135 -41.58 2.30 36.53
CA VAL A 135 -40.40 3.11 36.28
C VAL A 135 -40.27 4.28 37.25
N SER A 136 -41.39 4.77 37.75
CA SER A 136 -41.42 5.98 38.59
C SER A 136 -40.69 5.84 39.93
N ASN A 137 -40.02 6.90 40.36
CA ASN A 137 -39.27 6.91 41.61
C ASN A 137 -40.13 7.31 42.79
N PRO A 138 -39.90 6.70 43.95
CA PRO A 138 -38.85 5.73 44.27
C PRO A 138 -39.16 4.29 43.82
N VAL A 139 -38.38 3.78 42.88
CA VAL A 139 -38.86 2.70 42.02
C VAL A 139 -38.99 1.31 42.65
N ASP A 140 -38.15 0.99 43.63
CA ASP A 140 -38.27 -0.33 44.24
C ASP A 140 -39.54 -0.37 45.09
N ILE A 141 -39.84 0.74 45.73
CA ILE A 141 -41.02 0.82 46.55
C ILE A 141 -42.28 0.89 45.70
N LEU A 142 -42.31 1.80 44.72
CA LEU A 142 -43.48 1.92 43.88
C LEU A 142 -43.78 0.57 43.23
N THR A 143 -42.74 -0.19 42.91
CA THR A 143 -42.95 -1.52 42.36
C THR A 143 -43.57 -2.47 43.38
N TYR A 144 -43.22 -2.32 44.65
CA TYR A 144 -43.83 -3.09 45.73
C TYR A 144 -45.29 -2.69 45.89
N VAL A 145 -45.53 -1.39 45.84
CA VAL A 145 -46.86 -0.82 45.98
C VAL A 145 -47.78 -1.36 44.90
N ALA A 146 -47.32 -1.32 43.65
CA ALA A 146 -48.10 -1.79 42.50
C ALA A 146 -48.42 -3.27 42.64
N TRP A 147 -47.43 -4.04 43.07
CA TRP A 147 -47.59 -5.49 43.25
C TRP A 147 -48.65 -5.81 44.31
N LYS A 148 -48.57 -5.12 45.43
CA LYS A 148 -49.51 -5.31 46.52
C LYS A 148 -50.92 -4.93 46.07
N ILE A 149 -51.04 -3.74 45.51
CA ILE A 149 -52.33 -3.19 45.11
C ILE A 149 -52.94 -3.99 43.96
N SER A 150 -52.09 -4.62 43.14
CA SER A 150 -52.54 -5.26 41.90
C SER A 150 -53.18 -6.63 42.14
N GLY A 151 -52.69 -7.35 43.12
CA GLY A 151 -53.12 -8.73 43.28
C GLY A 151 -52.39 -9.68 42.36
N PHE A 152 -51.47 -9.15 41.57
CA PHE A 152 -50.75 -9.97 40.59
C PHE A 152 -49.74 -10.94 41.22
N PRO A 153 -49.53 -12.10 40.61
CA PRO A 153 -48.34 -12.83 41.07
C PRO A 153 -47.07 -12.04 40.72
N LYS A 154 -45.99 -12.33 41.44
CA LYS A 154 -44.81 -11.48 41.42
C LYS A 154 -44.07 -11.44 40.08
N ASN A 155 -44.01 -12.57 39.38
CA ASN A 155 -43.38 -12.63 38.05
C ASN A 155 -43.96 -11.60 37.09
N ARG A 156 -45.23 -11.26 37.27
CA ARG A 156 -45.92 -10.24 36.48
C ARG A 156 -45.80 -8.80 37.00
N VAL A 157 -44.89 -8.53 37.93
CA VAL A 157 -44.67 -7.15 38.33
C VAL A 157 -43.18 -6.85 38.45
N ILE A 158 -42.71 -5.97 37.57
CA ILE A 158 -41.28 -5.69 37.40
C ILE A 158 -40.97 -4.22 37.70
N GLY A 159 -39.89 -3.97 38.43
CA GLY A 159 -39.37 -2.62 38.57
C GLY A 159 -38.24 -2.41 37.57
N SER A 160 -38.13 -1.22 37.00
CA SER A 160 -37.05 -0.98 36.04
C SER A 160 -35.71 -0.95 36.77
N GLY A 161 -35.74 -0.56 38.03
CA GLY A 161 -34.59 -0.77 38.89
C GLY A 161 -33.23 -0.36 38.34
N CYS A 162 -32.27 -1.27 38.40
CA CYS A 162 -30.89 -0.93 38.13
C CYS A 162 -30.49 -1.14 36.68
N ASN A 163 -31.48 -1.41 35.85
CA ASN A 163 -31.27 -1.71 34.44
C ASN A 163 -30.52 -0.57 33.76
N LEU A 164 -31.08 0.62 33.82
CA LEU A 164 -30.46 1.76 33.18
C LEU A 164 -29.13 2.06 33.81
N ASP A 165 -29.08 2.05 35.14
CA ASP A 165 -27.84 2.33 35.84
C ASP A 165 -26.74 1.37 35.41
N SER A 166 -27.11 0.12 35.12
CA SER A 166 -26.15 -0.85 34.60
C SER A 166 -25.77 -0.49 33.16
N ALA A 167 -26.69 0.15 32.45
CA ALA A 167 -26.38 0.63 31.12
C ALA A 167 -25.38 1.79 31.17
N ARG A 168 -25.61 2.73 32.07
CA ARG A 168 -24.67 3.84 32.25
C ARG A 168 -23.30 3.30 32.60
N PHE A 169 -23.24 2.40 33.56
CA PHE A 169 -21.95 1.86 34.02
C PHE A 169 -21.13 1.28 32.86
N ARG A 170 -21.79 0.50 32.01
CA ARG A 170 -21.10 -0.17 30.91
C ARG A 170 -20.64 0.87 29.88
N TYR A 171 -21.44 1.91 29.68
CA TYR A 171 -21.05 2.99 28.82
C TYR A 171 -19.74 3.60 29.33
N LEU A 172 -19.70 3.96 30.61
CA LEU A 172 -18.51 4.52 31.22
C LEU A 172 -17.37 3.50 31.27
N MET A 173 -17.70 2.23 31.45
CA MET A 173 -16.66 1.23 31.37
C MET A 173 -15.99 1.34 30.02
N GLY A 174 -16.81 1.34 28.98
CA GLY A 174 -16.33 1.36 27.61
C GLY A 174 -15.67 2.66 27.18
N GLU A 175 -15.75 3.69 28.00
CA GLU A 175 -15.03 4.92 27.71
C GLU A 175 -13.61 4.82 28.23
N ARG A 176 -13.44 4.13 29.36
CA ARG A 176 -12.11 4.00 29.96
C ARG A 176 -11.27 2.91 29.28
N LEU A 177 -11.93 1.96 28.61
CA LEU A 177 -11.22 0.83 28.00
C LEU A 177 -11.25 0.87 26.46
N GLY A 178 -12.19 1.62 25.90
CA GLY A 178 -12.18 1.84 24.47
C GLY A 178 -12.88 0.78 23.64
N VAL A 179 -13.74 0.00 24.26
CA VAL A 179 -14.64 -0.85 23.49
C VAL A 179 -16.09 -0.45 23.74
N HIS A 180 -16.93 -0.63 22.73
CA HIS A 180 -18.33 -0.35 22.89
C HIS A 180 -18.86 -0.97 24.20
N ALA A 181 -19.80 -0.28 24.84
CA ALA A 181 -20.46 -0.80 26.04
C ALA A 181 -21.02 -2.21 25.83
N LEU A 182 -21.39 -2.54 24.60
CA LEU A 182 -21.93 -3.86 24.30
C LEU A 182 -20.96 -4.97 24.72
N SER A 183 -19.66 -4.68 24.70
CA SER A 183 -18.68 -5.70 24.97
C SER A 183 -18.06 -5.52 26.33
N CYS A 184 -18.48 -4.49 27.05
CA CYS A 184 -18.08 -4.32 28.46
C CYS A 184 -19.15 -4.85 29.37
N HIS A 185 -18.79 -5.74 30.29
CA HIS A 185 -19.81 -6.33 31.15
C HIS A 185 -19.61 -5.98 32.60
N GLY A 186 -20.68 -5.52 33.23
CA GLY A 186 -20.63 -5.17 34.63
C GLY A 186 -22.03 -5.01 35.19
N TRP A 187 -22.26 -5.46 36.41
CA TRP A 187 -23.60 -5.44 36.94
C TRP A 187 -23.73 -4.51 38.12
N ILE A 188 -24.82 -3.74 38.16
CA ILE A 188 -25.20 -3.00 39.35
C ILE A 188 -26.53 -3.53 39.89
N LEU A 189 -26.54 -3.88 41.16
CA LEU A 189 -27.68 -4.59 41.76
C LEU A 189 -28.15 -3.85 43.00
N GLY A 190 -29.20 -4.39 43.63
CA GLY A 190 -29.63 -3.91 44.93
C GLY A 190 -30.66 -2.81 44.85
N GLU A 191 -30.64 -1.91 45.81
CA GLU A 191 -31.51 -0.74 45.81
C GLU A 191 -31.13 0.23 44.69
N HIS A 192 -32.09 0.66 43.88
CA HIS A 192 -31.76 1.61 42.82
C HIS A 192 -31.51 2.96 43.44
N GLY A 193 -30.30 3.48 43.23
CA GLY A 193 -29.94 4.76 43.84
C GLY A 193 -28.61 4.67 44.55
N ASP A 194 -28.37 5.61 45.46
CA ASP A 194 -27.07 5.72 46.09
C ASP A 194 -26.61 4.43 46.79
N SER A 195 -27.54 3.57 47.15
CA SER A 195 -27.18 2.41 47.94
C SER A 195 -27.07 1.12 47.14
N SER A 196 -26.99 1.25 45.81
CA SER A 196 -26.86 0.10 44.91
C SER A 196 -25.46 -0.48 44.96
N VAL A 197 -25.33 -1.74 44.53
CA VAL A 197 -24.09 -2.48 44.66
C VAL A 197 -23.34 -2.65 43.34
N PRO A 198 -22.14 -2.04 43.21
CA PRO A 198 -21.32 -2.30 42.03
C PRO A 198 -20.64 -3.65 42.21
N VAL A 199 -21.12 -4.68 41.51
CA VAL A 199 -20.53 -6.00 41.69
C VAL A 199 -19.21 -6.10 40.93
N TRP A 200 -18.12 -5.80 41.62
CA TRP A 200 -16.80 -5.72 41.03
C TRP A 200 -16.34 -7.03 40.40
N SER A 201 -16.72 -8.14 41.03
CA SER A 201 -16.20 -9.45 40.65
C SER A 201 -16.68 -9.91 39.28
N GLY A 202 -17.75 -9.30 38.77
CA GLY A 202 -18.29 -9.75 37.51
C GLY A 202 -17.95 -8.83 36.35
N MET A 203 -17.22 -7.75 36.62
CA MET A 203 -16.82 -6.82 35.55
C MET A 203 -15.71 -7.44 34.72
N ASN A 204 -15.93 -7.51 33.41
CA ASN A 204 -15.02 -8.24 32.55
C ASN A 204 -15.22 -7.76 31.13
N VAL A 205 -14.20 -7.96 30.31
CA VAL A 205 -14.37 -8.00 28.86
C VAL A 205 -13.94 -9.37 28.36
N ALA A 206 -14.68 -9.90 27.39
CA ALA A 206 -14.32 -11.18 26.78
C ALA A 206 -14.06 -12.24 27.84
N GLY A 207 -14.71 -12.09 28.98
CA GLY A 207 -14.59 -13.08 30.03
C GLY A 207 -13.37 -12.86 30.89
N VAL A 208 -12.66 -11.75 30.67
CA VAL A 208 -11.46 -11.44 31.45
C VAL A 208 -11.78 -10.58 32.67
N SER A 209 -11.77 -11.21 33.84
CA SER A 209 -12.16 -10.52 35.06
C SER A 209 -11.23 -9.35 35.35
N LEU A 210 -11.77 -8.14 35.34
CA LEU A 210 -11.00 -6.95 35.70
C LEU A 210 -10.48 -7.04 37.13
N LYS A 211 -11.33 -7.49 38.05
CA LYS A 211 -10.94 -7.54 39.45
C LYS A 211 -9.77 -8.49 39.68
N THR A 212 -9.61 -9.47 38.79
CA THR A 212 -8.49 -10.41 38.91
C THR A 212 -7.22 -9.82 38.35
N LEU A 213 -7.35 -9.04 37.27
CA LEU A 213 -6.24 -8.27 36.74
C LEU A 213 -5.81 -7.23 37.76
N HIS A 214 -6.78 -6.66 38.46
CA HIS A 214 -6.56 -5.46 39.26
C HIS A 214 -7.35 -5.56 40.57
N PRO A 215 -6.76 -6.22 41.59
CA PRO A 215 -7.52 -6.53 42.81
C PRO A 215 -7.96 -5.28 43.57
N GLU A 216 -7.29 -4.17 43.32
CA GLU A 216 -7.64 -2.92 43.98
C GLU A 216 -8.92 -2.34 43.39
N LEU A 217 -9.40 -2.94 42.31
CA LEU A 217 -10.58 -2.44 41.60
C LEU A 217 -11.74 -2.21 42.56
N GLY A 218 -12.20 -0.96 42.63
CA GLY A 218 -13.33 -0.65 43.47
C GLY A 218 -12.99 -0.33 44.92
N THR A 219 -11.71 -0.45 45.28
CA THR A 219 -11.24 -0.10 46.61
C THR A 219 -10.81 1.37 46.60
N ASP A 220 -10.64 1.94 47.79
CA ASP A 220 -10.24 3.33 47.91
C ASP A 220 -8.81 3.52 47.42
N ALA A 221 -8.00 2.49 47.65
CA ALA A 221 -6.62 2.50 47.19
C ALA A 221 -6.52 2.44 45.68
N ASP A 222 -7.66 2.24 45.02
CA ASP A 222 -7.67 2.04 43.57
C ASP A 222 -7.11 3.29 42.92
N LYS A 223 -5.88 3.19 42.42
CA LYS A 223 -5.24 4.34 41.79
C LYS A 223 -6.05 4.79 40.57
N GLU A 224 -6.97 3.95 40.12
CA GLU A 224 -7.78 4.28 38.96
C GLU A 224 -9.18 4.71 39.34
N GLN A 225 -9.49 4.66 40.63
CA GLN A 225 -10.70 5.30 41.15
C GLN A 225 -11.96 4.81 40.46
N TRP A 226 -12.06 3.51 40.23
CA TRP A 226 -13.23 2.96 39.56
C TRP A 226 -14.46 3.09 40.44
N LYS A 227 -14.24 3.29 41.73
CA LYS A 227 -15.33 3.58 42.65
C LYS A 227 -16.08 4.83 42.20
N GLN A 228 -15.33 5.84 41.77
CA GLN A 228 -15.94 7.06 41.23
C GLN A 228 -16.89 6.75 40.08
N VAL A 229 -16.60 5.67 39.36
CA VAL A 229 -17.42 5.27 38.22
C VAL A 229 -18.82 4.87 38.70
N HIS A 230 -18.89 4.18 39.83
CA HIS A 230 -20.19 3.82 40.37
C HIS A 230 -20.87 5.06 40.92
N LYS A 231 -20.10 5.95 41.54
CA LYS A 231 -20.68 7.18 42.05
C LYS A 231 -21.21 8.02 40.89
N GLN A 232 -20.52 7.98 39.76
CA GLN A 232 -20.93 8.76 38.60
C GLN A 232 -22.22 8.23 37.98
N VAL A 233 -22.39 6.92 38.04
CA VAL A 233 -23.63 6.28 37.61
C VAL A 233 -24.78 6.69 38.55
N VAL A 234 -24.47 6.79 39.83
CA VAL A 234 -25.46 7.13 40.83
C VAL A 234 -25.77 8.62 40.84
N ASP A 235 -24.87 9.44 40.31
CA ASP A 235 -25.09 10.87 40.28
C ASP A 235 -25.66 11.39 38.97
N SER A 236 -25.49 10.62 37.90
CA SER A 236 -25.72 11.15 36.55
C SER A 236 -27.16 11.64 36.28
N ALA A 237 -28.15 10.94 36.82
CA ALA A 237 -29.53 11.38 36.69
C ALA A 237 -29.66 12.80 37.22
N TYR A 238 -29.18 13.00 38.44
CA TYR A 238 -29.22 14.30 39.09
C TYR A 238 -28.39 15.30 38.30
N GLU A 239 -27.28 14.85 37.74
CA GLU A 239 -26.40 15.73 36.99
C GLU A 239 -27.05 16.18 35.69
N VAL A 240 -27.78 15.26 35.06
CA VAL A 240 -28.40 15.55 33.77
C VAL A 240 -29.64 16.43 33.94
N ILE A 241 -30.42 16.18 34.98
CA ILE A 241 -31.52 17.08 35.32
C ILE A 241 -30.98 18.50 35.52
N LYS A 242 -29.83 18.60 36.16
CA LYS A 242 -29.20 19.89 36.42
C LYS A 242 -28.97 20.65 35.13
N LEU A 243 -28.62 19.93 34.05
CA LEU A 243 -28.29 20.54 32.77
C LEU A 243 -29.51 20.92 31.93
N LYS A 244 -30.49 20.02 31.87
CA LYS A 244 -31.63 20.16 30.94
C LYS A 244 -32.98 19.94 31.62
N GLY A 245 -32.99 19.89 32.94
CA GLY A 245 -34.26 19.89 33.66
C GLY A 245 -34.78 18.52 34.06
N TYR A 246 -34.54 17.53 33.20
CA TYR A 246 -35.05 16.18 33.40
C TYR A 246 -34.17 15.21 32.61
N THR A 247 -34.50 13.93 32.67
CA THR A 247 -33.88 12.93 31.81
C THR A 247 -34.96 12.10 31.15
N THR A 248 -34.57 11.43 30.06
CA THR A 248 -35.53 10.81 29.15
C THR A 248 -34.92 9.79 28.20
N TRP A 249 -34.11 10.28 27.27
CA TRP A 249 -33.63 9.44 26.20
C TRP A 249 -33.14 8.07 26.68
N ALA A 250 -32.24 8.07 27.66
CA ALA A 250 -31.62 6.82 28.10
C ALA A 250 -32.57 5.90 28.88
N ILE A 251 -33.51 6.50 29.62
CA ILE A 251 -34.49 5.72 30.36
C ILE A 251 -35.48 5.06 29.40
N GLY A 252 -35.87 5.80 28.35
CA GLY A 252 -36.80 5.26 27.36
C GLY A 252 -36.20 4.08 26.61
N LEU A 253 -34.96 4.24 26.18
CA LEU A 253 -34.24 3.19 25.50
C LEU A 253 -34.12 1.93 26.36
N SER A 254 -33.82 2.10 27.65
CA SER A 254 -33.69 0.96 28.54
C SER A 254 -35.02 0.30 28.87
N VAL A 255 -36.07 1.09 28.93
CA VAL A 255 -37.39 0.52 29.13
C VAL A 255 -37.83 -0.28 27.88
N ALA A 256 -37.43 0.18 26.71
CA ALA A 256 -37.88 -0.47 25.47
C ALA A 256 -37.10 -1.76 25.30
N ASP A 257 -35.91 -1.78 25.91
CA ASP A 257 -35.10 -2.96 25.93
C ASP A 257 -35.82 -4.03 26.74
N LEU A 258 -36.34 -3.63 27.90
CA LEU A 258 -37.13 -4.54 28.72
C LEU A 258 -38.41 -4.95 27.98
N ALA A 259 -39.09 -3.96 27.41
CA ALA A 259 -40.25 -4.22 26.58
C ALA A 259 -39.90 -5.29 25.58
N GLU A 260 -38.75 -5.15 24.93
CA GLU A 260 -38.41 -6.07 23.86
C GLU A 260 -38.35 -7.50 24.37
N SER A 261 -37.65 -7.70 25.48
CA SER A 261 -37.44 -9.05 25.97
C SER A 261 -38.75 -9.73 26.37
N ILE A 262 -39.69 -8.93 26.86
CA ILE A 262 -40.99 -9.42 27.30
C ILE A 262 -41.86 -9.80 26.10
N MET A 263 -41.96 -8.89 25.12
CA MET A 263 -42.89 -9.08 24.02
C MET A 263 -42.43 -10.12 23.00
N LYS A 264 -41.15 -10.49 23.05
CA LYS A 264 -40.61 -11.52 22.17
C LYS A 264 -40.16 -12.76 22.94
N ASN A 265 -40.42 -12.78 24.24
CA ASN A 265 -40.11 -13.93 25.09
C ASN A 265 -38.63 -14.34 24.99
N LEU A 266 -37.75 -13.35 24.95
CA LEU A 266 -36.34 -13.62 24.71
C LEU A 266 -35.69 -14.42 25.84
N ARG A 267 -36.18 -14.22 27.06
CA ARG A 267 -35.51 -14.78 28.21
C ARG A 267 -34.08 -14.25 28.28
N ARG A 268 -33.93 -12.95 28.12
CA ARG A 268 -32.67 -12.31 28.41
C ARG A 268 -32.57 -12.05 29.91
N VAL A 269 -31.34 -11.93 30.41
CA VAL A 269 -31.09 -11.60 31.81
C VAL A 269 -30.88 -10.10 31.91
N HIS A 270 -31.70 -9.41 32.69
CA HIS A 270 -31.52 -7.98 32.99
C HIS A 270 -31.43 -7.72 34.48
N PRO A 271 -30.68 -6.68 34.89
CA PRO A 271 -30.68 -6.25 36.28
C PRO A 271 -31.95 -5.44 36.59
N ILE A 272 -33.04 -6.15 36.88
CA ILE A 272 -34.32 -5.49 37.17
C ILE A 272 -34.84 -5.88 38.56
N SER A 273 -35.87 -5.16 39.03
CA SER A 273 -36.32 -5.27 40.41
C SER A 273 -37.45 -6.27 40.57
N THR A 274 -37.22 -7.33 41.34
CA THR A 274 -38.23 -8.38 41.53
C THR A 274 -38.45 -8.58 43.01
N MET A 275 -39.60 -9.14 43.36
CA MET A 275 -39.98 -9.45 44.74
C MET A 275 -39.11 -10.60 45.25
N LEU A 276 -37.97 -10.31 45.88
CA LEU A 276 -36.96 -11.35 46.09
C LEU A 276 -36.94 -12.05 47.43
N LYS A 277 -38.06 -12.03 48.14
CA LYS A 277 -38.21 -12.82 49.37
C LYS A 277 -37.82 -14.29 49.18
N GLY A 278 -37.01 -14.82 50.09
CA GLY A 278 -36.57 -16.20 49.93
C GLY A 278 -35.25 -16.33 49.19
N LEU A 279 -34.80 -15.23 48.58
CA LEU A 279 -33.49 -15.19 47.95
C LEU A 279 -32.54 -14.18 48.56
N TYR A 280 -31.25 -14.48 48.48
CA TYR A 280 -30.19 -13.57 48.90
C TYR A 280 -30.23 -13.18 50.36
N GLY A 281 -30.68 -14.11 51.21
CA GLY A 281 -30.68 -13.86 52.64
C GLY A 281 -31.84 -12.97 53.08
N ILE A 282 -32.75 -12.71 52.15
CA ILE A 282 -33.80 -11.71 52.36
C ILE A 282 -35.13 -12.35 52.72
N LYS A 283 -35.88 -11.69 53.62
CA LYS A 283 -37.03 -12.31 54.25
C LYS A 283 -38.23 -11.38 54.30
N GLU A 284 -38.13 -10.26 53.62
CA GLU A 284 -39.23 -9.31 53.56
C GLU A 284 -39.83 -9.26 52.17
N ASP A 285 -41.06 -8.78 52.08
CA ASP A 285 -41.62 -8.42 50.81
C ASP A 285 -40.98 -7.10 50.35
N VAL A 286 -39.85 -7.22 49.68
CA VAL A 286 -39.22 -6.08 49.06
C VAL A 286 -38.87 -6.40 47.60
N PHE A 287 -38.78 -5.34 46.80
CA PHE A 287 -38.23 -5.46 45.47
C PHE A 287 -36.80 -4.93 45.44
N LEU A 288 -35.88 -5.77 44.97
CA LEU A 288 -34.49 -5.38 44.74
C LEU A 288 -34.02 -5.84 43.33
N SER A 289 -33.00 -5.19 42.79
CA SER A 289 -32.47 -5.61 41.50
C SER A 289 -31.48 -6.74 41.65
N VAL A 290 -31.76 -7.83 40.94
CA VAL A 290 -30.82 -8.93 40.74
C VAL A 290 -30.95 -9.36 39.26
N PRO A 291 -29.96 -10.11 38.74
CA PRO A 291 -30.07 -10.61 37.37
C PRO A 291 -31.31 -11.50 37.17
N CYS A 292 -32.31 -10.99 36.47
CA CYS A 292 -33.54 -11.73 36.25
C CYS A 292 -33.65 -12.26 34.81
N VAL A 293 -34.17 -13.48 34.64
CA VAL A 293 -34.53 -13.93 33.30
C VAL A 293 -35.89 -13.32 32.96
N LEU A 294 -35.99 -12.71 31.79
CA LEU A 294 -37.14 -11.89 31.49
C LEU A 294 -37.76 -12.30 30.14
N GLY A 295 -39.05 -12.58 30.16
CA GLY A 295 -39.70 -13.16 29.01
C GLY A 295 -41.18 -12.84 28.98
N GLN A 296 -41.95 -13.68 28.31
CA GLN A 296 -43.35 -13.38 28.04
C GLN A 296 -44.18 -13.36 29.30
N ASN A 297 -43.66 -13.94 30.38
CA ASN A 297 -44.38 -13.98 31.67
C ASN A 297 -43.69 -13.13 32.72
N GLY A 298 -42.96 -12.11 32.28
CA GLY A 298 -42.23 -11.31 33.25
C GLY A 298 -41.08 -12.11 33.81
N ILE A 299 -40.73 -11.85 35.08
CA ILE A 299 -39.55 -12.50 35.65
C ILE A 299 -39.82 -13.93 36.10
N SER A 300 -39.09 -14.88 35.52
CA SER A 300 -39.43 -16.28 35.70
C SER A 300 -38.30 -17.00 36.41
N ASP A 301 -37.13 -16.40 36.41
CA ASP A 301 -35.94 -17.00 36.99
C ASP A 301 -35.00 -15.88 37.40
N VAL A 302 -34.22 -16.11 38.45
CA VAL A 302 -33.22 -15.14 38.85
C VAL A 302 -31.88 -15.83 38.92
N VAL A 303 -30.84 -15.12 38.52
CA VAL A 303 -29.49 -15.65 38.65
C VAL A 303 -29.07 -15.38 40.09
N LYS A 304 -28.53 -16.40 40.73
CA LYS A 304 -28.04 -16.30 42.09
C LYS A 304 -26.59 -15.83 42.05
N VAL A 305 -26.39 -14.53 42.04
CA VAL A 305 -25.03 -13.99 42.00
C VAL A 305 -24.23 -14.32 43.26
N THR A 306 -23.03 -14.87 43.09
CA THR A 306 -22.11 -15.07 44.22
C THR A 306 -21.56 -13.74 44.72
N LEU A 307 -21.82 -13.43 45.99
CA LEU A 307 -21.50 -12.13 46.57
C LEU A 307 -20.46 -12.24 47.66
N THR A 308 -19.61 -11.23 47.78
CA THR A 308 -18.81 -11.09 48.99
C THR A 308 -19.77 -10.95 50.16
N SER A 309 -19.26 -11.19 51.37
CA SER A 309 -20.08 -11.14 52.57
C SER A 309 -20.56 -9.73 52.89
N GLU A 310 -19.78 -8.71 52.53
CA GLU A 310 -20.24 -7.32 52.67
C GLU A 310 -21.37 -6.99 51.70
N GLU A 311 -21.21 -7.40 50.44
CA GLU A 311 -22.24 -7.26 49.42
C GLU A 311 -23.51 -7.97 49.88
N GLU A 312 -23.38 -9.20 50.33
CA GLU A 312 -24.51 -9.94 50.90
C GLU A 312 -25.20 -9.10 51.98
N ALA A 313 -24.42 -8.48 52.85
CA ALA A 313 -24.97 -7.66 53.94
C ALA A 313 -25.50 -6.30 53.49
N HIS A 314 -25.01 -5.82 52.34
CA HIS A 314 -25.50 -4.56 51.79
C HIS A 314 -26.90 -4.75 51.24
N LEU A 315 -27.14 -5.92 50.66
CA LEU A 315 -28.43 -6.27 50.09
C LEU A 315 -29.46 -6.40 51.20
N LYS A 316 -29.07 -7.09 52.26
CA LYS A 316 -29.93 -7.27 53.43
C LYS A 316 -30.22 -5.88 54.00
N LYS A 317 -29.21 -5.02 53.99
CA LYS A 317 -29.36 -3.69 54.54
C LYS A 317 -30.44 -2.94 53.77
N SER A 318 -30.43 -3.08 52.44
CA SER A 318 -31.44 -2.41 51.62
C SER A 318 -32.84 -3.03 51.69
N ALA A 319 -32.93 -4.35 51.85
CA ALA A 319 -34.21 -4.99 52.14
C ALA A 319 -34.89 -4.32 53.35
N ASP A 320 -34.17 -4.25 54.48
CA ASP A 320 -34.72 -3.73 55.74
C ASP A 320 -34.99 -2.22 55.64
N THR A 321 -34.16 -1.53 54.89
CA THR A 321 -34.33 -0.12 54.62
C THR A 321 -35.61 0.14 53.84
N LEU A 322 -35.80 -0.67 52.80
CA LEU A 322 -36.99 -0.58 51.95
C LEU A 322 -38.21 -0.99 52.77
N TRP A 323 -38.11 -2.16 53.40
CA TRP A 323 -39.19 -2.64 54.27
C TRP A 323 -39.60 -1.58 55.30
N GLY A 324 -38.61 -0.95 55.94
CA GLY A 324 -38.91 0.06 56.94
C GLY A 324 -39.76 1.20 56.42
N ILE A 325 -39.48 1.64 55.19
CA ILE A 325 -40.28 2.66 54.55
C ILE A 325 -41.70 2.17 54.29
N GLN A 326 -41.81 0.98 53.71
CA GLN A 326 -43.12 0.44 53.34
C GLN A 326 -44.03 0.24 54.55
N LYS A 327 -43.42 -0.02 55.69
CA LYS A 327 -44.19 -0.32 56.88
C LYS A 327 -45.01 0.88 57.31
N GLU A 328 -44.55 2.08 56.96
CA GLU A 328 -45.36 3.26 57.19
C GLU A 328 -46.58 3.22 56.26
N LEU A 329 -46.41 3.71 55.03
CA LEU A 329 -47.45 3.67 53.99
C LEU A 329 -48.72 2.84 54.30
N GLN A 330 -49.87 3.34 53.84
CA GLN A 330 -51.12 2.56 53.89
C GLN A 330 -51.85 2.37 52.55
N PHE A 331 -52.45 1.19 52.39
CA PHE A 331 -53.13 0.83 51.16
C PHE A 331 -54.61 0.59 51.40
N ALA B 1 -25.64 -30.50 43.50
CA ALA B 1 -26.62 -29.66 42.72
C ALA B 1 -26.10 -29.42 41.30
N ALA B 2 -27.01 -29.41 40.34
CA ALA B 2 -26.64 -29.13 38.96
C ALA B 2 -26.12 -27.69 38.83
N LEU B 3 -25.20 -27.49 37.88
CA LEU B 3 -24.63 -26.17 37.63
C LEU B 3 -25.74 -25.14 37.37
N LYS B 4 -26.70 -25.52 36.53
CA LYS B 4 -27.86 -24.68 36.25
C LYS B 4 -28.65 -24.34 37.52
N ASP B 5 -28.68 -25.24 38.49
CA ASP B 5 -29.36 -24.99 39.74
C ASP B 5 -28.56 -24.07 40.67
N GLN B 6 -27.25 -24.27 40.72
CA GLN B 6 -26.40 -23.42 41.54
C GLN B 6 -26.48 -21.98 41.04
N LEU B 7 -26.66 -21.88 39.72
CA LEU B 7 -26.59 -20.60 39.02
C LEU B 7 -27.93 -19.88 38.97
N ILE B 8 -29.00 -20.64 38.75
CA ILE B 8 -30.30 -20.03 38.55
C ILE B 8 -31.36 -20.60 39.47
N HIS B 9 -32.13 -19.70 40.08
CA HIS B 9 -33.25 -20.12 40.91
C HIS B 9 -34.55 -19.97 40.12
N ASN B 10 -35.30 -21.07 40.00
CA ASN B 10 -36.56 -21.01 39.27
C ASN B 10 -37.69 -20.50 40.15
N LEU B 11 -38.39 -19.48 39.66
CA LEU B 11 -39.49 -18.86 40.37
C LEU B 11 -40.78 -19.17 39.65
N LEU B 12 -40.79 -18.96 38.35
CA LEU B 12 -41.96 -19.33 37.58
C LEU B 12 -41.77 -20.73 37.05
N LYS B 13 -42.75 -21.57 37.33
CA LYS B 13 -42.79 -22.91 36.78
C LYS B 13 -43.89 -22.88 35.75
N GLU B 14 -43.61 -22.22 34.63
CA GLU B 14 -44.66 -21.81 33.69
C GLU B 14 -44.59 -22.56 32.35
N GLU B 15 -45.56 -22.27 31.48
CA GLU B 15 -45.80 -23.09 30.30
C GLU B 15 -45.62 -22.37 28.97
N HIS B 16 -44.88 -23.03 28.09
CA HIS B 16 -45.15 -23.03 26.64
C HIS B 16 -45.85 -21.81 26.04
N VAL B 17 -47.15 -21.97 25.81
CA VAL B 17 -47.84 -21.46 24.63
C VAL B 17 -47.31 -20.14 24.05
N PRO B 18 -46.82 -20.19 22.79
CA PRO B 18 -46.27 -19.05 22.05
C PRO B 18 -47.32 -18.06 21.61
N GLN B 19 -46.92 -16.79 21.50
CA GLN B 19 -47.85 -15.71 21.24
C GLN B 19 -47.91 -15.29 19.79
N ASN B 20 -46.78 -15.37 19.11
CA ASN B 20 -46.72 -14.89 17.74
C ASN B 20 -45.98 -15.90 16.86
N LYS B 21 -46.46 -17.13 16.89
CA LYS B 21 -45.80 -18.26 16.26
C LYS B 21 -46.07 -18.25 14.76
N ILE B 22 -45.02 -18.45 13.96
CA ILE B 22 -45.17 -18.61 12.53
C ILE B 22 -44.58 -19.95 12.09
N THR B 23 -45.32 -20.68 11.26
CA THR B 23 -44.84 -21.95 10.70
C THR B 23 -44.57 -21.85 9.19
N VAL B 24 -43.49 -22.47 8.74
CA VAL B 24 -43.22 -22.59 7.31
C VAL B 24 -43.28 -24.05 6.92
N VAL B 25 -44.13 -24.37 5.94
CA VAL B 25 -44.26 -25.74 5.49
C VAL B 25 -43.51 -25.91 4.19
N GLY B 26 -42.47 -26.74 4.24
CA GLY B 26 -41.59 -26.93 3.10
C GLY B 26 -40.26 -26.25 3.34
N VAL B 27 -39.21 -27.04 3.52
CA VAL B 27 -37.88 -26.46 3.59
C VAL B 27 -37.10 -26.54 2.28
N GLY B 28 -37.80 -26.37 1.18
CA GLY B 28 -37.11 -26.08 -0.07
C GLY B 28 -36.54 -24.67 -0.02
N ALA B 29 -35.95 -24.25 -1.14
CA ALA B 29 -35.30 -22.95 -1.20
C ALA B 29 -36.29 -21.82 -0.97
N VAL B 30 -37.53 -22.00 -1.40
CA VAL B 30 -38.52 -20.94 -1.19
C VAL B 30 -38.90 -20.78 0.29
N GLY B 31 -39.19 -21.90 0.95
CA GLY B 31 -39.59 -21.83 2.34
C GLY B 31 -38.48 -21.40 3.27
N MET B 32 -37.25 -21.81 2.95
CA MET B 32 -36.11 -21.33 3.71
C MET B 32 -35.86 -19.84 3.51
N ALA B 33 -35.98 -19.36 2.29
CA ALA B 33 -35.85 -17.93 2.06
C ALA B 33 -36.97 -17.21 2.82
N CYS B 34 -38.15 -17.82 2.86
CA CYS B 34 -39.21 -17.30 3.70
C CYS B 34 -38.78 -17.35 5.18
N ALA B 35 -38.14 -18.44 5.60
CA ALA B 35 -37.72 -18.57 6.99
C ALA B 35 -36.73 -17.48 7.39
N ILE B 36 -35.63 -17.35 6.64
CA ILE B 36 -34.62 -16.38 7.03
C ILE B 36 -35.18 -14.96 6.95
N SER B 37 -36.03 -14.68 5.98
CA SER B 37 -36.54 -13.32 5.85
C SER B 37 -37.42 -12.96 7.03
N ILE B 38 -38.21 -13.92 7.49
CA ILE B 38 -39.08 -13.76 8.65
C ILE B 38 -38.29 -13.61 9.95
N LEU B 39 -37.23 -14.40 10.11
CA LEU B 39 -36.38 -14.35 11.30
C LEU B 39 -35.57 -13.08 11.43
N MET B 40 -35.26 -12.42 10.32
CA MET B 40 -34.46 -11.21 10.40
C MET B 40 -35.36 -9.99 10.49
N LYS B 41 -36.67 -10.19 10.28
CA LYS B 41 -37.63 -9.11 10.47
C LYS B 41 -38.30 -9.12 11.83
N ASP B 42 -37.88 -10.04 12.70
CA ASP B 42 -38.35 -10.06 14.07
C ASP B 42 -39.86 -10.15 14.12
N LEU B 43 -40.42 -11.00 13.28
CA LEU B 43 -41.86 -11.08 13.11
C LEU B 43 -42.48 -12.12 14.04
N ALA B 44 -41.65 -12.99 14.61
CA ALA B 44 -42.18 -14.11 15.39
C ALA B 44 -41.49 -14.30 16.73
N ASP B 45 -42.17 -14.96 17.65
CA ASP B 45 -41.49 -15.37 18.87
C ASP B 45 -41.20 -16.84 18.83
N GLU B 46 -41.78 -17.53 17.85
CA GLU B 46 -41.48 -18.94 17.60
C GLU B 46 -41.69 -19.29 16.13
N LEU B 47 -40.67 -19.91 15.53
CA LEU B 47 -40.76 -20.35 14.15
C LEU B 47 -40.65 -21.87 14.05
N ALA B 48 -41.58 -22.47 13.32
CA ALA B 48 -41.60 -23.91 13.18
C ALA B 48 -41.47 -24.27 11.70
N LEU B 49 -40.63 -25.24 11.41
CA LEU B 49 -40.44 -25.74 10.05
C LEU B 49 -40.95 -27.18 9.99
N VAL B 50 -41.74 -27.47 8.96
CA VAL B 50 -42.22 -28.83 8.74
C VAL B 50 -42.10 -29.26 7.28
N ASP B 51 -41.82 -30.55 7.06
CA ASP B 51 -41.56 -31.10 5.72
C ASP B 51 -41.41 -32.62 5.86
N VAL B 52 -41.44 -33.37 4.76
CA VAL B 52 -41.26 -34.81 4.82
C VAL B 52 -39.79 -35.24 4.78
N MET B 53 -38.91 -34.31 4.42
CA MET B 53 -37.50 -34.64 4.28
C MET B 53 -36.82 -34.49 5.64
N GLU B 54 -36.80 -35.57 6.41
CA GLU B 54 -36.47 -35.47 7.82
C GLU B 54 -35.04 -34.98 8.09
N ASP B 55 -34.07 -35.58 7.42
CA ASP B 55 -32.70 -35.09 7.50
C ASP B 55 -32.64 -33.62 7.14
N LYS B 56 -33.20 -33.27 5.98
CA LYS B 56 -33.09 -31.91 5.49
C LYS B 56 -33.83 -30.98 6.45
N LEU B 57 -34.90 -31.50 7.05
CA LEU B 57 -35.70 -30.70 7.95
C LEU B 57 -34.88 -30.35 9.19
N LYS B 58 -34.25 -31.36 9.80
CA LYS B 58 -33.46 -31.16 11.01
C LYS B 58 -32.20 -30.38 10.71
N GLY B 59 -31.66 -30.56 9.51
CA GLY B 59 -30.45 -29.86 9.15
C GLY B 59 -30.67 -28.36 9.14
N GLU B 60 -31.72 -27.91 8.45
CA GLU B 60 -32.03 -26.48 8.35
C GLU B 60 -32.35 -25.86 9.71
N MET B 61 -33.11 -26.58 10.53
CA MET B 61 -33.45 -26.10 11.86
C MET B 61 -32.19 -25.78 12.67
N MET B 62 -31.22 -26.68 12.62
CA MET B 62 -30.01 -26.54 13.43
C MET B 62 -29.19 -25.38 12.93
N ASP B 63 -29.15 -25.21 11.60
CA ASP B 63 -28.40 -24.12 11.00
C ASP B 63 -29.00 -22.77 11.40
N LEU B 64 -30.32 -22.67 11.39
CA LEU B 64 -30.98 -21.47 11.91
C LEU B 64 -30.69 -21.32 13.40
N GLN B 65 -30.72 -22.42 14.13
CA GLN B 65 -30.55 -22.33 15.59
C GLN B 65 -29.21 -21.71 15.96
N HIS B 66 -28.15 -22.15 15.29
CA HIS B 66 -26.80 -21.68 15.62
C HIS B 66 -26.63 -20.18 15.42
N GLY B 67 -27.64 -19.52 14.87
CA GLY B 67 -27.55 -18.11 14.64
C GLY B 67 -28.38 -17.34 15.65
N SER B 68 -28.81 -18.01 16.71
CA SER B 68 -29.59 -17.38 17.78
C SER B 68 -28.95 -16.13 18.42
N LEU B 69 -27.62 -16.12 18.55
CA LEU B 69 -26.97 -14.95 19.12
C LEU B 69 -27.44 -13.72 18.36
N PHE B 70 -27.65 -13.89 17.06
CA PHE B 70 -27.86 -12.74 16.20
C PHE B 70 -29.32 -12.47 15.85
N LEU B 71 -30.21 -13.33 16.34
CA LEU B 71 -31.63 -13.21 16.04
C LEU B 71 -32.37 -12.76 17.28
N ARG B 72 -33.56 -12.23 17.13
CA ARG B 72 -34.43 -12.02 18.29
C ARG B 72 -35.67 -12.90 18.20
N THR B 73 -35.50 -14.14 17.75
CA THR B 73 -36.58 -15.12 17.70
C THR B 73 -36.18 -16.33 18.54
N PRO B 74 -36.69 -16.41 19.78
CA PRO B 74 -36.10 -17.27 20.81
C PRO B 74 -36.19 -18.77 20.54
N LYS B 75 -37.09 -19.17 19.65
CA LYS B 75 -37.46 -20.57 19.58
C LYS B 75 -37.75 -21.03 18.15
N ILE B 76 -36.93 -21.97 17.70
CA ILE B 76 -37.01 -22.53 16.35
C ILE B 76 -37.11 -24.04 16.44
N VAL B 77 -38.18 -24.60 15.87
CA VAL B 77 -38.47 -26.03 15.97
C VAL B 77 -38.89 -26.61 14.63
N SER B 78 -38.66 -27.91 14.46
CA SER B 78 -38.91 -28.61 13.21
C SER B 78 -39.35 -30.05 13.42
N GLY B 79 -40.15 -30.56 12.49
CA GLY B 79 -40.68 -31.90 12.64
C GLY B 79 -41.51 -32.41 11.49
N LYS B 80 -41.42 -33.71 11.26
CA LYS B 80 -42.24 -34.39 10.29
C LYS B 80 -43.66 -34.39 10.82
N ASP B 81 -43.78 -34.51 12.14
CA ASP B 81 -45.09 -34.54 12.81
C ASP B 81 -45.60 -33.14 13.11
N TYR B 82 -46.83 -32.86 12.71
CA TYR B 82 -47.30 -31.48 12.68
C TYR B 82 -47.65 -30.93 14.07
N SER B 83 -47.43 -31.73 15.11
CA SER B 83 -47.64 -31.25 16.45
C SER B 83 -46.68 -30.09 16.75
N VAL B 84 -45.60 -30.02 15.97
CA VAL B 84 -44.59 -28.98 16.17
C VAL B 84 -45.10 -27.62 15.72
N THR B 85 -46.12 -27.62 14.90
CA THR B 85 -46.64 -26.40 14.33
C THR B 85 -47.77 -25.86 15.18
N ALA B 86 -48.02 -26.51 16.32
CA ALA B 86 -49.20 -26.17 17.12
C ALA B 86 -49.31 -24.69 17.47
N ASN B 87 -50.51 -24.14 17.28
CA ASN B 87 -50.82 -22.79 17.75
C ASN B 87 -50.19 -21.65 16.95
N SER B 88 -49.79 -21.91 15.71
CA SER B 88 -49.30 -20.85 14.84
C SER B 88 -50.37 -19.80 14.61
N LYS B 89 -49.96 -18.54 14.49
CA LYS B 89 -50.88 -17.47 14.09
C LYS B 89 -50.94 -17.40 12.57
N LEU B 90 -49.84 -17.81 11.94
CA LEU B 90 -49.72 -17.80 10.49
C LEU B 90 -48.99 -19.05 10.01
N VAL B 91 -49.54 -19.68 8.97
CA VAL B 91 -48.92 -20.88 8.44
C VAL B 91 -48.72 -20.69 6.93
N ILE B 92 -47.48 -20.82 6.50
CA ILE B 92 -47.05 -20.49 5.14
C ILE B 92 -46.77 -21.77 4.39
N ILE B 93 -47.58 -22.06 3.38
CA ILE B 93 -47.46 -23.32 2.64
C ILE B 93 -46.60 -23.14 1.41
N THR B 94 -45.45 -23.80 1.39
CA THR B 94 -44.58 -23.69 0.21
C THR B 94 -44.25 -25.06 -0.38
N ALA B 95 -44.96 -26.08 0.08
CA ALA B 95 -44.77 -27.46 -0.37
C ALA B 95 -45.15 -27.65 -1.84
N GLY B 96 -44.52 -28.62 -2.49
CA GLY B 96 -44.91 -28.98 -3.84
C GLY B 96 -44.20 -30.17 -4.45
N ALA B 97 -44.87 -30.86 -5.36
CA ALA B 97 -44.26 -31.94 -6.13
C ALA B 97 -43.60 -31.35 -7.36
N ARG B 98 -42.51 -31.95 -7.82
CA ARG B 98 -41.78 -31.38 -8.94
C ARG B 98 -42.04 -32.03 -10.31
N GLN B 99 -41.99 -31.18 -11.34
CA GLN B 99 -42.39 -31.52 -12.69
C GLN B 99 -41.66 -32.77 -13.23
N GLN B 100 -42.12 -33.26 -14.37
CA GLN B 100 -41.48 -34.37 -15.08
C GLN B 100 -42.03 -34.49 -16.52
N GLU B 101 -43.32 -34.18 -16.68
CA GLU B 101 -44.06 -34.29 -17.93
C GLU B 101 -45.50 -34.68 -17.62
N GLY B 102 -46.30 -34.89 -18.67
CA GLY B 102 -47.67 -35.33 -18.47
C GLY B 102 -48.36 -34.46 -17.45
N GLU B 103 -47.91 -33.21 -17.33
CA GLU B 103 -48.58 -32.27 -16.45
C GLU B 103 -49.93 -31.95 -17.05
N SER B 104 -50.74 -32.98 -17.28
CA SER B 104 -52.09 -32.80 -17.79
C SER B 104 -52.80 -31.79 -16.88
N ARG B 105 -52.44 -30.52 -17.05
CA ARG B 105 -52.40 -29.56 -15.93
C ARG B 105 -52.91 -30.26 -14.69
N LEU B 106 -54.22 -30.50 -14.68
CA LEU B 106 -54.92 -31.36 -13.73
C LEU B 106 -54.24 -32.69 -13.37
N ASN B 107 -52.91 -32.75 -13.41
CA ASN B 107 -52.16 -33.92 -12.92
C ASN B 107 -50.92 -33.60 -12.10
N LEU B 108 -49.97 -32.85 -12.66
CA LEU B 108 -48.86 -32.36 -11.85
C LEU B 108 -49.48 -31.50 -10.74
N VAL B 109 -50.60 -30.89 -11.07
CA VAL B 109 -51.43 -30.18 -10.10
C VAL B 109 -52.14 -31.18 -9.20
N GLN B 110 -52.54 -32.32 -9.76
CA GLN B 110 -53.27 -33.32 -9.00
C GLN B 110 -52.38 -33.93 -7.91
N ARG B 111 -51.07 -34.00 -8.17
CA ARG B 111 -50.13 -34.49 -7.18
C ARG B 111 -49.87 -33.46 -6.08
N ASN B 112 -50.05 -32.18 -6.40
CA ASN B 112 -49.98 -31.14 -5.40
C ASN B 112 -51.29 -31.05 -4.62
N VAL B 113 -52.40 -31.36 -5.29
CA VAL B 113 -53.67 -31.46 -4.58
C VAL B 113 -53.49 -32.51 -3.50
N ASN B 114 -52.86 -33.62 -3.88
CA ASN B 114 -52.74 -34.75 -2.97
C ASN B 114 -51.72 -34.46 -1.84
N ILE B 115 -50.73 -33.61 -2.13
CA ILE B 115 -49.82 -33.20 -1.09
C ILE B 115 -50.57 -32.29 -0.11
N PHE B 116 -51.48 -31.50 -0.64
CA PHE B 116 -52.29 -30.65 0.18
C PHE B 116 -53.31 -31.43 1.01
N LYS B 117 -53.84 -32.50 0.43
CA LYS B 117 -54.80 -33.34 1.15
C LYS B 117 -54.21 -33.91 2.43
N PHE B 118 -52.89 -34.08 2.45
CA PHE B 118 -52.22 -34.57 3.66
C PHE B 118 -51.82 -33.43 4.59
N ILE B 119 -51.20 -32.40 4.02
CA ILE B 119 -50.69 -31.27 4.79
C ILE B 119 -51.78 -30.39 5.41
N ILE B 120 -52.70 -29.88 4.61
CA ILE B 120 -53.63 -28.90 5.15
C ILE B 120 -54.40 -29.43 6.36
N PRO B 121 -54.92 -30.66 6.29
CA PRO B 121 -55.64 -31.18 7.45
C PRO B 121 -54.78 -31.22 8.72
N ASN B 122 -53.52 -31.59 8.57
CA ASN B 122 -52.57 -31.55 9.68
C ASN B 122 -52.30 -30.14 10.20
N VAL B 123 -52.28 -29.17 9.29
CA VAL B 123 -52.11 -27.77 9.70
C VAL B 123 -53.32 -27.32 10.51
N VAL B 124 -54.51 -27.55 9.98
CA VAL B 124 -55.73 -27.07 10.65
C VAL B 124 -55.94 -27.74 12.00
N LYS B 125 -55.49 -29.00 12.13
CA LYS B 125 -55.68 -29.76 13.36
C LYS B 125 -55.05 -29.06 14.55
N TYR B 126 -53.81 -28.61 14.35
CA TYR B 126 -53.04 -28.01 15.44
C TYR B 126 -53.10 -26.49 15.46
N SER B 127 -53.37 -25.86 14.33
CA SER B 127 -53.57 -24.42 14.33
C SER B 127 -54.97 -24.02 13.86
N PRO B 128 -55.99 -24.36 14.65
CA PRO B 128 -57.39 -24.13 14.30
C PRO B 128 -57.67 -22.70 13.80
N HIS B 129 -57.03 -21.72 14.40
CA HIS B 129 -57.39 -20.33 14.14
C HIS B 129 -56.38 -19.58 13.31
N CYS B 130 -55.49 -20.31 12.65
CA CYS B 130 -54.33 -19.69 12.02
C CYS B 130 -54.73 -19.00 10.73
N LYS B 131 -53.84 -18.16 10.21
CA LYS B 131 -54.00 -17.70 8.84
C LYS B 131 -53.22 -18.64 7.93
N LEU B 132 -53.80 -18.98 6.79
CA LEU B 132 -53.10 -19.77 5.79
C LEU B 132 -52.60 -18.90 4.62
N LEU B 133 -51.31 -18.97 4.36
CA LEU B 133 -50.69 -18.23 3.27
C LEU B 133 -50.05 -19.23 2.32
N VAL B 134 -50.64 -19.37 1.14
CA VAL B 134 -50.15 -20.34 0.15
C VAL B 134 -49.26 -19.68 -0.89
N VAL B 135 -48.11 -20.30 -1.13
CA VAL B 135 -47.15 -19.77 -2.07
C VAL B 135 -46.92 -20.74 -3.23
N SER B 136 -47.20 -22.02 -3.00
CA SER B 136 -46.92 -23.07 -3.97
C SER B 136 -47.58 -22.81 -5.33
N ASN B 137 -46.88 -23.13 -6.41
CA ASN B 137 -47.46 -23.03 -7.74
C ASN B 137 -48.08 -24.35 -8.19
N PRO B 138 -49.21 -24.28 -8.90
CA PRO B 138 -49.86 -23.00 -9.25
C PRO B 138 -50.65 -22.34 -8.11
N VAL B 139 -50.25 -21.12 -7.74
CA VAL B 139 -50.71 -20.48 -6.51
C VAL B 139 -52.22 -20.23 -6.39
N ASP B 140 -52.88 -19.79 -7.46
CA ASP B 140 -54.30 -19.39 -7.34
C ASP B 140 -55.17 -20.62 -7.17
N ILE B 141 -54.74 -21.71 -7.80
CA ILE B 141 -55.40 -23.01 -7.70
C ILE B 141 -55.11 -23.70 -6.37
N LEU B 142 -53.83 -23.75 -5.98
CA LEU B 142 -53.47 -24.35 -4.71
C LEU B 142 -54.03 -23.59 -3.51
N THR B 143 -54.32 -22.30 -3.69
CA THR B 143 -54.92 -21.53 -2.61
C THR B 143 -56.38 -21.92 -2.46
N TYR B 144 -57.07 -22.14 -3.58
CA TYR B 144 -58.46 -22.62 -3.56
C TYR B 144 -58.54 -23.98 -2.90
N VAL B 145 -57.69 -24.90 -3.34
CA VAL B 145 -57.55 -26.22 -2.72
C VAL B 145 -57.38 -26.10 -1.20
N ALA B 146 -56.38 -25.36 -0.76
CA ALA B 146 -56.17 -25.15 0.67
C ALA B 146 -57.45 -24.67 1.31
N TRP B 147 -58.16 -23.80 0.60
CA TRP B 147 -59.38 -23.23 1.11
C TRP B 147 -60.45 -24.30 1.34
N LYS B 148 -60.65 -25.17 0.34
CA LYS B 148 -61.66 -26.22 0.44
C LYS B 148 -61.32 -27.29 1.47
N ILE B 149 -60.07 -27.73 1.52
CA ILE B 149 -59.69 -28.78 2.44
C ILE B 149 -59.77 -28.32 3.90
N SER B 150 -59.25 -27.12 4.16
CA SER B 150 -59.17 -26.62 5.53
C SER B 150 -60.57 -26.40 6.08
N GLY B 151 -61.45 -25.86 5.23
CA GLY B 151 -62.75 -25.43 5.70
C GLY B 151 -62.70 -24.05 6.30
N PHE B 152 -61.51 -23.45 6.38
CA PHE B 152 -61.41 -22.08 6.88
C PHE B 152 -62.31 -21.16 6.08
N PRO B 153 -62.77 -20.06 6.70
CA PRO B 153 -63.51 -19.02 5.97
C PRO B 153 -62.56 -18.19 5.13
N LYS B 154 -63.07 -17.55 4.09
CA LYS B 154 -62.20 -17.02 3.04
C LYS B 154 -61.19 -15.96 3.50
N ASN B 155 -61.50 -15.25 4.58
CA ASN B 155 -60.65 -14.18 5.05
C ASN B 155 -59.32 -14.69 5.60
N ARG B 156 -59.32 -15.96 6.03
CA ARG B 156 -58.14 -16.59 6.64
C ARG B 156 -57.32 -17.42 5.66
N VAL B 157 -57.77 -17.49 4.40
CA VAL B 157 -56.98 -18.16 3.38
C VAL B 157 -56.46 -17.20 2.31
N ILE B 158 -55.15 -17.15 2.20
CA ILE B 158 -54.48 -16.12 1.41
C ILE B 158 -53.51 -16.78 0.41
N GLY B 159 -53.55 -16.30 -0.82
CA GLY B 159 -52.55 -16.74 -1.79
C GLY B 159 -51.57 -15.61 -2.00
N SER B 160 -50.31 -15.93 -2.21
CA SER B 160 -49.30 -14.89 -2.44
C SER B 160 -49.59 -14.18 -3.76
N GLY B 161 -50.24 -14.89 -4.68
CA GLY B 161 -50.69 -14.26 -5.90
C GLY B 161 -49.65 -13.44 -6.64
N CYS B 162 -50.00 -12.19 -6.95
CA CYS B 162 -49.19 -11.32 -7.80
C CYS B 162 -48.42 -10.32 -6.97
N ASN B 163 -48.26 -10.62 -5.68
CA ASN B 163 -47.56 -9.71 -4.78
C ASN B 163 -46.11 -9.50 -5.20
N LEU B 164 -45.43 -10.60 -5.50
CA LEU B 164 -44.04 -10.55 -5.97
C LEU B 164 -43.94 -9.93 -7.36
N ASP B 165 -44.81 -10.35 -8.27
CA ASP B 165 -44.76 -9.85 -9.63
C ASP B 165 -44.92 -8.32 -9.69
N SER B 166 -45.90 -7.78 -8.97
CA SER B 166 -46.05 -6.33 -8.90
C SER B 166 -44.81 -5.61 -8.37
N ALA B 167 -44.10 -6.25 -7.43
CA ALA B 167 -42.87 -5.70 -6.87
C ALA B 167 -41.75 -5.66 -7.90
N ARG B 168 -41.69 -6.67 -8.77
CA ARG B 168 -40.68 -6.75 -9.80
C ARG B 168 -40.98 -5.65 -10.83
N PHE B 169 -42.26 -5.54 -11.16
CA PHE B 169 -42.74 -4.52 -12.08
C PHE B 169 -42.32 -3.15 -11.57
N ARG B 170 -42.52 -2.94 -10.28
CA ARG B 170 -42.19 -1.66 -9.65
C ARG B 170 -40.69 -1.45 -9.71
N TYR B 171 -39.95 -2.55 -9.61
CA TYR B 171 -38.51 -2.51 -9.72
C TYR B 171 -38.08 -2.15 -11.15
N LEU B 172 -38.62 -2.84 -12.14
CA LEU B 172 -38.28 -2.54 -13.53
C LEU B 172 -38.68 -1.09 -13.85
N MET B 173 -39.80 -0.66 -13.29
CA MET B 173 -40.25 0.72 -13.45
C MET B 173 -39.16 1.67 -13.00
N GLY B 174 -38.76 1.55 -11.74
CA GLY B 174 -37.70 2.40 -11.20
C GLY B 174 -36.39 2.35 -11.98
N GLU B 175 -36.22 1.33 -12.80
CA GLU B 175 -35.03 1.22 -13.61
C GLU B 175 -35.20 2.07 -14.87
N ARG B 176 -36.42 2.16 -15.36
CA ARG B 176 -36.67 2.96 -16.54
C ARG B 176 -36.73 4.43 -16.21
N LEU B 177 -37.10 4.73 -14.96
CA LEU B 177 -37.40 6.09 -14.57
C LEU B 177 -36.28 6.68 -13.73
N GLY B 178 -35.48 5.81 -13.12
CA GLY B 178 -34.37 6.27 -12.30
C GLY B 178 -34.78 6.70 -10.89
N VAL B 179 -35.84 6.10 -10.36
CA VAL B 179 -36.13 6.22 -8.93
C VAL B 179 -36.31 4.84 -8.31
N HIS B 180 -36.23 4.78 -6.98
CA HIS B 180 -36.41 3.54 -6.26
C HIS B 180 -37.83 2.98 -6.46
N ALA B 181 -37.95 1.66 -6.49
CA ALA B 181 -39.24 1.00 -6.72
C ALA B 181 -40.23 1.40 -5.62
N LEU B 182 -39.69 1.84 -4.48
CA LEU B 182 -40.52 2.32 -3.40
C LEU B 182 -41.41 3.45 -3.90
N SER B 183 -40.87 4.27 -4.81
CA SER B 183 -41.57 5.46 -5.27
C SER B 183 -42.28 5.25 -6.59
N CYS B 184 -42.14 4.09 -7.19
CA CYS B 184 -42.91 3.77 -8.39
C CYS B 184 -44.08 2.89 -8.01
N HIS B 185 -45.21 3.09 -8.68
CA HIS B 185 -46.43 2.41 -8.30
C HIS B 185 -47.11 1.85 -9.53
N GLY B 186 -47.48 0.57 -9.46
CA GLY B 186 -48.31 0.01 -10.50
C GLY B 186 -48.79 -1.35 -10.05
N TRP B 187 -49.89 -1.81 -10.61
CA TRP B 187 -50.46 -3.05 -10.14
C TRP B 187 -50.61 -4.10 -11.22
N ILE B 188 -50.14 -5.30 -10.88
CA ILE B 188 -50.41 -6.47 -11.68
C ILE B 188 -51.41 -7.33 -10.88
N LEU B 189 -52.55 -7.59 -11.51
CA LEU B 189 -53.68 -8.18 -10.82
C LEU B 189 -54.12 -9.46 -11.54
N GLY B 190 -55.10 -10.16 -10.98
CA GLY B 190 -55.65 -11.33 -11.62
C GLY B 190 -54.85 -12.59 -11.42
N GLU B 191 -54.81 -13.44 -12.44
CA GLU B 191 -54.24 -14.78 -12.35
C GLU B 191 -52.69 -14.76 -12.42
N HIS B 192 -52.02 -15.06 -11.30
CA HIS B 192 -50.55 -15.03 -11.23
C HIS B 192 -49.96 -15.86 -12.36
N GLY B 193 -49.31 -15.20 -13.30
CA GLY B 193 -48.85 -15.90 -14.50
C GLY B 193 -49.07 -15.12 -15.79
N ASP B 194 -48.82 -15.79 -16.92
CA ASP B 194 -48.81 -15.14 -18.24
C ASP B 194 -50.08 -14.33 -18.48
N SER B 195 -51.14 -14.71 -17.77
CA SER B 195 -52.45 -14.14 -18.03
C SER B 195 -52.79 -13.07 -17.02
N SER B 196 -51.79 -12.67 -16.23
CA SER B 196 -52.00 -11.59 -15.27
C SER B 196 -52.15 -10.24 -15.96
N VAL B 197 -52.85 -9.34 -15.29
CA VAL B 197 -53.34 -8.10 -15.88
C VAL B 197 -52.63 -6.87 -15.36
N PRO B 198 -51.64 -6.34 -16.09
CA PRO B 198 -51.00 -5.09 -15.68
C PRO B 198 -51.98 -3.93 -15.82
N VAL B 199 -52.39 -3.33 -14.71
CA VAL B 199 -53.31 -2.21 -14.77
C VAL B 199 -52.61 -0.90 -15.11
N TRP B 200 -52.40 -0.67 -16.41
CA TRP B 200 -51.70 0.52 -16.91
C TRP B 200 -52.23 1.79 -16.29
N SER B 201 -53.56 1.88 -16.24
CA SER B 201 -54.24 3.08 -15.78
C SER B 201 -53.71 3.59 -14.45
N GLY B 202 -53.21 2.69 -13.61
CA GLY B 202 -52.84 3.05 -12.26
C GLY B 202 -51.36 3.25 -12.03
N MET B 203 -50.56 3.14 -13.08
CA MET B 203 -49.13 3.35 -12.94
C MET B 203 -48.86 4.84 -12.82
N ASN B 204 -47.91 5.20 -11.95
CA ASN B 204 -47.73 6.60 -11.59
C ASN B 204 -46.52 6.80 -10.70
N VAL B 205 -45.94 8.00 -10.78
CA VAL B 205 -44.99 8.45 -9.80
C VAL B 205 -45.53 9.74 -9.17
N ALA B 206 -45.40 9.83 -7.84
CA ALA B 206 -45.92 10.96 -7.09
C ALA B 206 -47.31 11.38 -7.56
N GLY B 207 -48.17 10.41 -7.82
CA GLY B 207 -49.54 10.71 -8.18
C GLY B 207 -49.73 11.12 -9.63
N VAL B 208 -48.66 11.12 -10.42
CA VAL B 208 -48.74 11.56 -11.81
C VAL B 208 -48.91 10.38 -12.76
N SER B 209 -50.10 10.27 -13.35
CA SER B 209 -50.42 9.10 -14.18
C SER B 209 -49.54 9.07 -15.43
N LEU B 210 -48.99 7.89 -15.74
CA LEU B 210 -48.10 7.72 -16.87
C LEU B 210 -48.90 7.55 -18.16
N LYS B 211 -50.00 6.80 -18.08
CA LYS B 211 -50.82 6.53 -19.26
C LYS B 211 -51.46 7.82 -19.74
N THR B 212 -51.68 8.74 -18.82
CA THR B 212 -52.18 10.05 -19.18
C THR B 212 -51.08 10.83 -19.89
N LEU B 213 -49.89 10.89 -19.29
CA LEU B 213 -48.74 11.52 -19.92
C LEU B 213 -48.50 10.96 -21.30
N HIS B 214 -48.75 9.67 -21.44
CA HIS B 214 -48.28 8.90 -22.59
C HIS B 214 -49.29 7.82 -22.93
N PRO B 215 -50.29 8.14 -23.75
CA PRO B 215 -51.46 7.28 -23.91
C PRO B 215 -51.19 5.93 -24.59
N GLU B 216 -50.06 5.80 -25.25
CA GLU B 216 -49.69 4.55 -25.91
C GLU B 216 -49.25 3.51 -24.89
N LEU B 217 -49.13 3.93 -23.64
CA LEU B 217 -48.54 3.09 -22.61
C LEU B 217 -49.24 1.74 -22.57
N GLY B 218 -48.45 0.68 -22.72
CA GLY B 218 -49.01 -0.66 -22.64
C GLY B 218 -49.54 -1.21 -23.96
N THR B 219 -49.69 -0.36 -24.96
CA THR B 219 -50.18 -0.81 -26.26
C THR B 219 -49.01 -1.16 -27.17
N ASP B 220 -49.33 -1.86 -28.24
CA ASP B 220 -48.31 -2.32 -29.18
C ASP B 220 -47.62 -1.13 -29.84
N ALA B 221 -48.42 -0.11 -30.14
CA ALA B 221 -47.89 1.10 -30.74
C ALA B 221 -46.93 1.84 -29.81
N ASP B 222 -46.72 1.31 -28.60
CA ASP B 222 -45.82 1.97 -27.65
C ASP B 222 -44.39 1.85 -28.13
N LYS B 223 -43.80 2.97 -28.50
CA LYS B 223 -42.45 3.01 -29.03
C LYS B 223 -41.48 2.67 -27.90
N GLU B 224 -41.96 2.83 -26.66
CA GLU B 224 -41.18 2.52 -25.48
C GLU B 224 -41.42 1.07 -25.06
N GLN B 225 -42.48 0.47 -25.61
CA GLN B 225 -42.64 -0.97 -25.50
C GLN B 225 -42.79 -1.45 -24.07
N TRP B 226 -43.45 -0.64 -23.25
CA TRP B 226 -43.73 -0.98 -21.86
C TRP B 226 -44.52 -2.30 -21.72
N LYS B 227 -45.06 -2.79 -22.83
CA LYS B 227 -45.72 -4.10 -22.84
C LYS B 227 -44.72 -5.21 -22.51
N GLN B 228 -43.50 -5.06 -23.00
CA GLN B 228 -42.45 -6.03 -22.70
C GLN B 228 -42.01 -6.00 -21.24
N VAL B 229 -42.39 -4.96 -20.50
CA VAL B 229 -42.06 -4.95 -19.08
C VAL B 229 -42.99 -5.89 -18.31
N HIS B 230 -44.28 -5.88 -18.64
CA HIS B 230 -45.17 -6.90 -18.08
C HIS B 230 -44.70 -8.29 -18.47
N LYS B 231 -44.34 -8.48 -19.74
CA LYS B 231 -43.89 -9.79 -20.17
C LYS B 231 -42.58 -10.22 -19.49
N GLN B 232 -41.70 -9.26 -19.21
CA GLN B 232 -40.44 -9.61 -18.58
C GLN B 232 -40.66 -10.03 -17.13
N VAL B 233 -41.63 -9.37 -16.49
CA VAL B 233 -42.10 -9.80 -15.17
C VAL B 233 -42.63 -11.24 -15.19
N VAL B 234 -43.56 -11.51 -16.09
CA VAL B 234 -44.13 -12.85 -16.21
C VAL B 234 -43.03 -13.88 -16.35
N ASP B 235 -41.96 -13.51 -17.06
CA ASP B 235 -40.91 -14.43 -17.47
C ASP B 235 -39.74 -14.57 -16.51
N SER B 236 -39.62 -13.63 -15.57
CA SER B 236 -38.38 -13.53 -14.82
C SER B 236 -38.15 -14.73 -13.89
N ALA B 237 -39.21 -15.27 -13.31
CA ALA B 237 -39.10 -16.51 -12.54
C ALA B 237 -38.39 -17.59 -13.37
N TYR B 238 -38.81 -17.72 -14.62
CA TYR B 238 -38.25 -18.68 -15.56
C TYR B 238 -36.78 -18.38 -15.82
N GLU B 239 -36.47 -17.14 -16.19
CA GLU B 239 -35.09 -16.75 -16.46
C GLU B 239 -34.19 -17.12 -15.30
N VAL B 240 -34.60 -16.73 -14.10
CA VAL B 240 -33.79 -16.93 -12.92
C VAL B 240 -33.51 -18.41 -12.67
N ILE B 241 -34.56 -19.23 -12.70
CA ILE B 241 -34.39 -20.68 -12.62
C ILE B 241 -33.40 -21.15 -13.66
N LYS B 242 -33.51 -20.57 -14.86
CA LYS B 242 -32.66 -20.91 -15.99
C LYS B 242 -31.20 -20.61 -15.65
N LEU B 243 -30.98 -19.64 -14.76
CA LEU B 243 -29.64 -19.17 -14.43
C LEU B 243 -29.07 -19.83 -13.19
N LYS B 244 -29.88 -19.99 -12.16
CA LYS B 244 -29.36 -20.41 -10.85
C LYS B 244 -29.98 -21.71 -10.35
N GLY B 245 -31.00 -22.19 -11.03
CA GLY B 245 -31.60 -23.47 -10.67
C GLY B 245 -32.98 -23.36 -10.02
N TYR B 246 -33.32 -22.16 -9.54
CA TYR B 246 -34.58 -21.92 -8.83
C TYR B 246 -34.58 -20.44 -8.44
N THR B 247 -35.65 -19.97 -7.79
CA THR B 247 -35.68 -18.62 -7.22
C THR B 247 -36.04 -18.67 -5.74
N THR B 248 -35.36 -17.88 -4.94
CA THR B 248 -35.63 -17.85 -3.50
C THR B 248 -35.86 -16.45 -2.96
N TRP B 249 -34.85 -15.60 -3.10
CA TRP B 249 -34.74 -14.42 -2.27
C TRP B 249 -35.92 -13.46 -2.38
N ALA B 250 -36.36 -13.17 -3.60
CA ALA B 250 -37.44 -12.20 -3.81
C ALA B 250 -38.81 -12.72 -3.34
N ILE B 251 -39.11 -13.98 -3.63
CA ILE B 251 -40.33 -14.56 -3.08
C ILE B 251 -40.26 -14.63 -1.55
N GLY B 252 -39.06 -14.87 -1.01
CA GLY B 252 -38.88 -14.90 0.43
C GLY B 252 -39.11 -13.54 1.09
N LEU B 253 -38.60 -12.49 0.46
CA LEU B 253 -38.74 -11.14 0.96
C LEU B 253 -40.18 -10.64 0.85
N SER B 254 -40.85 -10.99 -0.24
CA SER B 254 -42.19 -10.47 -0.45
C SER B 254 -43.17 -11.18 0.48
N VAL B 255 -42.91 -12.45 0.75
CA VAL B 255 -43.78 -13.21 1.63
C VAL B 255 -43.63 -12.71 3.05
N ALA B 256 -42.39 -12.38 3.43
CA ALA B 256 -42.16 -11.80 4.75
C ALA B 256 -42.85 -10.42 4.88
N ASP B 257 -43.11 -9.78 3.74
CA ASP B 257 -43.78 -8.50 3.76
C ASP B 257 -45.26 -8.73 4.00
N LEU B 258 -45.81 -9.79 3.42
CA LEU B 258 -47.19 -10.13 3.70
C LEU B 258 -47.32 -10.55 5.17
N ALA B 259 -46.42 -11.44 5.59
CA ALA B 259 -46.29 -11.80 6.99
C ALA B 259 -46.32 -10.58 7.90
N GLU B 260 -45.67 -9.49 7.48
CA GLU B 260 -45.54 -8.33 8.34
C GLU B 260 -46.91 -7.66 8.53
N SER B 261 -47.64 -7.47 7.45
CA SER B 261 -48.96 -6.85 7.54
C SER B 261 -49.91 -7.66 8.42
N ILE B 262 -49.82 -8.98 8.31
CA ILE B 262 -50.63 -9.86 9.13
C ILE B 262 -50.27 -9.75 10.61
N MET B 263 -49.00 -10.02 10.93
CA MET B 263 -48.57 -10.07 12.33
C MET B 263 -48.66 -8.71 13.03
N LYS B 264 -48.74 -7.63 12.28
CA LYS B 264 -48.75 -6.32 12.89
C LYS B 264 -50.08 -5.59 12.71
N ASN B 265 -50.99 -6.24 11.97
CA ASN B 265 -52.31 -5.69 11.69
C ASN B 265 -52.18 -4.35 11.01
N LEU B 266 -51.29 -4.25 10.03
CA LEU B 266 -51.01 -2.95 9.42
C LEU B 266 -52.12 -2.51 8.48
N ARG B 267 -52.90 -3.48 7.99
CA ARG B 267 -53.93 -3.18 7.00
C ARG B 267 -53.37 -2.39 5.81
N ARG B 268 -52.22 -2.83 5.30
CA ARG B 268 -51.69 -2.31 4.06
C ARG B 268 -52.37 -3.03 2.93
N VAL B 269 -52.31 -2.46 1.72
CA VAL B 269 -52.95 -3.09 0.59
C VAL B 269 -51.93 -3.80 -0.31
N HIS B 270 -52.08 -5.12 -0.46
CA HIS B 270 -51.18 -5.92 -1.29
C HIS B 270 -51.94 -6.60 -2.42
N PRO B 271 -51.31 -6.70 -3.61
CA PRO B 271 -51.82 -7.46 -4.75
C PRO B 271 -51.69 -8.97 -4.50
N ILE B 272 -52.65 -9.54 -3.77
CA ILE B 272 -52.58 -10.95 -3.38
C ILE B 272 -53.89 -11.66 -3.74
N SER B 273 -53.90 -12.99 -3.80
CA SER B 273 -55.10 -13.69 -4.29
C SER B 273 -56.10 -14.03 -3.20
N THR B 274 -57.31 -13.49 -3.35
CA THR B 274 -58.35 -13.66 -2.36
C THR B 274 -59.55 -14.34 -3.05
N MET B 275 -60.41 -15.00 -2.29
CA MET B 275 -61.61 -15.62 -2.89
C MET B 275 -62.62 -14.50 -3.20
N LEU B 276 -62.81 -14.17 -4.48
CA LEU B 276 -63.53 -12.96 -4.86
C LEU B 276 -64.88 -13.12 -5.51
N LYS B 277 -65.49 -14.30 -5.38
CA LYS B 277 -66.85 -14.49 -5.91
C LYS B 277 -67.74 -13.36 -5.42
N GLY B 278 -68.49 -12.76 -6.35
CA GLY B 278 -69.36 -11.65 -6.00
C GLY B 278 -68.79 -10.29 -6.34
N LEU B 279 -67.48 -10.24 -6.55
CA LEU B 279 -66.80 -8.98 -6.87
C LEU B 279 -66.20 -9.08 -8.27
N TYR B 280 -65.90 -7.93 -8.87
CA TYR B 280 -65.23 -7.91 -10.17
C TYR B 280 -65.95 -8.73 -11.27
N GLY B 281 -67.24 -8.95 -11.08
CA GLY B 281 -68.02 -9.65 -12.09
C GLY B 281 -67.93 -11.17 -12.06
N ILE B 282 -67.29 -11.73 -11.04
CA ILE B 282 -66.94 -13.15 -11.03
C ILE B 282 -67.91 -13.96 -10.20
N LYS B 283 -68.41 -15.06 -10.76
CA LYS B 283 -69.50 -15.77 -10.12
C LYS B 283 -69.11 -17.15 -9.63
N GLU B 284 -67.86 -17.54 -9.91
CA GLU B 284 -67.34 -18.85 -9.49
C GLU B 284 -66.43 -18.73 -8.27
N ASP B 285 -66.32 -19.81 -7.51
CA ASP B 285 -65.44 -19.83 -6.34
C ASP B 285 -63.99 -19.89 -6.71
N VAL B 286 -63.38 -18.75 -6.94
CA VAL B 286 -61.99 -18.72 -7.31
C VAL B 286 -61.19 -17.60 -6.65
N PHE B 287 -59.88 -17.74 -6.74
CA PHE B 287 -58.96 -16.81 -6.13
C PHE B 287 -58.24 -16.02 -7.22
N LEU B 288 -58.25 -14.70 -7.10
CA LEU B 288 -57.52 -13.85 -8.01
C LEU B 288 -56.79 -12.78 -7.20
N SER B 289 -55.78 -12.18 -7.82
CA SER B 289 -55.12 -11.05 -7.21
C SER B 289 -55.89 -9.76 -7.48
N VAL B 290 -56.35 -9.13 -6.40
CA VAL B 290 -56.86 -7.76 -6.44
C VAL B 290 -56.29 -7.01 -5.23
N PRO B 291 -56.38 -5.67 -5.22
CA PRO B 291 -55.81 -4.95 -4.07
C PRO B 291 -56.56 -5.30 -2.79
N CYS B 292 -55.89 -5.97 -1.86
CA CYS B 292 -56.54 -6.45 -0.63
C CYS B 292 -56.00 -5.79 0.66
N VAL B 293 -56.90 -5.45 1.58
CA VAL B 293 -56.50 -4.94 2.89
C VAL B 293 -56.14 -6.09 3.82
N LEU B 294 -54.86 -6.18 4.20
CA LEU B 294 -54.33 -7.37 4.87
C LEU B 294 -53.94 -7.07 6.32
N GLY B 295 -54.59 -7.76 7.25
CA GLY B 295 -54.38 -7.50 8.65
C GLY B 295 -54.41 -8.76 9.50
N GLN B 296 -54.61 -8.60 10.80
CA GLN B 296 -54.53 -9.74 11.70
C GLN B 296 -55.65 -10.74 11.46
N ASN B 297 -56.70 -10.31 10.78
CA ASN B 297 -57.76 -11.26 10.41
C ASN B 297 -57.70 -11.70 8.94
N GLY B 298 -56.50 -11.63 8.35
CA GLY B 298 -56.35 -11.98 6.95
C GLY B 298 -56.81 -10.87 6.01
N ILE B 299 -57.54 -11.25 4.98
CA ILE B 299 -58.08 -10.28 4.04
C ILE B 299 -59.48 -9.85 4.46
N SER B 300 -59.62 -8.61 4.91
CA SER B 300 -60.86 -8.12 5.50
C SER B 300 -61.66 -7.28 4.50
N ASP B 301 -60.95 -6.57 3.64
CA ASP B 301 -61.60 -5.72 2.64
C ASP B 301 -60.86 -5.81 1.31
N VAL B 302 -61.54 -5.46 0.23
CA VAL B 302 -60.95 -5.48 -1.10
C VAL B 302 -61.20 -4.14 -1.78
N VAL B 303 -60.14 -3.51 -2.30
CA VAL B 303 -60.27 -2.28 -3.09
C VAL B 303 -60.82 -2.60 -4.47
N LYS B 304 -61.90 -1.93 -4.85
CA LYS B 304 -62.49 -2.16 -6.17
C LYS B 304 -61.84 -1.25 -7.20
N VAL B 305 -60.91 -1.78 -7.98
CA VAL B 305 -60.22 -1.01 -9.03
C VAL B 305 -61.16 -0.74 -10.22
N THR B 306 -61.15 0.48 -10.74
CA THR B 306 -61.89 0.76 -11.97
C THR B 306 -61.15 0.13 -13.16
N LEU B 307 -61.79 -0.83 -13.84
CA LEU B 307 -61.15 -1.58 -14.91
C LEU B 307 -61.75 -1.24 -16.28
N THR B 308 -60.94 -1.34 -17.34
CA THR B 308 -61.49 -1.24 -18.68
C THR B 308 -62.39 -2.45 -18.92
N SER B 309 -63.22 -2.39 -19.96
CA SER B 309 -64.09 -3.52 -20.27
C SER B 309 -63.25 -4.69 -20.77
N GLU B 310 -62.06 -4.39 -21.26
CA GLU B 310 -61.13 -5.43 -21.67
C GLU B 310 -60.53 -6.13 -20.45
N GLU B 311 -60.03 -5.33 -19.50
CA GLU B 311 -59.49 -5.88 -18.26
C GLU B 311 -60.54 -6.78 -17.59
N GLU B 312 -61.77 -6.29 -17.50
CA GLU B 312 -62.85 -7.02 -16.80
C GLU B 312 -63.06 -8.39 -17.40
N ALA B 313 -63.24 -8.43 -18.71
CA ALA B 313 -63.47 -9.70 -19.39
C ALA B 313 -62.23 -10.58 -19.23
N HIS B 314 -61.08 -9.94 -19.06
CA HIS B 314 -59.84 -10.68 -18.97
C HIS B 314 -59.78 -11.38 -17.62
N LEU B 315 -60.25 -10.67 -16.60
CA LEU B 315 -60.38 -11.23 -15.27
C LEU B 315 -61.43 -12.33 -15.24
N LYS B 316 -62.51 -12.13 -15.99
CA LYS B 316 -63.56 -13.14 -16.03
C LYS B 316 -63.01 -14.43 -16.62
N LYS B 317 -62.20 -14.29 -17.67
CA LYS B 317 -61.65 -15.45 -18.35
C LYS B 317 -60.73 -16.21 -17.40
N SER B 318 -59.86 -15.50 -16.69
CA SER B 318 -59.03 -16.16 -15.69
C SER B 318 -59.93 -16.89 -14.66
N ALA B 319 -61.01 -16.24 -14.23
CA ALA B 319 -61.93 -16.86 -13.29
C ALA B 319 -62.51 -18.18 -13.83
N ASP B 320 -62.90 -18.17 -15.11
CA ASP B 320 -63.56 -19.33 -15.71
C ASP B 320 -62.57 -20.45 -16.00
N THR B 321 -61.32 -20.11 -16.33
CA THR B 321 -60.33 -21.13 -16.59
C THR B 321 -59.81 -21.74 -15.27
N LEU B 322 -59.62 -20.91 -14.25
CA LEU B 322 -59.31 -21.43 -12.91
C LEU B 322 -60.39 -22.43 -12.52
N TRP B 323 -61.64 -22.01 -12.57
CA TRP B 323 -62.77 -22.89 -12.28
C TRP B 323 -62.76 -24.16 -13.13
N GLY B 324 -62.48 -24.01 -14.42
CA GLY B 324 -62.42 -25.15 -15.31
C GLY B 324 -61.42 -26.15 -14.77
N ILE B 325 -60.27 -25.66 -14.33
CA ILE B 325 -59.27 -26.53 -13.74
C ILE B 325 -59.76 -27.14 -12.43
N GLN B 326 -60.34 -26.33 -11.57
CA GLN B 326 -60.73 -26.79 -10.24
C GLN B 326 -61.79 -27.90 -10.30
N LYS B 327 -62.69 -27.84 -11.27
CA LYS B 327 -63.67 -28.91 -11.46
C LYS B 327 -63.00 -30.24 -11.72
N GLU B 328 -61.81 -30.22 -12.32
CA GLU B 328 -61.15 -31.45 -12.75
C GLU B 328 -60.29 -32.09 -11.66
N LEU B 329 -60.31 -31.52 -10.47
CA LEU B 329 -59.47 -31.99 -9.38
C LEU B 329 -60.20 -33.05 -8.55
N GLN B 330 -59.43 -33.89 -7.84
CA GLN B 330 -60.01 -34.85 -6.90
C GLN B 330 -59.67 -34.54 -5.45
N PHE B 331 -60.71 -34.25 -4.67
CA PHE B 331 -60.57 -34.07 -3.23
C PHE B 331 -61.07 -35.29 -2.47
N ALA C 1 0.90 -1.04 33.11
CA ALA C 1 0.51 -1.17 34.54
C ALA C 1 -0.96 -0.83 34.67
N ALA C 2 -1.41 0.13 33.86
CA ALA C 2 -2.81 0.53 33.82
C ALA C 2 -3.72 -0.66 33.47
N LEU C 3 -5.00 -0.55 33.86
CA LEU C 3 -5.97 -1.60 33.62
C LEU C 3 -6.26 -1.73 32.13
N LYS C 4 -6.45 -0.60 31.45
CA LYS C 4 -6.73 -0.60 30.02
C LYS C 4 -5.63 -1.36 29.30
N ASP C 5 -4.39 -1.04 29.66
CA ASP C 5 -3.22 -1.63 29.02
C ASP C 5 -2.95 -3.06 29.48
N GLN C 6 -3.34 -3.39 30.70
CA GLN C 6 -3.22 -4.77 31.15
C GLN C 6 -4.24 -5.66 30.41
N LEU C 7 -5.45 -5.12 30.23
CA LEU C 7 -6.53 -5.86 29.57
C LEU C 7 -6.32 -5.89 28.05
N ILE C 8 -5.98 -4.74 27.50
CA ILE C 8 -6.05 -4.58 26.06
C ILE C 8 -4.71 -4.20 25.47
N HIS C 9 -4.26 -5.01 24.51
CA HIS C 9 -3.07 -4.67 23.71
C HIS C 9 -3.45 -3.88 22.44
N ASN C 10 -2.99 -2.63 22.37
CA ASN C 10 -3.29 -1.76 21.22
C ASN C 10 -2.32 -2.01 20.05
N LEU C 11 -2.86 -2.01 18.84
CA LEU C 11 -2.10 -2.36 17.65
C LEU C 11 -2.24 -1.32 16.54
N LEU C 12 -3.10 -0.33 16.76
CA LEU C 12 -3.40 0.59 15.69
C LEU C 12 -3.55 2.00 16.23
N LYS C 13 -2.68 2.90 15.78
CA LYS C 13 -2.84 4.30 16.12
C LYS C 13 -4.18 4.77 15.59
N GLU C 14 -4.81 5.68 16.32
CA GLU C 14 -6.01 6.36 15.84
C GLU C 14 -5.74 7.01 14.49
N GLU C 15 -6.79 7.17 13.70
CA GLU C 15 -6.78 8.09 12.56
C GLU C 15 -8.23 8.50 12.36
N HIS C 16 -8.94 8.65 13.48
CA HIS C 16 -10.39 8.54 13.48
C HIS C 16 -11.11 9.62 12.67
N VAL C 17 -11.68 9.20 11.55
CA VAL C 17 -12.41 10.08 10.64
C VAL C 17 -13.80 9.48 10.38
N PRO C 18 -14.86 10.25 10.64
CA PRO C 18 -16.23 9.75 10.56
C PRO C 18 -16.63 9.40 9.13
N GLN C 19 -17.45 8.37 8.97
CA GLN C 19 -17.82 7.91 7.65
C GLN C 19 -19.23 8.35 7.23
N ASN C 20 -20.21 8.14 8.10
CA ASN C 20 -21.58 8.58 7.84
C ASN C 20 -22.04 9.45 9.00
N LYS C 21 -21.54 10.67 9.05
CA LYS C 21 -21.74 11.52 10.22
C LYS C 21 -22.87 12.51 10.00
N ILE C 22 -23.72 12.64 11.01
CA ILE C 22 -24.81 13.59 10.95
C ILE C 22 -24.70 14.56 12.11
N THR C 23 -25.09 15.80 11.84
CA THR C 23 -25.12 16.85 12.85
C THR C 23 -26.54 17.41 12.94
N VAL C 24 -27.07 17.52 14.14
CA VAL C 24 -28.29 18.29 14.29
C VAL C 24 -27.95 19.64 14.94
N VAL C 25 -28.38 20.72 14.31
CA VAL C 25 -28.12 22.03 14.89
C VAL C 25 -29.36 22.45 15.65
N GLY C 26 -29.19 22.72 16.94
CA GLY C 26 -30.31 23.14 17.76
C GLY C 26 -30.97 22.00 18.50
N VAL C 27 -30.88 22.01 19.83
CA VAL C 27 -31.42 20.92 20.62
C VAL C 27 -32.71 21.32 21.33
N GLY C 28 -33.54 22.12 20.67
CA GLY C 28 -34.91 22.29 21.10
C GLY C 28 -35.69 21.00 20.89
N ALA C 29 -36.99 21.01 21.08
CA ALA C 29 -37.74 19.76 21.05
C ALA C 29 -37.70 19.08 19.67
N VAL C 30 -37.66 19.88 18.60
CA VAL C 30 -37.58 19.36 17.24
C VAL C 30 -36.26 18.66 16.99
N GLY C 31 -35.17 19.32 17.34
CA GLY C 31 -33.87 18.75 17.09
C GLY C 31 -33.67 17.42 17.77
N MET C 32 -34.03 17.33 19.04
CA MET C 32 -33.81 16.09 19.78
C MET C 32 -34.71 14.97 19.26
N ALA C 33 -35.88 15.31 18.74
CA ALA C 33 -36.69 14.31 18.05
C ALA C 33 -35.95 13.82 16.82
N CYS C 34 -35.47 14.75 16.01
CA CYS C 34 -34.63 14.40 14.90
C CYS C 34 -33.48 13.55 15.39
N ALA C 35 -32.81 13.98 16.46
CA ALA C 35 -31.67 13.25 16.99
C ALA C 35 -32.03 11.80 17.29
N ILE C 36 -33.15 11.58 17.98
CA ILE C 36 -33.47 10.26 18.51
C ILE C 36 -33.99 9.33 17.44
N SER C 37 -34.75 9.87 16.51
CA SER C 37 -35.25 9.07 15.39
C SER C 37 -34.07 8.59 14.55
N ILE C 38 -33.13 9.50 14.29
CA ILE C 38 -31.97 9.17 13.49
C ILE C 38 -31.13 8.09 14.18
N LEU C 39 -30.92 8.25 15.49
CA LEU C 39 -30.11 7.29 16.23
C LEU C 39 -30.77 5.92 16.31
N MET C 40 -32.09 5.89 16.41
CA MET C 40 -32.79 4.62 16.48
C MET C 40 -33.02 3.96 15.13
N LYS C 41 -32.71 4.66 14.03
CA LYS C 41 -32.79 4.07 12.70
C LYS C 41 -31.43 3.66 12.14
N ASP C 42 -30.36 4.01 12.86
CA ASP C 42 -29.01 3.62 12.48
C ASP C 42 -28.49 4.30 11.23
N LEU C 43 -28.76 5.60 11.10
CA LEU C 43 -28.41 6.33 9.88
C LEU C 43 -27.01 6.92 9.89
N ALA C 44 -26.41 7.00 11.07
CA ALA C 44 -25.10 7.64 11.23
C ALA C 44 -24.15 6.77 12.05
N ASP C 45 -22.86 7.05 11.95
CA ASP C 45 -21.87 6.40 12.80
C ASP C 45 -21.22 7.43 13.71
N GLU C 46 -21.75 8.65 13.63
CA GLU C 46 -21.42 9.71 14.56
C GLU C 46 -22.50 10.79 14.41
N LEU C 47 -23.02 11.23 15.55
CA LEU C 47 -23.98 12.32 15.58
C LEU C 47 -23.35 13.47 16.37
N ALA C 48 -23.36 14.67 15.81
CA ALA C 48 -22.93 15.84 16.57
C ALA C 48 -24.12 16.77 16.85
N LEU C 49 -24.13 17.36 18.04
CA LEU C 49 -25.18 18.32 18.38
C LEU C 49 -24.58 19.72 18.59
N VAL C 50 -25.29 20.76 18.15
CA VAL C 50 -24.85 22.12 18.43
C VAL C 50 -25.98 23.06 18.78
N ASP C 51 -25.64 24.05 19.58
CA ASP C 51 -26.60 25.04 20.00
C ASP C 51 -25.85 26.10 20.78
N VAL C 52 -26.58 27.13 21.21
CA VAL C 52 -26.00 28.18 22.02
C VAL C 52 -26.22 27.92 23.51
N MET C 53 -27.24 27.12 23.80
CA MET C 53 -27.58 26.81 25.18
C MET C 53 -26.69 25.69 25.72
N GLU C 54 -25.52 26.07 26.21
CA GLU C 54 -24.48 25.12 26.57
C GLU C 54 -24.91 24.05 27.55
N ASP C 55 -25.67 24.44 28.57
CA ASP C 55 -26.10 23.52 29.63
C ASP C 55 -27.03 22.46 29.08
N LYS C 56 -28.11 22.91 28.45
CA LYS C 56 -29.05 22.01 27.79
C LYS C 56 -28.30 21.13 26.78
N LEU C 57 -27.23 21.66 26.21
CA LEU C 57 -26.48 20.93 25.20
C LEU C 57 -25.79 19.73 25.83
N LYS C 58 -24.96 20.00 26.83
CA LYS C 58 -24.23 18.93 27.53
C LYS C 58 -25.18 17.88 28.12
N GLY C 59 -26.37 18.31 28.54
CA GLY C 59 -27.28 17.41 29.21
C GLY C 59 -27.91 16.44 28.25
N GLU C 60 -28.47 16.98 27.17
CA GLU C 60 -29.02 16.14 26.10
C GLU C 60 -27.96 15.17 25.58
N MET C 61 -26.76 15.68 25.31
CA MET C 61 -25.67 14.84 24.82
C MET C 61 -25.43 13.70 25.80
N MET C 62 -25.46 14.02 27.09
CA MET C 62 -25.19 13.02 28.11
C MET C 62 -26.29 11.97 28.18
N ASP C 63 -27.55 12.39 28.12
CA ASP C 63 -28.67 11.46 28.17
C ASP C 63 -28.58 10.46 27.02
N LEU C 64 -28.39 10.98 25.81
CA LEU C 64 -28.30 10.13 24.63
C LEU C 64 -27.18 9.12 24.79
N GLN C 65 -26.07 9.57 25.35
CA GLN C 65 -24.88 8.74 25.51
C GLN C 65 -25.10 7.58 26.48
N HIS C 66 -25.91 7.82 27.50
CA HIS C 66 -26.16 6.80 28.51
C HIS C 66 -27.05 5.73 27.92
N GLY C 67 -27.52 5.97 26.71
CA GLY C 67 -28.35 4.99 26.02
C GLY C 67 -27.56 4.08 25.09
N SER C 68 -26.24 4.28 25.04
CA SER C 68 -25.39 3.64 24.05
C SER C 68 -25.52 2.12 24.01
N LEU C 69 -25.73 1.52 25.18
CA LEU C 69 -25.86 0.08 25.23
C LEU C 69 -26.99 -0.33 24.28
N PHE C 70 -27.90 0.61 24.02
CA PHE C 70 -29.09 0.28 23.26
C PHE C 70 -29.05 0.79 21.82
N LEU C 71 -27.98 1.50 21.48
CA LEU C 71 -27.82 2.05 20.14
C LEU C 71 -26.72 1.34 19.36
N ARG C 72 -26.53 1.74 18.11
CA ARG C 72 -25.44 1.22 17.29
C ARG C 72 -24.74 2.42 16.62
N THR C 73 -24.84 3.60 17.23
CA THR C 73 -24.14 4.77 16.76
C THR C 73 -23.07 5.15 17.77
N PRO C 74 -21.83 4.72 17.53
CA PRO C 74 -20.80 4.57 18.56
C PRO C 74 -20.32 5.89 19.15
N LYS C 75 -20.61 7.01 18.48
CA LYS C 75 -20.10 8.28 18.99
C LYS C 75 -21.07 9.45 18.90
N ILE C 76 -21.22 10.12 20.04
CA ILE C 76 -22.10 11.25 20.16
C ILE C 76 -21.31 12.36 20.83
N VAL C 77 -21.34 13.56 20.24
CA VAL C 77 -20.57 14.68 20.75
C VAL C 77 -21.41 15.95 20.66
N SER C 78 -20.99 17.01 21.35
CA SER C 78 -21.76 18.25 21.33
C SER C 78 -20.94 19.46 21.73
N GLY C 79 -21.38 20.65 21.32
CA GLY C 79 -20.68 21.85 21.73
C GLY C 79 -21.09 23.18 21.12
N LYS C 80 -20.58 24.24 21.73
CA LYS C 80 -20.79 25.60 21.29
C LYS C 80 -20.06 25.81 19.97
N ASP C 81 -18.84 25.29 19.90
CA ASP C 81 -17.97 25.49 18.74
C ASP C 81 -18.26 24.45 17.66
N TYR C 82 -18.34 24.91 16.41
CA TYR C 82 -18.79 24.05 15.32
C TYR C 82 -17.79 23.02 14.79
N SER C 83 -16.62 22.93 15.40
CA SER C 83 -15.61 21.97 14.93
C SER C 83 -15.95 20.54 15.35
N VAL C 84 -16.97 20.40 16.22
CA VAL C 84 -17.49 19.10 16.61
C VAL C 84 -18.43 18.57 15.54
N THR C 85 -18.76 19.43 14.58
CA THR C 85 -19.62 19.04 13.49
C THR C 85 -18.81 18.72 12.22
N ALA C 86 -17.48 18.68 12.35
CA ALA C 86 -16.62 18.58 11.17
C ALA C 86 -16.77 17.26 10.40
N ASN C 87 -16.85 17.37 9.09
CA ASN C 87 -17.04 16.22 8.21
C ASN C 87 -18.39 15.56 8.42
N SER C 88 -19.44 16.32 8.21
CA SER C 88 -20.77 15.76 8.20
C SER C 88 -21.18 15.48 6.77
N LYS C 89 -21.81 14.32 6.56
CA LYS C 89 -22.42 14.05 5.27
C LYS C 89 -23.70 14.87 5.19
N LEU C 90 -24.32 15.05 6.35
CA LEU C 90 -25.61 15.74 6.45
C LEU C 90 -25.60 16.68 7.65
N VAL C 91 -26.14 17.87 7.45
CA VAL C 91 -26.28 18.85 8.52
C VAL C 91 -27.72 19.36 8.52
N ILE C 92 -28.37 19.20 9.67
CA ILE C 92 -29.80 19.43 9.79
C ILE C 92 -30.02 20.63 10.71
N ILE C 93 -30.81 21.60 10.26
CA ILE C 93 -30.96 22.87 10.98
C ILE C 93 -32.36 23.04 11.53
N THR C 94 -32.45 23.20 12.84
CA THR C 94 -33.73 23.39 13.50
C THR C 94 -33.69 24.64 14.36
N ALA C 95 -32.55 25.31 14.34
CA ALA C 95 -32.34 26.57 15.06
C ALA C 95 -33.37 27.64 14.68
N GLY C 96 -34.00 28.25 15.69
CA GLY C 96 -34.92 29.34 15.41
C GLY C 96 -34.96 30.36 16.54
N ALA C 97 -35.59 31.50 16.29
CA ALA C 97 -36.02 32.40 17.36
C ALA C 97 -37.54 32.33 17.42
N ARG C 98 -38.12 32.43 18.61
CA ARG C 98 -39.58 32.34 18.72
C ARG C 98 -40.21 33.73 18.70
N GLN C 99 -41.23 33.88 17.86
CA GLN C 99 -41.80 35.20 17.58
C GLN C 99 -42.35 35.84 18.85
N GLN C 100 -42.14 37.15 18.98
CA GLN C 100 -42.88 37.94 19.96
C GLN C 100 -44.22 38.34 19.38
N GLU C 101 -45.10 38.92 20.19
CA GLU C 101 -46.30 39.52 19.64
C GLU C 101 -46.00 40.99 19.33
N GLY C 102 -46.58 41.49 18.25
CA GLY C 102 -46.21 42.80 17.75
C GLY C 102 -45.01 42.68 16.81
N GLU C 103 -43.98 41.97 17.27
CA GLU C 103 -42.75 41.76 16.50
C GLU C 103 -42.95 41.89 14.99
N SER C 104 -43.83 41.06 14.44
CA SER C 104 -44.18 41.06 13.02
C SER C 104 -43.43 39.97 12.25
N ARG C 105 -44.08 39.41 11.24
CA ARG C 105 -43.47 38.38 10.42
C ARG C 105 -42.04 38.81 10.08
N LEU C 106 -41.94 39.94 9.38
CA LEU C 106 -40.69 40.36 8.77
C LEU C 106 -39.52 40.38 9.73
N ASN C 107 -39.72 40.95 10.91
CA ASN C 107 -38.65 41.07 11.89
C ASN C 107 -38.27 39.73 12.50
N LEU C 108 -39.28 38.90 12.74
CA LEU C 108 -39.05 37.52 13.14
C LEU C 108 -38.11 36.83 12.14
N VAL C 109 -38.48 36.87 10.86
CA VAL C 109 -37.70 36.20 9.83
C VAL C 109 -36.30 36.78 9.69
N GLN C 110 -36.14 38.04 10.06
CA GLN C 110 -34.84 38.70 9.95
C GLN C 110 -33.94 38.31 11.10
N ARG C 111 -34.53 37.97 12.24
CA ARG C 111 -33.75 37.49 13.36
C ARG C 111 -33.25 36.08 13.06
N ASN C 112 -34.08 35.32 12.35
CA ASN C 112 -33.71 33.96 12.02
C ASN C 112 -32.58 34.02 11.00
N VAL C 113 -32.74 34.88 10.00
CA VAL C 113 -31.65 35.17 9.07
C VAL C 113 -30.40 35.53 9.86
N ASN C 114 -30.56 36.34 10.90
CA ASN C 114 -29.43 36.69 11.75
C ASN C 114 -28.78 35.46 12.38
N ILE C 115 -29.58 34.43 12.63
CA ILE C 115 -29.06 33.18 13.18
C ILE C 115 -28.29 32.36 12.14
N PHE C 116 -28.79 32.38 10.90
CA PHE C 116 -28.16 31.66 9.80
C PHE C 116 -26.88 32.35 9.31
N LYS C 117 -26.80 33.66 9.49
CA LYS C 117 -25.57 34.41 9.19
C LYS C 117 -24.43 33.96 10.10
N PHE C 118 -24.78 33.51 11.30
CA PHE C 118 -23.78 32.98 12.21
C PHE C 118 -23.62 31.48 12.05
N ILE C 119 -24.74 30.79 11.89
CA ILE C 119 -24.77 29.33 11.89
C ILE C 119 -24.34 28.65 10.58
N ILE C 120 -24.77 29.18 9.45
CA ILE C 120 -24.46 28.57 8.15
C ILE C 120 -22.97 28.62 7.76
N PRO C 121 -22.33 29.78 7.96
CA PRO C 121 -20.92 29.83 7.59
C PRO C 121 -20.10 28.81 8.38
N ASN C 122 -20.42 28.67 9.66
CA ASN C 122 -19.70 27.74 10.51
C ASN C 122 -19.85 26.30 10.03
N VAL C 123 -21.06 25.89 9.69
CA VAL C 123 -21.30 24.55 9.18
C VAL C 123 -20.45 24.34 7.94
N VAL C 124 -20.60 25.26 6.99
CA VAL C 124 -19.91 25.20 5.70
C VAL C 124 -18.39 25.12 5.86
N LYS C 125 -17.85 25.79 6.87
CA LYS C 125 -16.41 25.81 7.02
C LYS C 125 -15.89 24.43 7.40
N TYR C 126 -16.70 23.71 8.17
CA TYR C 126 -16.24 22.45 8.74
C TYR C 126 -16.77 21.26 7.95
N SER C 127 -17.75 21.50 7.08
CA SER C 127 -18.29 20.43 6.26
C SER C 127 -18.63 20.94 4.86
N PRO C 128 -17.59 21.26 4.08
CA PRO C 128 -17.78 21.91 2.78
C PRO C 128 -18.73 21.12 1.89
N HIS C 129 -18.72 19.81 2.05
CA HIS C 129 -19.44 18.96 1.12
C HIS C 129 -20.68 18.31 1.72
N CYS C 130 -21.09 18.77 2.92
CA CYS C 130 -22.29 18.26 3.55
C CYS C 130 -23.53 18.59 2.71
N LYS C 131 -24.61 17.84 2.89
CA LYS C 131 -25.92 18.30 2.45
C LYS C 131 -26.54 19.04 3.64
N LEU C 132 -27.30 20.10 3.37
CA LEU C 132 -28.00 20.84 4.42
C LEU C 132 -29.49 20.53 4.34
N LEU C 133 -30.09 20.24 5.48
CA LEU C 133 -31.54 20.10 5.52
C LEU C 133 -32.06 21.08 6.57
N VAL C 134 -32.84 22.06 6.10
CA VAL C 134 -33.42 23.06 6.99
C VAL C 134 -34.81 22.59 7.37
N VAL C 135 -35.18 22.80 8.63
CA VAL C 135 -36.52 22.47 9.09
C VAL C 135 -37.18 23.73 9.67
N SER C 136 -36.35 24.64 10.18
CA SER C 136 -36.80 25.93 10.73
C SER C 136 -37.90 26.63 9.93
N ASN C 137 -38.88 27.19 10.62
CA ASN C 137 -39.89 27.98 9.93
C ASN C 137 -39.63 29.48 9.94
N PRO C 138 -40.11 30.18 8.90
CA PRO C 138 -40.76 29.54 7.74
C PRO C 138 -39.75 28.79 6.85
N VAL C 139 -40.07 27.53 6.54
CA VAL C 139 -39.08 26.61 5.96
C VAL C 139 -38.64 27.01 4.55
N ASP C 140 -39.58 27.41 3.70
CA ASP C 140 -39.24 27.69 2.33
C ASP C 140 -38.26 28.85 2.22
N ILE C 141 -38.46 29.88 3.05
CA ILE C 141 -37.63 31.06 2.99
C ILE C 141 -36.29 30.90 3.71
N LEU C 142 -36.31 30.22 4.84
CA LEU C 142 -35.06 30.06 5.57
C LEU C 142 -34.11 29.12 4.85
N THR C 143 -34.68 28.31 3.95
CA THR C 143 -33.91 27.36 3.16
C THR C 143 -33.20 28.11 2.04
N TYR C 144 -33.96 28.94 1.33
CA TYR C 144 -33.40 29.92 0.42
C TYR C 144 -32.22 30.68 1.03
N VAL C 145 -32.36 31.08 2.30
CA VAL C 145 -31.30 31.85 2.96
C VAL C 145 -30.06 31.01 3.21
N ALA C 146 -30.27 29.72 3.45
CA ALA C 146 -29.15 28.79 3.66
C ALA C 146 -28.41 28.61 2.34
N TRP C 147 -29.18 28.46 1.28
CA TRP C 147 -28.62 28.34 -0.06
C TRP C 147 -27.79 29.58 -0.39
N LYS C 148 -28.37 30.76 -0.16
CA LYS C 148 -27.67 31.99 -0.45
C LYS C 148 -26.43 32.14 0.41
N ILE C 149 -26.55 31.86 1.71
CA ILE C 149 -25.47 32.15 2.65
C ILE C 149 -24.31 31.15 2.55
N SER C 150 -24.61 29.91 2.16
CA SER C 150 -23.60 28.87 2.09
C SER C 150 -22.86 28.87 0.76
N GLY C 151 -23.50 29.42 -0.27
CA GLY C 151 -22.94 29.32 -1.60
C GLY C 151 -22.96 27.89 -2.15
N PHE C 152 -23.87 27.06 -1.62
CA PHE C 152 -23.96 25.67 -2.06
C PHE C 152 -24.80 25.61 -3.32
N PRO C 153 -24.50 24.65 -4.20
CA PRO C 153 -25.41 24.38 -5.31
C PRO C 153 -26.77 23.92 -4.79
N LYS C 154 -27.80 24.18 -5.58
CA LYS C 154 -29.19 24.01 -5.14
C LYS C 154 -29.59 22.57 -4.79
N ASN C 155 -28.80 21.61 -5.24
CA ASN C 155 -29.14 20.21 -5.05
C ASN C 155 -28.70 19.76 -3.66
N ARG C 156 -27.77 20.51 -3.06
CA ARG C 156 -27.29 20.18 -1.72
C ARG C 156 -27.92 20.98 -0.59
N VAL C 157 -28.92 21.81 -0.92
CA VAL C 157 -29.59 22.59 0.12
C VAL C 157 -31.08 22.30 0.07
N ILE C 158 -31.53 21.44 0.97
CA ILE C 158 -32.88 20.87 0.92
C ILE C 158 -33.75 21.47 2.04
N GLY C 159 -35.01 21.73 1.72
CA GLY C 159 -35.94 22.19 2.74
C GLY C 159 -36.93 21.10 3.04
N SER C 160 -37.22 20.88 4.32
CA SER C 160 -38.10 19.78 4.70
C SER C 160 -39.50 20.04 4.15
N GLY C 161 -39.76 21.30 3.86
CA GLY C 161 -40.96 21.63 3.08
C GLY C 161 -42.24 20.95 3.53
N CYS C 162 -42.92 20.30 2.58
CA CYS C 162 -44.21 19.65 2.83
C CYS C 162 -44.09 18.14 3.03
N ASN C 163 -43.01 17.69 3.67
CA ASN C 163 -42.80 16.25 3.85
C ASN C 163 -43.75 15.67 4.88
N LEU C 164 -43.83 16.31 6.03
CA LEU C 164 -44.62 15.79 7.14
C LEU C 164 -46.10 16.06 6.90
N ASP C 165 -46.42 17.19 6.30
CA ASP C 165 -47.80 17.51 5.97
C ASP C 165 -48.37 16.42 5.07
N SER C 166 -47.56 15.95 4.12
CA SER C 166 -48.03 14.93 3.21
C SER C 166 -48.29 13.64 3.99
N ALA C 167 -47.30 13.26 4.79
CA ALA C 167 -47.45 12.11 5.67
C ALA C 167 -48.78 12.28 6.41
N ARG C 168 -48.94 13.43 7.06
CA ARG C 168 -50.17 13.79 7.75
C ARG C 168 -51.41 13.55 6.90
N PHE C 169 -51.46 14.18 5.73
CA PHE C 169 -52.63 14.08 4.88
C PHE C 169 -52.90 12.62 4.54
N ARG C 170 -51.86 11.81 4.56
CA ARG C 170 -52.03 10.40 4.30
C ARG C 170 -52.56 9.63 5.52
N TYR C 171 -52.19 10.06 6.72
CA TYR C 171 -52.72 9.42 7.91
C TYR C 171 -54.22 9.68 8.00
N LEU C 172 -54.62 10.92 7.73
CA LEU C 172 -56.04 11.26 7.79
C LEU C 172 -56.78 10.58 6.66
N MET C 173 -56.15 10.58 5.50
CA MET C 173 -56.69 9.87 4.36
C MET C 173 -56.95 8.41 4.77
N GLY C 174 -56.02 7.84 5.52
CA GLY C 174 -56.13 6.45 5.92
C GLY C 174 -57.17 6.20 6.99
N GLU C 175 -57.37 7.19 7.85
CA GLU C 175 -58.36 7.13 8.92
C GLU C 175 -59.77 7.05 8.34
N ARG C 176 -60.06 7.91 7.36
CA ARG C 176 -61.34 7.90 6.68
C ARG C 176 -61.51 6.59 5.89
N LEU C 177 -60.51 6.22 5.10
CA LEU C 177 -60.63 5.08 4.21
C LEU C 177 -60.52 3.73 4.95
N GLY C 178 -59.79 3.71 6.05
CA GLY C 178 -59.68 2.47 6.81
C GLY C 178 -58.51 1.59 6.41
N VAL C 179 -57.52 2.16 5.75
CA VAL C 179 -56.30 1.41 5.47
C VAL C 179 -55.10 2.21 5.96
N HIS C 180 -53.94 1.58 5.97
CA HIS C 180 -52.74 2.22 6.49
C HIS C 180 -52.26 3.35 5.59
N ALA C 181 -51.66 4.35 6.22
CA ALA C 181 -51.22 5.54 5.50
C ALA C 181 -50.22 5.16 4.41
N LEU C 182 -49.49 4.07 4.64
CA LEU C 182 -48.46 3.61 3.70
C LEU C 182 -49.08 3.32 2.35
N SER C 183 -50.36 3.01 2.36
CA SER C 183 -51.08 2.55 1.18
C SER C 183 -52.06 3.63 0.71
N CYS C 184 -52.11 4.74 1.44
CA CYS C 184 -52.84 5.92 0.99
C CYS C 184 -51.86 6.88 0.34
N HIS C 185 -52.20 7.34 -0.86
CA HIS C 185 -51.29 8.20 -1.59
C HIS C 185 -51.91 9.57 -1.91
N GLY C 186 -51.15 10.62 -1.66
CA GLY C 186 -51.62 11.95 -1.94
C GLY C 186 -50.49 12.92 -1.71
N TRP C 187 -50.49 14.03 -2.44
CA TRP C 187 -49.39 14.96 -2.36
C TRP C 187 -49.86 16.36 -2.00
N ILE C 188 -49.16 16.98 -1.06
CA ILE C 188 -49.35 18.37 -0.76
C ILE C 188 -48.08 19.11 -1.14
N LEU C 189 -48.21 20.05 -2.07
CA LEU C 189 -47.06 20.68 -2.70
C LEU C 189 -47.04 22.17 -2.48
N GLY C 190 -46.01 22.82 -3.00
CA GLY C 190 -45.96 24.26 -2.97
C GLY C 190 -45.43 24.79 -1.68
N GLU C 191 -45.95 25.94 -1.25
CA GLU C 191 -45.44 26.66 -0.09
C GLU C 191 -45.94 25.98 1.18
N HIS C 192 -45.02 25.75 2.12
CA HIS C 192 -45.34 25.12 3.41
C HIS C 192 -46.37 25.90 4.20
N GLY C 193 -47.33 25.19 4.78
CA GLY C 193 -48.32 25.84 5.62
C GLY C 193 -49.66 25.95 4.91
N ASP C 194 -50.46 26.94 5.31
CA ASP C 194 -51.81 27.11 4.79
C ASP C 194 -51.92 27.39 3.28
N SER C 195 -50.86 27.93 2.70
CA SER C 195 -50.86 28.21 1.26
C SER C 195 -50.44 26.99 0.42
N SER C 196 -50.29 25.85 1.08
CA SER C 196 -49.89 24.60 0.41
C SER C 196 -50.99 24.09 -0.53
N VAL C 197 -50.58 23.48 -1.64
CA VAL C 197 -51.55 22.96 -2.62
C VAL C 197 -51.76 21.45 -2.49
N PRO C 198 -53.00 21.00 -2.17
CA PRO C 198 -53.30 19.57 -2.16
C PRO C 198 -53.66 19.12 -3.56
N VAL C 199 -52.79 18.33 -4.19
CA VAL C 199 -53.05 17.86 -5.54
C VAL C 199 -54.07 16.73 -5.52
N TRP C 200 -55.35 17.09 -5.66
CA TRP C 200 -56.46 16.15 -5.60
C TRP C 200 -56.44 15.15 -6.77
N SER C 201 -55.85 15.54 -7.89
CA SER C 201 -55.77 14.63 -9.03
C SER C 201 -54.90 13.40 -8.71
N GLY C 202 -53.93 13.59 -7.82
CA GLY C 202 -52.98 12.52 -7.57
C GLY C 202 -53.41 11.49 -6.53
N MET C 203 -54.47 11.79 -5.79
CA MET C 203 -54.82 10.99 -4.62
C MET C 203 -55.46 9.64 -5.00
N ASN C 204 -54.94 8.56 -4.43
CA ASN C 204 -55.33 7.21 -4.83
C ASN C 204 -54.98 6.18 -3.78
N VAL C 205 -55.75 5.08 -3.75
CA VAL C 205 -55.26 3.81 -3.22
C VAL C 205 -55.12 2.89 -4.42
N ALA C 206 -54.05 2.10 -4.42
CA ALA C 206 -53.93 0.99 -5.37
C ALA C 206 -54.03 1.48 -6.81
N GLY C 207 -53.66 2.74 -7.03
CA GLY C 207 -53.71 3.28 -8.38
C GLY C 207 -55.10 3.63 -8.86
N VAL C 208 -56.06 3.58 -7.94
CA VAL C 208 -57.44 3.90 -8.23
C VAL C 208 -57.67 5.37 -7.91
N SER C 209 -57.90 6.18 -8.94
CA SER C 209 -58.07 7.63 -8.78
C SER C 209 -59.34 8.01 -8.01
N LEU C 210 -59.17 8.78 -6.94
CA LEU C 210 -60.32 9.13 -6.11
C LEU C 210 -61.11 10.29 -6.70
N LYS C 211 -60.46 11.13 -7.50
CA LYS C 211 -61.17 12.24 -8.11
C LYS C 211 -62.03 11.74 -9.27
N THR C 212 -61.72 10.55 -9.77
CA THR C 212 -62.50 9.93 -10.84
C THR C 212 -63.70 9.19 -10.25
N LEU C 213 -63.48 8.53 -9.12
CA LEU C 213 -64.57 7.91 -8.41
C LEU C 213 -65.54 8.99 -7.97
N HIS C 214 -64.97 10.08 -7.44
CA HIS C 214 -65.73 11.06 -6.70
C HIS C 214 -65.33 12.46 -7.14
N PRO C 215 -65.88 12.91 -8.30
CA PRO C 215 -65.46 14.12 -8.99
C PRO C 215 -65.53 15.37 -8.12
N GLU C 216 -66.36 15.31 -7.08
CA GLU C 216 -66.52 16.45 -6.18
C GLU C 216 -65.41 16.53 -5.14
N LEU C 217 -64.48 15.57 -5.19
CA LEU C 217 -63.39 15.52 -4.21
C LEU C 217 -62.68 16.87 -4.06
N GLY C 218 -62.70 17.39 -2.84
CA GLY C 218 -61.95 18.59 -2.52
C GLY C 218 -62.73 19.85 -2.81
N THR C 219 -63.55 19.81 -3.87
CA THR C 219 -64.33 20.96 -4.26
C THR C 219 -65.32 21.28 -3.17
N ASP C 220 -65.93 22.46 -3.26
CA ASP C 220 -66.80 22.95 -2.22
C ASP C 220 -68.17 22.29 -2.27
N ALA C 221 -68.43 21.58 -3.36
CA ALA C 221 -69.68 20.84 -3.51
C ALA C 221 -69.59 19.41 -2.95
N ASP C 222 -68.47 19.11 -2.28
CA ASP C 222 -68.24 17.75 -1.79
C ASP C 222 -69.05 17.43 -0.53
N LYS C 223 -70.01 16.53 -0.67
CA LYS C 223 -70.79 16.06 0.48
C LYS C 223 -69.92 15.46 1.59
N GLU C 224 -68.72 15.01 1.24
CA GLU C 224 -67.82 14.42 2.24
C GLU C 224 -66.75 15.38 2.74
N GLN C 225 -66.64 16.54 2.09
CA GLN C 225 -65.79 17.61 2.60
C GLN C 225 -64.32 17.21 2.75
N TRP C 226 -63.69 16.82 1.65
CA TRP C 226 -62.31 16.38 1.73
C TRP C 226 -61.30 17.51 1.79
N LYS C 227 -61.74 18.74 1.55
CA LYS C 227 -60.85 19.88 1.69
C LYS C 227 -60.51 20.13 3.16
N GLN C 228 -61.43 19.76 4.05
CA GLN C 228 -61.19 19.95 5.48
C GLN C 228 -60.09 19.06 5.99
N VAL C 229 -59.77 18.01 5.23
CA VAL C 229 -58.68 17.14 5.60
C VAL C 229 -57.34 17.86 5.39
N HIS C 230 -57.19 18.48 4.22
CA HIS C 230 -56.09 19.39 4.02
C HIS C 230 -56.07 20.40 5.18
N LYS C 231 -57.21 21.02 5.43
CA LYS C 231 -57.34 21.96 6.53
C LYS C 231 -56.80 21.35 7.82
N GLN C 232 -57.30 20.19 8.19
CA GLN C 232 -56.79 19.48 9.36
C GLN C 232 -55.27 19.47 9.32
N VAL C 233 -54.71 19.12 8.16
CA VAL C 233 -53.27 19.02 7.99
C VAL C 233 -52.60 20.35 8.28
N VAL C 234 -53.06 21.38 7.59
CA VAL C 234 -52.45 22.69 7.70
C VAL C 234 -52.56 23.22 9.12
N ASP C 235 -53.64 22.89 9.79
CA ASP C 235 -53.88 23.41 11.14
C ASP C 235 -53.29 22.51 12.22
N SER C 236 -53.01 21.26 11.88
CA SER C 236 -52.74 20.26 12.90
C SER C 236 -51.53 20.59 13.77
N ALA C 237 -50.57 21.33 13.21
CA ALA C 237 -49.35 21.66 13.96
C ALA C 237 -49.61 22.67 15.08
N TYR C 238 -50.28 23.77 14.76
CA TYR C 238 -50.67 24.73 15.79
C TYR C 238 -51.58 24.03 16.79
N GLU C 239 -52.52 23.23 16.29
CA GLU C 239 -53.44 22.53 17.18
C GLU C 239 -52.69 21.71 18.21
N VAL C 240 -51.57 21.11 17.81
CA VAL C 240 -50.79 20.30 18.74
C VAL C 240 -49.97 21.20 19.65
N ILE C 241 -49.39 22.24 19.08
CA ILE C 241 -48.71 23.24 19.89
C ILE C 241 -49.68 23.75 20.95
N LYS C 242 -50.93 23.92 20.54
CA LYS C 242 -51.97 24.40 21.43
C LYS C 242 -52.20 23.41 22.57
N LEU C 243 -52.01 22.12 22.29
CA LEU C 243 -52.38 21.06 23.23
C LEU C 243 -51.23 20.52 24.07
N LYS C 244 -50.00 20.64 23.57
CA LYS C 244 -48.87 20.14 24.34
C LYS C 244 -47.71 21.11 24.40
N GLY C 245 -47.91 22.30 23.84
CA GLY C 245 -46.93 23.36 23.99
C GLY C 245 -45.89 23.41 22.88
N TYR C 246 -45.80 22.33 22.11
CA TYR C 246 -44.92 22.27 20.93
C TYR C 246 -45.19 20.98 20.15
N THR C 247 -44.53 20.82 19.01
CA THR C 247 -44.58 19.55 18.30
C THR C 247 -43.16 19.01 18.11
N THR C 248 -43.03 17.69 18.06
CA THR C 248 -41.73 17.08 17.89
C THR C 248 -41.76 15.79 17.10
N TRP C 249 -42.53 14.82 17.61
CA TRP C 249 -42.34 13.43 17.25
C TRP C 249 -42.50 13.20 15.76
N ALA C 250 -43.53 13.81 15.20
CA ALA C 250 -43.82 13.63 13.79
C ALA C 250 -42.73 14.28 12.93
N ILE C 251 -42.34 15.50 13.27
CA ILE C 251 -41.39 16.20 12.43
C ILE C 251 -40.06 15.45 12.45
N GLY C 252 -39.75 14.88 13.61
CA GLY C 252 -38.52 14.12 13.75
C GLY C 252 -38.50 12.83 12.92
N LEU C 253 -39.60 12.09 12.99
CA LEU C 253 -39.70 10.87 12.20
C LEU C 253 -39.60 11.26 10.73
N SER C 254 -40.31 12.32 10.38
CA SER C 254 -40.29 12.87 9.02
C SER C 254 -38.88 13.20 8.53
N VAL C 255 -38.05 13.75 9.41
CA VAL C 255 -36.69 14.14 9.09
C VAL C 255 -35.82 12.90 8.96
N ALA C 256 -36.03 11.95 9.86
CA ALA C 256 -35.31 10.69 9.81
C ALA C 256 -35.56 9.98 8.49
N ASP C 257 -36.76 10.12 7.94
CA ASP C 257 -37.07 9.51 6.66
C ASP C 257 -36.26 10.15 5.55
N LEU C 258 -36.23 11.48 5.54
CA LEU C 258 -35.40 12.20 4.59
C LEU C 258 -33.93 11.82 4.74
N ALA C 259 -33.41 11.92 5.95
CA ALA C 259 -32.04 11.51 6.24
C ALA C 259 -31.71 10.11 5.73
N GLU C 260 -32.67 9.20 5.77
CA GLU C 260 -32.40 7.84 5.30
C GLU C 260 -32.21 7.81 3.78
N SER C 261 -33.14 8.41 3.05
CA SER C 261 -32.95 8.54 1.60
C SER C 261 -31.56 9.11 1.31
N ILE C 262 -31.23 10.26 1.90
CA ILE C 262 -29.94 10.87 1.66
C ILE C 262 -28.83 9.90 1.98
N MET C 263 -28.69 9.53 3.25
CA MET C 263 -27.56 8.71 3.70
C MET C 263 -27.41 7.34 3.04
N LYS C 264 -28.46 6.88 2.36
CA LYS C 264 -28.46 5.54 1.78
C LYS C 264 -28.67 5.61 0.29
N ASN C 265 -28.66 6.83 -0.24
CA ASN C 265 -28.78 7.06 -1.68
C ASN C 265 -29.94 6.27 -2.27
N LEU C 266 -31.12 6.41 -1.67
CA LEU C 266 -32.28 5.62 -2.09
C LEU C 266 -32.97 6.15 -3.35
N ARG C 267 -32.76 7.43 -3.65
CA ARG C 267 -33.48 8.08 -4.74
C ARG C 267 -34.97 7.78 -4.63
N ARG C 268 -35.53 7.99 -3.45
CA ARG C 268 -36.97 8.00 -3.29
C ARG C 268 -37.49 9.40 -3.57
N VAL C 269 -38.80 9.51 -3.75
CA VAL C 269 -39.38 10.82 -3.99
C VAL C 269 -40.11 11.33 -2.75
N HIS C 270 -39.84 12.56 -2.39
CA HIS C 270 -40.46 13.16 -1.21
C HIS C 270 -40.94 14.54 -1.61
N PRO C 271 -42.06 15.00 -1.03
CA PRO C 271 -42.44 16.39 -1.25
C PRO C 271 -41.60 17.26 -0.33
N ILE C 272 -40.50 17.79 -0.85
CA ILE C 272 -39.63 18.68 -0.08
C ILE C 272 -39.30 19.91 -0.90
N SER C 273 -38.95 20.98 -0.21
CA SER C 273 -38.75 22.29 -0.83
C SER C 273 -37.38 22.39 -1.50
N THR C 274 -37.39 22.73 -2.79
CA THR C 274 -36.13 22.93 -3.54
C THR C 274 -36.17 24.25 -4.31
N MET C 275 -35.01 24.69 -4.81
CA MET C 275 -34.94 25.89 -5.67
C MET C 275 -35.55 25.56 -7.02
N LEU C 276 -36.75 26.05 -7.28
CA LEU C 276 -37.46 25.60 -8.48
C LEU C 276 -37.49 26.60 -9.63
N LYS C 277 -36.66 27.64 -9.57
CA LYS C 277 -36.67 28.64 -10.62
C LYS C 277 -36.39 27.93 -11.96
N GLY C 278 -37.29 28.14 -12.91
CA GLY C 278 -37.26 27.40 -14.16
C GLY C 278 -38.48 26.52 -14.31
N LEU C 279 -38.84 25.83 -13.22
CA LEU C 279 -39.85 24.79 -13.29
C LEU C 279 -41.20 25.16 -12.68
N TYR C 280 -42.22 24.39 -13.03
CA TYR C 280 -43.58 24.66 -12.60
C TYR C 280 -43.97 26.10 -12.87
N GLY C 281 -43.39 26.69 -13.91
CA GLY C 281 -43.77 28.02 -14.34
C GLY C 281 -43.37 29.12 -13.38
N ILE C 282 -42.31 28.88 -12.61
CA ILE C 282 -41.85 29.84 -11.62
C ILE C 282 -40.60 30.56 -12.12
N LYS C 283 -40.58 31.87 -11.94
CA LYS C 283 -39.51 32.68 -12.53
C LYS C 283 -38.66 33.39 -11.49
N GLU C 284 -39.07 33.32 -10.22
CA GLU C 284 -38.30 33.93 -9.15
C GLU C 284 -37.38 32.94 -8.46
N ASP C 285 -36.39 33.46 -7.74
CA ASP C 285 -35.53 32.62 -6.92
C ASP C 285 -36.19 32.24 -5.61
N VAL C 286 -36.97 31.17 -5.67
CA VAL C 286 -37.85 30.76 -4.59
C VAL C 286 -37.75 29.25 -4.39
N PHE C 287 -37.92 28.82 -3.14
CA PHE C 287 -37.99 27.41 -2.84
C PHE C 287 -39.43 27.03 -2.56
N LEU C 288 -39.87 25.95 -3.20
CA LEU C 288 -41.17 25.34 -2.93
C LEU C 288 -41.04 23.81 -2.90
N SER C 289 -42.07 23.17 -2.36
CA SER C 289 -42.13 21.72 -2.34
C SER C 289 -42.69 21.22 -3.66
N VAL C 290 -41.91 20.36 -4.30
CA VAL C 290 -42.38 19.51 -5.39
C VAL C 290 -41.73 18.14 -5.20
N PRO C 291 -42.31 17.10 -5.80
CA PRO C 291 -41.76 15.73 -5.68
C PRO C 291 -40.30 15.70 -6.15
N CYS C 292 -39.37 15.42 -5.24
CA CYS C 292 -37.94 15.41 -5.56
C CYS C 292 -37.36 14.01 -5.39
N VAL C 293 -36.46 13.64 -6.28
CA VAL C 293 -35.71 12.40 -6.13
C VAL C 293 -34.55 12.75 -5.21
N LEU C 294 -34.42 12.05 -4.09
CA LEU C 294 -33.47 12.42 -3.05
C LEU C 294 -32.45 11.32 -2.80
N GLY C 295 -31.19 11.71 -2.62
CA GLY C 295 -30.11 10.73 -2.56
C GLY C 295 -28.83 11.26 -1.95
N GLN C 296 -27.71 10.58 -2.18
CA GLN C 296 -26.44 10.97 -1.55
C GLN C 296 -25.93 12.33 -2.03
N ASN C 297 -26.50 12.81 -3.14
CA ASN C 297 -26.13 14.11 -3.71
C ASN C 297 -27.21 15.16 -3.52
N GLY C 298 -28.16 14.88 -2.65
CA GLY C 298 -29.25 15.80 -2.44
C GLY C 298 -30.32 15.57 -3.47
N ILE C 299 -30.91 16.67 -3.93
CA ILE C 299 -31.97 16.63 -4.94
C ILE C 299 -31.35 16.53 -6.34
N SER C 300 -31.62 15.43 -7.03
CA SER C 300 -31.01 15.17 -8.33
C SER C 300 -32.02 15.42 -9.44
N ASP C 301 -33.28 15.15 -9.15
CA ASP C 301 -34.34 15.35 -10.15
C ASP C 301 -35.65 15.82 -9.53
N VAL C 302 -36.52 16.37 -10.38
CA VAL C 302 -37.83 16.76 -9.94
C VAL C 302 -38.90 16.12 -10.83
N VAL C 303 -39.94 15.58 -10.19
CA VAL C 303 -41.05 15.01 -10.92
C VAL C 303 -41.98 16.14 -11.34
N LYS C 304 -42.26 16.24 -12.63
CA LYS C 304 -43.12 17.31 -13.11
C LYS C 304 -44.60 16.93 -13.00
N VAL C 305 -45.24 17.39 -11.93
CA VAL C 305 -46.66 17.12 -11.73
C VAL C 305 -47.51 17.99 -12.65
N THR C 306 -48.45 17.34 -13.33
CA THR C 306 -49.39 18.03 -14.19
C THR C 306 -50.42 18.70 -13.31
N LEU C 307 -50.24 19.99 -13.07
CA LEU C 307 -51.19 20.73 -12.25
C LEU C 307 -52.25 21.38 -13.15
N THR C 308 -53.42 21.63 -12.60
CA THR C 308 -54.41 22.42 -13.31
C THR C 308 -53.84 23.83 -13.36
N SER C 309 -54.58 24.78 -13.93
CA SER C 309 -54.04 26.14 -14.04
C SER C 309 -54.31 26.93 -12.76
N GLU C 310 -55.29 26.49 -11.99
CA GLU C 310 -55.52 27.08 -10.67
C GLU C 310 -54.42 26.68 -9.69
N GLU C 311 -54.00 25.44 -9.75
CA GLU C 311 -52.88 24.99 -8.96
C GLU C 311 -51.61 25.68 -9.40
N GLU C 312 -51.31 25.61 -10.70
CA GLU C 312 -50.17 26.34 -11.26
C GLU C 312 -50.27 27.78 -10.81
N ALA C 313 -51.49 28.28 -10.69
CA ALA C 313 -51.70 29.66 -10.27
C ALA C 313 -51.31 29.82 -8.81
N HIS C 314 -51.81 28.93 -7.96
CA HIS C 314 -51.44 28.94 -6.54
C HIS C 314 -49.94 29.05 -6.34
N LEU C 315 -49.17 28.11 -6.87
CA LEU C 315 -47.72 28.11 -6.67
C LEU C 315 -47.17 29.47 -7.06
N LYS C 316 -47.54 29.90 -8.28
CA LYS C 316 -47.06 31.14 -8.84
C LYS C 316 -47.32 32.32 -7.91
N LYS C 317 -48.40 32.25 -7.14
CA LYS C 317 -48.70 33.27 -6.13
C LYS C 317 -47.82 33.17 -4.89
N SER C 318 -47.40 31.95 -4.54
CA SER C 318 -46.46 31.80 -3.43
C SER C 318 -45.08 32.33 -3.80
N ALA C 319 -44.63 32.02 -5.02
CA ALA C 319 -43.34 32.51 -5.49
C ALA C 319 -43.24 34.02 -5.29
N ASP C 320 -44.31 34.74 -5.62
CA ASP C 320 -44.30 36.21 -5.51
C ASP C 320 -44.20 36.66 -4.04
N THR C 321 -45.08 36.13 -3.19
CA THR C 321 -45.07 36.48 -1.77
C THR C 321 -43.71 36.19 -1.17
N LEU C 322 -43.22 34.98 -1.39
CA LEU C 322 -41.89 34.58 -0.95
C LEU C 322 -40.87 35.61 -1.39
N TRP C 323 -40.76 35.81 -2.68
CA TRP C 323 -39.73 36.69 -3.25
C TRP C 323 -39.87 38.12 -2.69
N GLY C 324 -41.10 38.62 -2.67
CA GLY C 324 -41.35 39.88 -2.01
C GLY C 324 -40.66 39.92 -0.67
N ILE C 325 -40.89 38.89 0.14
CA ILE C 325 -40.30 38.83 1.46
C ILE C 325 -38.77 38.76 1.43
N GLN C 326 -38.25 37.80 0.67
CA GLN C 326 -36.80 37.59 0.62
C GLN C 326 -36.09 38.85 0.15
N LYS C 327 -36.73 39.54 -0.79
CA LYS C 327 -36.25 40.83 -1.29
C LYS C 327 -36.04 41.85 -0.16
N GLU C 328 -36.83 41.74 0.91
CA GLU C 328 -36.75 42.70 2.00
C GLU C 328 -35.84 42.28 3.15
N LEU C 329 -35.13 41.16 3.03
CA LEU C 329 -34.22 40.70 4.08
C LEU C 329 -32.85 41.36 3.97
N GLN C 330 -32.13 41.42 5.08
CA GLN C 330 -30.79 41.97 5.11
C GLN C 330 -29.80 40.85 5.33
N PHE C 331 -28.98 40.57 4.32
CA PHE C 331 -28.02 39.46 4.43
C PHE C 331 -26.66 39.89 4.93
N ALA D 1 -40.59 13.07 -27.02
CA ALA D 1 -40.01 13.03 -25.64
C ALA D 1 -40.29 11.70 -24.96
N ALA D 2 -39.24 11.07 -24.46
CA ALA D 2 -39.36 9.81 -23.72
C ALA D 2 -40.20 10.01 -22.46
N LEU D 3 -40.95 8.98 -22.07
CA LEU D 3 -41.80 9.09 -20.87
C LEU D 3 -40.99 9.60 -19.69
N LYS D 4 -39.77 9.07 -19.53
CA LYS D 4 -38.89 9.48 -18.44
C LYS D 4 -38.70 10.98 -18.43
N ASP D 5 -38.20 11.52 -19.54
CA ASP D 5 -37.92 12.95 -19.65
C ASP D 5 -39.18 13.80 -19.50
N GLN D 6 -40.32 13.24 -19.88
CA GLN D 6 -41.59 13.90 -19.74
C GLN D 6 -42.04 13.98 -18.28
N LEU D 7 -41.66 12.95 -17.51
CA LEU D 7 -42.10 12.77 -16.12
C LEU D 7 -41.14 13.48 -15.18
N ILE D 8 -39.86 13.30 -15.44
CA ILE D 8 -38.80 13.77 -14.57
C ILE D 8 -37.86 14.77 -15.25
N HIS D 9 -37.71 15.93 -14.62
CA HIS D 9 -36.70 16.89 -15.06
C HIS D 9 -35.42 16.63 -14.31
N ASN D 10 -34.34 16.44 -15.05
CA ASN D 10 -33.06 16.17 -14.45
C ASN D 10 -32.39 17.50 -14.10
N LEU D 11 -31.82 17.59 -12.91
CA LEU D 11 -31.17 18.82 -12.46
C LEU D 11 -29.71 18.58 -12.14
N LEU D 12 -29.32 17.33 -12.05
CA LEU D 12 -27.94 17.02 -11.77
C LEU D 12 -27.40 16.15 -12.88
N LYS D 13 -26.09 16.19 -13.06
CA LYS D 13 -25.40 15.08 -13.70
C LYS D 13 -24.72 14.31 -12.60
N GLU D 14 -25.03 13.02 -12.50
CA GLU D 14 -24.47 12.20 -11.45
C GLU D 14 -23.20 11.48 -11.92
N GLU D 15 -22.25 11.33 -11.00
CA GLU D 15 -21.10 10.46 -11.22
C GLU D 15 -20.99 9.51 -10.03
N HIS D 16 -21.76 8.42 -10.09
CA HIS D 16 -22.00 7.58 -8.92
C HIS D 16 -20.72 7.02 -8.28
N VAL D 17 -20.49 7.39 -7.02
CA VAL D 17 -19.44 6.76 -6.24
C VAL D 17 -20.06 6.23 -4.95
N PRO D 18 -19.90 4.93 -4.69
CA PRO D 18 -20.57 4.23 -3.59
C PRO D 18 -19.93 4.56 -2.25
N GLN D 19 -20.75 4.81 -1.25
CA GLN D 19 -20.24 5.36 0.01
C GLN D 19 -20.05 4.31 1.10
N ASN D 20 -20.82 3.22 1.00
CA ASN D 20 -20.72 2.12 1.94
C ASN D 20 -20.91 0.83 1.15
N LYS D 21 -19.93 0.55 0.31
CA LYS D 21 -20.03 -0.54 -0.65
C LYS D 21 -19.46 -1.80 -0.03
N ILE D 22 -20.19 -2.89 -0.18
CA ILE D 22 -19.70 -4.19 0.25
C ILE D 22 -19.74 -5.17 -0.92
N THR D 23 -18.72 -6.01 -0.98
CA THR D 23 -18.61 -7.06 -1.99
C THR D 23 -18.56 -8.41 -1.30
N VAL D 24 -19.25 -9.38 -1.87
CA VAL D 24 -19.12 -10.77 -1.44
C VAL D 24 -18.55 -11.56 -2.61
N VAL D 25 -17.51 -12.33 -2.33
CA VAL D 25 -16.82 -13.07 -3.38
C VAL D 25 -17.18 -14.55 -3.30
N GLY D 26 -17.90 -15.03 -4.30
CA GLY D 26 -18.44 -16.39 -4.23
C GLY D 26 -19.92 -16.41 -3.87
N VAL D 27 -20.76 -16.75 -4.84
CA VAL D 27 -22.18 -16.84 -4.58
C VAL D 27 -22.58 -18.30 -4.42
N GLY D 28 -21.71 -19.06 -3.79
CA GLY D 28 -22.15 -20.32 -3.20
C GLY D 28 -23.16 -20.03 -2.09
N ALA D 29 -23.50 -21.04 -1.31
CA ALA D 29 -24.57 -20.90 -0.36
C ALA D 29 -24.06 -20.10 0.83
N VAL D 30 -22.78 -20.26 1.16
CA VAL D 30 -22.21 -19.45 2.22
C VAL D 30 -22.23 -17.99 1.82
N GLY D 31 -21.74 -17.69 0.62
CA GLY D 31 -21.73 -16.32 0.14
C GLY D 31 -23.10 -15.67 -0.01
N MET D 32 -24.09 -16.43 -0.48
CA MET D 32 -25.42 -15.87 -0.66
C MET D 32 -26.13 -15.64 0.68
N ALA D 33 -25.80 -16.44 1.69
CA ALA D 33 -26.32 -16.22 3.03
C ALA D 33 -25.71 -14.95 3.65
N CYS D 34 -24.40 -14.79 3.49
CA CYS D 34 -23.77 -13.49 3.78
C CYS D 34 -24.53 -12.38 3.03
N ALA D 35 -24.77 -12.61 1.75
CA ALA D 35 -25.41 -11.62 0.91
C ALA D 35 -26.77 -11.22 1.47
N ILE D 36 -27.64 -12.20 1.71
CA ILE D 36 -28.98 -11.85 2.16
C ILE D 36 -28.96 -11.26 3.58
N SER D 37 -28.09 -11.77 4.44
CA SER D 37 -28.04 -11.26 5.80
C SER D 37 -27.64 -9.80 5.85
N ILE D 38 -26.74 -9.41 4.94
CA ILE D 38 -26.28 -8.03 4.85
C ILE D 38 -27.32 -7.11 4.24
N LEU D 39 -28.02 -7.59 3.23
CA LEU D 39 -29.02 -6.75 2.59
C LEU D 39 -30.17 -6.49 3.55
N MET D 40 -30.45 -7.45 4.44
CA MET D 40 -31.55 -7.29 5.35
C MET D 40 -31.19 -6.49 6.59
N LYS D 41 -29.91 -6.25 6.79
CA LYS D 41 -29.47 -5.45 7.93
C LYS D 41 -29.05 -4.02 7.54
N ASP D 42 -29.28 -3.66 6.28
CA ASP D 42 -28.97 -2.32 5.76
C ASP D 42 -27.53 -1.85 5.99
N LEU D 43 -26.56 -2.73 5.81
CA LEU D 43 -25.17 -2.38 6.09
C LEU D 43 -24.41 -1.67 4.96
N ALA D 44 -24.90 -1.80 3.72
CA ALA D 44 -24.21 -1.26 2.55
C ALA D 44 -25.17 -0.46 1.67
N ASP D 45 -24.65 0.45 0.87
CA ASP D 45 -25.51 1.18 -0.07
C ASP D 45 -25.35 0.63 -1.49
N GLU D 46 -24.37 -0.24 -1.65
CA GLU D 46 -24.26 -1.02 -2.87
C GLU D 46 -23.68 -2.37 -2.49
N LEU D 47 -24.20 -3.42 -3.13
CA LEU D 47 -23.69 -4.78 -2.93
C LEU D 47 -23.28 -5.34 -4.29
N ALA D 48 -22.07 -5.87 -4.38
CA ALA D 48 -21.60 -6.44 -5.63
C ALA D 48 -21.25 -7.88 -5.39
N LEU D 49 -21.49 -8.73 -6.39
CA LEU D 49 -21.18 -10.15 -6.28
C LEU D 49 -20.27 -10.56 -7.42
N VAL D 50 -19.33 -11.45 -7.13
CA VAL D 50 -18.49 -12.05 -8.16
C VAL D 50 -18.33 -13.54 -7.97
N ASP D 51 -18.12 -14.22 -9.09
CA ASP D 51 -17.85 -15.63 -9.09
C ASP D 51 -17.35 -15.94 -10.50
N VAL D 52 -17.08 -17.20 -10.78
CA VAL D 52 -16.71 -17.57 -12.14
C VAL D 52 -17.84 -18.27 -12.88
N MET D 53 -18.85 -18.69 -12.12
CA MET D 53 -20.04 -19.29 -12.71
C MET D 53 -20.95 -18.16 -13.14
N GLU D 54 -20.86 -17.81 -14.42
CA GLU D 54 -21.42 -16.56 -14.88
C GLU D 54 -22.92 -16.58 -14.85
N ASP D 55 -23.50 -17.77 -14.91
CA ASP D 55 -24.95 -17.91 -14.93
C ASP D 55 -25.52 -17.86 -13.53
N LYS D 56 -24.97 -18.68 -12.64
CA LYS D 56 -25.30 -18.64 -11.23
C LYS D 56 -25.19 -17.19 -10.77
N LEU D 57 -24.14 -16.51 -11.23
CA LEU D 57 -23.85 -15.15 -10.85
C LEU D 57 -24.94 -14.16 -11.28
N LYS D 58 -25.52 -14.37 -12.46
CA LYS D 58 -26.54 -13.47 -12.96
C LYS D 58 -27.91 -13.78 -12.36
N GLY D 59 -28.10 -15.02 -11.94
CA GLY D 59 -29.38 -15.40 -11.35
C GLY D 59 -29.50 -14.88 -9.92
N GLU D 60 -28.42 -14.95 -9.17
CA GLU D 60 -28.47 -14.48 -7.81
C GLU D 60 -28.73 -12.97 -7.77
N MET D 61 -28.03 -12.24 -8.64
CA MET D 61 -28.22 -10.80 -8.79
C MET D 61 -29.67 -10.44 -9.06
N MET D 62 -30.20 -10.94 -10.16
CA MET D 62 -31.58 -10.65 -10.52
C MET D 62 -32.50 -10.95 -9.34
N ASP D 63 -32.36 -12.16 -8.80
CA ASP D 63 -33.20 -12.59 -7.70
C ASP D 63 -33.18 -11.60 -6.54
N LEU D 64 -31.99 -11.19 -6.10
CA LEU D 64 -31.88 -10.10 -5.12
C LEU D 64 -32.51 -8.81 -5.65
N GLN D 65 -32.08 -8.38 -6.82
CA GLN D 65 -32.62 -7.17 -7.47
C GLN D 65 -34.14 -7.14 -7.41
N HIS D 66 -34.75 -8.31 -7.58
CA HIS D 66 -36.20 -8.38 -7.62
C HIS D 66 -36.82 -8.11 -6.25
N GLY D 67 -36.00 -8.19 -5.20
CA GLY D 67 -36.48 -7.91 -3.87
C GLY D 67 -36.33 -6.46 -3.44
N SER D 68 -36.04 -5.56 -4.39
CA SER D 68 -35.67 -4.20 -4.06
C SER D 68 -36.78 -3.42 -3.37
N LEU D 69 -38.02 -3.73 -3.68
CA LEU D 69 -39.14 -3.06 -3.04
C LEU D 69 -39.08 -3.21 -1.52
N PHE D 70 -38.35 -4.23 -1.08
CA PHE D 70 -38.41 -4.64 0.30
C PHE D 70 -37.09 -4.33 1.00
N LEU D 71 -36.17 -3.74 0.26
CA LEU D 71 -34.82 -3.47 0.75
C LEU D 71 -34.51 -1.99 0.81
N ARG D 72 -33.37 -1.67 1.40
CA ARG D 72 -32.92 -0.29 1.49
C ARG D 72 -31.47 -0.21 1.01
N THR D 73 -31.09 -1.13 0.14
CA THR D 73 -29.78 -1.08 -0.51
C THR D 73 -30.03 -0.83 -1.99
N PRO D 74 -29.91 0.43 -2.43
CA PRO D 74 -30.43 0.82 -3.75
C PRO D 74 -29.84 0.07 -4.94
N LYS D 75 -28.59 -0.36 -4.80
CA LYS D 75 -27.82 -0.82 -5.95
C LYS D 75 -27.22 -2.21 -5.73
N ILE D 76 -27.55 -3.14 -6.62
CA ILE D 76 -26.95 -4.47 -6.58
C ILE D 76 -26.42 -4.85 -7.95
N VAL D 77 -25.12 -5.13 -7.99
CA VAL D 77 -24.43 -5.41 -9.24
C VAL D 77 -23.63 -6.71 -9.16
N SER D 78 -23.35 -7.31 -10.32
CA SER D 78 -22.55 -8.53 -10.31
C SER D 78 -21.74 -8.70 -11.58
N GLY D 79 -20.71 -9.54 -11.52
CA GLY D 79 -19.90 -9.78 -12.68
C GLY D 79 -18.68 -10.64 -12.43
N LYS D 80 -18.21 -11.26 -13.51
CA LYS D 80 -16.98 -12.02 -13.46
C LYS D 80 -15.78 -11.08 -13.42
N ASP D 81 -15.96 -9.85 -13.89
CA ASP D 81 -14.87 -8.89 -13.88
C ASP D 81 -14.90 -8.08 -12.61
N TYR D 82 -13.75 -7.98 -11.95
CA TYR D 82 -13.70 -7.36 -10.64
C TYR D 82 -13.89 -5.86 -10.67
N SER D 83 -14.04 -5.29 -11.86
CA SER D 83 -14.35 -3.87 -11.98
C SER D 83 -15.58 -3.54 -11.17
N VAL D 84 -16.45 -4.51 -10.95
CA VAL D 84 -17.74 -4.24 -10.33
C VAL D 84 -17.62 -4.14 -8.82
N THR D 85 -16.48 -4.52 -8.27
CA THR D 85 -16.30 -4.46 -6.83
C THR D 85 -15.58 -3.19 -6.40
N ALA D 86 -15.37 -2.27 -7.33
CA ALA D 86 -14.48 -1.13 -7.10
C ALA D 86 -14.93 -0.26 -5.93
N ASN D 87 -13.98 0.18 -5.12
CA ASN D 87 -14.27 1.13 -4.06
C ASN D 87 -15.22 0.49 -3.06
N SER D 88 -14.85 -0.70 -2.61
CA SER D 88 -15.61 -1.40 -1.60
C SER D 88 -14.99 -1.04 -0.27
N LYS D 89 -15.81 -0.93 0.75
CA LYS D 89 -15.30 -0.69 2.08
C LYS D 89 -14.86 -2.03 2.67
N LEU D 90 -15.57 -3.09 2.27
CA LEU D 90 -15.40 -4.42 2.85
C LEU D 90 -15.63 -5.47 1.79
N VAL D 91 -14.64 -6.35 1.64
CA VAL D 91 -14.70 -7.44 0.68
C VAL D 91 -14.65 -8.76 1.44
N ILE D 92 -15.65 -9.61 1.21
CA ILE D 92 -15.80 -10.83 2.00
C ILE D 92 -15.51 -12.02 1.09
N ILE D 93 -14.56 -12.87 1.51
CA ILE D 93 -14.12 -13.98 0.66
C ILE D 93 -14.70 -15.35 1.08
N THR D 94 -15.68 -15.84 0.32
CA THR D 94 -16.27 -17.14 0.58
C THR D 94 -15.95 -18.16 -0.52
N ALA D 95 -15.00 -17.81 -1.37
CA ALA D 95 -14.65 -18.63 -2.52
C ALA D 95 -13.92 -19.87 -2.03
N GLY D 96 -14.09 -20.98 -2.73
CA GLY D 96 -13.29 -22.16 -2.43
C GLY D 96 -13.56 -23.34 -3.35
N ALA D 97 -12.61 -24.26 -3.41
CA ALA D 97 -12.82 -25.50 -4.14
C ALA D 97 -13.35 -26.58 -3.22
N ARG D 98 -14.19 -27.47 -3.75
CA ARG D 98 -14.54 -28.66 -3.00
C ARG D 98 -13.76 -29.86 -3.51
N GLN D 99 -13.53 -30.81 -2.62
CA GLN D 99 -12.52 -31.84 -2.82
C GLN D 99 -12.88 -32.76 -3.97
N GLN D 100 -11.95 -33.67 -4.27
CA GLN D 100 -12.22 -34.74 -5.23
C GLN D 100 -12.57 -36.05 -4.54
N GLU D 101 -11.57 -36.88 -4.22
CA GLU D 101 -11.89 -38.18 -3.65
C GLU D 101 -11.08 -38.55 -2.40
N GLY D 102 -9.77 -38.74 -2.54
CA GLY D 102 -9.10 -38.61 -3.83
C GLY D 102 -7.87 -37.75 -3.73
N GLU D 103 -8.06 -36.44 -3.63
CA GLU D 103 -6.93 -35.55 -3.38
C GLU D 103 -6.74 -35.34 -1.89
N SER D 104 -5.52 -35.00 -1.51
CA SER D 104 -5.19 -34.80 -0.10
C SER D 104 -5.78 -33.48 0.37
N ARG D 105 -5.83 -33.29 1.68
CA ARG D 105 -6.35 -32.04 2.22
C ARG D 105 -5.34 -30.94 1.94
N LEU D 106 -4.06 -31.28 2.07
CA LEU D 106 -3.00 -30.34 1.75
C LEU D 106 -3.18 -29.85 0.31
N ASN D 107 -3.57 -30.76 -0.57
CA ASN D 107 -3.67 -30.43 -1.98
C ASN D 107 -4.97 -29.69 -2.30
N LEU D 108 -5.98 -29.94 -1.47
CA LEU D 108 -7.21 -29.16 -1.53
C LEU D 108 -6.91 -27.75 -1.02
N VAL D 109 -6.01 -27.65 -0.05
CA VAL D 109 -5.59 -26.35 0.46
C VAL D 109 -4.85 -25.53 -0.61
N GLN D 110 -3.88 -26.15 -1.27
CA GLN D 110 -3.15 -25.48 -2.34
C GLN D 110 -4.13 -24.98 -3.39
N ARG D 111 -5.03 -25.85 -3.83
CA ARG D 111 -6.01 -25.49 -4.86
C ARG D 111 -6.77 -24.21 -4.48
N ASN D 112 -7.12 -24.10 -3.20
CA ASN D 112 -7.76 -22.88 -2.69
C ASN D 112 -6.81 -21.69 -2.71
N VAL D 113 -5.54 -21.96 -2.45
CA VAL D 113 -4.53 -20.91 -2.56
C VAL D 113 -4.42 -20.40 -3.99
N ASN D 114 -4.54 -21.31 -4.97
CA ASN D 114 -4.43 -20.90 -6.36
C ASN D 114 -5.67 -20.10 -6.77
N ILE D 115 -6.77 -20.27 -6.05
CA ILE D 115 -7.95 -19.43 -6.27
C ILE D 115 -7.72 -18.03 -5.70
N PHE D 116 -7.21 -17.98 -4.47
CA PHE D 116 -6.87 -16.72 -3.80
C PHE D 116 -5.79 -15.94 -4.56
N LYS D 117 -4.81 -16.64 -5.13
CA LYS D 117 -3.76 -15.99 -5.92
C LYS D 117 -4.35 -15.23 -7.09
N PHE D 118 -5.49 -15.70 -7.56
CA PHE D 118 -6.16 -15.08 -8.68
C PHE D 118 -7.17 -14.05 -8.20
N ILE D 119 -7.77 -14.30 -7.05
CA ILE D 119 -8.85 -13.46 -6.55
C ILE D 119 -8.38 -12.25 -5.73
N ILE D 120 -7.38 -12.47 -4.88
CA ILE D 120 -6.97 -11.43 -3.95
C ILE D 120 -6.39 -10.22 -4.70
N PRO D 121 -5.47 -10.46 -5.64
CA PRO D 121 -4.81 -9.35 -6.31
C PRO D 121 -5.82 -8.53 -7.11
N ASN D 122 -6.87 -9.19 -7.57
CA ASN D 122 -7.92 -8.46 -8.28
C ASN D 122 -8.77 -7.56 -7.38
N VAL D 123 -9.07 -8.03 -6.18
CA VAL D 123 -9.83 -7.23 -5.23
C VAL D 123 -9.03 -5.99 -4.83
N VAL D 124 -7.76 -6.22 -4.49
CA VAL D 124 -6.84 -5.17 -4.08
C VAL D 124 -6.82 -4.05 -5.12
N LYS D 125 -6.83 -4.44 -6.39
CA LYS D 125 -6.71 -3.50 -7.49
C LYS D 125 -7.87 -2.50 -7.52
N TYR D 126 -9.09 -2.97 -7.25
CA TYR D 126 -10.24 -2.08 -7.32
C TYR D 126 -10.68 -1.59 -5.96
N SER D 127 -10.07 -2.08 -4.90
CA SER D 127 -10.42 -1.59 -3.58
C SER D 127 -9.23 -1.59 -2.63
N PRO D 128 -8.22 -0.76 -2.93
CA PRO D 128 -6.94 -0.70 -2.22
C PRO D 128 -7.15 -0.44 -0.73
N HIS D 129 -8.25 0.21 -0.40
CA HIS D 129 -8.45 0.65 0.97
C HIS D 129 -9.48 -0.19 1.73
N CYS D 130 -9.98 -1.24 1.08
CA CYS D 130 -11.02 -2.07 1.64
C CYS D 130 -10.49 -2.85 2.84
N LYS D 131 -11.38 -3.35 3.66
CA LYS D 131 -11.05 -4.41 4.61
C LYS D 131 -11.40 -5.75 3.97
N LEU D 132 -10.52 -6.73 4.13
CA LEU D 132 -10.76 -8.09 3.65
C LEU D 132 -11.31 -8.93 4.78
N LEU D 133 -12.43 -9.63 4.53
CA LEU D 133 -12.92 -10.61 5.48
C LEU D 133 -12.91 -11.99 4.84
N VAL D 134 -12.07 -12.88 5.34
CA VAL D 134 -11.94 -14.23 4.78
C VAL D 134 -12.83 -15.21 5.55
N VAL D 135 -13.63 -15.99 4.83
CA VAL D 135 -14.53 -16.97 5.44
C VAL D 135 -14.23 -18.41 4.98
N SER D 136 -13.56 -18.55 3.85
CA SER D 136 -13.32 -19.86 3.25
C SER D 136 -12.46 -20.72 4.15
N ASN D 137 -12.67 -22.04 4.12
CA ASN D 137 -11.84 -22.96 4.89
C ASN D 137 -10.67 -23.55 4.11
N PRO D 138 -9.57 -23.87 4.82
CA PRO D 138 -9.44 -23.62 6.27
C PRO D 138 -9.11 -22.17 6.57
N VAL D 139 -9.89 -21.55 7.45
CA VAL D 139 -9.95 -20.10 7.51
C VAL D 139 -8.70 -19.43 8.11
N ASP D 140 -8.04 -20.05 9.07
CA ASP D 140 -6.87 -19.44 9.65
C ASP D 140 -5.73 -19.34 8.63
N ILE D 141 -5.56 -20.40 7.86
CA ILE D 141 -4.58 -20.44 6.78
C ILE D 141 -4.91 -19.50 5.61
N LEU D 142 -6.14 -19.56 5.13
CA LEU D 142 -6.49 -18.75 3.99
C LEU D 142 -6.56 -17.26 4.34
N THR D 143 -6.71 -16.93 5.61
CA THR D 143 -6.66 -15.54 6.04
C THR D 143 -5.22 -15.05 6.00
N TYR D 144 -4.31 -15.87 6.52
CA TYR D 144 -2.88 -15.59 6.39
C TYR D 144 -2.52 -15.37 4.93
N VAL D 145 -3.06 -16.23 4.06
CA VAL D 145 -2.69 -16.23 2.67
C VAL D 145 -3.19 -14.96 2.00
N ALA D 146 -4.44 -14.59 2.28
CA ALA D 146 -5.01 -13.35 1.78
C ALA D 146 -4.18 -12.18 2.28
N TRP D 147 -3.64 -12.33 3.49
CA TRP D 147 -2.82 -11.30 4.09
C TRP D 147 -1.53 -11.11 3.32
N LYS D 148 -0.79 -12.20 3.15
CA LYS D 148 0.48 -12.15 2.45
C LYS D 148 0.34 -11.70 0.99
N ILE D 149 -0.64 -12.25 0.29
CA ILE D 149 -0.86 -11.87 -1.09
C ILE D 149 -1.31 -10.41 -1.24
N SER D 150 -2.20 -9.96 -0.36
CA SER D 150 -2.77 -8.62 -0.49
C SER D 150 -1.70 -7.54 -0.32
N GLY D 151 -0.73 -7.82 0.54
CA GLY D 151 0.16 -6.77 1.00
C GLY D 151 -0.57 -5.72 1.81
N PHE D 152 -1.69 -6.08 2.45
CA PHE D 152 -2.37 -5.14 3.34
C PHE D 152 -1.75 -5.19 4.73
N PRO D 153 -1.93 -4.13 5.50
CA PRO D 153 -1.53 -4.18 6.92
C PRO D 153 -2.41 -5.21 7.64
N LYS D 154 -1.94 -5.71 8.78
CA LYS D 154 -2.64 -6.81 9.45
C LYS D 154 -4.00 -6.40 10.01
N ASN D 155 -4.17 -5.13 10.35
CA ASN D 155 -5.44 -4.67 10.87
C ASN D 155 -6.57 -4.82 9.87
N ARG D 156 -6.27 -4.68 8.58
CA ARG D 156 -7.30 -4.63 7.55
C ARG D 156 -7.56 -6.00 6.92
N VAL D 157 -7.09 -7.06 7.56
CA VAL D 157 -7.31 -8.40 7.03
C VAL D 157 -7.76 -9.37 8.10
N ILE D 158 -9.05 -9.70 8.08
CA ILE D 158 -9.74 -10.31 9.21
C ILE D 158 -10.24 -11.71 8.85
N GLY D 159 -9.88 -12.70 9.65
CA GLY D 159 -10.44 -14.03 9.46
C GLY D 159 -11.68 -14.28 10.29
N SER D 160 -12.76 -14.73 9.67
CA SER D 160 -14.00 -14.97 10.39
C SER D 160 -13.78 -15.96 11.52
N GLY D 161 -12.79 -16.84 11.33
CA GLY D 161 -12.30 -17.66 12.42
C GLY D 161 -13.34 -18.29 13.32
N CYS D 162 -13.21 -18.04 14.63
CA CYS D 162 -14.04 -18.69 15.63
C CYS D 162 -15.29 -17.91 16.05
N ASN D 163 -15.72 -16.95 15.24
CA ASN D 163 -16.84 -16.10 15.63
C ASN D 163 -18.16 -16.86 15.67
N LEU D 164 -18.37 -17.77 14.72
CA LEU D 164 -19.57 -18.59 14.71
C LEU D 164 -19.50 -19.69 15.77
N ASP D 165 -18.33 -20.31 15.90
CA ASP D 165 -18.17 -21.37 16.88
C ASP D 165 -18.60 -20.82 18.25
N SER D 166 -18.21 -19.58 18.52
CA SER D 166 -18.49 -18.97 19.80
C SER D 166 -19.98 -18.64 19.97
N ALA D 167 -20.63 -18.28 18.88
CA ALA D 167 -22.05 -18.02 18.92
C ALA D 167 -22.82 -19.31 19.19
N ARG D 168 -22.41 -20.40 18.52
CA ARG D 168 -23.00 -21.72 18.72
C ARG D 168 -22.79 -22.10 20.18
N PHE D 169 -21.54 -22.03 20.60
CA PHE D 169 -21.16 -22.36 21.95
C PHE D 169 -22.11 -21.68 22.95
N ARG D 170 -22.48 -20.45 22.63
CA ARG D 170 -23.31 -19.66 23.51
C ARG D 170 -24.76 -20.10 23.39
N TYR D 171 -25.18 -20.39 22.17
CA TYR D 171 -26.50 -20.95 21.98
C TYR D 171 -26.67 -22.27 22.74
N LEU D 172 -25.71 -23.16 22.62
CA LEU D 172 -25.82 -24.45 23.30
C LEU D 172 -25.73 -24.26 24.81
N MET D 173 -25.05 -23.21 25.22
CA MET D 173 -24.93 -22.87 26.64
C MET D 173 -26.32 -22.50 27.19
N GLY D 174 -27.04 -21.66 26.46
CA GLY D 174 -28.34 -21.20 26.88
C GLY D 174 -29.44 -22.25 26.81
N GLU D 175 -29.22 -23.30 26.00
CA GLU D 175 -30.12 -24.44 26.00
C GLU D 175 -30.01 -25.23 27.30
N ARG D 176 -28.79 -25.52 27.72
CA ARG D 176 -28.55 -26.18 28.99
C ARG D 176 -29.08 -25.36 30.17
N LEU D 177 -29.07 -24.04 30.03
CA LEU D 177 -29.28 -23.17 31.18
C LEU D 177 -30.64 -22.51 31.24
N GLY D 178 -31.37 -22.52 30.13
CA GLY D 178 -32.67 -21.85 30.09
C GLY D 178 -32.58 -20.34 29.89
N VAL D 179 -31.43 -19.86 29.43
CA VAL D 179 -31.23 -18.44 29.18
C VAL D 179 -30.96 -18.24 27.70
N HIS D 180 -31.16 -17.01 27.20
CA HIS D 180 -30.93 -16.72 25.80
C HIS D 180 -29.43 -16.58 25.55
N ALA D 181 -29.02 -16.83 24.31
CA ALA D 181 -27.60 -16.87 24.00
C ALA D 181 -27.00 -15.49 24.23
N LEU D 182 -27.82 -14.46 23.97
CA LEU D 182 -27.41 -13.09 24.26
C LEU D 182 -26.91 -12.91 25.67
N SER D 183 -27.35 -13.76 26.58
CA SER D 183 -27.04 -13.59 28.00
C SER D 183 -26.10 -14.65 28.53
N CYS D 184 -25.65 -15.53 27.63
CA CYS D 184 -24.58 -16.47 27.93
C CYS D 184 -23.27 -16.00 27.30
N HIS D 185 -22.24 -15.93 28.12
CA HIS D 185 -20.95 -15.48 27.65
C HIS D 185 -19.93 -16.60 27.81
N GLY D 186 -19.26 -16.92 26.70
CA GLY D 186 -18.22 -17.94 26.68
C GLY D 186 -17.40 -17.83 25.41
N TRP D 187 -16.12 -18.14 25.49
CA TRP D 187 -15.27 -17.92 24.34
C TRP D 187 -14.58 -19.17 23.80
N ILE D 188 -14.66 -19.31 22.47
CA ILE D 188 -13.88 -20.32 21.77
C ILE D 188 -12.75 -19.58 21.11
N LEU D 189 -11.52 -19.89 21.49
CA LEU D 189 -10.38 -19.19 20.93
C LEU D 189 -9.38 -20.12 20.25
N GLY D 190 -8.53 -19.54 19.43
CA GLY D 190 -7.48 -20.32 18.81
C GLY D 190 -7.78 -20.68 17.38
N GLU D 191 -7.49 -21.92 17.03
CA GLU D 191 -7.63 -22.39 15.68
C GLU D 191 -9.09 -22.74 15.43
N HIS D 192 -9.59 -22.46 14.23
CA HIS D 192 -10.94 -22.85 13.86
C HIS D 192 -11.00 -24.35 13.57
N GLY D 193 -11.75 -25.10 14.37
CA GLY D 193 -11.88 -26.54 14.14
C GLY D 193 -11.67 -27.45 15.34
N ASP D 194 -11.13 -28.64 15.10
CA ASP D 194 -11.03 -29.66 16.14
C ASP D 194 -10.10 -29.30 17.30
N SER D 195 -9.28 -28.26 17.14
CA SER D 195 -8.29 -27.94 18.16
C SER D 195 -8.51 -26.58 18.85
N SER D 196 -9.66 -25.96 18.58
CA SER D 196 -10.01 -24.66 19.16
C SER D 196 -10.16 -24.76 20.66
N VAL D 197 -10.03 -23.64 21.35
CA VAL D 197 -9.95 -23.69 22.80
C VAL D 197 -11.14 -23.05 23.49
N PRO D 198 -12.00 -23.87 24.11
CA PRO D 198 -13.04 -23.32 24.97
C PRO D 198 -12.40 -22.76 26.25
N VAL D 199 -12.44 -21.43 26.39
CA VAL D 199 -11.87 -20.78 27.56
C VAL D 199 -12.87 -20.86 28.70
N TRP D 200 -12.81 -21.96 29.46
CA TRP D 200 -13.77 -22.26 30.50
C TRP D 200 -13.76 -21.19 31.61
N SER D 201 -12.58 -20.65 31.89
CA SER D 201 -12.42 -19.69 32.98
C SER D 201 -13.19 -18.40 32.76
N GLY D 202 -13.65 -18.17 31.53
CA GLY D 202 -14.37 -16.95 31.25
C GLY D 202 -15.86 -17.16 30.99
N MET D 203 -16.35 -18.39 31.18
CA MET D 203 -17.75 -18.66 30.93
C MET D 203 -18.59 -18.15 32.10
N ASN D 204 -19.68 -17.45 31.78
CA ASN D 204 -20.51 -16.86 32.83
C ASN D 204 -21.86 -16.40 32.33
N VAL D 205 -22.75 -16.14 33.28
CA VAL D 205 -24.03 -15.49 33.03
C VAL D 205 -24.14 -14.39 34.07
N ALA D 206 -24.47 -13.17 33.66
CA ALA D 206 -24.51 -12.01 34.56
C ALA D 206 -23.20 -11.80 35.35
N GLY D 207 -22.09 -12.28 34.81
CA GLY D 207 -20.82 -12.04 35.44
C GLY D 207 -20.59 -13.00 36.58
N VAL D 208 -21.32 -14.10 36.57
CA VAL D 208 -21.16 -15.16 37.55
C VAL D 208 -20.34 -16.29 36.93
N SER D 209 -19.11 -16.46 37.39
CA SER D 209 -18.25 -17.51 36.87
C SER D 209 -18.85 -18.91 37.05
N LEU D 210 -19.11 -19.59 35.94
CA LEU D 210 -19.55 -20.97 36.01
C LEU D 210 -18.41 -21.81 36.58
N LYS D 211 -17.18 -21.45 36.22
CA LYS D 211 -15.99 -22.14 36.69
C LYS D 211 -15.88 -22.13 38.20
N THR D 212 -16.12 -20.97 38.81
CA THR D 212 -15.98 -20.86 40.26
C THR D 212 -17.13 -21.63 40.91
N LEU D 213 -18.31 -21.50 40.33
CA LEU D 213 -19.50 -22.20 40.80
C LEU D 213 -19.31 -23.71 40.72
N HIS D 214 -18.52 -24.15 39.75
CA HIS D 214 -18.37 -25.57 39.44
C HIS D 214 -16.97 -25.88 38.90
N PRO D 215 -16.01 -26.15 39.80
CA PRO D 215 -14.59 -26.29 39.46
C PRO D 215 -14.27 -27.42 38.48
N GLU D 216 -15.21 -28.33 38.29
CA GLU D 216 -15.02 -29.44 37.37
C GLU D 216 -15.26 -28.97 35.92
N LEU D 217 -15.98 -27.87 35.78
CA LEU D 217 -16.32 -27.34 34.48
C LEU D 217 -15.18 -27.51 33.48
N GLY D 218 -15.44 -28.33 32.45
CA GLY D 218 -14.47 -28.51 31.38
C GLY D 218 -13.46 -29.60 31.67
N THR D 219 -13.62 -30.27 32.81
CA THR D 219 -12.71 -31.33 33.22
C THR D 219 -13.24 -32.65 32.70
N ASP D 220 -12.38 -33.67 32.68
CA ASP D 220 -12.77 -35.01 32.30
C ASP D 220 -13.66 -35.62 33.38
N ALA D 221 -13.39 -35.24 34.63
CA ALA D 221 -14.12 -35.76 35.79
C ALA D 221 -15.36 -34.93 36.06
N ASP D 222 -15.82 -34.23 35.03
CA ASP D 222 -17.01 -33.38 35.13
C ASP D 222 -18.25 -34.25 35.01
N LYS D 223 -19.01 -34.37 36.08
CA LYS D 223 -20.22 -35.20 36.05
C LYS D 223 -21.17 -34.72 34.96
N GLU D 224 -21.10 -33.44 34.62
CA GLU D 224 -22.02 -32.88 33.63
C GLU D 224 -21.39 -32.78 32.24
N GLN D 225 -20.16 -33.28 32.10
CA GLN D 225 -19.50 -33.37 30.80
C GLN D 225 -19.75 -32.15 29.91
N TRP D 226 -19.42 -30.97 30.41
CA TRP D 226 -19.65 -29.76 29.64
C TRP D 226 -18.75 -29.73 28.41
N LYS D 227 -17.60 -30.37 28.54
CA LYS D 227 -16.68 -30.55 27.41
C LYS D 227 -17.43 -30.94 26.15
N GLN D 228 -18.37 -31.86 26.27
CA GLN D 228 -19.14 -32.32 25.12
C GLN D 228 -19.84 -31.17 24.43
N VAL D 229 -20.07 -30.10 25.17
CA VAL D 229 -20.62 -28.91 24.54
C VAL D 229 -19.61 -28.32 23.55
N HIS D 230 -18.34 -28.28 23.93
CA HIS D 230 -17.33 -27.86 22.99
C HIS D 230 -17.33 -28.81 21.82
N LYS D 231 -17.46 -30.10 22.11
CA LYS D 231 -17.39 -31.08 21.05
C LYS D 231 -18.51 -30.83 20.03
N GLN D 232 -19.72 -30.59 20.54
CA GLN D 232 -20.85 -30.31 19.64
C GLN D 232 -20.52 -29.13 18.71
N VAL D 233 -19.89 -28.10 19.26
CA VAL D 233 -19.48 -26.94 18.46
C VAL D 233 -18.52 -27.32 17.34
N VAL D 234 -17.46 -28.04 17.72
CA VAL D 234 -16.52 -28.55 16.75
C VAL D 234 -17.18 -29.43 15.67
N ASP D 235 -18.21 -30.19 16.06
CA ASP D 235 -18.83 -31.16 15.16
C ASP D 235 -20.06 -30.61 14.45
N SER D 236 -20.51 -29.42 14.85
CA SER D 236 -21.81 -28.94 14.41
C SER D 236 -21.91 -28.64 12.91
N ALA D 237 -20.83 -28.12 12.33
CA ALA D 237 -20.78 -27.89 10.89
C ALA D 237 -20.94 -29.24 10.19
N TYR D 238 -20.25 -30.23 10.72
CA TYR D 238 -20.31 -31.60 10.23
C TYR D 238 -21.71 -32.17 10.36
N GLU D 239 -22.24 -32.18 11.58
CA GLU D 239 -23.56 -32.73 11.83
C GLU D 239 -24.57 -32.09 10.88
N VAL D 240 -24.44 -30.78 10.70
CA VAL D 240 -25.31 -30.09 9.76
C VAL D 240 -25.12 -30.56 8.34
N ILE D 241 -23.88 -30.83 7.94
CA ILE D 241 -23.62 -31.25 6.58
C ILE D 241 -24.18 -32.63 6.26
N LYS D 242 -23.97 -33.60 7.14
CA LYS D 242 -24.56 -34.92 6.98
C LYS D 242 -26.05 -34.76 6.69
N LEU D 243 -26.66 -33.79 7.38
CA LEU D 243 -28.10 -33.59 7.36
C LEU D 243 -28.61 -32.89 6.12
N LYS D 244 -28.10 -31.68 5.84
CA LYS D 244 -28.61 -30.91 4.71
C LYS D 244 -27.61 -30.70 3.57
N GLY D 245 -26.34 -31.00 3.79
CA GLY D 245 -25.40 -31.02 2.69
C GLY D 245 -24.45 -29.85 2.64
N TYR D 246 -24.61 -28.93 3.58
CA TYR D 246 -23.75 -27.77 3.72
C TYR D 246 -24.34 -26.93 4.86
N THR D 247 -23.57 -25.94 5.31
CA THR D 247 -24.10 -24.92 6.21
C THR D 247 -24.11 -23.59 5.50
N THR D 248 -24.98 -22.68 5.93
CA THR D 248 -25.08 -21.38 5.31
C THR D 248 -25.56 -20.32 6.26
N TRP D 249 -26.75 -20.53 6.79
CA TRP D 249 -27.48 -19.45 7.43
C TRP D 249 -26.70 -18.87 8.57
N ALA D 250 -26.20 -19.74 9.45
CA ALA D 250 -25.58 -19.28 10.67
C ALA D 250 -24.28 -18.53 10.39
N ILE D 251 -23.47 -19.05 9.49
CA ILE D 251 -22.21 -18.40 9.17
C ILE D 251 -22.53 -17.06 8.53
N GLY D 252 -23.65 -17.02 7.82
CA GLY D 252 -24.05 -15.81 7.14
C GLY D 252 -24.47 -14.74 8.10
N LEU D 253 -25.22 -15.10 9.14
CA LEU D 253 -25.64 -14.13 10.14
C LEU D 253 -24.43 -13.61 10.92
N SER D 254 -23.51 -14.53 11.22
CA SER D 254 -22.33 -14.15 11.99
C SER D 254 -21.36 -13.29 11.17
N VAL D 255 -21.31 -13.48 9.86
CA VAL D 255 -20.49 -12.62 8.99
C VAL D 255 -21.08 -11.20 8.95
N ALA D 256 -22.40 -11.11 8.88
CA ALA D 256 -23.07 -9.81 8.89
C ALA D 256 -22.83 -9.08 10.21
N ASP D 257 -22.64 -9.85 11.29
CA ASP D 257 -22.44 -9.25 12.60
C ASP D 257 -21.09 -8.57 12.62
N LEU D 258 -20.11 -9.27 12.05
CA LEU D 258 -18.76 -8.75 11.92
C LEU D 258 -18.79 -7.56 10.94
N ALA D 259 -19.63 -7.65 9.91
CA ALA D 259 -19.75 -6.57 8.94
C ALA D 259 -20.36 -5.31 9.58
N GLU D 260 -21.29 -5.50 10.51
CA GLU D 260 -21.95 -4.37 11.16
C GLU D 260 -21.01 -3.58 12.07
N SER D 261 -20.16 -4.28 12.78
CA SER D 261 -19.13 -3.64 13.59
C SER D 261 -18.16 -2.82 12.73
N ILE D 262 -17.77 -3.36 11.57
CA ILE D 262 -16.86 -2.65 10.67
C ILE D 262 -17.57 -1.46 10.05
N MET D 263 -18.62 -1.72 9.29
CA MET D 263 -19.36 -0.65 8.63
C MET D 263 -19.82 0.46 9.57
N LYS D 264 -19.97 0.16 10.87
CA LYS D 264 -20.48 1.14 11.86
C LYS D 264 -19.44 1.56 12.89
N ASN D 265 -18.25 0.98 12.83
CA ASN D 265 -17.16 1.38 13.72
C ASN D 265 -17.52 1.20 15.19
N LEU D 266 -18.22 0.13 15.51
CA LEU D 266 -18.74 -0.05 16.86
C LEU D 266 -17.62 -0.28 17.86
N ARG D 267 -16.55 -0.90 17.41
CA ARG D 267 -15.49 -1.30 18.34
C ARG D 267 -16.02 -2.28 19.37
N ARG D 268 -16.74 -3.28 18.92
CA ARG D 268 -17.09 -4.44 19.73
C ARG D 268 -15.97 -5.48 19.67
N VAL D 269 -16.03 -6.44 20.59
CA VAL D 269 -15.03 -7.49 20.64
C VAL D 269 -15.64 -8.78 20.11
N HIS D 270 -14.98 -9.38 19.12
CA HIS D 270 -15.42 -10.65 18.55
C HIS D 270 -14.29 -11.66 18.60
N PRO D 271 -14.63 -12.95 18.71
CA PRO D 271 -13.64 -14.04 18.58
C PRO D 271 -13.32 -14.30 17.11
N ILE D 272 -12.40 -13.51 16.56
CA ILE D 272 -12.07 -13.60 15.15
C ILE D 272 -10.57 -13.83 14.95
N SER D 273 -10.19 -14.25 13.74
CA SER D 273 -8.81 -14.61 13.47
C SER D 273 -7.97 -13.42 12.96
N THR D 274 -6.88 -13.16 13.67
CA THR D 274 -6.01 -12.03 13.37
C THR D 274 -4.55 -12.47 13.42
N MET D 275 -3.67 -11.74 12.73
CA MET D 275 -2.24 -12.04 12.75
C MET D 275 -1.70 -11.79 14.14
N LEU D 276 -1.38 -12.86 14.88
CA LEU D 276 -1.07 -12.69 16.28
C LEU D 276 0.39 -13.00 16.63
N LYS D 277 1.25 -12.95 15.62
CA LYS D 277 2.67 -13.00 15.88
C LYS D 277 2.94 -11.90 16.89
N GLY D 278 3.54 -12.24 18.02
CA GLY D 278 3.87 -11.23 19.01
C GLY D 278 3.07 -11.34 20.29
N LEU D 279 1.85 -11.85 20.21
CA LEU D 279 1.02 -12.03 21.40
C LEU D 279 0.71 -13.49 21.73
N TYR D 280 0.25 -13.73 22.94
CA TYR D 280 -0.22 -15.05 23.33
C TYR D 280 0.89 -16.08 23.23
N GLY D 281 2.13 -15.63 23.41
CA GLY D 281 3.27 -16.55 23.40
C GLY D 281 3.53 -17.15 22.03
N ILE D 282 3.05 -16.48 20.99
CA ILE D 282 3.13 -17.00 19.63
C ILE D 282 4.25 -16.38 18.83
N LYS D 283 5.25 -17.19 18.50
CA LYS D 283 6.48 -16.68 17.91
C LYS D 283 6.47 -16.84 16.40
N GLU D 284 5.35 -17.29 15.86
CA GLU D 284 5.29 -17.60 14.44
C GLU D 284 4.35 -16.67 13.68
N ASP D 285 4.43 -16.74 12.36
CA ASP D 285 3.54 -15.97 11.50
C ASP D 285 2.25 -16.74 11.24
N VAL D 286 1.30 -16.67 12.17
CA VAL D 286 0.02 -17.34 11.97
C VAL D 286 -1.17 -16.53 12.47
N PHE D 287 -2.33 -16.81 11.90
CA PHE D 287 -3.57 -16.18 12.32
C PHE D 287 -4.32 -17.10 13.27
N LEU D 288 -4.74 -16.54 14.40
CA LEU D 288 -5.50 -17.28 15.42
C LEU D 288 -6.65 -16.43 15.89
N SER D 289 -7.72 -17.07 16.37
CA SER D 289 -8.82 -16.32 16.95
C SER D 289 -8.52 -15.87 18.38
N VAL D 290 -8.61 -14.55 18.58
CA VAL D 290 -8.50 -13.92 19.90
C VAL D 290 -9.59 -12.85 19.92
N PRO D 291 -10.00 -12.40 21.10
CA PRO D 291 -10.93 -11.28 21.17
C PRO D 291 -10.34 -9.99 20.57
N CYS D 292 -10.96 -9.48 19.50
CA CYS D 292 -10.49 -8.28 18.80
C CYS D 292 -11.51 -7.16 18.82
N VAL D 293 -11.09 -5.97 19.23
CA VAL D 293 -11.86 -4.76 19.00
C VAL D 293 -11.91 -4.64 17.48
N LEU D 294 -13.12 -4.58 16.91
CA LEU D 294 -13.29 -4.50 15.47
C LEU D 294 -14.04 -3.24 15.08
N GLY D 295 -13.48 -2.48 14.15
CA GLY D 295 -14.10 -1.22 13.75
C GLY D 295 -13.92 -0.85 12.29
N GLN D 296 -13.96 0.44 11.97
CA GLN D 296 -13.90 0.87 10.58
C GLN D 296 -12.51 0.72 9.97
N ASN D 297 -11.54 0.36 10.80
CA ASN D 297 -10.21 0.01 10.32
C ASN D 297 -9.82 -1.40 10.73
N GLY D 298 -10.81 -2.28 10.81
CA GLY D 298 -10.52 -3.67 11.11
C GLY D 298 -10.12 -3.85 12.56
N ILE D 299 -9.20 -4.78 12.80
CA ILE D 299 -8.78 -5.08 14.15
C ILE D 299 -7.78 -4.02 14.63
N SER D 300 -8.11 -3.30 15.70
CA SER D 300 -7.26 -2.21 16.17
C SER D 300 -6.56 -2.54 17.49
N ASP D 301 -7.14 -3.47 18.23
CA ASP D 301 -6.56 -3.94 19.50
C ASP D 301 -6.99 -5.37 19.70
N VAL D 302 -6.32 -6.08 20.60
CA VAL D 302 -6.87 -7.35 21.03
C VAL D 302 -6.77 -7.49 22.54
N VAL D 303 -7.75 -8.19 23.10
CA VAL D 303 -7.85 -8.39 24.54
C VAL D 303 -6.99 -9.59 24.90
N LYS D 304 -6.20 -9.44 25.96
CA LYS D 304 -5.31 -10.48 26.38
C LYS D 304 -5.98 -11.28 27.50
N VAL D 305 -6.44 -12.47 27.14
CA VAL D 305 -7.13 -13.37 28.05
C VAL D 305 -6.14 -14.18 28.86
N THR D 306 -6.25 -14.14 30.18
CA THR D 306 -5.39 -14.98 31.00
C THR D 306 -5.67 -16.45 30.74
N LEU D 307 -4.77 -17.06 29.98
CA LEU D 307 -4.83 -18.48 29.65
C LEU D 307 -4.19 -19.35 30.71
N THR D 308 -4.82 -20.49 30.97
CA THR D 308 -4.20 -21.48 31.84
C THR D 308 -3.05 -22.05 31.04
N SER D 309 -2.13 -22.70 31.73
CA SER D 309 -0.93 -23.24 31.10
C SER D 309 -1.24 -24.29 30.04
N GLU D 310 -2.18 -25.19 30.34
CA GLU D 310 -2.60 -26.18 29.35
C GLU D 310 -3.09 -25.47 28.08
N GLU D 311 -3.60 -24.25 28.24
CA GLU D 311 -4.19 -23.50 27.14
C GLU D 311 -3.17 -22.79 26.25
N GLU D 312 -2.13 -22.24 26.85
CA GLU D 312 -1.08 -21.62 26.03
C GLU D 312 -0.47 -22.66 25.11
N ALA D 313 -0.23 -23.85 25.63
CA ALA D 313 0.35 -24.93 24.83
C ALA D 313 -0.52 -25.32 23.64
N HIS D 314 -1.83 -25.19 23.78
CA HIS D 314 -2.73 -25.50 22.67
C HIS D 314 -2.53 -24.55 21.52
N LEU D 315 -2.40 -23.26 21.85
CA LEU D 315 -2.32 -22.23 20.83
C LEU D 315 -0.95 -22.22 20.16
N LYS D 316 0.07 -22.50 20.96
CA LYS D 316 1.43 -22.59 20.45
C LYS D 316 1.54 -23.84 19.57
N LYS D 317 0.85 -24.91 19.96
CA LYS D 317 0.83 -26.11 19.14
C LYS D 317 0.09 -25.85 17.84
N SER D 318 -1.03 -25.13 17.93
CA SER D 318 -1.79 -24.79 16.73
C SER D 318 -0.96 -23.93 15.79
N ALA D 319 -0.14 -23.06 16.37
CA ALA D 319 0.69 -22.13 15.60
C ALA D 319 1.81 -22.86 14.87
N ASP D 320 2.37 -23.87 15.53
CA ASP D 320 3.41 -24.65 14.92
C ASP D 320 2.83 -25.43 13.75
N THR D 321 1.66 -26.01 13.94
CA THR D 321 1.05 -26.85 12.91
C THR D 321 0.63 -26.03 11.71
N LEU D 322 0.09 -24.85 11.96
CA LEU D 322 -0.32 -23.96 10.89
C LEU D 322 0.88 -23.49 10.08
N TRP D 323 1.92 -23.03 10.76
CA TRP D 323 3.12 -22.52 10.10
C TRP D 323 3.67 -23.59 9.14
N GLY D 324 3.74 -24.82 9.65
CA GLY D 324 4.28 -25.93 8.89
C GLY D 324 3.45 -26.31 7.68
N ILE D 325 2.14 -26.13 7.77
CA ILE D 325 1.29 -26.20 6.59
C ILE D 325 1.66 -25.04 5.67
N GLN D 326 1.69 -23.83 6.23
CA GLN D 326 1.95 -22.62 5.46
C GLN D 326 3.28 -22.66 4.69
N LYS D 327 4.25 -23.43 5.19
CA LYS D 327 5.52 -23.50 4.50
C LYS D 327 5.46 -24.42 3.28
N GLU D 328 4.63 -25.46 3.40
CA GLU D 328 4.41 -26.38 2.30
C GLU D 328 3.48 -25.82 1.23
N LEU D 329 3.42 -24.49 1.10
CA LEU D 329 2.50 -23.88 0.14
C LEU D 329 3.23 -23.06 -0.92
N GLN D 330 2.60 -22.91 -2.09
CA GLN D 330 3.21 -22.15 -3.18
C GLN D 330 2.45 -20.87 -3.44
N PHE D 331 3.01 -19.72 -3.07
CA PHE D 331 2.42 -18.44 -3.49
C PHE D 331 3.06 -17.99 -4.80
N ALA E 1 43.75 -13.82 26.34
CA ALA E 1 43.20 -13.73 24.95
C ALA E 1 43.51 -12.37 24.31
N ALA E 2 44.14 -12.38 23.15
CA ALA E 2 44.31 -11.18 22.36
C ALA E 2 42.94 -10.72 21.86
N LEU E 3 42.83 -9.43 21.56
CA LEU E 3 41.56 -8.86 21.11
C LEU E 3 41.19 -9.36 19.71
N LYS E 4 42.18 -9.46 18.84
CA LYS E 4 41.98 -10.00 17.51
C LYS E 4 41.36 -11.40 17.61
N ASP E 5 41.74 -12.14 18.66
CA ASP E 5 41.36 -13.54 18.74
C ASP E 5 40.03 -13.80 19.45
N GLN E 6 39.57 -12.88 20.30
CA GLN E 6 38.20 -12.94 20.81
C GLN E 6 37.23 -12.53 19.73
N LEU E 7 37.63 -11.54 18.93
CA LEU E 7 36.80 -11.00 17.88
C LEU E 7 36.77 -11.92 16.69
N ILE E 8 37.94 -12.32 16.22
CA ILE E 8 38.05 -13.08 14.97
C ILE E 8 38.52 -14.51 15.21
N HIS E 9 37.65 -15.46 14.90
CA HIS E 9 37.96 -16.87 14.97
C HIS E 9 38.47 -17.36 13.62
N ASN E 10 39.69 -17.89 13.61
CA ASN E 10 40.39 -18.19 12.36
C ASN E 10 40.11 -19.60 11.84
N LEU E 11 39.79 -19.69 10.54
CA LEU E 11 39.44 -20.97 9.92
C LEU E 11 40.50 -21.42 8.93
N LEU E 12 41.08 -20.48 8.19
CA LEU E 12 42.04 -20.84 7.17
C LEU E 12 43.44 -20.45 7.59
N LYS E 13 44.37 -21.38 7.46
CA LYS E 13 45.78 -21.03 7.51
C LYS E 13 46.25 -20.73 6.10
N GLU E 14 47.07 -19.69 5.97
CA GLU E 14 47.78 -19.42 4.72
C GLU E 14 48.45 -18.05 4.78
N GLU E 15 49.50 -17.88 4.00
CA GLU E 15 50.22 -16.62 3.96
C GLU E 15 49.65 -15.71 2.86
N HIS E 16 50.19 -15.83 1.66
CA HIS E 16 49.76 -14.99 0.55
C HIS E 16 50.50 -15.29 -0.74
N VAL E 17 49.73 -15.39 -1.83
CA VAL E 17 50.29 -15.44 -3.18
C VAL E 17 49.53 -14.45 -4.07
N PRO E 18 50.13 -13.28 -4.31
CA PRO E 18 49.35 -12.23 -4.99
C PRO E 18 48.94 -12.70 -6.39
N GLN E 19 47.74 -12.32 -6.81
CA GLN E 19 47.18 -12.78 -8.09
C GLN E 19 47.38 -11.80 -9.25
N ASN E 20 47.34 -10.51 -8.94
CA ASN E 20 47.51 -9.47 -9.94
C ASN E 20 48.40 -8.39 -9.37
N LYS E 21 49.65 -8.77 -9.09
CA LYS E 21 50.59 -7.89 -8.41
C LYS E 21 51.26 -6.95 -9.42
N ILE E 22 51.41 -5.68 -9.05
CA ILE E 22 52.13 -4.75 -9.91
C ILE E 22 53.20 -4.00 -9.14
N THR E 23 54.38 -3.92 -9.74
CA THR E 23 55.51 -3.25 -9.11
C THR E 23 55.92 -1.99 -9.89
N VAL E 24 55.91 -0.86 -9.21
CA VAL E 24 56.51 0.34 -9.75
C VAL E 24 57.90 0.51 -9.14
N VAL E 25 58.91 0.59 -10.01
CA VAL E 25 60.28 0.78 -9.59
C VAL E 25 60.67 2.25 -9.75
N GLY E 26 61.09 2.87 -8.66
CA GLY E 26 61.47 4.27 -8.70
C GLY E 26 60.31 5.19 -8.37
N VAL E 27 60.40 5.86 -7.23
CA VAL E 27 59.27 6.62 -6.73
C VAL E 27 59.52 8.12 -6.76
N GLY E 28 60.02 8.59 -7.90
CA GLY E 28 59.95 10.01 -8.18
C GLY E 28 58.54 10.37 -8.64
N ALA E 29 58.35 11.61 -9.04
CA ALA E 29 57.03 12.08 -9.41
C ALA E 29 56.35 11.15 -10.43
N VAL E 30 57.14 10.64 -11.37
CA VAL E 30 56.60 9.79 -12.43
C VAL E 30 56.19 8.43 -11.88
N GLY E 31 57.06 7.82 -11.09
CA GLY E 31 56.71 6.55 -10.47
C GLY E 31 55.51 6.64 -9.53
N MET E 32 55.36 7.75 -8.83
CA MET E 32 54.23 7.93 -7.93
C MET E 32 52.95 8.30 -8.68
N ALA E 33 53.09 8.97 -9.82
CA ALA E 33 51.91 9.25 -10.66
C ALA E 33 51.35 7.94 -11.18
N CYS E 34 52.23 7.07 -11.66
CA CYS E 34 51.81 5.75 -12.12
C CYS E 34 51.08 5.00 -11.02
N ALA E 35 51.68 5.00 -9.83
CA ALA E 35 51.18 4.24 -8.70
C ALA E 35 49.75 4.65 -8.34
N ILE E 36 49.51 5.94 -8.29
CA ILE E 36 48.19 6.41 -7.92
C ILE E 36 47.19 6.07 -9.02
N SER E 37 47.60 6.24 -10.27
CA SER E 37 46.70 5.99 -11.39
C SER E 37 46.29 4.53 -11.44
N ILE E 38 47.26 3.64 -11.24
CA ILE E 38 46.97 2.20 -11.21
C ILE E 38 46.14 1.84 -9.99
N LEU E 39 46.42 2.50 -8.87
CA LEU E 39 45.66 2.27 -7.64
C LEU E 39 44.18 2.66 -7.74
N MET E 40 43.91 3.78 -8.40
CA MET E 40 42.53 4.26 -8.50
C MET E 40 41.75 3.62 -9.65
N LYS E 41 42.43 2.84 -10.49
CA LYS E 41 41.73 2.13 -11.57
C LYS E 41 41.56 0.66 -11.25
N ASP E 42 42.05 0.22 -10.10
CA ASP E 42 41.82 -1.13 -9.63
C ASP E 42 42.40 -2.20 -10.57
N LEU E 43 43.70 -2.18 -10.78
CA LEU E 43 44.32 -3.11 -11.73
C LEU E 43 45.11 -4.20 -11.00
N ALA E 44 45.27 -4.05 -9.69
CA ALA E 44 46.12 -4.94 -8.91
C ALA E 44 45.51 -5.27 -7.56
N ASP E 45 45.86 -6.42 -6.99
CA ASP E 45 45.55 -6.72 -5.59
C ASP E 45 46.79 -6.60 -4.71
N GLU E 46 47.88 -6.14 -5.31
CA GLU E 46 49.09 -5.81 -4.57
C GLU E 46 49.98 -4.89 -5.42
N LEU E 47 50.37 -3.78 -4.80
CA LEU E 47 51.29 -2.85 -5.43
C LEU E 47 52.59 -2.85 -4.63
N ALA E 48 53.72 -2.92 -5.33
CA ALA E 48 55.03 -2.89 -4.68
C ALA E 48 55.77 -1.65 -5.16
N LEU E 49 56.42 -0.97 -4.23
CA LEU E 49 57.22 0.20 -4.57
C LEU E 49 58.66 -0.08 -4.15
N VAL E 50 59.61 0.12 -5.07
CA VAL E 50 61.03 0.07 -4.71
C VAL E 50 61.85 1.22 -5.30
N ASP E 51 62.77 1.72 -4.48
CA ASP E 51 63.71 2.77 -4.88
C ASP E 51 64.92 2.56 -3.98
N VAL E 52 65.90 3.45 -4.04
CA VAL E 52 67.05 3.34 -3.16
C VAL E 52 67.00 4.38 -2.04
N MET E 53 66.33 5.50 -2.29
CA MET E 53 66.13 6.49 -1.23
C MET E 53 65.13 5.95 -0.23
N GLU E 54 65.62 5.21 0.76
CA GLU E 54 64.78 4.39 1.63
C GLU E 54 63.73 5.14 2.46
N ASP E 55 64.07 6.36 2.89
CA ASP E 55 63.10 7.23 3.59
C ASP E 55 62.00 7.71 2.66
N LYS E 56 62.38 8.14 1.47
CA LYS E 56 61.41 8.56 0.46
C LYS E 56 60.43 7.42 0.22
N LEU E 57 60.96 6.22 0.05
CA LEU E 57 60.16 5.02 -0.20
C LEU E 57 59.11 4.78 0.88
N LYS E 58 59.55 4.72 2.14
CA LYS E 58 58.67 4.46 3.27
C LYS E 58 57.54 5.49 3.36
N GLY E 59 57.89 6.77 3.23
CA GLY E 59 56.89 7.81 3.35
C GLY E 59 55.84 7.78 2.25
N GLU E 60 56.25 7.36 1.05
CA GLU E 60 55.32 7.23 -0.06
C GLU E 60 54.46 6.01 0.18
N MET E 61 55.09 4.92 0.61
CA MET E 61 54.31 3.75 0.93
C MET E 61 53.28 4.09 2.02
N MET E 62 53.74 4.65 3.13
CA MET E 62 52.82 4.95 4.23
C MET E 62 51.68 5.83 3.73
N ASP E 63 52.01 6.93 3.06
CA ASP E 63 51.01 7.88 2.58
C ASP E 63 49.89 7.17 1.81
N LEU E 64 50.26 6.25 0.93
CA LEU E 64 49.29 5.56 0.09
C LEU E 64 48.38 4.64 0.89
N GLN E 65 48.94 4.05 1.94
CA GLN E 65 48.20 3.09 2.76
C GLN E 65 47.09 3.77 3.57
N HIS E 66 47.37 4.99 4.02
CA HIS E 66 46.37 5.73 4.80
C HIS E 66 45.14 5.98 3.95
N GLY E 67 45.28 5.90 2.64
CA GLY E 67 44.15 6.12 1.77
C GLY E 67 43.39 4.83 1.51
N SER E 68 43.83 3.74 2.12
CA SER E 68 43.27 2.42 1.82
C SER E 68 41.76 2.37 1.90
N LEU E 69 41.19 3.03 2.90
CA LEU E 69 39.76 3.07 3.09
C LEU E 69 39.05 3.39 1.78
N PHE E 70 39.68 4.25 1.01
CA PHE E 70 39.09 4.80 -0.19
C PHE E 70 39.53 4.00 -1.41
N LEU E 71 40.27 2.93 -1.18
CA LEU E 71 40.84 2.14 -2.26
C LEU E 71 40.31 0.71 -2.28
N ARG E 72 40.71 -0.05 -3.29
CA ARG E 72 40.22 -1.42 -3.47
C ARG E 72 41.39 -2.37 -3.76
N THR E 73 42.58 -1.97 -3.32
CA THR E 73 43.80 -2.75 -3.48
C THR E 73 44.39 -3.06 -2.11
N PRO E 74 44.16 -4.28 -1.61
CA PRO E 74 44.36 -4.62 -0.19
C PRO E 74 45.80 -4.50 0.32
N LYS E 75 46.77 -4.72 -0.56
CA LYS E 75 48.16 -4.82 -0.11
C LYS E 75 49.08 -3.78 -0.78
N ILE E 76 49.78 -3.01 0.06
CA ILE E 76 50.78 -2.08 -0.43
C ILE E 76 52.03 -2.20 0.43
N VAL E 77 53.15 -2.53 -0.22
CA VAL E 77 54.42 -2.81 0.46
C VAL E 77 55.58 -2.04 -0.17
N SER E 78 56.64 -1.85 0.60
CA SER E 78 57.82 -1.15 0.10
C SER E 78 59.12 -1.80 0.56
N GLY E 79 60.20 -1.53 -0.15
CA GLY E 79 61.50 -2.05 0.24
C GLY E 79 62.62 -1.78 -0.75
N LYS E 80 63.82 -2.05 -0.31
CA LYS E 80 65.01 -1.88 -1.12
C LYS E 80 65.33 -3.23 -1.76
N ASP E 81 65.10 -4.30 -0.99
CA ASP E 81 65.35 -5.65 -1.45
C ASP E 81 64.16 -6.14 -2.27
N TYR E 82 64.42 -6.41 -3.55
CA TYR E 82 63.41 -6.73 -4.54
C TYR E 82 62.55 -7.94 -4.19
N SER E 83 62.83 -8.58 -3.05
CA SER E 83 61.97 -9.67 -2.58
C SER E 83 60.52 -9.18 -2.43
N VAL E 84 60.33 -7.88 -2.27
CA VAL E 84 59.00 -7.38 -2.08
C VAL E 84 58.24 -7.40 -3.39
N THR E 85 58.98 -7.49 -4.50
CA THR E 85 58.40 -7.36 -5.83
C THR E 85 58.04 -8.71 -6.43
N ALA E 86 58.19 -9.77 -5.65
CA ALA E 86 58.07 -11.13 -6.17
C ALA E 86 56.68 -11.44 -6.71
N ASN E 87 56.63 -12.14 -7.83
CA ASN E 87 55.35 -12.58 -8.41
C ASN E 87 54.52 -11.47 -9.03
N SER E 88 55.14 -10.32 -9.28
CA SER E 88 54.50 -9.30 -10.10
C SER E 88 54.16 -9.89 -11.48
N LYS E 89 52.96 -9.60 -11.98
CA LYS E 89 52.64 -9.86 -13.39
C LYS E 89 53.25 -8.76 -14.26
N LEU E 90 53.34 -7.55 -13.71
CA LEU E 90 53.87 -6.41 -14.43
C LEU E 90 54.77 -5.61 -13.51
N VAL E 91 56.00 -5.35 -13.95
CA VAL E 91 56.92 -4.45 -13.24
C VAL E 91 57.18 -3.22 -14.11
N ILE E 92 56.94 -2.04 -13.55
CA ILE E 92 57.08 -0.79 -14.30
C ILE E 92 58.35 -0.07 -13.85
N ILE E 93 59.26 0.21 -14.77
CA ILE E 93 60.51 0.86 -14.41
C ILE E 93 60.48 2.36 -14.72
N THR E 94 60.56 3.19 -13.68
CA THR E 94 60.68 4.63 -13.88
C THR E 94 62.02 5.12 -13.35
N ALA E 95 62.80 4.18 -12.83
CA ALA E 95 64.16 4.45 -12.38
C ALA E 95 64.90 5.33 -13.38
N GLY E 96 65.68 6.28 -12.88
CA GLY E 96 66.48 7.10 -13.77
C GLY E 96 67.52 7.93 -13.04
N ALA E 97 68.69 8.09 -13.65
CA ALA E 97 69.74 8.89 -13.04
C ALA E 97 69.47 10.35 -13.32
N ARG E 98 69.87 11.23 -12.40
CA ARG E 98 69.79 12.67 -12.66
C ARG E 98 71.06 13.18 -13.33
N GLN E 99 70.88 14.09 -14.29
CA GLN E 99 71.99 14.58 -15.11
C GLN E 99 72.98 15.35 -14.24
N GLN E 100 74.27 15.02 -14.36
CA GLN E 100 75.33 15.77 -13.71
C GLN E 100 76.00 16.73 -14.69
N GLU E 101 76.40 17.90 -14.21
CA GLU E 101 77.02 18.91 -15.06
C GLU E 101 78.36 18.45 -15.61
N GLY E 102 78.46 18.38 -16.94
CA GLY E 102 79.69 17.96 -17.56
C GLY E 102 79.80 16.45 -17.72
N GLU E 103 78.67 15.80 -17.96
CA GLU E 103 78.69 14.44 -18.49
C GLU E 103 77.89 14.40 -19.79
N SER E 104 78.21 13.44 -20.64
CA SER E 104 77.60 13.38 -21.96
C SER E 104 76.30 12.58 -21.97
N ARG E 105 75.43 12.91 -22.92
CA ARG E 105 74.21 12.16 -23.15
C ARG E 105 74.55 10.67 -23.10
N LEU E 106 75.79 10.33 -23.42
CA LEU E 106 76.24 8.95 -23.39
C LEU E 106 76.49 8.47 -21.97
N ASN E 107 77.29 9.23 -21.23
CA ASN E 107 77.63 8.89 -19.85
C ASN E 107 76.34 8.78 -19.03
N LEU E 108 75.38 9.65 -19.34
CA LEU E 108 74.07 9.58 -18.72
C LEU E 108 73.35 8.27 -19.04
N VAL E 109 73.28 7.92 -20.32
CA VAL E 109 72.64 6.69 -20.73
C VAL E 109 73.33 5.50 -20.10
N GLN E 110 74.66 5.51 -20.14
CA GLN E 110 75.44 4.42 -19.57
C GLN E 110 75.11 4.26 -18.09
N ARG E 111 75.09 5.38 -17.37
CA ARG E 111 74.74 5.39 -15.95
C ARG E 111 73.38 4.72 -15.74
N ASN E 112 72.37 5.19 -16.47
CA ASN E 112 71.08 4.54 -16.45
C ASN E 112 71.26 3.06 -16.76
N VAL E 113 72.05 2.75 -17.78
CA VAL E 113 72.31 1.37 -18.14
C VAL E 113 72.84 0.63 -16.92
N ASN E 114 73.67 1.32 -16.14
CA ASN E 114 74.20 0.75 -14.93
C ASN E 114 73.09 0.53 -13.90
N ILE E 115 72.19 1.50 -13.76
CA ILE E 115 71.03 1.37 -12.87
C ILE E 115 70.21 0.13 -13.24
N PHE E 116 69.96 -0.04 -14.53
CA PHE E 116 69.27 -1.23 -15.02
C PHE E 116 70.13 -2.49 -14.86
N LYS E 117 71.44 -2.34 -14.98
CA LYS E 117 72.32 -3.48 -14.79
C LYS E 117 72.07 -4.09 -13.43
N PHE E 118 71.73 -3.26 -12.45
CA PHE E 118 71.44 -3.74 -11.12
C PHE E 118 69.97 -4.07 -10.93
N ILE E 119 69.11 -3.12 -11.27
CA ILE E 119 67.70 -3.25 -10.98
C ILE E 119 67.07 -4.45 -11.68
N ILE E 120 67.40 -4.66 -12.95
CA ILE E 120 66.74 -5.67 -13.76
C ILE E 120 66.95 -7.11 -13.29
N PRO E 121 68.20 -7.46 -12.89
CA PRO E 121 68.44 -8.85 -12.51
C PRO E 121 67.69 -9.26 -11.24
N ASN E 122 67.46 -8.29 -10.36
CA ASN E 122 66.64 -8.54 -9.18
C ASN E 122 65.17 -8.64 -9.58
N VAL E 123 64.78 -7.86 -10.59
CA VAL E 123 63.39 -7.89 -11.05
C VAL E 123 63.07 -9.24 -11.68
N VAL E 124 63.95 -9.71 -12.56
CA VAL E 124 63.77 -11.01 -13.20
C VAL E 124 63.80 -12.15 -12.18
N LYS E 125 64.55 -11.95 -11.11
CA LYS E 125 64.76 -13.00 -10.12
C LYS E 125 63.52 -13.31 -9.29
N TYR E 126 62.74 -12.27 -8.98
CA TYR E 126 61.61 -12.44 -8.10
C TYR E 126 60.29 -12.46 -8.83
N SER E 127 60.35 -12.23 -10.14
CA SER E 127 59.17 -12.29 -10.98
C SER E 127 59.63 -12.71 -12.36
N PRO E 128 60.00 -14.00 -12.51
CA PRO E 128 60.61 -14.53 -13.73
C PRO E 128 59.68 -14.36 -14.94
N HIS E 129 58.39 -14.39 -14.68
CA HIS E 129 57.41 -14.42 -15.76
C HIS E 129 56.70 -13.09 -16.00
N CYS E 130 57.17 -12.02 -15.37
CA CYS E 130 56.47 -10.73 -15.47
C CYS E 130 56.60 -10.13 -16.87
N LYS E 131 55.84 -9.08 -17.14
CA LYS E 131 56.16 -8.17 -18.24
C LYS E 131 56.81 -6.90 -17.70
N LEU E 132 57.74 -6.35 -18.47
CA LEU E 132 58.42 -5.12 -18.07
C LEU E 132 57.93 -3.95 -18.93
N LEU E 133 57.48 -2.89 -18.28
CA LEU E 133 57.07 -1.68 -18.99
C LEU E 133 57.98 -0.53 -18.58
N VAL E 134 58.92 -0.23 -19.46
CA VAL E 134 59.94 0.77 -19.20
C VAL E 134 59.40 2.13 -19.56
N VAL E 135 59.54 3.08 -18.65
CA VAL E 135 59.06 4.43 -18.86
C VAL E 135 60.24 5.38 -18.91
N SER E 136 61.39 4.91 -18.41
CA SER E 136 62.58 5.74 -18.28
C SER E 136 63.13 6.24 -19.62
N ASN E 137 63.61 7.48 -19.64
CA ASN E 137 64.24 8.03 -20.84
C ASN E 137 65.78 7.95 -20.80
N PRO E 138 66.40 7.83 -21.98
CA PRO E 138 65.65 7.71 -23.25
C PRO E 138 64.98 6.33 -23.42
N VAL E 139 63.68 6.35 -23.72
CA VAL E 139 62.83 5.16 -23.55
C VAL E 139 63.13 4.03 -24.54
N ASP E 140 63.04 4.33 -25.84
CA ASP E 140 63.39 3.35 -26.85
C ASP E 140 64.69 2.63 -26.46
N ILE E 141 65.75 3.41 -26.26
CA ILE E 141 67.03 2.85 -25.83
C ILE E 141 66.95 2.07 -24.52
N LEU E 142 66.41 2.67 -23.47
CA LEU E 142 66.40 1.99 -22.17
C LEU E 142 65.52 0.74 -22.14
N THR E 143 64.61 0.63 -23.12
CA THR E 143 63.76 -0.57 -23.27
C THR E 143 64.56 -1.68 -23.95
N TYR E 144 65.42 -1.29 -24.87
CA TYR E 144 66.38 -2.21 -25.45
C TYR E 144 67.33 -2.72 -24.37
N VAL E 145 67.81 -1.81 -23.52
CA VAL E 145 68.70 -2.18 -22.42
C VAL E 145 68.01 -3.12 -21.45
N ALA E 146 66.72 -2.91 -21.22
CA ALA E 146 65.94 -3.78 -20.34
C ALA E 146 65.72 -5.14 -21.00
N TRP E 147 65.49 -5.12 -22.30
CA TRP E 147 65.29 -6.36 -23.04
C TRP E 147 66.56 -7.20 -22.99
N LYS E 148 67.70 -6.57 -23.23
CA LYS E 148 68.95 -7.31 -23.38
C LYS E 148 69.44 -7.83 -22.02
N ILE E 149 69.29 -7.02 -20.97
CA ILE E 149 69.70 -7.44 -19.63
C ILE E 149 68.78 -8.49 -19.04
N SER E 150 67.48 -8.37 -19.30
CA SER E 150 66.51 -9.27 -18.70
C SER E 150 66.58 -10.63 -19.36
N GLY E 151 66.81 -10.64 -20.67
CA GLY E 151 66.82 -11.90 -21.40
C GLY E 151 65.43 -12.38 -21.75
N PHE E 152 64.43 -11.58 -21.41
CA PHE E 152 63.05 -11.93 -21.69
C PHE E 152 62.83 -11.96 -23.21
N PRO E 153 61.79 -12.69 -23.64
CA PRO E 153 61.29 -12.59 -25.02
C PRO E 153 60.69 -11.20 -25.27
N LYS E 154 60.94 -10.67 -26.46
CA LYS E 154 60.55 -9.30 -26.80
C LYS E 154 59.09 -8.92 -26.60
N ASN E 155 58.19 -9.91 -26.59
CA ASN E 155 56.77 -9.61 -26.33
C ASN E 155 56.56 -9.16 -24.89
N ARG E 156 57.46 -9.57 -24.00
CA ARG E 156 57.32 -9.26 -22.58
C ARG E 156 58.04 -7.99 -22.17
N VAL E 157 58.80 -7.39 -23.09
CA VAL E 157 59.46 -6.12 -22.78
C VAL E 157 58.90 -4.97 -23.59
N ILE E 158 58.34 -3.98 -22.90
CA ILE E 158 57.64 -2.89 -23.56
C ILE E 158 58.15 -1.51 -23.13
N GLY E 159 58.17 -0.57 -24.07
CA GLY E 159 58.49 0.79 -23.70
C GLY E 159 57.24 1.62 -23.73
N SER E 160 57.09 2.52 -22.78
CA SER E 160 55.96 3.42 -22.76
C SER E 160 55.90 4.20 -24.07
N GLY E 161 57.08 4.38 -24.68
CA GLY E 161 57.14 4.74 -26.09
C GLY E 161 56.45 6.03 -26.51
N CYS E 162 55.62 5.93 -27.55
CA CYS E 162 54.94 7.10 -28.14
C CYS E 162 53.48 7.22 -27.70
N ASN E 163 53.09 6.35 -26.76
CA ASN E 163 51.73 6.26 -26.26
C ASN E 163 51.18 7.60 -25.80
N LEU E 164 51.93 8.31 -24.97
CA LEU E 164 51.44 9.57 -24.41
C LEU E 164 51.45 10.74 -25.39
N ASP E 165 52.45 10.81 -26.26
CA ASP E 165 52.51 11.88 -27.26
C ASP E 165 51.33 11.74 -28.22
N SER E 166 50.96 10.51 -28.52
CA SER E 166 49.77 10.26 -29.31
C SER E 166 48.50 10.74 -28.58
N ALA E 167 48.34 10.34 -27.32
CA ALA E 167 47.22 10.82 -26.52
C ALA E 167 47.24 12.33 -26.59
N ARG E 168 48.43 12.90 -26.47
CA ARG E 168 48.61 14.35 -26.57
C ARG E 168 48.27 14.90 -27.95
N PHE E 169 48.59 14.15 -29.00
CA PHE E 169 48.22 14.57 -30.33
C PHE E 169 46.70 14.69 -30.36
N ARG E 170 46.06 13.68 -29.76
CA ARG E 170 44.61 13.58 -29.78
C ARG E 170 43.95 14.72 -29.01
N TYR E 171 44.51 15.11 -27.88
CA TYR E 171 43.97 16.23 -27.14
C TYR E 171 43.98 17.52 -27.96
N LEU E 172 45.09 17.80 -28.63
CA LEU E 172 45.26 19.05 -29.39
C LEU E 172 44.36 19.05 -30.61
N MET E 173 44.38 17.93 -31.34
CA MET E 173 43.42 17.69 -32.41
C MET E 173 42.02 18.14 -31.93
N GLY E 174 41.58 17.56 -30.82
CA GLY E 174 40.27 17.84 -30.29
C GLY E 174 40.04 19.29 -29.92
N GLU E 175 41.07 19.97 -29.42
CA GLU E 175 40.95 21.40 -29.14
C GLU E 175 40.79 22.22 -30.42
N ARG E 176 41.60 21.93 -31.44
CA ARG E 176 41.47 22.64 -32.71
C ARG E 176 40.11 22.37 -33.35
N LEU E 177 39.57 21.17 -33.13
CA LEU E 177 38.34 20.75 -33.80
C LEU E 177 37.08 20.99 -32.97
N GLY E 178 37.22 21.06 -31.65
CA GLY E 178 36.06 21.26 -30.80
C GLY E 178 35.38 19.96 -30.40
N VAL E 179 36.06 18.84 -30.60
CA VAL E 179 35.56 17.57 -30.09
C VAL E 179 36.56 16.91 -29.13
N HIS E 180 36.05 16.04 -28.28
CA HIS E 180 36.88 15.34 -27.30
C HIS E 180 37.99 14.50 -27.92
N ALA E 181 39.07 14.37 -27.17
CA ALA E 181 40.25 13.64 -27.62
C ALA E 181 39.85 12.20 -27.96
N LEU E 182 38.91 11.69 -27.20
CA LEU E 182 38.41 10.33 -27.40
C LEU E 182 38.01 10.07 -28.84
N SER E 183 37.57 11.13 -29.53
CA SER E 183 36.94 10.97 -30.84
C SER E 183 37.84 11.41 -31.98
N CYS E 184 38.97 12.03 -31.65
CA CYS E 184 39.99 12.29 -32.62
C CYS E 184 40.93 11.12 -32.68
N HIS E 185 41.44 10.85 -33.88
CA HIS E 185 42.37 9.75 -34.07
C HIS E 185 43.57 10.21 -34.87
N GLY E 186 44.72 9.64 -34.55
CA GLY E 186 45.96 10.05 -35.16
C GLY E 186 47.06 9.37 -34.40
N TRP E 187 48.15 9.05 -35.09
CA TRP E 187 49.20 8.25 -34.50
C TRP E 187 50.56 8.92 -34.66
N ILE E 188 51.32 8.94 -33.58
CA ILE E 188 52.71 9.36 -33.62
C ILE E 188 53.65 8.19 -33.35
N LEU E 189 54.50 7.86 -34.32
CA LEU E 189 55.25 6.62 -34.28
C LEU E 189 56.74 6.80 -34.27
N GLY E 190 57.46 5.71 -34.01
CA GLY E 190 58.90 5.74 -34.12
C GLY E 190 59.63 6.15 -32.85
N GLU E 191 60.69 6.93 -33.03
CA GLU E 191 61.54 7.33 -31.93
C GLU E 191 60.88 8.39 -31.07
N HIS E 192 60.81 8.14 -29.78
CA HIS E 192 60.13 8.99 -28.83
C HIS E 192 60.81 10.37 -28.72
N GLY E 193 60.01 11.43 -28.77
CA GLY E 193 60.57 12.76 -28.63
C GLY E 193 60.62 13.52 -29.94
N ASP E 194 61.71 14.27 -30.15
CA ASP E 194 61.82 15.21 -31.27
C ASP E 194 61.75 14.56 -32.65
N SER E 195 62.13 13.29 -32.74
CA SER E 195 62.35 12.65 -34.03
C SER E 195 61.18 11.79 -34.52
N SER E 196 60.06 11.90 -33.82
CA SER E 196 58.91 11.03 -34.03
C SER E 196 58.12 11.35 -35.31
N VAL E 197 57.42 10.33 -35.83
CA VAL E 197 56.63 10.46 -37.04
C VAL E 197 55.15 10.72 -36.72
N PRO E 198 54.62 11.87 -37.17
CA PRO E 198 53.17 12.04 -37.15
C PRO E 198 52.61 11.42 -38.42
N VAL E 199 51.75 10.41 -38.28
CA VAL E 199 51.18 9.76 -39.45
C VAL E 199 49.92 10.50 -39.90
N TRP E 200 50.13 11.55 -40.69
CA TRP E 200 49.05 12.41 -41.16
C TRP E 200 47.98 11.65 -41.95
N SER E 201 48.37 10.58 -42.64
CA SER E 201 47.43 9.83 -43.47
C SER E 201 46.38 9.12 -42.61
N GLY E 202 46.62 9.06 -41.30
CA GLY E 202 45.71 8.34 -40.44
C GLY E 202 44.79 9.26 -39.67
N MET E 203 45.11 10.55 -39.68
CA MET E 203 44.32 11.53 -38.94
C MET E 203 42.87 11.64 -39.44
N ASN E 204 41.93 11.38 -38.53
CA ASN E 204 40.50 11.43 -38.85
C ASN E 204 39.60 11.70 -37.64
N VAL E 205 38.36 12.08 -37.92
CA VAL E 205 37.28 12.02 -36.94
C VAL E 205 36.13 11.25 -37.59
N ALA E 206 35.72 10.14 -36.98
CA ALA E 206 34.62 9.33 -37.49
C ALA E 206 34.98 8.64 -38.81
N GLY E 207 36.28 8.50 -39.07
CA GLY E 207 36.70 7.81 -40.27
C GLY E 207 36.70 8.68 -41.51
N VAL E 208 36.65 9.99 -41.31
CA VAL E 208 36.75 10.94 -42.41
C VAL E 208 38.19 11.44 -42.47
N SER E 209 38.95 10.91 -43.42
CA SER E 209 40.36 11.29 -43.56
C SER E 209 40.52 12.79 -43.66
N LEU E 210 41.36 13.34 -42.80
CA LEU E 210 41.62 14.78 -42.80
C LEU E 210 42.62 15.13 -43.87
N LYS E 211 43.52 14.20 -44.17
CA LYS E 211 44.49 14.41 -45.23
C LYS E 211 43.75 14.59 -46.56
N THR E 212 42.72 13.79 -46.80
CA THR E 212 41.95 13.90 -48.03
C THR E 212 41.13 15.19 -48.05
N LEU E 213 40.41 15.49 -46.99
CA LEU E 213 39.64 16.74 -46.94
C LEU E 213 40.52 17.96 -47.15
N HIS E 214 41.80 17.82 -46.83
CA HIS E 214 42.71 18.95 -46.74
C HIS E 214 44.12 18.47 -47.03
N PRO E 215 44.44 18.31 -48.33
CA PRO E 215 45.69 17.66 -48.76
C PRO E 215 46.93 18.38 -48.27
N GLU E 216 46.76 19.65 -47.92
CA GLU E 216 47.86 20.50 -47.44
C GLU E 216 48.34 20.04 -46.06
N LEU E 217 47.76 18.96 -45.56
CA LEU E 217 47.84 18.62 -44.14
C LEU E 217 49.21 18.07 -43.70
N GLY E 218 49.86 18.80 -42.79
CA GLY E 218 51.11 18.32 -42.23
C GLY E 218 52.30 18.59 -43.12
N THR E 219 52.04 19.02 -44.35
CA THR E 219 53.08 19.50 -45.24
C THR E 219 53.45 20.90 -44.77
N ASP E 220 54.59 21.40 -45.24
CA ASP E 220 55.13 22.65 -44.75
C ASP E 220 54.47 23.87 -45.41
N ALA E 221 53.63 23.60 -46.40
CA ALA E 221 52.84 24.66 -47.02
C ALA E 221 51.37 24.52 -46.63
N ASP E 222 51.03 24.97 -45.43
CA ASP E 222 49.68 24.80 -44.90
C ASP E 222 49.22 26.02 -44.13
N LYS E 223 48.16 26.65 -44.59
CA LYS E 223 47.63 27.85 -43.98
C LYS E 223 47.31 27.64 -42.51
N GLU E 224 47.00 26.38 -42.14
CA GLU E 224 46.60 26.05 -40.78
C GLU E 224 47.70 25.30 -40.02
N GLN E 225 48.90 25.33 -40.57
CA GLN E 225 50.11 24.91 -39.84
C GLN E 225 49.94 23.74 -38.88
N TRP E 226 49.27 22.70 -39.35
CA TRP E 226 49.06 21.51 -38.54
C TRP E 226 50.36 20.83 -38.15
N LYS E 227 51.43 21.09 -38.90
CA LYS E 227 52.74 20.59 -38.53
C LYS E 227 53.04 21.04 -37.10
N GLN E 228 52.68 22.28 -36.81
CA GLN E 228 52.98 22.88 -35.52
C GLN E 228 52.29 22.21 -34.36
N VAL E 229 51.34 21.32 -34.65
CA VAL E 229 50.63 20.61 -33.60
C VAL E 229 51.51 19.46 -33.10
N HIS E 230 52.23 18.82 -34.02
CA HIS E 230 53.20 17.81 -33.65
C HIS E 230 54.35 18.45 -32.87
N LYS E 231 54.79 19.62 -33.31
CA LYS E 231 55.78 20.40 -32.56
C LYS E 231 55.30 20.59 -31.13
N GLN E 232 54.01 20.89 -30.98
CA GLN E 232 53.42 21.06 -29.66
C GLN E 232 53.51 19.78 -28.87
N VAL E 233 53.17 18.66 -29.52
CA VAL E 233 53.19 17.37 -28.85
C VAL E 233 54.59 17.06 -28.33
N VAL E 234 55.59 17.53 -29.06
CA VAL E 234 56.96 17.21 -28.71
C VAL E 234 57.53 18.20 -27.68
N ASP E 235 57.31 19.49 -27.90
CA ASP E 235 57.77 20.49 -26.94
C ASP E 235 57.06 20.40 -25.60
N SER E 236 55.84 19.86 -25.60
CA SER E 236 54.95 20.03 -24.45
C SER E 236 55.52 19.41 -23.18
N ALA E 237 56.17 18.27 -23.30
CA ALA E 237 56.87 17.69 -22.15
C ALA E 237 57.83 18.71 -21.54
N TYR E 238 58.73 19.21 -22.39
CA TYR E 238 59.73 20.19 -22.00
C TYR E 238 59.09 21.44 -21.39
N GLU E 239 58.02 21.92 -22.02
CA GLU E 239 57.42 23.18 -21.60
C GLU E 239 56.66 23.05 -20.29
N VAL E 240 56.32 21.81 -19.91
CA VAL E 240 55.72 21.53 -18.61
C VAL E 240 56.81 21.53 -17.57
N ILE E 241 57.93 20.94 -17.91
CA ILE E 241 59.09 21.00 -17.05
C ILE E 241 59.48 22.46 -16.81
N LYS E 242 59.31 23.29 -17.83
CA LYS E 242 59.62 24.72 -17.71
C LYS E 242 58.73 25.42 -16.69
N LEU E 243 57.50 24.92 -16.53
CA LEU E 243 56.47 25.59 -15.76
C LEU E 243 56.30 25.02 -14.36
N LYS E 244 56.57 23.73 -14.18
CA LYS E 244 56.46 23.14 -12.85
C LYS E 244 57.64 22.25 -12.43
N GLY E 245 58.54 21.98 -13.37
CA GLY E 245 59.82 21.39 -12.99
C GLY E 245 59.92 19.92 -13.31
N TYR E 246 58.83 19.36 -13.82
CA TYR E 246 58.73 17.93 -14.09
C TYR E 246 57.32 17.64 -14.57
N THR E 247 57.15 16.54 -15.28
CA THR E 247 55.81 16.06 -15.61
C THR E 247 55.47 14.89 -14.72
N THR E 248 54.22 14.45 -14.78
CA THR E 248 53.69 13.47 -13.85
C THR E 248 52.35 12.90 -14.26
N TRP E 249 51.31 13.73 -14.15
CA TRP E 249 49.94 13.25 -14.23
C TRP E 249 49.63 12.59 -15.56
N ALA E 250 50.10 13.18 -16.66
CA ALA E 250 49.74 12.66 -17.97
C ALA E 250 50.46 11.34 -18.23
N ILE E 251 51.72 11.23 -17.82
CA ILE E 251 52.47 10.02 -18.09
C ILE E 251 51.87 8.87 -17.28
N GLY E 252 51.54 9.15 -16.02
CA GLY E 252 50.97 8.14 -15.14
C GLY E 252 49.66 7.58 -15.66
N LEU E 253 48.79 8.47 -16.13
CA LEU E 253 47.53 8.07 -16.73
C LEU E 253 47.80 7.18 -17.94
N SER E 254 48.80 7.56 -18.75
CA SER E 254 49.17 6.79 -19.94
C SER E 254 49.63 5.38 -19.57
N VAL E 255 50.44 5.28 -18.52
CA VAL E 255 51.00 4.00 -18.10
C VAL E 255 49.92 3.07 -17.58
N ALA E 256 48.92 3.64 -16.89
CA ALA E 256 47.84 2.88 -16.29
C ALA E 256 46.95 2.34 -17.39
N ASP E 257 46.83 3.12 -18.46
CA ASP E 257 46.07 2.70 -19.61
C ASP E 257 46.72 1.47 -20.20
N LEU E 258 48.05 1.46 -20.20
CA LEU E 258 48.84 0.34 -20.71
C LEU E 258 48.75 -0.86 -19.76
N ALA E 259 48.86 -0.61 -18.46
CA ALA E 259 48.68 -1.66 -17.45
C ALA E 259 47.30 -2.28 -17.53
N GLU E 260 46.30 -1.46 -17.87
CA GLU E 260 44.93 -1.93 -18.04
C GLU E 260 44.82 -3.00 -19.13
N SER E 261 45.38 -2.70 -20.31
CA SER E 261 45.33 -3.66 -21.41
C SER E 261 46.10 -4.92 -21.04
N ILE E 262 47.27 -4.74 -20.42
CA ILE E 262 48.08 -5.88 -20.04
C ILE E 262 47.36 -6.73 -19.00
N MET E 263 46.90 -6.11 -17.92
CA MET E 263 46.28 -6.85 -16.82
C MET E 263 44.91 -7.48 -17.13
N LYS E 264 44.25 -6.99 -18.18
CA LYS E 264 42.91 -7.46 -18.54
C LYS E 264 42.87 -8.07 -19.95
N ASN E 265 44.06 -8.35 -20.51
CA ASN E 265 44.20 -8.96 -21.83
C ASN E 265 43.24 -8.37 -22.87
N LEU E 266 43.20 -7.04 -22.95
CA LEU E 266 42.24 -6.34 -23.80
C LEU E 266 42.57 -6.39 -25.29
N ARG E 267 43.84 -6.65 -25.61
CA ARG E 267 44.30 -6.57 -26.99
C ARG E 267 43.86 -5.27 -27.68
N ARG E 268 43.92 -4.14 -26.98
CA ARG E 268 43.81 -2.84 -27.64
C ARG E 268 45.14 -2.48 -28.29
N VAL E 269 45.09 -1.64 -29.31
CA VAL E 269 46.31 -1.26 -30.01
C VAL E 269 46.85 0.07 -29.46
N HIS E 270 48.14 0.07 -29.11
CA HIS E 270 48.80 1.27 -28.59
C HIS E 270 50.05 1.66 -29.38
N PRO E 271 50.36 2.96 -29.46
CA PRO E 271 51.64 3.39 -30.01
C PRO E 271 52.77 3.20 -29.01
N ILE E 272 53.34 2.01 -28.98
CA ILE E 272 54.39 1.72 -28.01
C ILE E 272 55.69 1.17 -28.59
N SER E 273 56.79 1.48 -27.90
CA SER E 273 58.13 1.10 -28.34
C SER E 273 58.33 -0.40 -28.22
N THR E 274 58.96 -1.00 -29.24
CA THR E 274 59.06 -2.46 -29.32
C THR E 274 60.14 -2.87 -30.33
N MET E 275 60.53 -4.14 -30.27
CA MET E 275 61.54 -4.71 -31.18
C MET E 275 61.00 -4.91 -32.61
N LEU E 276 61.38 -4.02 -33.52
CA LEU E 276 60.81 -4.05 -34.87
C LEU E 276 61.76 -4.49 -35.97
N LYS E 277 62.95 -4.97 -35.60
CA LYS E 277 63.83 -5.57 -36.60
C LYS E 277 63.00 -6.59 -37.35
N GLY E 278 63.00 -6.50 -38.68
CA GLY E 278 62.21 -7.43 -39.47
C GLY E 278 61.00 -6.78 -40.13
N LEU E 279 60.58 -5.64 -39.59
CA LEU E 279 59.43 -4.90 -40.10
C LEU E 279 59.81 -3.44 -40.37
N TYR E 280 59.11 -2.79 -41.29
CA TYR E 280 59.35 -1.38 -41.59
C TYR E 280 60.76 -1.10 -42.11
N GLY E 281 61.44 -2.14 -42.58
CA GLY E 281 62.73 -1.96 -43.21
C GLY E 281 63.83 -1.61 -42.24
N ILE E 282 63.70 -2.10 -41.01
CA ILE E 282 64.69 -1.87 -39.98
C ILE E 282 65.48 -3.15 -39.74
N LYS E 283 66.80 -3.07 -39.89
CA LYS E 283 67.66 -4.25 -39.82
C LYS E 283 68.41 -4.41 -38.51
N GLU E 284 68.33 -3.40 -37.64
CA GLU E 284 69.05 -3.41 -36.38
C GLU E 284 68.19 -3.90 -35.22
N ASP E 285 68.82 -4.23 -34.11
CA ASP E 285 68.10 -4.50 -32.86
C ASP E 285 67.76 -3.20 -32.13
N VAL E 286 66.73 -2.50 -32.59
CA VAL E 286 66.26 -1.30 -31.91
C VAL E 286 64.76 -1.39 -31.55
N PHE E 287 64.32 -0.47 -30.70
CA PHE E 287 62.91 -0.37 -30.37
C PHE E 287 62.32 0.94 -30.90
N LEU E 288 61.21 0.83 -31.63
CA LEU E 288 60.48 2.00 -32.09
C LEU E 288 59.00 1.82 -31.84
N SER E 289 58.31 2.94 -31.61
CA SER E 289 56.85 2.93 -31.42
C SER E 289 56.13 2.64 -32.72
N VAL E 290 55.41 1.54 -32.72
CA VAL E 290 54.52 1.19 -33.81
C VAL E 290 53.26 0.63 -33.14
N PRO E 291 52.11 0.73 -33.81
CA PRO E 291 50.90 0.13 -33.26
C PRO E 291 51.05 -1.36 -32.92
N CYS E 292 51.00 -1.67 -31.63
CA CYS E 292 51.09 -3.05 -31.16
C CYS E 292 49.80 -3.47 -30.48
N VAL E 293 49.41 -4.73 -30.63
CA VAL E 293 48.38 -5.31 -29.79
C VAL E 293 49.02 -5.62 -28.43
N LEU E 294 48.31 -5.27 -27.36
CA LEU E 294 48.86 -5.41 -26.02
C LEU E 294 47.93 -6.18 -25.11
N GLY E 295 48.44 -7.24 -24.49
CA GLY E 295 47.59 -8.13 -23.72
C GLY E 295 48.32 -8.81 -22.58
N GLN E 296 47.74 -9.89 -22.05
CA GLN E 296 48.31 -10.52 -20.87
C GLN E 296 49.67 -11.13 -21.18
N ASN E 297 50.02 -11.17 -22.46
CA ASN E 297 51.34 -11.63 -22.87
C ASN E 297 52.13 -10.48 -23.51
N GLY E 298 51.59 -9.27 -23.37
CA GLY E 298 52.26 -8.10 -23.90
C GLY E 298 51.99 -7.89 -25.37
N ILE E 299 53.01 -7.44 -26.08
CA ILE E 299 52.94 -7.26 -27.53
C ILE E 299 52.87 -8.61 -28.24
N SER E 300 51.78 -8.82 -28.98
CA SER E 300 51.56 -10.10 -29.66
C SER E 300 51.52 -9.91 -31.17
N ASP E 301 51.17 -8.70 -31.60
CA ASP E 301 51.05 -8.39 -33.01
C ASP E 301 51.34 -6.91 -33.24
N VAL E 302 51.83 -6.59 -34.42
CA VAL E 302 51.99 -5.19 -34.80
C VAL E 302 51.08 -4.86 -35.98
N VAL E 303 50.48 -3.69 -35.95
CA VAL E 303 49.77 -3.18 -37.12
C VAL E 303 50.81 -2.68 -38.10
N LYS E 304 50.71 -3.11 -39.34
CA LYS E 304 51.62 -2.61 -40.35
C LYS E 304 51.06 -1.34 -40.98
N VAL E 305 51.45 -0.21 -40.41
CA VAL E 305 51.04 1.09 -40.91
C VAL E 305 51.72 1.40 -42.24
N THR E 306 50.93 1.86 -43.20
CA THR E 306 51.41 2.13 -44.55
C THR E 306 52.04 3.52 -44.65
N LEU E 307 53.36 3.55 -44.85
CA LEU E 307 54.08 4.81 -44.74
C LEU E 307 54.51 5.41 -46.08
N THR E 308 54.66 6.72 -46.11
CA THR E 308 55.24 7.39 -47.27
C THR E 308 56.76 7.26 -47.21
N SER E 309 57.37 7.11 -48.39
CA SER E 309 58.81 6.90 -48.46
C SER E 309 59.59 7.86 -47.59
N GLU E 310 59.12 9.10 -47.48
CA GLU E 310 59.77 10.06 -46.60
C GLU E 310 59.65 9.64 -45.15
N GLU E 311 58.45 9.24 -44.75
CA GLU E 311 58.24 8.73 -43.41
C GLU E 311 59.10 7.50 -43.15
N GLU E 312 58.95 6.48 -43.99
CA GLU E 312 59.69 5.25 -43.79
C GLU E 312 61.18 5.55 -43.66
N ALA E 313 61.59 6.66 -44.28
CA ALA E 313 62.95 7.15 -44.15
C ALA E 313 63.18 7.50 -42.69
N HIS E 314 62.36 8.41 -42.17
CA HIS E 314 62.50 8.88 -40.80
C HIS E 314 62.73 7.73 -39.82
N LEU E 315 61.98 6.63 -39.99
CA LEU E 315 62.15 5.47 -39.12
C LEU E 315 63.53 4.89 -39.34
N LYS E 316 63.80 4.48 -40.58
CA LYS E 316 65.11 3.98 -40.97
C LYS E 316 66.20 4.79 -40.27
N LYS E 317 66.11 6.11 -40.36
CA LYS E 317 67.17 6.99 -39.89
C LYS E 317 67.22 7.01 -38.36
N SER E 318 66.06 6.82 -37.72
CA SER E 318 66.01 6.70 -36.26
C SER E 318 66.54 5.36 -35.79
N ALA E 319 66.26 4.31 -36.55
CA ALA E 319 66.73 2.97 -36.22
C ALA E 319 68.23 2.86 -36.44
N ASP E 320 68.81 3.86 -37.10
CA ASP E 320 70.26 3.96 -37.19
C ASP E 320 70.78 4.72 -35.97
N THR E 321 70.24 5.90 -35.75
CA THR E 321 70.63 6.71 -34.60
C THR E 321 70.63 5.84 -33.35
N LEU E 322 69.56 5.06 -33.18
CA LEU E 322 69.41 4.23 -32.01
C LEU E 322 70.53 3.21 -31.91
N TRP E 323 70.79 2.52 -33.02
CA TRP E 323 71.84 1.51 -33.04
C TRP E 323 73.19 2.12 -32.71
N GLY E 324 73.39 3.37 -33.13
CA GLY E 324 74.69 4.01 -32.98
C GLY E 324 75.04 4.24 -31.52
N ILE E 325 74.03 4.57 -30.73
CA ILE E 325 74.21 4.80 -29.30
C ILE E 325 74.32 3.47 -28.56
N GLN E 326 73.48 2.52 -28.95
CA GLN E 326 73.43 1.24 -28.26
C GLN E 326 74.78 0.54 -28.36
N LYS E 327 75.43 0.67 -29.53
CA LYS E 327 76.76 0.12 -29.76
C LYS E 327 77.76 0.59 -28.72
N GLU E 328 77.73 1.88 -28.42
CA GLU E 328 78.70 2.49 -27.51
C GLU E 328 78.36 2.24 -26.04
N LEU E 329 77.18 1.68 -25.78
CA LEU E 329 76.81 1.32 -24.42
C LEU E 329 77.51 0.03 -24.03
N GLN E 330 77.90 -0.08 -22.77
CA GLN E 330 78.51 -1.31 -22.28
C GLN E 330 77.79 -1.96 -21.09
N PHE E 331 77.52 -3.25 -21.24
CA PHE E 331 76.92 -4.04 -20.16
C PHE E 331 78.02 -4.77 -19.40
N ALA F 1 46.47 -13.35 -49.89
CA ALA F 1 46.77 -12.61 -48.63
C ALA F 1 45.48 -12.10 -47.99
N ALA F 2 45.13 -12.68 -46.84
CA ALA F 2 43.92 -12.28 -46.11
C ALA F 2 44.04 -10.85 -45.58
N LEU F 3 42.93 -10.12 -45.56
CA LEU F 3 42.96 -8.76 -45.05
C LEU F 3 43.64 -8.71 -43.69
N LYS F 4 43.21 -9.59 -42.78
CA LYS F 4 43.79 -9.65 -41.44
C LYS F 4 45.30 -9.60 -41.55
N ASP F 5 45.84 -10.43 -42.44
CA ASP F 5 47.28 -10.61 -42.57
C ASP F 5 48.03 -9.40 -43.13
N GLN F 6 47.42 -8.69 -44.07
CA GLN F 6 48.05 -7.50 -44.64
C GLN F 6 48.20 -6.41 -43.58
N LEU F 7 47.28 -6.42 -42.62
CA LEU F 7 47.14 -5.33 -41.66
C LEU F 7 48.02 -5.58 -40.42
N ILE F 8 48.10 -6.84 -40.03
CA ILE F 8 48.71 -7.24 -38.76
C ILE F 8 49.76 -8.30 -39.01
N HIS F 9 50.97 -8.05 -38.54
CA HIS F 9 51.98 -9.11 -38.48
C HIS F 9 51.89 -9.83 -37.13
N ASN F 10 51.64 -11.13 -37.17
CA ASN F 10 51.55 -11.94 -35.95
C ASN F 10 52.94 -12.20 -35.34
N LEU F 11 52.99 -12.42 -34.03
CA LEU F 11 54.26 -12.54 -33.31
C LEU F 11 54.22 -13.54 -32.15
N LEU F 12 53.03 -14.00 -31.78
CA LEU F 12 52.91 -15.02 -30.75
C LEU F 12 51.81 -16.02 -31.08
N LYS F 13 52.09 -17.29 -30.83
CA LYS F 13 51.04 -18.30 -30.81
C LYS F 13 50.48 -18.36 -29.40
N GLU F 14 49.15 -18.47 -29.29
CA GLU F 14 48.45 -18.14 -28.06
C GLU F 14 48.86 -16.75 -27.57
N VAL F 17 45.15 -19.37 -22.13
CA VAL F 17 44.80 -19.59 -20.72
C VAL F 17 44.36 -18.32 -20.00
N PRO F 18 43.17 -18.36 -19.36
CA PRO F 18 42.55 -17.28 -18.59
C PRO F 18 43.13 -17.11 -17.20
N GLN F 19 43.06 -15.89 -16.67
CA GLN F 19 43.73 -15.59 -15.41
C GLN F 19 42.80 -15.01 -14.35
N ASN F 20 41.82 -14.23 -14.76
CA ASN F 20 40.86 -13.67 -13.82
C ASN F 20 39.43 -14.08 -14.19
N LYS F 21 39.23 -15.39 -14.36
CA LYS F 21 38.04 -15.92 -15.03
C LYS F 21 36.91 -16.26 -14.07
N ILE F 22 35.71 -15.81 -14.42
CA ILE F 22 34.52 -16.09 -13.62
C ILE F 22 33.48 -16.78 -14.47
N THR F 23 32.78 -17.74 -13.87
CA THR F 23 31.66 -18.37 -14.56
C THR F 23 30.37 -18.11 -13.79
N VAL F 24 29.28 -17.89 -14.52
CA VAL F 24 27.94 -17.96 -13.92
C VAL F 24 27.19 -19.17 -14.50
N VAL F 25 26.80 -20.08 -13.61
CA VAL F 25 26.00 -21.25 -13.95
C VAL F 25 24.52 -20.89 -13.81
N GLY F 26 23.77 -20.95 -14.92
CA GLY F 26 22.38 -20.53 -14.91
C GLY F 26 22.19 -19.20 -15.60
N VAL F 27 21.45 -19.18 -16.71
CA VAL F 27 21.30 -17.97 -17.51
C VAL F 27 19.94 -17.33 -17.31
N GLY F 28 19.32 -17.61 -16.17
CA GLY F 28 18.05 -17.00 -15.86
C GLY F 28 18.26 -15.57 -15.39
N ALA F 29 17.20 -14.96 -14.89
CA ALA F 29 17.25 -13.56 -14.52
C ALA F 29 18.27 -13.34 -13.40
N VAL F 30 18.24 -14.17 -12.37
CA VAL F 30 19.25 -14.04 -11.34
C VAL F 30 20.63 -14.10 -11.98
N GLY F 31 20.94 -15.22 -12.64
CA GLY F 31 22.23 -15.38 -13.29
C GLY F 31 22.68 -14.26 -14.23
N MET F 32 21.77 -13.75 -15.06
CA MET F 32 22.11 -12.71 -16.02
C MET F 32 22.35 -11.39 -15.31
N ALA F 33 21.69 -11.21 -14.16
CA ALA F 33 21.91 -10.00 -13.36
C ALA F 33 23.27 -10.04 -12.71
N CYS F 34 23.65 -11.23 -12.25
CA CYS F 34 25.02 -11.48 -11.79
C CYS F 34 26.00 -11.23 -12.93
N ALA F 35 25.68 -11.72 -14.13
CA ALA F 35 26.58 -11.57 -15.27
C ALA F 35 26.87 -10.11 -15.59
N ILE F 36 25.84 -9.32 -15.84
CA ILE F 36 26.07 -7.93 -16.24
C ILE F 36 26.72 -7.15 -15.09
N SER F 37 26.31 -7.43 -13.86
CA SER F 37 26.89 -6.71 -12.74
C SER F 37 28.39 -6.92 -12.78
N ILE F 38 28.81 -8.19 -12.90
CA ILE F 38 30.21 -8.54 -12.94
C ILE F 38 30.91 -7.86 -14.12
N LEU F 39 30.30 -7.90 -15.28
CA LEU F 39 30.92 -7.32 -16.46
C LEU F 39 31.09 -5.82 -16.29
N MET F 40 30.19 -5.19 -15.56
CA MET F 40 30.24 -3.73 -15.44
C MET F 40 31.11 -3.25 -14.30
N LYS F 41 31.51 -4.17 -13.43
CA LYS F 41 32.50 -3.82 -12.42
C LYS F 41 33.94 -4.24 -12.76
N ASP F 42 34.16 -4.86 -13.92
CA ASP F 42 35.52 -5.22 -14.35
C ASP F 42 36.21 -6.25 -13.43
N LEU F 43 35.51 -7.31 -13.05
CA LEU F 43 36.07 -8.28 -12.12
C LEU F 43 36.83 -9.41 -12.80
N ALA F 44 36.50 -9.69 -14.06
CA ALA F 44 37.09 -10.81 -14.78
C ALA F 44 37.65 -10.39 -16.14
N ASP F 45 38.67 -11.08 -16.61
CA ASP F 45 39.09 -10.90 -18.00
C ASP F 45 38.40 -11.93 -18.91
N GLU F 46 37.67 -12.85 -18.30
CA GLU F 46 36.86 -13.80 -19.04
C GLU F 46 35.58 -14.17 -18.30
N LEU F 47 34.45 -14.09 -19.00
CA LEU F 47 33.18 -14.56 -18.44
C LEU F 47 32.61 -15.71 -19.27
N ALA F 48 32.31 -16.82 -18.58
CA ALA F 48 31.66 -17.96 -19.19
C ALA F 48 30.29 -18.27 -18.55
N LEU F 49 29.30 -18.49 -19.41
CA LEU F 49 27.94 -18.85 -19.00
C LEU F 49 27.68 -20.34 -19.30
N VAL F 50 26.80 -20.94 -18.52
CA VAL F 50 26.42 -22.32 -18.75
C VAL F 50 25.00 -22.61 -18.26
N ASP F 51 24.11 -22.89 -19.20
CA ASP F 51 22.79 -23.41 -18.87
C ASP F 51 22.54 -24.70 -19.68
N VAL F 52 21.37 -25.31 -19.48
CA VAL F 52 20.95 -26.40 -20.35
C VAL F 52 20.16 -25.86 -21.52
N MET F 53 19.42 -24.79 -21.27
CA MET F 53 18.66 -24.16 -22.32
C MET F 53 19.59 -23.64 -23.40
N GLU F 54 20.09 -24.56 -24.22
CA GLU F 54 21.02 -24.24 -25.29
C GLU F 54 20.72 -22.93 -26.00
N ASP F 55 19.45 -22.70 -26.30
CA ASP F 55 19.04 -21.54 -27.08
C ASP F 55 19.17 -20.22 -26.33
N LYS F 56 18.65 -20.18 -25.12
CA LYS F 56 18.74 -18.99 -24.30
C LYS F 56 20.21 -18.67 -24.02
N LEU F 57 20.98 -19.71 -23.72
CA LEU F 57 22.40 -19.55 -23.41
C LEU F 57 23.13 -18.84 -24.55
N LYS F 58 22.92 -19.32 -25.78
CA LYS F 58 23.57 -18.73 -26.93
C LYS F 58 23.12 -17.27 -27.09
N GLY F 59 21.83 -17.02 -26.91
CA GLY F 59 21.31 -15.68 -27.07
C GLY F 59 21.91 -14.67 -26.10
N GLU F 60 21.92 -15.02 -24.82
CA GLU F 60 22.49 -14.14 -23.81
C GLU F 60 23.94 -13.81 -24.18
N MET F 61 24.73 -14.85 -24.39
CA MET F 61 26.13 -14.68 -24.75
C MET F 61 26.26 -13.65 -25.83
N MET F 62 25.51 -13.85 -26.93
CA MET F 62 25.53 -12.92 -28.04
C MET F 62 25.14 -11.51 -27.60
N ASP F 63 24.08 -11.40 -26.80
CA ASP F 63 23.70 -10.08 -26.31
C ASP F 63 24.85 -9.44 -25.56
N LEU F 64 25.47 -10.18 -24.65
CA LEU F 64 26.56 -9.62 -23.88
C LEU F 64 27.73 -9.24 -24.78
N GLN F 65 27.97 -10.02 -25.81
CA GLN F 65 29.14 -9.80 -26.66
C GLN F 65 29.02 -8.52 -27.47
N HIS F 66 27.80 -8.18 -27.86
CA HIS F 66 27.58 -7.03 -28.70
C HIS F 66 27.90 -5.76 -27.91
N GLY F 67 27.99 -5.91 -26.60
CA GLY F 67 28.29 -4.76 -25.77
C GLY F 67 29.76 -4.55 -25.46
N SER F 68 30.63 -5.35 -26.08
CA SER F 68 32.05 -5.35 -25.77
C SER F 68 32.74 -3.99 -25.94
N LEU F 69 32.19 -3.16 -26.81
CA LEU F 69 32.76 -1.83 -27.02
C LEU F 69 32.71 -1.00 -25.75
N PHE F 70 31.74 -1.29 -24.88
CA PHE F 70 31.52 -0.51 -23.69
C PHE F 70 31.98 -1.28 -22.47
N LEU F 71 32.48 -2.49 -22.70
CA LEU F 71 33.03 -3.30 -21.61
C LEU F 71 34.56 -3.35 -21.65
N ARG F 72 35.13 -3.98 -20.64
CA ARG F 72 36.58 -4.13 -20.53
C ARG F 72 36.89 -5.57 -20.16
N THR F 73 35.93 -6.44 -20.41
CA THR F 73 36.09 -7.86 -20.21
C THR F 73 36.19 -8.51 -21.58
N PRO F 74 37.41 -8.91 -21.97
CA PRO F 74 37.75 -9.22 -23.37
C PRO F 74 37.06 -10.45 -23.93
N LYS F 75 36.79 -11.44 -23.08
CA LYS F 75 36.28 -12.70 -23.56
C LYS F 75 35.03 -13.16 -22.82
N ILE F 76 33.98 -13.43 -23.60
CA ILE F 76 32.75 -13.95 -23.03
C ILE F 76 32.38 -15.16 -23.88
N VAL F 77 32.27 -16.33 -23.25
CA VAL F 77 31.97 -17.55 -23.98
C VAL F 77 30.74 -18.22 -23.38
N SER F 78 30.28 -19.30 -24.01
CA SER F 78 29.24 -20.08 -23.40
C SER F 78 29.03 -21.40 -24.11
N GLY F 79 28.28 -22.29 -23.46
CA GLY F 79 27.97 -23.57 -24.05
C GLY F 79 27.34 -24.50 -23.04
N LYS F 80 26.78 -25.59 -23.54
CA LYS F 80 26.13 -26.61 -22.71
C LYS F 80 27.19 -27.48 -22.02
N ASP F 81 28.38 -27.54 -22.62
CA ASP F 81 29.47 -28.38 -22.13
C ASP F 81 30.43 -27.60 -21.22
N TYR F 82 30.64 -28.13 -20.01
CA TYR F 82 31.35 -27.43 -18.95
C TYR F 82 32.86 -27.27 -19.19
N SER F 83 33.31 -27.50 -20.41
CA SER F 83 34.70 -27.23 -20.75
C SER F 83 34.91 -25.71 -20.95
N VAL F 84 33.86 -25.00 -21.30
CA VAL F 84 33.96 -23.56 -21.51
C VAL F 84 34.25 -22.83 -20.20
N THR F 85 34.00 -23.51 -19.08
CA THR F 85 34.15 -22.92 -17.76
C THR F 85 35.44 -23.38 -17.09
N ALA F 86 36.34 -23.97 -17.86
CA ALA F 86 37.55 -24.54 -17.29
C ALA F 86 38.46 -23.43 -16.76
N ASN F 87 39.19 -23.74 -15.69
CA ASN F 87 40.17 -22.80 -15.15
C ASN F 87 39.53 -21.48 -14.77
N SER F 88 38.44 -21.54 -14.02
CA SER F 88 37.79 -20.34 -13.52
C SER F 88 38.20 -20.14 -12.06
N LYS F 89 38.53 -18.92 -11.67
CA LYS F 89 38.91 -18.66 -10.29
C LYS F 89 37.66 -18.70 -9.41
N LEU F 90 36.50 -18.47 -10.02
CA LEU F 90 35.24 -18.26 -9.30
C LEU F 90 34.04 -18.77 -10.08
N VAL F 91 33.17 -19.53 -9.41
CA VAL F 91 31.99 -20.07 -10.05
C VAL F 91 30.73 -19.81 -9.24
N ILE F 92 29.76 -19.16 -9.87
CA ILE F 92 28.55 -18.70 -9.20
C ILE F 92 27.37 -19.55 -9.68
N ILE F 93 26.72 -20.24 -8.74
CA ILE F 93 25.67 -21.19 -9.07
C ILE F 93 24.29 -20.57 -8.86
N THR F 94 23.60 -20.30 -9.97
CA THR F 94 22.30 -19.65 -9.92
C THR F 94 21.27 -20.55 -10.56
N ALA F 95 21.57 -21.84 -10.64
CA ALA F 95 20.70 -22.79 -11.30
C ALA F 95 19.62 -23.27 -10.35
N GLY F 96 18.47 -23.63 -10.89
CA GLY F 96 17.47 -24.30 -10.09
C GLY F 96 16.25 -24.68 -10.91
N ALA F 97 15.45 -25.58 -10.37
CA ALA F 97 14.23 -26.00 -11.05
C ALA F 97 13.09 -25.01 -10.80
N ARG F 98 12.15 -24.95 -11.73
CA ARG F 98 10.91 -24.23 -11.49
C ARG F 98 9.86 -25.12 -10.82
N GLN F 99 9.22 -24.55 -9.81
CA GLN F 99 8.24 -25.26 -8.98
C GLN F 99 6.99 -25.54 -9.79
N GLN F 100 6.40 -26.71 -9.57
CA GLN F 100 5.18 -27.06 -10.27
C GLN F 100 4.16 -27.71 -9.35
N GLU F 101 2.97 -27.96 -9.89
CA GLU F 101 1.83 -28.47 -9.12
C GLU F 101 2.23 -29.22 -7.84
N GLY F 102 1.52 -28.94 -6.75
CA GLY F 102 1.72 -29.72 -5.55
C GLY F 102 1.66 -31.20 -5.91
N GLU F 103 2.22 -32.05 -5.06
CA GLU F 103 2.98 -31.62 -3.88
C GLU F 103 4.32 -31.03 -4.29
N SER F 104 5.22 -30.96 -3.32
CA SER F 104 6.61 -30.62 -3.54
C SER F 104 7.24 -30.09 -2.26
N ARG F 105 7.66 -28.84 -2.31
CA ARG F 105 8.63 -28.29 -1.38
C ARG F 105 9.83 -29.22 -1.18
N LEU F 106 9.66 -30.26 -0.38
CA LEU F 106 10.76 -31.17 -0.15
C LEU F 106 11.14 -31.83 -1.46
N ASN F 107 10.21 -31.85 -2.41
CA ASN F 107 10.50 -32.34 -3.76
C ASN F 107 11.24 -31.29 -4.60
N LEU F 108 10.84 -30.03 -4.46
CA LEU F 108 11.48 -28.94 -5.19
C LEU F 108 12.96 -28.89 -4.81
N VAL F 109 13.23 -29.12 -3.53
CA VAL F 109 14.60 -29.06 -3.01
C VAL F 109 15.37 -30.32 -3.38
N GLN F 110 14.65 -31.39 -3.72
CA GLN F 110 15.27 -32.60 -4.24
C GLN F 110 15.70 -32.41 -5.68
N ARG F 111 14.78 -31.91 -6.50
CA ARG F 111 15.05 -31.69 -7.90
C ARG F 111 16.22 -30.75 -8.08
N ASN F 112 16.36 -29.78 -7.18
CA ASN F 112 17.48 -28.85 -7.21
C ASN F 112 18.79 -29.55 -6.84
N VAL F 113 18.77 -30.39 -5.81
CA VAL F 113 19.93 -31.21 -5.52
C VAL F 113 20.31 -32.06 -6.72
N ASN F 114 19.34 -32.72 -7.34
CA ASN F 114 19.63 -33.55 -8.48
C ASN F 114 20.35 -32.73 -9.55
N ILE F 115 19.96 -31.46 -9.66
CA ILE F 115 20.58 -30.55 -10.62
C ILE F 115 22.04 -30.33 -10.22
N PHE F 116 22.29 -30.22 -8.92
CA PHE F 116 23.65 -29.99 -8.43
C PHE F 116 24.49 -31.24 -8.62
N LYS F 117 23.86 -32.40 -8.50
CA LYS F 117 24.55 -33.67 -8.66
C LYS F 117 25.12 -33.80 -10.06
N PHE F 118 24.39 -33.30 -11.05
CA PHE F 118 24.94 -33.21 -12.40
C PHE F 118 25.95 -32.08 -12.53
N ILE F 119 25.61 -30.91 -11.98
CA ILE F 119 26.41 -29.71 -12.20
C ILE F 119 27.75 -29.71 -11.46
N ILE F 120 27.71 -29.65 -10.14
CA ILE F 120 28.90 -29.36 -9.35
C ILE F 120 30.10 -30.25 -9.64
N PRO F 121 29.86 -31.54 -9.94
CA PRO F 121 30.95 -32.41 -10.40
C PRO F 121 31.59 -31.89 -11.68
N ASN F 122 30.78 -31.37 -12.59
CA ASN F 122 31.28 -30.81 -13.84
C ASN F 122 32.11 -29.55 -13.63
N VAL F 123 31.73 -28.71 -12.68
CA VAL F 123 32.47 -27.49 -12.40
C VAL F 123 33.80 -27.84 -11.77
N VAL F 124 33.74 -28.75 -10.81
CA VAL F 124 34.92 -29.20 -10.06
C VAL F 124 35.93 -29.86 -11.00
N LYS F 125 35.43 -30.41 -12.10
CA LYS F 125 36.26 -31.12 -13.03
C LYS F 125 37.17 -30.13 -13.72
N TYR F 126 36.59 -29.07 -14.27
CA TYR F 126 37.33 -28.14 -15.13
C TYR F 126 37.91 -26.96 -14.37
N SER F 127 37.41 -26.71 -13.17
CA SER F 127 37.99 -25.68 -12.30
C SER F 127 38.17 -26.20 -10.88
N PRO F 128 39.10 -27.14 -10.69
CA PRO F 128 39.33 -27.91 -9.46
C PRO F 128 39.61 -27.02 -8.26
N HIS F 129 40.26 -25.89 -8.51
CA HIS F 129 40.77 -25.03 -7.46
C HIS F 129 39.89 -23.81 -7.21
N CYS F 130 38.78 -23.71 -7.93
CA CYS F 130 37.94 -22.52 -7.88
C CYS F 130 37.35 -22.34 -6.49
N LYS F 131 36.68 -21.21 -6.27
CA LYS F 131 35.75 -21.09 -5.18
C LYS F 131 34.36 -21.27 -5.76
N LEU F 132 33.47 -21.90 -5.00
CA LEU F 132 32.06 -21.99 -5.41
C LEU F 132 31.20 -21.00 -4.64
N LEU F 133 30.34 -20.30 -5.37
CA LEU F 133 29.40 -19.36 -4.77
C LEU F 133 27.99 -19.77 -5.15
N VAL F 134 27.26 -20.30 -4.18
CA VAL F 134 25.90 -20.81 -4.40
C VAL F 134 24.86 -19.74 -4.12
N VAL F 135 24.00 -19.50 -5.10
CA VAL F 135 22.96 -18.49 -4.98
C VAL F 135 21.58 -19.12 -4.97
N SER F 136 21.35 -20.03 -5.91
CA SER F 136 20.13 -20.84 -5.97
C SER F 136 19.49 -21.07 -4.60
N ASN F 137 18.17 -21.08 -4.56
CA ASN F 137 17.43 -21.24 -3.31
C ASN F 137 16.84 -22.64 -3.13
N PRO F 138 16.79 -23.11 -1.88
CA PRO F 138 17.19 -22.33 -0.70
C PRO F 138 18.70 -22.34 -0.51
N VAL F 139 19.27 -21.19 -0.15
CA VAL F 139 20.70 -20.97 -0.27
C VAL F 139 21.57 -21.74 0.74
N ASP F 140 21.11 -21.89 1.97
CA ASP F 140 21.88 -22.64 2.96
C ASP F 140 21.92 -24.15 2.64
N ILE F 141 20.75 -24.78 2.50
CA ILE F 141 20.69 -26.19 2.14
C ILE F 141 21.56 -26.43 0.90
N LEU F 142 21.27 -25.71 -0.17
CA LEU F 142 21.91 -25.95 -1.45
C LEU F 142 23.39 -25.56 -1.49
N THR F 143 23.83 -24.77 -0.52
CA THR F 143 25.26 -24.46 -0.43
C THR F 143 25.95 -25.59 0.31
N TYR F 144 25.21 -26.25 1.19
CA TYR F 144 25.67 -27.49 1.79
C TYR F 144 25.84 -28.57 0.74
N VAL F 145 24.84 -28.70 -0.13
CA VAL F 145 24.86 -29.72 -1.16
C VAL F 145 26.03 -29.54 -2.11
N ALA F 146 26.36 -28.29 -2.41
CA ALA F 146 27.51 -27.99 -3.27
C ALA F 146 28.81 -28.29 -2.55
N TRP F 147 28.83 -28.04 -1.24
CA TRP F 147 29.98 -28.38 -0.41
C TRP F 147 30.22 -29.89 -0.47
N LYS F 148 29.22 -30.64 -0.01
CA LYS F 148 29.29 -32.08 0.12
C LYS F 148 29.60 -32.76 -1.22
N ILE F 149 28.83 -32.42 -2.25
CA ILE F 149 29.05 -32.98 -3.59
C ILE F 149 30.47 -32.68 -4.09
N SER F 150 30.98 -31.50 -3.77
CA SER F 150 32.23 -31.02 -4.35
C SER F 150 33.44 -31.62 -3.66
N GLY F 151 33.30 -31.94 -2.39
CA GLY F 151 34.44 -32.34 -1.60
C GLY F 151 35.41 -31.21 -1.30
N PHE F 152 35.14 -30.01 -1.82
CA PHE F 152 36.00 -28.86 -1.54
C PHE F 152 36.07 -28.63 -0.04
N PRO F 153 37.17 -28.03 0.41
CA PRO F 153 37.24 -27.54 1.80
C PRO F 153 36.22 -26.41 2.00
N LYS F 154 35.76 -26.24 3.24
CA LYS F 154 34.64 -25.34 3.49
C LYS F 154 34.98 -23.89 3.15
N ASN F 155 36.26 -23.53 3.22
CA ASN F 155 36.64 -22.17 2.86
C ASN F 155 36.43 -21.86 1.39
N ARG F 156 36.19 -22.87 0.57
CA ARG F 156 35.98 -22.61 -0.86
C ARG F 156 34.54 -22.83 -1.30
N VAL F 157 33.64 -23.01 -0.35
CA VAL F 157 32.22 -23.10 -0.67
C VAL F 157 31.47 -22.01 0.06
N ILE F 158 31.19 -20.91 -0.63
CA ILE F 158 30.53 -19.79 0.01
C ILE F 158 29.06 -19.73 -0.39
N GLY F 159 28.18 -19.56 0.61
CA GLY F 159 26.78 -19.35 0.30
C GLY F 159 26.46 -17.87 0.35
N SER F 160 25.77 -17.35 -0.65
CA SER F 160 25.48 -15.92 -0.67
C SER F 160 24.56 -15.61 0.49
N GLY F 161 23.64 -16.53 0.78
CA GLY F 161 22.95 -16.49 2.04
C GLY F 161 22.37 -15.12 2.39
N CYS F 162 22.94 -14.48 3.41
CA CYS F 162 22.29 -13.31 4.00
C CYS F 162 22.90 -11.96 3.64
N ASN F 163 23.59 -11.87 2.51
CA ASN F 163 24.31 -10.64 2.17
C ASN F 163 23.32 -9.57 1.71
N LEU F 164 22.40 -9.95 0.82
CA LEU F 164 21.42 -9.02 0.30
C LEU F 164 20.44 -8.57 1.37
N ASP F 165 19.96 -9.51 2.18
CA ASP F 165 19.04 -9.20 3.28
C ASP F 165 19.61 -8.12 4.18
N SER F 166 20.91 -8.18 4.39
CA SER F 166 21.57 -7.14 5.15
C SER F 166 21.62 -5.84 4.35
N ALA F 167 21.81 -5.95 3.04
CA ALA F 167 21.75 -4.76 2.19
C ALA F 167 20.36 -4.10 2.30
N ARG F 168 19.31 -4.86 2.02
CA ARG F 168 17.94 -4.37 2.15
C ARG F 168 17.75 -3.73 3.53
N PHE F 169 18.19 -4.42 4.56
CA PHE F 169 18.03 -3.96 5.93
C PHE F 169 18.63 -2.58 6.11
N ARG F 170 19.88 -2.43 5.67
CA ARG F 170 20.60 -1.15 5.78
C ARG F 170 19.93 -0.06 4.97
N TYR F 171 19.40 -0.43 3.80
CA TYR F 171 18.65 0.50 2.97
C TYR F 171 17.45 1.06 3.71
N LEU F 172 16.64 0.16 4.27
CA LEU F 172 15.39 0.56 4.92
C LEU F 172 15.68 1.25 6.23
N MET F 173 16.67 0.74 6.95
CA MET F 173 17.18 1.44 8.11
C MET F 173 17.51 2.89 7.74
N GLY F 174 18.09 3.08 6.56
CA GLY F 174 18.52 4.41 6.14
C GLY F 174 17.40 5.30 5.63
N GLU F 175 16.40 4.71 5.02
CA GLU F 175 15.21 5.45 4.62
C GLU F 175 14.53 6.08 5.82
N ARG F 176 14.42 5.30 6.91
CA ARG F 176 13.81 5.76 8.15
C ARG F 176 14.62 6.86 8.85
N LEU F 177 15.94 6.91 8.58
CA LEU F 177 16.84 7.80 9.32
C LEU F 177 17.35 8.97 8.50
N GLY F 178 17.27 8.88 7.18
CA GLY F 178 17.72 9.97 6.36
C GLY F 178 19.21 9.95 6.13
N VAL F 179 19.76 8.75 6.03
CA VAL F 179 21.20 8.53 5.85
C VAL F 179 21.40 7.40 4.84
N HIS F 180 22.41 7.52 4.00
CA HIS F 180 22.64 6.49 2.97
C HIS F 180 22.94 5.12 3.57
N ALA F 181 22.52 4.07 2.88
CA ALA F 181 22.76 2.71 3.35
C ALA F 181 24.21 2.51 3.81
N LEU F 182 25.16 3.11 3.10
CA LEU F 182 26.58 2.97 3.43
C LEU F 182 26.90 3.40 4.85
N SER F 183 26.00 4.14 5.47
CA SER F 183 26.29 4.67 6.80
C SER F 183 25.38 4.07 7.85
N CYS F 184 24.46 3.21 7.41
CA CYS F 184 23.65 2.45 8.35
C CYS F 184 24.25 1.07 8.54
N HIS F 185 24.43 0.67 9.78
CA HIS F 185 25.08 -0.60 10.07
C HIS F 185 24.20 -1.53 10.86
N GLY F 186 23.99 -2.72 10.31
CA GLY F 186 23.16 -3.71 10.96
C GLY F 186 23.32 -5.04 10.25
N TRP F 187 23.07 -6.12 10.96
CA TRP F 187 23.36 -7.43 10.42
C TRP F 187 22.21 -8.42 10.57
N ILE F 188 21.82 -9.00 9.46
CA ILE F 188 20.89 -10.12 9.45
C ILE F 188 21.74 -11.39 9.37
N LEU F 189 21.67 -12.23 10.40
CA LEU F 189 22.52 -13.40 10.46
C LEU F 189 21.73 -14.68 10.47
N GLY F 190 22.39 -15.77 10.11
CA GLY F 190 21.78 -17.08 10.24
C GLY F 190 21.08 -17.57 8.99
N GLU F 191 19.91 -18.16 9.17
CA GLU F 191 19.17 -18.80 8.09
C GLU F 191 18.53 -17.76 7.17
N HIS F 192 18.93 -17.74 5.91
CA HIS F 192 18.26 -16.93 4.90
C HIS F 192 16.79 -17.34 4.84
N GLY F 193 15.88 -16.37 4.96
CA GLY F 193 14.46 -16.68 5.01
C GLY F 193 13.72 -16.15 6.23
N ASP F 194 12.61 -16.78 6.59
CA ASP F 194 11.81 -16.36 7.75
C ASP F 194 12.61 -16.48 9.05
N SER F 195 13.58 -17.38 9.06
CA SER F 195 14.26 -17.73 10.30
C SER F 195 15.37 -16.77 10.66
N SER F 196 15.74 -15.89 9.72
CA SER F 196 16.93 -15.07 9.87
C SER F 196 16.84 -14.18 11.10
N VAL F 197 17.98 -13.86 11.66
CA VAL F 197 18.05 -13.18 12.94
C VAL F 197 18.56 -11.74 12.80
N PRO F 198 17.72 -10.73 13.12
CA PRO F 198 18.18 -9.34 13.21
C PRO F 198 19.03 -9.10 14.46
N VAL F 199 20.29 -8.71 14.28
CA VAL F 199 21.13 -8.47 15.45
C VAL F 199 21.03 -7.03 15.95
N TRP F 200 19.95 -6.77 16.68
CA TRP F 200 19.58 -5.41 17.08
C TRP F 200 20.68 -4.68 17.85
N SER F 201 21.53 -5.45 18.51
CA SER F 201 22.50 -4.87 19.43
C SER F 201 23.67 -4.25 18.69
N GLY F 202 23.83 -4.61 17.42
CA GLY F 202 24.93 -4.06 16.63
C GLY F 202 24.52 -2.95 15.66
N MET F 203 23.23 -2.67 15.57
CA MET F 203 22.76 -1.59 14.70
C MET F 203 23.23 -0.22 15.19
N ASN F 204 23.89 0.51 14.29
CA ASN F 204 24.50 1.77 14.66
C ASN F 204 24.66 2.67 13.45
N VAL F 205 24.78 3.97 13.72
CA VAL F 205 25.27 4.93 12.76
C VAL F 205 26.45 5.63 13.44
N ALA F 206 27.58 5.70 12.73
CA ALA F 206 28.75 6.41 13.22
C ALA F 206 29.23 5.77 14.51
N GLY F 207 28.82 4.53 14.71
CA GLY F 207 29.23 3.82 15.91
C GLY F 207 28.41 4.25 17.10
N VAL F 208 27.28 4.90 16.84
CA VAL F 208 26.32 5.16 17.90
C VAL F 208 25.38 3.98 18.01
N SER F 209 25.57 3.15 19.02
CA SER F 209 24.67 2.02 19.24
C SER F 209 23.22 2.48 19.31
N LEU F 210 22.39 1.92 18.45
CA LEU F 210 20.99 2.30 18.36
C LEU F 210 20.20 1.68 19.49
N LYS F 211 20.50 0.42 19.78
CA LYS F 211 19.91 -0.29 20.89
C LYS F 211 20.15 0.46 22.19
N THR F 212 21.33 1.04 22.35
CA THR F 212 21.68 1.70 23.59
C THR F 212 20.85 2.97 23.79
N LEU F 213 20.60 3.67 22.69
CA LEU F 213 19.76 4.86 22.71
C LEU F 213 18.31 4.49 22.98
N HIS F 214 17.84 3.45 22.30
CA HIS F 214 16.43 3.08 22.33
C HIS F 214 16.31 1.60 22.71
N PRO F 215 16.21 1.33 24.02
CA PRO F 215 16.29 -0.03 24.58
C PRO F 215 15.21 -0.96 24.05
N GLU F 216 14.10 -0.38 23.63
CA GLU F 216 12.97 -1.18 23.13
C GLU F 216 13.23 -1.73 21.73
N LEU F 217 14.42 -1.46 21.20
CA LEU F 217 14.73 -1.79 19.82
C LEU F 217 14.68 -3.31 19.57
N GLY F 218 13.86 -3.72 18.61
CA GLY F 218 13.77 -5.14 18.29
C GLY F 218 12.72 -5.89 19.08
N THR F 219 12.23 -5.28 20.17
CA THR F 219 11.20 -5.91 21.01
C THR F 219 9.79 -5.60 20.52
N ASP F 220 8.82 -6.37 21.00
CA ASP F 220 7.43 -6.14 20.65
C ASP F 220 6.86 -5.00 21.48
N ALA F 221 7.56 -4.67 22.57
CA ALA F 221 7.27 -3.47 23.32
C ALA F 221 7.51 -2.24 22.44
N ASP F 222 8.46 -2.37 21.52
CA ASP F 222 8.91 -1.25 20.68
C ASP F 222 7.76 -0.46 20.05
N LYS F 223 7.53 0.74 20.56
CA LYS F 223 6.48 1.60 20.01
C LYS F 223 6.74 1.98 18.56
N GLU F 224 7.99 1.87 18.12
CA GLU F 224 8.36 2.25 16.76
C GLU F 224 8.42 1.07 15.81
N GLN F 225 8.15 -0.12 16.31
CA GLN F 225 7.91 -1.27 15.45
C GLN F 225 9.08 -1.54 14.52
N TRP F 226 10.30 -1.43 15.06
CA TRP F 226 11.49 -1.65 14.25
C TRP F 226 11.60 -3.09 13.75
N LYS F 227 10.93 -4.02 14.44
CA LYS F 227 10.87 -5.39 13.97
C LYS F 227 10.31 -5.45 12.56
N GLN F 228 9.41 -4.53 12.23
CA GLN F 228 8.78 -4.50 10.91
C GLN F 228 9.82 -4.33 9.82
N VAL F 229 10.93 -3.67 10.15
CA VAL F 229 12.03 -3.53 9.21
C VAL F 229 12.61 -4.90 8.86
N HIS F 230 12.88 -5.70 9.87
CA HIS F 230 13.34 -7.07 9.65
C HIS F 230 12.27 -7.84 8.88
N LYS F 231 11.03 -7.69 9.32
CA LYS F 231 9.92 -8.37 8.69
C LYS F 231 9.82 -7.97 7.23
N GLN F 232 10.11 -6.72 6.95
CA GLN F 232 10.14 -6.23 5.58
C GLN F 232 11.28 -6.87 4.79
N VAL F 233 12.45 -7.02 5.40
CA VAL F 233 13.56 -7.71 4.75
C VAL F 233 13.21 -9.15 4.38
N VAL F 234 12.52 -9.83 5.28
CA VAL F 234 12.18 -11.22 5.05
C VAL F 234 11.14 -11.38 3.95
N ASP F 235 10.28 -10.39 3.78
CA ASP F 235 9.23 -10.46 2.77
C ASP F 235 9.53 -9.65 1.52
N SER F 236 10.63 -8.90 1.55
CA SER F 236 10.99 -8.06 0.41
C SER F 236 10.90 -8.86 -0.88
N ALA F 237 11.56 -10.02 -0.91
CA ALA F 237 11.68 -10.78 -2.14
C ALA F 237 10.32 -11.25 -2.61
N TYR F 238 9.52 -11.74 -1.67
CA TYR F 238 8.18 -12.20 -2.00
C TYR F 238 7.38 -11.04 -2.62
N GLU F 239 7.51 -9.86 -2.01
CA GLU F 239 6.89 -8.65 -2.53
C GLU F 239 7.41 -8.24 -3.93
N VAL F 240 8.70 -8.43 -4.21
CA VAL F 240 9.19 -8.13 -5.55
C VAL F 240 8.69 -9.16 -6.58
N ILE F 241 8.78 -10.44 -6.23
CA ILE F 241 8.23 -11.48 -7.11
C ILE F 241 6.78 -11.17 -7.44
N LYS F 242 6.02 -10.78 -6.42
CA LYS F 242 4.60 -10.53 -6.61
C LYS F 242 4.43 -9.45 -7.66
N LEU F 243 5.33 -8.47 -7.64
CA LEU F 243 5.19 -7.25 -8.43
C LEU F 243 5.74 -7.31 -9.86
N LYS F 244 6.93 -7.91 -10.05
CA LYS F 244 7.49 -8.03 -11.39
C LYS F 244 7.71 -9.47 -11.85
N GLY F 245 7.53 -10.42 -10.94
CA GLY F 245 7.50 -11.82 -11.34
C GLY F 245 8.74 -12.59 -10.96
N TYR F 246 9.77 -11.87 -10.55
CA TYR F 246 11.05 -12.44 -10.15
C TYR F 246 11.90 -11.31 -9.55
N THR F 247 13.14 -11.62 -9.18
CA THR F 247 14.00 -10.58 -8.62
C THR F 247 15.38 -10.77 -9.22
N THR F 248 16.03 -9.69 -9.61
CA THR F 248 17.29 -9.82 -10.32
C THR F 248 18.35 -8.81 -9.90
N TRP F 249 17.96 -7.56 -9.83
CA TRP F 249 18.95 -6.51 -9.83
C TRP F 249 19.71 -6.46 -8.53
N ALA F 250 19.00 -6.62 -7.42
CA ALA F 250 19.62 -6.46 -6.11
C ALA F 250 20.52 -7.65 -5.77
N ILE F 251 20.06 -8.87 -6.05
CA ILE F 251 20.88 -10.04 -5.79
C ILE F 251 22.10 -10.03 -6.70
N GLY F 252 21.92 -9.53 -7.92
CA GLY F 252 23.02 -9.42 -8.85
C GLY F 252 24.12 -8.53 -8.33
N LEU F 253 23.74 -7.36 -7.84
CA LEU F 253 24.71 -6.47 -7.23
C LEU F 253 25.33 -7.16 -6.01
N SER F 254 24.48 -7.79 -5.19
CA SER F 254 24.92 -8.47 -3.96
C SER F 254 26.03 -9.47 -4.30
N VAL F 255 25.79 -10.26 -5.33
CA VAL F 255 26.73 -11.30 -5.72
C VAL F 255 28.05 -10.68 -6.19
N ALA F 256 27.97 -9.67 -7.04
CA ALA F 256 29.18 -9.04 -7.60
C ALA F 256 30.02 -8.41 -6.50
N ASP F 257 29.36 -7.97 -5.42
CA ASP F 257 30.08 -7.36 -4.32
C ASP F 257 30.94 -8.45 -3.72
N LEU F 258 30.34 -9.63 -3.61
CA LEU F 258 31.01 -10.80 -3.08
C LEU F 258 32.13 -11.22 -4.01
N ALA F 259 31.83 -11.28 -5.30
CA ALA F 259 32.85 -11.51 -6.31
C ALA F 259 34.01 -10.54 -6.11
N GLU F 260 33.68 -9.27 -5.90
CA GLU F 260 34.72 -8.25 -5.79
C GLU F 260 35.67 -8.51 -4.64
N SER F 261 35.13 -8.90 -3.49
CA SER F 261 35.96 -9.22 -2.34
C SER F 261 36.88 -10.41 -2.63
N ILE F 262 36.39 -11.38 -3.41
CA ILE F 262 37.15 -12.59 -3.73
C ILE F 262 38.26 -12.27 -4.74
N MET F 263 37.88 -11.81 -5.93
CA MET F 263 38.82 -11.54 -7.01
C MET F 263 39.92 -10.53 -6.66
N LYS F 264 39.70 -9.72 -5.63
CA LYS F 264 40.62 -8.65 -5.27
C LYS F 264 41.15 -8.90 -3.87
N ASN F 265 40.77 -10.02 -3.29
CA ASN F 265 41.32 -10.42 -2.01
C ASN F 265 41.13 -9.38 -0.90
N LEU F 266 39.95 -8.75 -0.85
CA LEU F 266 39.74 -7.59 0.02
C LEU F 266 39.74 -7.91 1.51
N ARG F 267 39.45 -9.15 1.87
CA ARG F 267 39.28 -9.50 3.28
C ARG F 267 38.27 -8.55 3.92
N ARG F 268 37.14 -8.34 3.26
CA ARG F 268 36.04 -7.61 3.85
C ARG F 268 35.16 -8.57 4.64
N VAL F 269 34.36 -8.04 5.55
CA VAL F 269 33.44 -8.88 6.30
C VAL F 269 32.03 -8.79 5.73
N HIS F 270 31.50 -9.93 5.31
CA HIS F 270 30.14 -9.97 4.77
C HIS F 270 29.31 -10.94 5.61
N PRO F 271 27.99 -10.70 5.70
CA PRO F 271 27.04 -11.66 6.26
C PRO F 271 26.68 -12.70 5.19
N ILE F 272 27.54 -13.69 5.02
CA ILE F 272 27.27 -14.76 4.08
C ILE F 272 27.20 -16.10 4.81
N SER F 273 26.68 -17.10 4.12
CA SER F 273 26.49 -18.43 4.70
C SER F 273 27.73 -19.30 4.52
N THR F 274 28.21 -19.84 5.64
CA THR F 274 29.39 -20.69 5.65
C THR F 274 29.12 -21.97 6.48
N MET F 275 30.03 -22.93 6.40
CA MET F 275 29.95 -24.12 7.25
C MET F 275 30.31 -23.72 8.69
N LEU F 276 29.39 -23.91 9.63
CA LEU F 276 29.62 -23.39 10.96
C LEU F 276 29.36 -24.38 12.08
N LYS F 277 29.65 -25.64 11.85
CA LYS F 277 29.58 -26.62 12.92
C LYS F 277 30.75 -26.37 13.87
N GLY F 278 30.45 -26.24 15.16
CA GLY F 278 31.49 -25.98 16.14
C GLY F 278 31.66 -24.51 16.47
N LEU F 279 30.89 -23.66 15.78
CA LEU F 279 30.85 -22.22 16.07
C LEU F 279 29.46 -21.82 16.53
N TYR F 280 29.38 -20.83 17.41
CA TYR F 280 28.10 -20.32 17.88
C TYR F 280 27.28 -21.41 18.55
N GLY F 281 27.96 -22.38 19.16
CA GLY F 281 27.26 -23.42 19.91
C GLY F 281 26.42 -24.30 19.02
N ILE F 282 26.64 -24.19 17.72
CA ILE F 282 26.01 -25.06 16.74
C ILE F 282 26.77 -26.37 16.62
N LYS F 283 26.02 -27.45 16.53
CA LYS F 283 26.56 -28.79 16.71
C LYS F 283 26.75 -29.52 15.39
N GLU F 284 25.97 -29.12 14.38
CA GLU F 284 25.79 -29.94 13.20
C GLU F 284 26.39 -29.39 11.91
N ASP F 285 26.41 -30.24 10.89
CA ASP F 285 26.93 -29.87 9.57
C ASP F 285 25.85 -29.12 8.78
N VAL F 286 25.61 -27.87 9.13
CA VAL F 286 24.71 -27.02 8.34
C VAL F 286 25.32 -25.65 8.08
N PHE F 287 24.89 -25.02 7.00
CA PHE F 287 25.40 -23.70 6.62
C PHE F 287 24.50 -22.57 7.11
N LEU F 288 25.10 -21.58 7.76
CA LEU F 288 24.39 -20.38 8.21
C LEU F 288 25.18 -19.12 7.85
N SER F 289 24.50 -17.97 7.81
CA SER F 289 25.21 -16.71 7.63
C SER F 289 25.71 -16.13 8.95
N VAL F 290 27.00 -15.88 8.99
CA VAL F 290 27.64 -15.17 10.09
C VAL F 290 28.59 -14.21 9.41
N PRO F 291 29.14 -13.23 10.15
CA PRO F 291 30.11 -12.34 9.53
C PRO F 291 31.43 -13.04 9.17
N CYS F 292 31.68 -13.21 7.88
CA CYS F 292 32.89 -13.89 7.39
C CYS F 292 33.85 -12.91 6.71
N VAL F 293 35.14 -13.00 7.05
CA VAL F 293 36.15 -12.28 6.31
C VAL F 293 36.33 -13.00 4.99
N LEU F 294 36.15 -12.28 3.89
CA LEU F 294 36.11 -12.87 2.56
C LEU F 294 37.26 -12.35 1.69
N GLY F 295 37.85 -13.26 0.90
CA GLY F 295 39.06 -12.89 0.17
C GLY F 295 39.43 -13.92 -0.89
N GLN F 296 40.69 -13.91 -1.31
CA GLN F 296 41.16 -14.74 -2.41
C GLN F 296 41.04 -16.23 -2.10
N ASN F 297 41.00 -16.57 -0.82
CA ASN F 297 40.79 -17.96 -0.42
C ASN F 297 39.39 -18.19 0.15
N GLY F 298 38.41 -17.38 -0.30
CA GLY F 298 37.06 -17.50 0.21
C GLY F 298 36.97 -17.09 1.67
N ILE F 299 36.23 -17.86 2.46
CA ILE F 299 36.05 -17.57 3.87
C ILE F 299 37.22 -18.10 4.71
N SER F 300 37.98 -17.19 5.30
CA SER F 300 39.18 -17.53 6.07
C SER F 300 38.99 -17.32 7.56
N ASP F 301 38.15 -16.36 7.91
CA ASP F 301 37.84 -16.09 9.31
C ASP F 301 36.34 -15.89 9.46
N VAL F 302 35.83 -16.05 10.68
CA VAL F 302 34.53 -15.50 11.04
C VAL F 302 34.61 -14.64 12.30
N VAL F 303 33.82 -13.58 12.31
CA VAL F 303 33.70 -12.74 13.48
C VAL F 303 32.72 -13.38 14.46
N LYS F 304 33.16 -13.59 15.69
CA LYS F 304 32.28 -14.08 16.75
C LYS F 304 31.42 -12.96 17.33
N VAL F 305 30.16 -12.91 16.90
CA VAL F 305 29.21 -11.92 17.38
C VAL F 305 28.63 -12.33 18.72
N THR F 306 28.80 -11.49 19.73
CA THR F 306 28.14 -11.70 21.01
C THR F 306 26.62 -11.68 20.85
N LEU F 307 25.99 -12.84 20.93
CA LEU F 307 24.53 -12.94 20.88
C LEU F 307 23.92 -12.93 22.27
N THR F 308 22.63 -12.63 22.33
CA THR F 308 21.84 -12.83 23.55
C THR F 308 21.44 -14.30 23.69
N SER F 309 20.93 -14.67 24.86
CA SER F 309 20.34 -15.99 25.05
C SER F 309 19.43 -16.31 23.89
N GLU F 310 18.49 -15.41 23.63
CA GLU F 310 17.44 -15.65 22.65
C GLU F 310 18.01 -15.83 21.25
N GLU F 311 18.78 -14.85 20.81
CA GLU F 311 19.40 -14.89 19.48
C GLU F 311 20.08 -16.25 19.29
N GLU F 312 20.83 -16.67 20.29
CA GLU F 312 21.48 -17.97 20.25
C GLU F 312 20.51 -19.07 19.85
N ALA F 313 19.31 -19.00 20.43
CA ALA F 313 18.35 -20.10 20.34
C ALA F 313 17.79 -20.19 18.94
N HIS F 314 17.50 -19.05 18.32
CA HIS F 314 17.05 -19.04 16.94
C HIS F 314 18.05 -19.81 16.10
N LEU F 315 19.33 -19.51 16.29
CA LEU F 315 20.39 -20.11 15.51
C LEU F 315 20.46 -21.62 15.73
N LYS F 316 20.28 -22.03 16.99
CA LYS F 316 20.34 -23.45 17.33
C LYS F 316 19.14 -24.21 16.77
N LYS F 317 17.96 -23.58 16.79
CA LYS F 317 16.77 -24.22 16.25
C LYS F 317 16.84 -24.24 14.72
N SER F 318 17.40 -23.18 14.16
CA SER F 318 17.61 -23.11 12.72
C SER F 318 18.62 -24.17 12.26
N ALA F 319 19.71 -24.30 13.01
CA ALA F 319 20.67 -25.37 12.78
C ALA F 319 19.91 -26.69 12.71
N ASP F 320 19.25 -27.05 13.82
CA ASP F 320 18.43 -28.27 13.88
C ASP F 320 17.63 -28.49 12.60
N THR F 321 16.80 -27.51 12.27
CA THR F 321 15.91 -27.60 11.11
C THR F 321 16.66 -27.95 9.83
N LEU F 322 17.67 -27.14 9.51
CA LEU F 322 18.45 -27.33 8.30
C LEU F 322 19.19 -28.65 8.34
N TRP F 323 19.21 -29.29 9.51
CA TRP F 323 19.79 -30.62 9.63
C TRP F 323 18.78 -31.71 9.32
N GLY F 324 17.53 -31.48 9.72
CA GLY F 324 16.49 -32.43 9.44
C GLY F 324 16.14 -32.46 7.97
N ILE F 325 16.31 -31.32 7.31
CA ILE F 325 16.01 -31.23 5.89
C ILE F 325 17.07 -31.93 5.04
N GLN F 326 18.33 -31.78 5.45
CA GLN F 326 19.44 -32.37 4.70
C GLN F 326 19.39 -33.90 4.69
N LYS F 327 18.96 -34.49 5.80
CA LYS F 327 18.82 -35.94 5.88
C LYS F 327 17.72 -36.43 4.94
N GLU F 328 16.75 -35.57 4.66
CA GLU F 328 15.71 -35.87 3.68
C GLU F 328 16.28 -36.11 2.29
N LEU F 329 17.35 -35.40 1.96
CA LEU F 329 17.87 -35.38 0.59
C LEU F 329 18.68 -36.63 0.24
N GLN F 330 18.65 -36.99 -1.03
CA GLN F 330 19.36 -38.15 -1.53
C GLN F 330 20.48 -37.73 -2.47
N PHE F 331 21.71 -38.06 -2.10
CA PHE F 331 22.88 -37.58 -2.81
C PHE F 331 23.37 -38.54 -3.90
N ALA G 1 37.40 26.98 -47.34
CA ALA G 1 36.94 26.85 -45.93
C ALA G 1 38.03 26.26 -45.05
N ALA G 2 38.02 26.62 -43.77
CA ALA G 2 38.94 26.04 -42.81
C ALA G 2 38.70 24.55 -42.73
N LEU G 3 39.65 23.80 -42.18
CA LEU G 3 39.55 22.35 -42.10
C LEU G 3 38.49 21.91 -41.10
N LYS G 4 38.42 22.58 -39.96
CA LYS G 4 37.40 22.27 -38.97
C LYS G 4 36.01 22.45 -39.59
N ASP G 5 35.84 23.53 -40.32
CA ASP G 5 34.56 23.86 -40.94
C ASP G 5 34.19 22.93 -42.07
N GLN G 6 35.19 22.39 -42.77
CA GLN G 6 34.94 21.39 -43.81
C GLN G 6 34.41 20.11 -43.17
N LEU G 7 34.89 19.81 -41.97
CA LEU G 7 34.65 18.52 -41.35
C LEU G 7 33.41 18.52 -40.47
N ILE G 8 33.15 19.65 -39.82
CA ILE G 8 32.05 19.75 -38.87
C ILE G 8 31.10 20.87 -39.30
N HIS G 9 29.81 20.56 -39.36
CA HIS G 9 28.82 21.60 -39.53
C HIS G 9 28.21 21.90 -38.17
N ASN G 10 28.40 23.13 -37.70
CA ASN G 10 27.84 23.58 -36.42
C ASN G 10 26.33 23.83 -36.57
N LEU G 11 25.53 23.21 -35.72
CA LEU G 11 24.08 23.44 -35.74
C LEU G 11 23.57 24.22 -34.52
N LEU G 12 24.44 24.44 -33.53
CA LEU G 12 24.02 25.10 -32.30
C LEU G 12 25.04 26.13 -31.84
N LYS G 13 24.55 27.23 -31.29
CA LYS G 13 25.44 28.26 -30.77
C LYS G 13 25.99 27.94 -29.39
N GLU G 14 27.31 27.83 -29.30
CA GLU G 14 28.05 27.73 -28.03
C GLU G 14 27.27 28.27 -26.83
N GLU G 15 27.37 27.57 -25.71
CA GLU G 15 26.68 27.94 -24.49
C GLU G 15 27.32 27.19 -23.34
N HIS G 16 28.47 27.67 -22.87
CA HIS G 16 29.11 26.99 -21.76
C HIS G 16 28.63 27.47 -20.39
N VAL G 17 27.77 26.65 -19.79
CA VAL G 17 27.52 26.68 -18.36
C VAL G 17 27.78 25.31 -17.80
N PRO G 18 28.85 25.16 -17.01
CA PRO G 18 29.19 23.88 -16.38
C PRO G 18 28.13 23.54 -15.33
N GLN G 19 27.83 22.25 -15.20
CA GLN G 19 26.76 21.83 -14.31
C GLN G 19 27.31 21.17 -13.06
N ASN G 20 28.56 20.71 -13.16
CA ASN G 20 29.18 20.01 -12.05
C ASN G 20 30.63 20.44 -11.92
N LYS G 21 30.85 21.76 -11.89
CA LYS G 21 32.19 22.28 -11.82
C LYS G 21 32.75 22.20 -10.41
N ILE G 22 34.00 21.76 -10.31
CA ILE G 22 34.74 21.82 -9.06
C ILE G 22 36.04 22.61 -9.25
N THR G 23 36.34 23.50 -8.30
CA THR G 23 37.58 24.30 -8.29
C THR G 23 38.47 23.85 -7.14
N VAL G 24 39.78 23.95 -7.33
CA VAL G 24 40.71 23.68 -6.25
C VAL G 24 41.68 24.83 -6.10
N VAL G 25 41.60 25.52 -4.98
CA VAL G 25 42.49 26.63 -4.70
C VAL G 25 43.76 26.07 -4.06
N GLY G 26 44.90 26.38 -4.65
CA GLY G 26 46.15 25.77 -4.22
C GLY G 26 46.58 24.60 -5.08
N VAL G 27 47.76 24.73 -5.70
CA VAL G 27 48.28 23.68 -6.57
C VAL G 27 49.59 23.15 -6.02
N GLY G 28 49.65 23.06 -4.70
CA GLY G 28 50.73 22.31 -4.06
C GLY G 28 50.38 20.83 -4.01
N ALA G 29 51.28 20.05 -3.46
CA ALA G 29 51.04 18.62 -3.34
C ALA G 29 49.59 18.32 -2.97
N VAL G 30 49.13 18.79 -1.81
CA VAL G 30 47.75 18.54 -1.39
C VAL G 30 46.77 18.82 -2.51
N GLY G 31 46.73 20.09 -2.94
CA GLY G 31 45.79 20.49 -3.97
C GLY G 31 45.83 19.65 -5.22
N MET G 32 47.03 19.22 -5.66
CA MET G 32 47.11 18.42 -6.87
C MET G 32 46.64 17.00 -6.62
N ALA G 33 46.92 16.49 -5.44
CA ALA G 33 46.48 15.15 -5.05
C ALA G 33 44.96 15.14 -4.94
N CYS G 34 44.40 16.24 -4.45
CA CYS G 34 42.96 16.39 -4.51
C CYS G 34 42.47 16.38 -5.95
N ALA G 35 43.21 17.05 -6.83
CA ALA G 35 42.80 17.21 -8.22
C ALA G 35 42.85 15.89 -8.98
N ILE G 36 43.95 15.15 -8.87
CA ILE G 36 44.08 13.93 -9.65
C ILE G 36 43.03 12.94 -9.17
N SER G 37 42.74 12.97 -7.86
CA SER G 37 41.78 12.03 -7.30
C SER G 37 40.39 12.32 -7.78
N ILE G 38 39.98 13.59 -7.67
CA ILE G 38 38.69 14.06 -8.17
C ILE G 38 38.53 13.79 -9.67
N LEU G 39 39.64 13.75 -10.41
CA LEU G 39 39.59 13.56 -11.86
C LEU G 39 39.36 12.09 -12.22
N MET G 40 39.89 11.21 -11.38
CA MET G 40 39.85 9.78 -11.64
C MET G 40 38.57 9.19 -11.11
N LYS G 41 37.82 9.98 -10.33
CA LYS G 41 36.55 9.53 -9.77
C LYS G 41 35.35 10.03 -10.57
N ASP G 42 35.62 10.76 -11.65
CA ASP G 42 34.59 11.21 -12.57
C ASP G 42 33.55 12.11 -11.90
N LEU G 43 34.00 12.89 -10.95
CA LEU G 43 33.10 13.68 -10.12
C LEU G 43 32.69 15.02 -10.73
N ALA G 44 33.41 15.47 -11.77
CA ALA G 44 33.18 16.83 -12.31
C ALA G 44 33.13 16.88 -13.85
N ASP G 45 32.40 17.84 -14.41
CA ASP G 45 32.45 18.08 -15.84
C ASP G 45 33.37 19.25 -16.19
N GLU G 46 33.72 20.04 -15.17
CA GLU G 46 34.79 21.00 -15.32
C GLU G 46 35.64 21.12 -14.04
N LEU G 47 36.96 21.19 -14.23
CA LEU G 47 37.92 21.32 -13.13
C LEU G 47 38.75 22.59 -13.27
N ALA G 48 38.58 23.51 -12.33
CA ALA G 48 39.33 24.75 -12.35
C ALA G 48 40.37 24.80 -11.22
N LEU G 49 41.59 25.18 -11.57
CA LEU G 49 42.67 25.37 -10.60
C LEU G 49 42.97 26.84 -10.43
N VAL G 50 43.25 27.26 -9.21
CA VAL G 50 43.68 28.64 -8.95
C VAL G 50 44.88 28.65 -8.01
N ASP G 51 45.84 29.53 -8.32
CA ASP G 51 46.92 29.82 -7.38
C ASP G 51 47.45 31.22 -7.63
N VAL G 52 48.53 31.59 -6.95
CA VAL G 52 49.28 32.79 -7.30
C VAL G 52 50.60 32.45 -8.00
N MET G 53 51.09 31.24 -7.78
CA MET G 53 52.28 30.79 -8.47
C MET G 53 51.89 30.47 -9.91
N GLU G 54 51.99 31.46 -10.79
CA GLU G 54 51.37 31.42 -12.12
C GLU G 54 52.04 30.46 -13.10
N ASP G 55 53.33 30.21 -12.93
CA ASP G 55 54.03 29.19 -13.71
C ASP G 55 53.60 27.79 -13.27
N LYS G 56 53.69 27.52 -11.97
CA LYS G 56 53.36 26.21 -11.43
C LYS G 56 51.90 25.88 -11.77
N LEU G 57 51.06 26.91 -11.77
CA LEU G 57 49.64 26.73 -12.02
C LEU G 57 49.40 26.37 -13.48
N LYS G 58 50.07 27.09 -14.38
CA LYS G 58 49.98 26.81 -15.81
C LYS G 58 50.53 25.42 -16.18
N GLY G 59 51.55 24.95 -15.48
CA GLY G 59 52.13 23.67 -15.85
C GLY G 59 51.34 22.48 -15.34
N GLU G 60 50.66 22.65 -14.20
CA GLU G 60 49.86 21.57 -13.65
C GLU G 60 48.67 21.33 -14.56
N MET G 61 48.06 22.41 -15.01
CA MET G 61 46.95 22.37 -15.95
C MET G 61 47.31 21.61 -17.22
N MET G 62 48.39 22.05 -17.87
CA MET G 62 48.83 21.43 -19.12
C MET G 62 49.11 19.97 -18.91
N ASP G 63 49.67 19.61 -17.76
CA ASP G 63 50.00 18.22 -17.52
C ASP G 63 48.73 17.37 -17.37
N LEU G 64 47.78 17.86 -16.59
CA LEU G 64 46.51 17.18 -16.46
C LEU G 64 45.77 17.09 -17.81
N GLN G 65 45.72 18.19 -18.57
CA GLN G 65 45.02 18.21 -19.87
C GLN G 65 45.53 17.13 -20.84
N HIS G 66 46.84 16.90 -20.84
CA HIS G 66 47.42 15.89 -21.71
C HIS G 66 46.88 14.51 -21.34
N GLY G 67 46.23 14.44 -20.18
CA GLY G 67 45.61 13.20 -19.75
C GLY G 67 44.18 13.08 -20.21
N SER G 68 43.68 14.07 -20.94
CA SER G 68 42.26 14.13 -21.27
C SER G 68 41.75 12.87 -21.97
N LEU G 69 42.59 12.28 -22.81
CA LEU G 69 42.25 11.03 -23.50
C LEU G 69 41.90 9.89 -22.53
N PHE G 70 42.42 9.97 -21.31
CA PHE G 70 42.22 8.91 -20.32
C PHE G 70 41.20 9.27 -19.24
N LEU G 71 40.64 10.46 -19.33
CA LEU G 71 39.71 10.94 -18.31
C LEU G 71 38.32 11.13 -18.92
N ARG G 72 37.37 11.56 -18.11
CA ARG G 72 36.03 11.78 -18.60
C ARG G 72 35.54 13.10 -18.01
N THR G 73 36.47 14.06 -17.97
CA THR G 73 36.19 15.42 -17.51
C THR G 73 36.67 16.38 -18.59
N PRO G 74 35.76 16.92 -19.39
CA PRO G 74 36.11 17.62 -20.64
C PRO G 74 36.89 18.94 -20.53
N LYS G 75 36.53 19.79 -19.58
CA LYS G 75 37.19 21.09 -19.44
C LYS G 75 38.06 21.19 -18.18
N ILE G 76 39.32 21.56 -18.35
CA ILE G 76 40.24 21.85 -17.23
C ILE G 76 40.90 23.22 -17.41
N VAL G 77 40.60 24.16 -16.52
CA VAL G 77 41.10 25.52 -16.65
C VAL G 77 41.88 25.99 -15.40
N SER G 78 42.73 27.00 -15.58
CA SER G 78 43.46 27.60 -14.45
C SER G 78 43.63 29.12 -14.61
N GLY G 79 44.22 29.75 -13.61
CA GLY G 79 44.52 31.16 -13.71
C GLY G 79 44.56 31.87 -12.36
N LYS G 80 45.26 33.01 -12.32
CA LYS G 80 45.37 33.78 -11.10
C LYS G 80 44.07 34.52 -10.76
N ASP G 81 43.28 34.82 -11.79
CA ASP G 81 42.02 35.53 -11.65
C ASP G 81 40.83 34.58 -11.48
N TYR G 82 39.99 34.85 -10.48
CA TYR G 82 38.96 33.90 -10.06
C TYR G 82 37.76 33.77 -10.99
N SER G 83 37.80 34.47 -12.12
CA SER G 83 36.78 34.31 -13.15
C SER G 83 36.76 32.86 -13.66
N VAL G 84 37.87 32.16 -13.51
CA VAL G 84 37.91 30.76 -13.94
C VAL G 84 37.08 29.84 -13.04
N THR G 85 36.85 30.27 -11.80
CA THR G 85 36.14 29.43 -10.84
C THR G 85 34.64 29.66 -10.91
N ALA G 86 34.22 30.53 -11.82
CA ALA G 86 32.81 30.86 -11.95
C ALA G 86 31.99 29.57 -12.06
N ASN G 87 30.77 29.59 -11.53
CA ASN G 87 29.83 28.49 -11.69
C ASN G 87 30.24 27.21 -10.98
N SER G 88 31.17 27.31 -10.03
CA SER G 88 31.62 26.11 -9.34
C SER G 88 30.57 25.57 -8.38
N LYS G 89 30.36 24.25 -8.41
CA LYS G 89 29.49 23.60 -7.44
C LYS G 89 30.22 23.48 -6.10
N LEU G 90 31.51 23.18 -6.19
CA LEU G 90 32.32 22.88 -5.03
C LEU G 90 33.68 23.53 -5.20
N VAL G 91 34.14 24.20 -4.14
CA VAL G 91 35.36 24.98 -4.21
C VAL G 91 36.24 24.64 -3.02
N ILE G 92 37.31 23.90 -3.30
CA ILE G 92 38.12 23.28 -2.27
C ILE G 92 39.35 24.14 -1.98
N ILE G 93 39.49 24.56 -0.72
CA ILE G 93 40.54 25.49 -0.34
C ILE G 93 41.73 24.77 0.25
N THR G 94 42.80 24.65 -0.54
CA THR G 94 44.03 24.05 -0.01
C THR G 94 45.14 25.08 0.14
N ALA G 95 44.80 26.36 0.13
CA ALA G 95 45.80 27.43 0.07
C ALA G 95 46.35 27.68 1.46
N GLY G 96 47.57 28.20 1.52
CA GLY G 96 48.12 28.62 2.80
C GLY G 96 49.57 29.07 2.82
N ALA G 97 49.89 29.89 3.81
CA ALA G 97 51.27 30.24 4.12
C ALA G 97 51.83 29.17 5.03
N GLU G 103 57.11 31.73 14.09
CA GLU G 103 56.29 32.61 14.92
C GLU G 103 55.05 31.89 15.45
N SER G 104 54.15 32.63 16.06
CA SER G 104 53.13 32.07 16.95
C SER G 104 52.02 31.31 16.25
N ARG G 105 51.28 30.57 17.06
CA ARG G 105 49.95 30.13 16.67
C ARG G 105 49.17 31.35 16.19
N LEU G 106 49.31 32.46 16.91
CA LEU G 106 48.43 33.61 16.74
C LEU G 106 48.43 34.22 15.34
N ASN G 107 49.54 34.83 14.94
CA ASN G 107 49.55 35.67 13.75
C ASN G 107 50.08 35.02 12.47
N LEU G 108 50.72 33.85 12.59
CA LEU G 108 50.92 33.01 11.41
C LEU G 108 49.56 32.56 10.87
N VAL G 109 48.65 32.21 11.78
CA VAL G 109 47.27 31.97 11.42
C VAL G 109 46.66 33.21 10.78
N GLN G 110 47.04 34.38 11.27
CA GLN G 110 46.54 35.64 10.71
C GLN G 110 47.09 35.84 9.31
N ARG G 111 48.28 35.32 9.05
CA ARG G 111 48.80 35.31 7.69
C ARG G 111 47.93 34.44 6.78
N ASN G 112 47.62 33.23 7.25
CA ASN G 112 46.65 32.40 6.55
C ASN G 112 45.30 33.07 6.56
N VAL G 113 44.96 33.70 7.66
CA VAL G 113 43.73 34.49 7.69
C VAL G 113 43.82 35.56 6.61
N ASN G 114 44.98 36.20 6.52
CA ASN G 114 45.16 37.25 5.53
C ASN G 114 44.99 36.72 4.11
N ILE G 115 45.57 35.54 3.85
CA ILE G 115 45.34 34.83 2.60
C ILE G 115 43.86 34.63 2.32
N PHE G 116 43.12 34.21 3.34
CA PHE G 116 41.70 33.91 3.19
C PHE G 116 40.86 35.17 3.01
N LYS G 117 41.41 36.30 3.40
CA LYS G 117 40.75 37.58 3.19
C LYS G 117 40.74 37.95 1.70
N PHE G 118 41.76 37.52 0.97
CA PHE G 118 41.86 37.78 -0.45
C PHE G 118 41.07 36.75 -1.27
N ILE G 119 41.35 35.47 -1.06
CA ILE G 119 40.80 34.39 -1.87
C ILE G 119 39.28 34.22 -1.72
N ILE G 120 38.83 34.02 -0.49
CA ILE G 120 37.44 33.66 -0.21
C ILE G 120 36.43 34.64 -0.78
N PRO G 121 36.69 35.95 -0.66
CA PRO G 121 35.78 36.91 -1.29
C PRO G 121 35.75 36.83 -2.83
N ASN G 122 36.84 36.36 -3.43
CA ASN G 122 36.89 36.17 -4.87
C ASN G 122 36.09 34.92 -5.26
N VAL G 123 36.04 33.95 -4.35
CA VAL G 123 35.38 32.69 -4.59
C VAL G 123 33.87 32.83 -4.54
N VAL G 124 33.39 33.60 -3.57
CA VAL G 124 31.96 33.85 -3.43
C VAL G 124 31.47 34.81 -4.51
N LYS G 125 32.38 35.61 -5.05
CA LYS G 125 32.04 36.63 -6.03
C LYS G 125 31.60 35.89 -7.27
N TYR G 126 32.34 34.84 -7.59
CA TYR G 126 32.15 34.08 -8.81
C TYR G 126 31.29 32.83 -8.66
N SER G 127 31.39 32.17 -7.50
CA SER G 127 30.52 31.04 -7.20
C SER G 127 29.67 31.32 -5.97
N PRO G 128 28.66 32.19 -6.13
CA PRO G 128 27.79 32.65 -5.05
C PRO G 128 27.13 31.49 -4.31
N HIS G 129 26.98 30.37 -5.00
CA HIS G 129 26.11 29.32 -4.50
C HIS G 129 26.88 28.08 -4.05
N CYS G 130 28.18 28.06 -4.29
CA CYS G 130 29.00 26.88 -4.09
C CYS G 130 29.06 26.41 -2.63
N LYS G 131 29.50 25.16 -2.43
CA LYS G 131 29.91 24.68 -1.13
C LYS G 131 31.42 24.88 -0.98
N LEU G 132 31.82 25.35 0.19
CA LEU G 132 33.23 25.52 0.52
C LEU G 132 33.71 24.33 1.32
N LEU G 133 34.72 23.65 0.79
CA LEU G 133 35.43 22.60 1.52
C LEU G 133 36.86 23.02 1.77
N VAL G 134 37.17 23.35 3.03
CA VAL G 134 38.50 23.82 3.46
C VAL G 134 39.36 22.68 4.00
N VAL G 135 40.58 22.56 3.50
CA VAL G 135 41.52 21.55 3.97
C VAL G 135 42.64 22.16 4.83
N SER G 136 43.02 23.40 4.50
CA SER G 136 44.24 24.03 5.01
C SER G 136 44.34 24.12 6.53
N ASN G 137 45.51 23.80 7.06
CA ASN G 137 45.73 23.81 8.51
C ASN G 137 46.10 25.17 9.05
N PRO G 138 45.65 25.48 10.28
CA PRO G 138 44.79 24.61 11.09
C PRO G 138 43.36 24.61 10.59
N VAL G 139 42.87 23.45 10.14
CA VAL G 139 41.63 23.40 9.36
C VAL G 139 40.43 23.93 10.11
N ASP G 140 40.40 23.70 11.42
CA ASP G 140 39.23 24.09 12.19
C ASP G 140 39.16 25.59 12.31
N ILE G 141 40.29 26.21 12.62
CA ILE G 141 40.36 27.66 12.63
C ILE G 141 40.02 28.20 11.25
N LEU G 142 40.63 27.62 10.22
CA LEU G 142 40.56 28.17 8.87
C LEU G 142 39.19 27.99 8.22
N THR G 143 38.45 26.98 8.66
CA THR G 143 37.09 26.76 8.16
C THR G 143 36.18 27.77 8.85
N TYR G 144 36.53 28.09 10.10
CA TYR G 144 35.83 29.16 10.81
C TYR G 144 36.02 30.45 10.04
N VAL G 145 37.24 30.70 9.61
CA VAL G 145 37.57 31.95 8.92
C VAL G 145 36.81 32.08 7.61
N ALA G 146 36.94 31.07 6.74
CA ALA G 146 36.24 31.09 5.45
C ALA G 146 34.75 31.30 5.65
N TRP G 147 34.19 30.71 6.70
CA TRP G 147 32.76 30.85 7.01
C TRP G 147 32.39 32.29 7.31
N LYS G 148 33.15 32.92 8.21
CA LYS G 148 32.96 34.32 8.56
C LYS G 148 33.06 35.21 7.32
N ILE G 149 34.11 35.03 6.55
CA ILE G 149 34.34 35.91 5.42
C ILE G 149 33.26 35.77 4.33
N SER G 150 32.91 34.54 3.96
CA SER G 150 31.99 34.33 2.84
C SER G 150 30.55 34.80 3.10
N GLY G 151 30.16 34.83 4.37
CA GLY G 151 28.77 35.06 4.68
C GLY G 151 27.85 33.89 4.37
N PHE G 152 28.42 32.78 3.93
CA PHE G 152 27.63 31.58 3.64
C PHE G 152 26.89 31.03 4.85
N PRO G 153 25.71 30.45 4.61
CA PRO G 153 25.13 29.71 5.73
C PRO G 153 26.08 28.57 6.09
N LYS G 154 25.99 28.11 7.34
CA LYS G 154 26.98 27.19 7.89
C LYS G 154 26.98 25.85 7.19
N ASN G 155 25.84 25.48 6.61
CA ASN G 155 25.72 24.19 5.94
C ASN G 155 26.64 24.09 4.72
N ARG G 156 26.92 25.22 4.10
CA ARG G 156 27.70 25.22 2.88
C ARG G 156 29.17 25.57 3.07
N VAL G 157 29.63 25.61 4.32
CA VAL G 157 31.07 25.69 4.58
C VAL G 157 31.53 24.52 5.47
N ILE G 158 32.52 23.78 4.97
CA ILE G 158 32.86 22.45 5.47
C ILE G 158 34.38 22.33 5.58
N GLY G 159 34.87 21.87 6.74
CA GLY G 159 36.30 21.66 6.88
C GLY G 159 36.61 20.17 6.81
N SER G 160 37.67 19.81 6.09
CA SER G 160 38.01 18.39 5.89
C SER G 160 38.11 17.64 7.22
N GLY G 161 38.54 18.32 8.27
CA GLY G 161 38.36 17.81 9.61
C GLY G 161 39.16 16.58 9.99
N CYS G 162 38.51 15.69 10.73
CA CYS G 162 39.14 14.47 11.23
C CYS G 162 38.86 13.33 10.27
N ASN G 163 38.39 13.68 9.09
CA ASN G 163 37.93 12.68 8.15
C ASN G 163 39.09 11.76 7.80
N LEU G 164 40.25 12.34 7.51
CA LEU G 164 41.40 11.53 7.13
C LEU G 164 42.03 10.80 8.32
N ASP G 165 42.21 11.50 9.44
CA ASP G 165 42.66 10.86 10.66
C ASP G 165 41.81 9.60 10.91
N SER G 166 40.50 9.71 10.70
CA SER G 166 39.60 8.58 10.92
C SER G 166 39.83 7.45 9.92
N ALA G 167 40.18 7.83 8.70
CA ALA G 167 40.51 6.85 7.68
C ALA G 167 41.79 6.10 8.04
N ARG G 168 42.82 6.84 8.44
CA ARG G 168 44.08 6.24 8.86
C ARG G 168 43.83 5.28 10.02
N PHE G 169 42.92 5.66 10.91
CA PHE G 169 42.68 4.90 12.12
C PHE G 169 42.04 3.55 11.78
N ARG G 170 41.14 3.55 10.81
CA ARG G 170 40.47 2.34 10.39
C ARG G 170 41.47 1.45 9.70
N TYR G 171 42.37 2.05 8.94
CA TYR G 171 43.42 1.28 8.29
C TYR G 171 44.30 0.59 9.33
N LEU G 172 44.67 1.31 10.38
CA LEU G 172 45.50 0.73 11.44
C LEU G 172 44.70 -0.29 12.25
N MET G 173 43.41 -0.03 12.38
CA MET G 173 42.49 -0.98 12.97
C MET G 173 42.59 -2.29 12.18
N GLY G 174 42.73 -2.15 10.88
CA GLY G 174 42.68 -3.29 10.00
C GLY G 174 43.99 -4.06 9.86
N GLU G 175 45.08 -3.49 10.36
CA GLU G 175 46.35 -4.18 10.31
C GLU G 175 46.48 -5.05 11.55
N ARG G 176 45.91 -4.58 12.65
CA ARG G 176 45.88 -5.37 13.87
C ARG G 176 44.83 -6.49 13.79
N LEU G 177 43.70 -6.21 13.15
CA LEU G 177 42.58 -7.14 13.19
C LEU G 177 42.60 -8.09 12.01
N GLY G 178 43.33 -7.72 10.97
CA GLY G 178 43.48 -8.63 9.84
C GLY G 178 42.29 -8.62 8.91
N VAL G 179 41.46 -7.57 9.00
CA VAL G 179 40.45 -7.33 7.97
C VAL G 179 40.64 -5.95 7.38
N HIS G 180 39.95 -5.70 6.27
CA HIS G 180 40.12 -4.46 5.51
C HIS G 180 39.46 -3.27 6.21
N ALA G 181 40.05 -2.09 6.06
CA ALA G 181 39.53 -0.89 6.69
C ALA G 181 38.04 -0.65 6.44
N LEU G 182 37.53 -1.13 5.31
CA LEU G 182 36.12 -0.93 5.02
C LEU G 182 35.27 -1.63 6.07
N SER G 183 35.85 -2.64 6.70
CA SER G 183 35.09 -3.46 7.61
C SER G 183 35.49 -3.19 9.04
N CYS G 184 36.39 -2.24 9.21
CA CYS G 184 36.78 -1.81 10.55
C CYS G 184 36.22 -0.42 10.80
N HIS G 185 35.45 -0.27 11.87
CA HIS G 185 34.80 1.01 12.13
C HIS G 185 35.30 1.67 13.40
N GLY G 186 35.62 2.94 13.29
CA GLY G 186 36.04 3.73 14.44
C GLY G 186 35.96 5.20 14.07
N TRP G 187 35.64 6.04 15.04
CA TRP G 187 35.51 7.45 14.77
C TRP G 187 36.49 8.28 15.57
N ILE G 188 37.14 9.20 14.89
CA ILE G 188 37.97 10.20 15.52
C ILE G 188 37.35 11.59 15.33
N LEU G 189 36.97 12.22 16.43
CA LEU G 189 36.16 13.42 16.37
C LEU G 189 36.86 14.56 17.10
N GLY G 190 36.32 15.77 16.95
CA GLY G 190 36.79 16.89 17.75
C GLY G 190 37.71 17.84 17.00
N GLU G 191 38.67 18.39 17.72
CA GLU G 191 39.69 19.26 17.17
C GLU G 191 40.76 18.44 16.46
N HIS G 192 40.89 18.65 15.16
CA HIS G 192 41.80 17.89 14.29
C HIS G 192 43.23 18.00 14.78
N GLY G 193 43.89 16.85 14.95
CA GLY G 193 45.26 16.87 15.46
C GLY G 193 45.41 16.30 16.86
N ASP G 194 46.20 16.97 17.68
CA ASP G 194 46.62 16.40 18.94
C ASP G 194 45.48 16.10 19.89
N SER G 195 44.54 17.02 20.01
CA SER G 195 43.51 16.87 21.02
C SER G 195 42.20 16.31 20.46
N SER G 196 42.30 15.61 19.35
CA SER G 196 41.13 14.94 18.78
C SER G 196 40.71 13.85 19.75
N VAL G 197 39.51 13.32 19.56
CA VAL G 197 38.91 12.37 20.49
C VAL G 197 38.66 11.01 19.82
N PRO G 198 39.38 9.96 20.26
CA PRO G 198 39.08 8.62 19.75
C PRO G 198 37.88 8.01 20.48
N VAL G 199 36.80 7.76 19.75
CA VAL G 199 35.58 7.26 20.40
C VAL G 199 35.61 5.74 20.53
N TRP G 200 36.27 5.30 21.58
CA TRP G 200 36.44 3.89 21.89
C TRP G 200 35.15 3.07 21.85
N SER G 201 34.05 3.64 22.33
CA SER G 201 32.79 2.91 22.48
C SER G 201 32.12 2.64 21.14
N GLY G 202 32.59 3.33 20.09
CA GLY G 202 32.06 3.10 18.76
C GLY G 202 32.85 2.11 17.91
N MET G 203 34.13 1.92 18.24
CA MET G 203 35.01 1.06 17.44
C MET G 203 34.51 -0.39 17.41
N ASN G 204 34.39 -0.95 16.20
CA ASN G 204 33.70 -2.22 16.07
C ASN G 204 33.89 -2.86 14.68
N VAL G 205 33.84 -4.19 14.64
CA VAL G 205 33.72 -4.90 13.38
C VAL G 205 32.42 -5.68 13.35
N ALA G 206 31.64 -5.48 12.30
CA ALA G 206 30.35 -6.13 12.14
C ALA G 206 29.46 -5.94 13.38
N GLY G 207 29.55 -4.78 14.00
CA GLY G 207 28.63 -4.46 15.08
C GLY G 207 29.01 -5.08 16.41
N VAL G 208 30.23 -5.61 16.48
CA VAL G 208 30.75 -6.18 17.72
C VAL G 208 31.62 -5.13 18.41
N SER G 209 31.13 -4.60 19.53
CA SER G 209 31.84 -3.55 20.25
C SER G 209 33.16 -4.06 20.82
N LEU G 210 34.28 -3.52 20.35
CA LEU G 210 35.59 -3.92 20.86
C LEU G 210 35.76 -3.57 22.34
N LYS G 211 35.21 -2.45 22.76
CA LYS G 211 35.42 -1.96 24.11
C LYS G 211 34.73 -2.87 25.11
N THR G 212 33.63 -3.47 24.69
CA THR G 212 32.89 -4.41 25.52
C THR G 212 33.66 -5.74 25.61
N LEU G 213 34.19 -6.20 24.48
CA LEU G 213 35.07 -7.36 24.48
C LEU G 213 36.33 -7.15 25.31
N HIS G 214 36.63 -5.91 25.65
CA HIS G 214 37.98 -5.55 26.11
C HIS G 214 37.93 -4.15 26.73
N PRO G 215 37.32 -4.02 27.92
CA PRO G 215 37.05 -2.72 28.53
C PRO G 215 38.33 -1.94 28.78
N GLU G 216 39.46 -2.60 28.56
CA GLU G 216 40.74 -1.94 28.68
C GLU G 216 41.00 -1.03 27.48
N LEU G 217 40.31 -1.30 26.38
CA LEU G 217 40.57 -0.62 25.11
C LEU G 217 40.82 0.87 25.31
N GLY G 218 41.93 1.34 24.76
CA GLY G 218 42.21 2.77 24.75
C GLY G 218 42.67 3.32 26.09
N THR G 219 42.76 2.43 27.07
CA THR G 219 43.13 2.87 28.41
C THR G 219 44.63 2.70 28.60
N ASP G 220 45.16 3.29 29.66
CA ASP G 220 46.58 3.18 29.96
C ASP G 220 46.94 1.79 30.47
N ALA G 221 45.93 1.01 30.83
CA ALA G 221 46.12 -0.35 31.33
C ALA G 221 46.23 -1.35 30.18
N ASP G 222 45.95 -0.88 28.97
CA ASP G 222 45.77 -1.76 27.81
C ASP G 222 47.03 -2.58 27.53
N LYS G 223 46.92 -3.91 27.63
CA LYS G 223 48.03 -4.79 27.32
C LYS G 223 48.28 -4.79 25.82
N GLU G 224 47.40 -4.13 25.08
CA GLU G 224 47.56 -4.02 23.65
C GLU G 224 47.82 -2.57 23.26
N GLN G 225 47.98 -1.72 24.27
CA GLN G 225 48.20 -0.28 24.08
C GLN G 225 47.48 0.34 22.89
N TRP G 226 46.17 0.16 22.82
CA TRP G 226 45.43 0.71 21.70
C TRP G 226 45.49 2.23 21.66
N LYS G 227 45.75 2.83 22.81
CA LYS G 227 45.81 4.28 22.90
C LYS G 227 46.91 4.78 21.98
N GLN G 228 47.89 3.92 21.72
CA GLN G 228 49.01 4.27 20.85
C GLN G 228 48.56 4.28 19.38
N VAL G 229 47.53 3.49 19.08
CA VAL G 229 46.92 3.55 17.75
C VAL G 229 46.51 5.00 17.43
N HIS G 230 45.74 5.61 18.33
CA HIS G 230 45.35 7.01 18.17
C HIS G 230 46.58 7.92 18.08
N LYS G 231 47.59 7.65 18.88
CA LYS G 231 48.79 8.47 18.86
C LYS G 231 49.49 8.39 17.51
N GLN G 232 49.40 7.23 16.86
CA GLN G 232 50.06 7.02 15.57
C GLN G 232 49.34 7.80 14.47
N VAL G 233 48.02 7.88 14.60
CA VAL G 233 47.19 8.64 13.67
C VAL G 233 47.47 10.14 13.79
N VAL G 234 47.43 10.63 15.03
CA VAL G 234 47.78 12.01 15.32
C VAL G 234 49.17 12.36 14.80
N ASP G 235 50.12 11.43 14.95
CA ASP G 235 51.49 11.70 14.51
C ASP G 235 51.73 11.40 13.03
N SER G 236 50.73 10.81 12.36
CA SER G 236 50.90 10.27 11.01
C SER G 236 51.49 11.29 10.06
N ALA G 237 50.93 12.49 10.06
CA ALA G 237 51.32 13.50 9.09
C ALA G 237 52.77 13.91 9.31
N TYR G 238 53.19 13.87 10.56
CA TYR G 238 54.56 14.19 10.94
C TYR G 238 55.54 13.16 10.37
N GLU G 239 55.28 11.87 10.62
CA GLU G 239 56.19 10.84 10.15
C GLU G 239 56.29 10.81 8.62
N VAL G 240 55.19 11.15 7.95
CA VAL G 240 55.16 11.14 6.49
C VAL G 240 55.99 12.28 5.92
N ILE G 241 55.78 13.47 6.47
CA ILE G 241 56.58 14.63 6.08
C ILE G 241 58.05 14.38 6.40
N LYS G 242 58.29 13.66 7.50
CA LYS G 242 59.65 13.39 7.94
C LYS G 242 60.35 12.52 6.89
N LEU G 243 59.60 11.56 6.33
CA LEU G 243 60.16 10.58 5.40
C LEU G 243 60.29 11.11 3.96
N LYS G 244 59.19 11.64 3.42
CA LYS G 244 59.15 12.06 2.03
C LYS G 244 59.12 13.58 1.87
N GLY G 245 58.84 14.28 2.96
CA GLY G 245 58.90 15.72 2.93
C GLY G 245 57.55 16.41 2.97
N TYR G 246 56.46 15.64 2.91
CA TYR G 246 55.10 16.19 2.91
C TYR G 246 54.08 15.05 2.86
N THR G 247 52.80 15.39 2.89
CA THR G 247 51.73 14.41 2.64
C THR G 247 50.88 14.85 1.45
N THR G 248 50.31 13.89 0.73
CA THR G 248 49.46 14.22 -0.42
C THR G 248 48.31 13.25 -0.69
N TRP G 249 48.65 11.98 -0.85
CA TRP G 249 47.73 11.05 -1.49
C TRP G 249 46.54 10.73 -0.57
N ALA G 250 46.85 10.28 0.64
CA ALA G 250 45.81 9.98 1.62
C ALA G 250 44.85 11.14 1.69
N ILE G 251 45.40 12.34 1.77
CA ILE G 251 44.57 13.51 1.97
C ILE G 251 43.72 13.79 0.74
N GLY G 252 44.29 13.62 -0.45
CA GLY G 252 43.52 13.88 -1.65
C GLY G 252 42.39 12.89 -1.86
N LEU G 253 42.68 11.61 -1.71
CA LEU G 253 41.65 10.57 -1.82
C LEU G 253 40.50 10.81 -0.83
N SER G 254 40.83 11.26 0.38
CA SER G 254 39.79 11.48 1.37
C SER G 254 38.99 12.73 1.06
N VAL G 255 39.63 13.75 0.48
CA VAL G 255 38.87 14.91 -0.01
C VAL G 255 38.01 14.53 -1.22
N ALA G 256 38.49 13.55 -1.97
CA ALA G 256 37.73 13.09 -3.13
C ALA G 256 36.46 12.41 -2.62
N ASP G 257 36.61 11.65 -1.54
CA ASP G 257 35.49 10.93 -1.00
C ASP G 257 34.44 11.88 -0.46
N LEU G 258 34.86 13.05 0.03
CA LEU G 258 33.90 14.05 0.46
C LEU G 258 33.22 14.73 -0.75
N ALA G 259 34.04 15.15 -1.72
CA ALA G 259 33.54 15.72 -2.97
C ALA G 259 32.46 14.81 -3.52
N GLU G 260 32.68 13.50 -3.43
CA GLU G 260 31.77 12.55 -4.00
C GLU G 260 30.42 12.57 -3.28
N SER G 261 30.45 12.47 -1.96
CA SER G 261 29.20 12.58 -1.20
C SER G 261 28.48 13.89 -1.48
N ILE G 262 29.24 14.94 -1.79
CA ILE G 262 28.66 16.23 -2.10
C ILE G 262 28.03 16.27 -3.50
N MET G 263 28.80 15.95 -4.55
CA MET G 263 28.29 16.02 -5.95
C MET G 263 27.15 15.04 -6.26
N LYS G 264 27.14 13.90 -5.57
CA LYS G 264 26.14 12.89 -5.83
C LYS G 264 25.04 12.85 -4.78
N ASN G 265 24.96 13.89 -3.96
CA ASN G 265 23.98 13.99 -2.87
C ASN G 265 23.75 12.64 -2.16
N LEU G 266 24.82 12.02 -1.66
CA LEU G 266 24.76 10.67 -1.09
C LEU G 266 24.30 10.66 0.36
N ARG G 267 24.57 11.74 1.08
CA ARG G 267 24.17 11.82 2.48
C ARG G 267 24.87 10.73 3.31
N ARG G 268 26.11 10.40 2.91
CA ARG G 268 26.95 9.55 3.74
C ARG G 268 27.35 10.34 4.97
N VAL G 269 27.70 9.63 6.04
CA VAL G 269 28.06 10.25 7.31
C VAL G 269 29.59 10.28 7.42
N HIS G 270 30.15 11.49 7.46
CA HIS G 270 31.60 11.66 7.54
C HIS G 270 31.97 12.43 8.79
N PRO G 271 33.05 11.99 9.46
CA PRO G 271 33.66 12.80 10.53
C PRO G 271 34.30 14.06 9.95
N ILE G 272 33.58 15.18 9.96
CA ILE G 272 34.11 16.42 9.40
C ILE G 272 33.70 17.66 10.20
N SER G 273 34.40 18.76 9.95
CA SER G 273 34.33 19.91 10.84
C SER G 273 33.19 20.84 10.43
N THR G 274 32.27 21.07 11.36
CA THR G 274 31.07 21.82 11.08
C THR G 274 30.85 22.81 12.20
N MET G 275 30.17 23.91 11.89
CA MET G 275 29.88 24.94 12.88
C MET G 275 28.85 24.41 13.87
N LEU G 276 29.29 23.96 15.05
CA LEU G 276 28.40 23.19 15.90
C LEU G 276 27.83 23.91 17.12
N LYS G 277 27.93 25.24 17.15
CA LYS G 277 27.38 25.99 18.26
C LYS G 277 25.97 25.48 18.58
N GLY G 278 25.68 25.28 19.86
CA GLY G 278 24.35 24.85 20.23
C GLY G 278 24.15 23.35 20.19
N LEU G 279 25.20 22.61 19.86
CA LEU G 279 25.20 21.16 20.00
C LEU G 279 26.39 20.71 20.83
N TYR G 280 26.28 19.53 21.45
CA TYR G 280 27.35 18.97 22.27
C TYR G 280 27.79 19.94 23.37
N GLY G 281 26.88 20.81 23.78
CA GLY G 281 27.18 21.74 24.86
C GLY G 281 28.12 22.86 24.47
N ILE G 282 28.41 23.00 23.17
CA ILE G 282 29.22 24.12 22.68
C ILE G 282 28.38 25.39 22.47
N LYS G 283 28.93 26.52 22.91
CA LYS G 283 28.19 27.78 22.91
C LYS G 283 28.85 28.81 22.02
N GLU G 284 29.99 28.44 21.44
CA GLU G 284 30.80 29.37 20.68
C GLU G 284 30.78 29.05 19.19
N ASP G 285 31.15 30.05 18.38
CA ASP G 285 31.27 29.84 16.94
C ASP G 285 32.57 29.12 16.61
N VAL G 286 32.53 27.79 16.70
CA VAL G 286 33.70 27.00 16.37
C VAL G 286 33.36 25.83 15.45
N PHE G 287 34.37 25.35 14.76
CA PHE G 287 34.20 24.21 13.87
C PHE G 287 34.92 22.98 14.40
N LEU G 288 34.16 22.00 14.85
CA LEU G 288 34.71 20.70 15.24
C LEU G 288 34.13 19.56 14.40
N SER G 289 34.88 18.46 14.33
CA SER G 289 34.42 17.30 13.57
C SER G 289 33.52 16.37 14.39
N VAL G 290 32.37 16.05 13.83
CA VAL G 290 31.40 15.18 14.44
C VAL G 290 30.77 14.48 13.26
N PRO G 291 29.99 13.41 13.50
CA PRO G 291 29.51 12.70 12.31
C PRO G 291 28.47 13.53 11.55
N CYS G 292 28.81 13.89 10.33
CA CYS G 292 27.97 14.78 9.53
C CYS G 292 27.39 14.10 8.29
N VAL G 293 26.10 14.26 8.10
CA VAL G 293 25.42 13.76 6.91
C VAL G 293 25.68 14.74 5.73
N LEU G 294 26.40 14.26 4.72
CA LEU G 294 26.96 15.14 3.71
C LEU G 294 26.36 14.88 2.33
N GLY G 295 25.74 15.91 1.76
CA GLY G 295 25.12 15.78 0.46
C GLY G 295 25.28 17.05 -0.34
N GLN G 296 24.31 17.30 -1.21
CA GLN G 296 24.42 18.35 -2.21
C GLN G 296 24.28 19.78 -1.63
N ASN G 297 23.79 19.90 -0.40
CA ASN G 297 23.68 21.20 0.25
C ASN G 297 24.63 21.31 1.45
N GLY G 298 25.73 20.56 1.38
CA GLY G 298 26.68 20.58 2.48
C GLY G 298 26.21 19.71 3.63
N ILE G 299 26.38 20.22 4.84
CA ILE G 299 25.93 19.49 6.01
C ILE G 299 24.47 19.83 6.37
N SER G 300 23.64 18.81 6.43
CA SER G 300 22.22 18.98 6.64
C SER G 300 21.79 18.46 8.00
N ASP G 301 22.54 17.50 8.52
CA ASP G 301 22.21 16.86 9.77
C ASP G 301 23.51 16.39 10.40
N VAL G 302 23.56 16.35 11.73
CA VAL G 302 24.70 15.78 12.43
C VAL G 302 24.25 14.66 13.35
N VAL G 303 25.04 13.58 13.40
CA VAL G 303 24.79 12.50 14.34
C VAL G 303 25.13 12.90 15.77
N LYS G 304 24.22 12.63 16.71
CA LYS G 304 24.50 12.91 18.09
C LYS G 304 25.12 11.67 18.75
N VAL G 305 26.44 11.73 18.95
CA VAL G 305 27.19 10.63 19.49
C VAL G 305 27.11 10.63 21.02
N THR G 306 26.74 9.50 21.62
CA THR G 306 26.70 9.42 23.08
C THR G 306 28.11 9.48 23.62
N LEU G 307 28.47 10.59 24.24
CA LEU G 307 29.82 10.73 24.79
C LEU G 307 29.84 10.39 26.27
N THR G 308 31.02 10.06 26.77
CA THR G 308 31.19 9.93 28.22
C THR G 308 31.51 11.31 28.78
N SER G 309 31.23 11.50 30.07
CA SER G 309 31.50 12.76 30.76
C SER G 309 32.85 13.32 30.38
N GLU G 310 33.84 12.44 30.31
CA GLU G 310 35.21 12.83 30.05
C GLU G 310 35.36 13.22 28.58
N GLU G 311 34.71 12.48 27.68
CA GLU G 311 34.77 12.76 26.25
C GLU G 311 34.14 14.12 25.98
N GLU G 312 32.91 14.27 26.45
CA GLU G 312 32.14 15.50 26.31
C GLU G 312 32.91 16.73 26.78
N ALA G 313 33.72 16.56 27.81
CA ALA G 313 34.53 17.66 28.32
C ALA G 313 35.71 17.97 27.41
N HIS G 314 36.24 16.94 26.75
CA HIS G 314 37.30 17.15 25.77
C HIS G 314 36.84 18.08 24.66
N LEU G 315 35.65 17.83 24.14
CA LEU G 315 35.11 18.64 23.07
C LEU G 315 34.99 20.08 23.52
N LYS G 316 34.37 20.31 24.68
CA LYS G 316 34.14 21.67 25.16
C LYS G 316 35.45 22.44 25.41
N LYS G 317 36.50 21.70 25.80
CA LYS G 317 37.85 22.28 25.86
C LYS G 317 38.34 22.71 24.47
N SER G 318 38.13 21.86 23.46
CA SER G 318 38.56 22.20 22.11
C SER G 318 37.75 23.36 21.54
N ALA G 319 36.45 23.39 21.83
CA ALA G 319 35.63 24.54 21.44
C ALA G 319 36.26 25.79 22.06
N ASP G 320 36.66 25.66 23.33
CA ASP G 320 37.14 26.79 24.12
C ASP G 320 38.52 27.25 23.68
N THR G 321 39.34 26.32 23.23
CA THR G 321 40.68 26.62 22.77
C THR G 321 40.63 27.24 21.38
N LEU G 322 39.71 26.74 20.56
CA LEU G 322 39.56 27.20 19.19
C LEU G 322 39.10 28.65 19.20
N TRP G 323 38.04 28.90 19.96
CA TRP G 323 37.48 30.23 20.12
C TRP G 323 38.53 31.20 20.68
N GLY G 324 39.39 30.68 21.55
CA GLY G 324 40.43 31.51 22.14
C GLY G 324 41.40 32.06 21.11
N ILE G 325 41.87 31.20 20.22
CA ILE G 325 42.76 31.61 19.13
C ILE G 325 42.04 32.56 18.18
N GLN G 326 40.80 32.20 17.86
CA GLN G 326 39.98 32.99 16.95
C GLN G 326 39.80 34.43 17.40
N LYS G 327 39.63 34.64 18.71
CA LYS G 327 39.34 35.97 19.21
C LYS G 327 40.41 36.98 18.81
N GLU G 328 41.67 36.55 18.80
CA GLU G 328 42.76 37.49 18.53
C GLU G 328 43.07 37.68 17.05
N LEU G 329 42.38 36.95 16.19
CA LEU G 329 42.54 37.13 14.75
C LEU G 329 41.85 38.41 14.31
N GLN G 330 42.38 39.08 13.30
CA GLN G 330 41.72 40.24 12.72
C GLN G 330 41.20 39.97 11.30
N PHE G 331 39.92 40.30 11.07
CA PHE G 331 39.26 39.98 9.81
C PHE G 331 39.10 41.21 8.94
N ALA H 1 11.87 12.77 20.51
CA ALA H 1 11.94 11.58 21.42
C ALA H 1 11.90 10.27 20.61
N ALA H 2 11.46 10.37 19.36
CA ALA H 2 11.58 9.26 18.42
C ALA H 2 13.06 9.05 18.11
N LEU H 3 13.43 7.80 17.82
CA LEU H 3 14.86 7.44 17.78
C LEU H 3 15.64 8.27 16.79
N LYS H 4 15.10 8.47 15.61
CA LYS H 4 15.80 9.24 14.59
C LYS H 4 16.27 10.57 15.17
N ASP H 5 15.39 11.23 15.91
CA ASP H 5 15.73 12.54 16.47
C ASP H 5 16.68 12.41 17.65
N GLN H 6 16.68 11.26 18.32
CA GLN H 6 17.67 11.01 19.37
C GLN H 6 19.05 10.85 18.76
N LEU H 7 19.09 10.19 17.60
CA LEU H 7 20.32 9.90 16.88
C LEU H 7 20.82 11.12 16.11
N ILE H 8 19.91 11.78 15.41
CA ILE H 8 20.29 12.79 14.46
C ILE H 8 19.63 14.13 14.74
N HIS H 9 20.43 15.18 14.69
CA HIS H 9 19.93 16.55 14.83
C HIS H 9 19.87 17.20 13.46
N ASN H 10 18.68 17.61 13.06
CA ASN H 10 18.51 18.26 11.77
C ASN H 10 18.98 19.72 11.88
N LEU H 11 20.01 20.07 11.12
CA LEU H 11 20.49 21.45 11.05
C LEU H 11 19.89 22.11 9.81
N LEU H 12 20.26 21.64 8.63
CA LEU H 12 19.61 22.13 7.43
C LEU H 12 18.16 21.71 7.49
N LYS H 13 17.43 21.99 6.43
CA LYS H 13 15.97 21.96 6.48
C LYS H 13 15.41 21.99 5.07
N GLU H 14 16.21 21.53 4.10
CA GLU H 14 16.04 21.94 2.71
C GLU H 14 15.25 20.97 1.82
N GLU H 15 15.20 21.27 0.52
CA GLU H 15 14.23 20.65 -0.37
C GLU H 15 14.78 20.25 -1.73
N HIS H 16 14.96 18.95 -1.95
CA HIS H 16 14.10 18.26 -2.90
C HIS H 16 14.62 18.17 -4.34
N VAL H 17 15.29 19.22 -4.83
CA VAL H 17 15.60 19.29 -6.27
C VAL H 17 16.84 18.52 -6.71
N PRO H 18 16.67 17.66 -7.74
CA PRO H 18 17.74 16.84 -8.32
C PRO H 18 18.57 17.59 -9.36
N GLN H 19 19.87 17.35 -9.33
CA GLN H 19 20.82 18.10 -10.14
C GLN H 19 21.12 17.35 -11.43
N ASN H 20 21.27 16.04 -11.31
CA ASN H 20 21.62 15.21 -12.44
C ASN H 20 20.65 14.05 -12.52
N LYS H 21 19.38 14.37 -12.78
CA LYS H 21 18.35 13.37 -12.75
C LYS H 21 18.20 12.80 -14.14
N ILE H 22 17.98 11.49 -14.21
CA ILE H 22 17.65 10.84 -15.46
C ILE H 22 16.37 10.03 -15.35
N THR H 23 15.53 10.12 -16.37
CA THR H 23 14.33 9.30 -16.42
C THR H 23 14.36 8.30 -17.57
N VAL H 24 13.96 7.07 -17.25
CA VAL H 24 13.79 6.01 -18.23
C VAL H 24 12.32 5.65 -18.33
N VAL H 25 11.71 6.00 -19.46
CA VAL H 25 10.31 5.69 -19.73
C VAL H 25 10.15 4.29 -20.32
N GLY H 26 9.30 3.48 -19.69
CA GLY H 26 9.19 2.09 -20.07
C GLY H 26 10.12 1.19 -19.27
N VAL H 27 9.55 0.15 -18.65
CA VAL H 27 10.34 -0.81 -17.89
C VAL H 27 10.27 -2.18 -18.54
N GLY H 28 10.24 -2.18 -19.86
CA GLY H 28 10.50 -3.39 -20.61
C GLY H 28 11.92 -3.82 -20.42
N ALA H 29 12.32 -4.91 -21.06
CA ALA H 29 13.66 -5.44 -20.84
C ALA H 29 14.74 -4.45 -21.32
N VAL H 30 14.46 -3.73 -22.39
CA VAL H 30 15.35 -2.65 -22.84
C VAL H 30 15.43 -1.48 -21.84
N GLY H 31 14.29 -1.11 -21.27
CA GLY H 31 14.27 -0.01 -20.32
C GLY H 31 14.99 -0.32 -19.02
N MET H 32 14.92 -1.57 -18.56
CA MET H 32 15.65 -1.94 -17.36
C MET H 32 17.15 -2.16 -17.65
N ALA H 33 17.47 -2.54 -18.87
CA ALA H 33 18.89 -2.62 -19.26
C ALA H 33 19.53 -1.24 -19.23
N CYS H 34 18.83 -0.25 -19.77
CA CYS H 34 19.29 1.14 -19.71
C CYS H 34 19.38 1.61 -18.26
N ALA H 35 18.43 1.19 -17.45
CA ALA H 35 18.42 1.57 -16.04
C ALA H 35 19.63 1.00 -15.30
N ILE H 36 19.87 -0.30 -15.43
CA ILE H 36 20.93 -0.93 -14.68
C ILE H 36 22.31 -0.41 -15.12
N SER H 37 22.53 -0.28 -16.43
CA SER H 37 23.82 0.21 -16.92
C SER H 37 24.11 1.60 -16.38
N ILE H 38 23.10 2.47 -16.41
CA ILE H 38 23.27 3.84 -15.95
C ILE H 38 23.57 3.94 -14.46
N LEU H 39 22.90 3.10 -13.66
CA LEU H 39 23.14 3.09 -12.21
C LEU H 39 24.54 2.56 -11.90
N MET H 40 25.12 1.81 -12.82
CA MET H 40 26.43 1.24 -12.55
C MET H 40 27.56 2.09 -13.10
N LYS H 41 27.22 3.15 -13.84
CA LYS H 41 28.20 4.11 -14.33
C LYS H 41 28.10 5.46 -13.63
N ASP H 42 27.23 5.54 -12.63
CA ASP H 42 27.15 6.73 -11.77
C ASP H 42 26.84 8.02 -12.52
N LEU H 43 25.99 7.92 -13.53
CA LEU H 43 25.64 9.09 -14.32
C LEU H 43 24.64 9.97 -13.58
N ALA H 44 23.82 9.37 -12.72
CA ALA H 44 22.68 10.06 -12.13
C ALA H 44 22.80 10.21 -10.62
N ASP H 45 22.25 11.30 -10.08
CA ASP H 45 22.09 11.44 -8.65
C ASP H 45 20.66 11.15 -8.27
N GLU H 46 19.88 10.70 -9.25
CA GLU H 46 18.51 10.28 -9.05
C GLU H 46 17.98 9.70 -10.35
N LEU H 47 17.43 8.49 -10.23
CA LEU H 47 16.89 7.79 -11.39
C LEU H 47 15.39 7.59 -11.26
N ALA H 48 14.65 7.95 -12.30
CA ALA H 48 13.20 7.76 -12.27
C ALA H 48 12.68 6.84 -13.39
N LEU H 49 11.79 5.93 -13.02
CA LEU H 49 11.14 5.00 -13.96
C LEU H 49 9.65 5.32 -14.09
N VAL H 50 9.13 5.26 -15.32
CA VAL H 50 7.68 5.40 -15.52
C VAL H 50 7.18 4.44 -16.59
N ASP H 51 6.01 3.87 -16.35
CA ASP H 51 5.36 2.98 -17.27
C ASP H 51 3.86 2.97 -16.93
N VAL H 52 3.04 2.27 -17.70
CA VAL H 52 1.64 2.08 -17.34
C VAL H 52 1.41 0.84 -16.50
N MET H 53 2.26 -0.16 -16.68
CA MET H 53 2.18 -1.41 -15.92
C MET H 53 2.66 -1.19 -14.50
N GLU H 54 1.71 -0.87 -13.61
CA GLU H 54 2.03 -0.27 -12.33
C GLU H 54 2.79 -1.21 -11.39
N ASP H 55 2.43 -2.49 -11.40
CA ASP H 55 3.08 -3.44 -10.50
C ASP H 55 4.48 -3.78 -10.99
N LYS H 56 4.62 -3.92 -12.29
CA LYS H 56 5.92 -4.14 -12.89
C LYS H 56 6.82 -2.95 -12.53
N LEU H 57 6.26 -1.75 -12.53
CA LEU H 57 6.96 -0.52 -12.13
C LEU H 57 7.36 -0.47 -10.65
N LYS H 58 6.40 -0.73 -9.77
CA LYS H 58 6.69 -0.71 -8.34
C LYS H 58 7.66 -1.84 -7.99
N GLY H 59 7.59 -2.93 -8.74
CA GLY H 59 8.51 -4.04 -8.51
C GLY H 59 9.92 -3.83 -9.03
N GLU H 60 10.06 -3.32 -10.25
CA GLU H 60 11.39 -2.98 -10.76
C GLU H 60 12.06 -1.97 -9.83
N MET H 61 11.32 -0.92 -9.47
CA MET H 61 11.84 0.14 -8.62
C MET H 61 12.33 -0.36 -7.27
N MET H 62 11.51 -1.19 -6.63
CA MET H 62 11.89 -1.73 -5.33
C MET H 62 13.13 -2.58 -5.48
N ASP H 63 13.18 -3.39 -6.52
CA ASP H 63 14.27 -4.35 -6.68
C ASP H 63 15.60 -3.60 -6.76
N LEU H 64 15.66 -2.59 -7.64
CA LEU H 64 16.81 -1.69 -7.73
C LEU H 64 17.15 -1.09 -6.37
N GLN H 65 16.14 -0.61 -5.67
CA GLN H 65 16.35 0.13 -4.44
C GLN H 65 17.09 -0.73 -3.42
N HIS H 66 16.84 -2.03 -3.45
CA HIS H 66 17.48 -2.95 -2.51
C HIS H 66 18.96 -3.10 -2.83
N GLY H 67 19.36 -2.66 -4.01
CA GLY H 67 20.77 -2.69 -4.37
C GLY H 67 21.49 -1.45 -3.88
N SER H 68 20.74 -0.55 -3.25
CA SER H 68 21.28 0.75 -2.92
C SER H 68 22.65 0.72 -2.26
N LEU H 69 22.90 -0.25 -1.39
CA LEU H 69 24.19 -0.34 -0.68
C LEU H 69 25.37 -0.38 -1.67
N PHE H 70 25.11 -0.88 -2.87
CA PHE H 70 26.17 -1.14 -3.81
C PHE H 70 26.25 -0.09 -4.94
N LEU H 71 25.30 0.84 -4.93
CA LEU H 71 25.24 1.88 -5.93
C LEU H 71 25.76 3.18 -5.33
N ARG H 72 25.92 4.21 -6.15
CA ARG H 72 26.17 5.57 -5.65
C ARG H 72 25.17 6.54 -6.29
N THR H 73 23.92 6.08 -6.43
CA THR H 73 22.82 6.89 -6.93
C THR H 73 21.75 6.91 -5.83
N PRO H 74 21.65 8.01 -5.09
CA PRO H 74 20.94 7.99 -3.81
C PRO H 74 19.43 7.84 -3.86
N LYS H 75 18.84 8.00 -5.03
CA LYS H 75 17.39 8.04 -5.10
C LYS H 75 16.81 7.40 -6.37
N ILE H 76 15.94 6.42 -6.18
CA ILE H 76 15.25 5.79 -7.29
C ILE H 76 13.74 5.86 -7.07
N VAL H 77 13.02 6.35 -8.06
CA VAL H 77 11.58 6.57 -7.95
C VAL H 77 10.88 6.10 -9.20
N SER H 78 9.72 5.46 -9.04
CA SER H 78 8.87 5.10 -10.17
C SER H 78 7.50 5.74 -10.00
N GLY H 79 6.72 5.76 -11.06
CA GLY H 79 5.39 6.32 -10.96
C GLY H 79 4.59 6.28 -12.23
N LYS H 80 3.31 5.99 -12.09
CA LYS H 80 2.39 6.07 -13.20
C LYS H 80 2.30 7.54 -13.63
N ASP H 81 2.40 8.44 -12.65
CA ASP H 81 2.27 9.89 -12.88
C ASP H 81 3.64 10.47 -13.19
N TYR H 82 3.74 11.28 -14.24
CA TYR H 82 5.03 11.77 -14.69
C TYR H 82 5.63 12.88 -13.82
N SER H 83 4.95 13.17 -12.71
CA SER H 83 5.46 14.12 -11.75
C SER H 83 6.66 13.53 -11.03
N VAL H 84 6.88 12.24 -11.20
CA VAL H 84 8.05 11.59 -10.64
C VAL H 84 9.23 11.85 -11.59
N THR H 85 8.89 12.14 -12.83
CA THR H 85 9.83 12.53 -13.85
C THR H 85 10.42 13.93 -13.64
N ALA H 86 9.71 14.77 -12.89
CA ALA H 86 9.99 16.20 -12.84
C ALA H 86 11.47 16.57 -12.64
N ASN H 87 11.93 17.54 -13.44
CA ASN H 87 13.24 18.15 -13.28
C ASN H 87 14.41 17.33 -13.85
N SER H 88 14.13 16.44 -14.80
CA SER H 88 15.14 15.58 -15.41
C SER H 88 16.09 16.29 -16.37
N LYS H 89 17.37 15.92 -16.31
CA LYS H 89 18.31 16.37 -17.32
C LYS H 89 18.04 15.64 -18.62
N LEU H 90 17.91 14.32 -18.53
CA LEU H 90 17.78 13.46 -19.71
C LEU H 90 16.67 12.43 -19.52
N VAL H 91 15.85 12.28 -20.55
CA VAL H 91 14.74 11.33 -20.54
C VAL H 91 14.90 10.34 -21.69
N ILE H 92 14.91 9.05 -21.35
CA ILE H 92 15.10 7.99 -22.36
C ILE H 92 13.77 7.33 -22.69
N ILE H 93 13.32 7.48 -23.94
CA ILE H 93 12.07 6.85 -24.38
C ILE H 93 12.33 5.49 -25.00
N THR H 94 11.86 4.45 -24.32
CA THR H 94 11.99 3.08 -24.81
C THR H 94 10.62 2.42 -24.87
N ALA H 95 9.57 3.24 -24.83
CA ALA H 95 8.20 2.75 -24.77
C ALA H 95 7.70 2.34 -26.15
N GLY H 96 6.73 1.45 -26.15
CA GLY H 96 6.03 1.16 -27.40
C GLY H 96 5.25 -0.13 -27.32
N ALA H 97 4.51 -0.44 -28.38
CA ALA H 97 3.94 -1.77 -28.55
C ALA H 97 4.74 -2.51 -29.62
N GLU H 103 -0.93 -6.29 -38.92
CA GLU H 103 0.28 -5.82 -39.59
C GLU H 103 0.24 -4.32 -39.82
N SER H 104 1.22 -3.83 -40.57
CA SER H 104 1.22 -2.47 -41.13
C SER H 104 2.28 -1.54 -40.55
N ARG H 105 3.14 -1.04 -41.43
CA ARG H 105 4.01 0.06 -41.08
C ARG H 105 3.11 1.21 -40.64
N LEU H 106 1.92 1.28 -41.24
CA LEU H 106 1.01 2.41 -41.02
C LEU H 106 0.10 2.24 -39.80
N ASN H 107 0.27 1.15 -39.06
CA ASN H 107 -0.59 0.89 -37.91
C ASN H 107 0.19 0.47 -36.68
N LEU H 108 1.20 -0.37 -36.86
CA LEU H 108 2.10 -0.65 -35.76
C LEU H 108 2.65 0.66 -35.24
N VAL H 109 3.07 1.52 -36.17
CA VAL H 109 3.64 2.82 -35.84
C VAL H 109 2.61 3.76 -35.25
N GLN H 110 1.43 3.82 -35.87
CA GLN H 110 0.40 4.73 -35.42
C GLN H 110 0.09 4.44 -33.97
N ARG H 111 0.28 3.18 -33.60
CA ARG H 111 0.07 2.76 -32.22
C ARG H 111 1.19 3.25 -31.31
N ASN H 112 2.38 3.49 -31.87
CA ASN H 112 3.44 4.13 -31.11
C ASN H 112 3.34 5.65 -31.15
N VAL H 113 2.87 6.20 -32.27
CA VAL H 113 2.56 7.62 -32.33
C VAL H 113 1.55 7.93 -31.24
N ASN H 114 0.60 7.03 -31.05
CA ASN H 114 -0.48 7.28 -30.10
C ASN H 114 0.05 7.13 -28.69
N ILE H 115 0.93 6.17 -28.48
CA ILE H 115 1.64 6.09 -27.22
C ILE H 115 2.41 7.40 -26.96
N PHE H 116 3.18 7.85 -27.95
CA PHE H 116 3.98 9.08 -27.77
C PHE H 116 3.10 10.30 -27.53
N LYS H 117 1.85 10.25 -28.01
CA LYS H 117 0.92 11.35 -27.81
C LYS H 117 0.64 11.55 -26.33
N PHE H 118 0.53 10.46 -25.58
CA PHE H 118 0.29 10.54 -24.15
C PHE H 118 1.59 10.75 -23.36
N ILE H 119 2.65 10.04 -23.74
CA ILE H 119 3.94 10.15 -23.06
C ILE H 119 4.66 11.49 -23.26
N ILE H 120 4.92 11.89 -24.50
CA ILE H 120 5.84 13.01 -24.72
C ILE H 120 5.39 14.34 -24.14
N PRO H 121 4.09 14.66 -24.25
CA PRO H 121 3.65 15.91 -23.64
C PRO H 121 3.90 15.86 -22.14
N ASN H 122 3.65 14.69 -21.55
CA ASN H 122 3.84 14.50 -20.12
C ASN H 122 5.29 14.72 -19.69
N VAL H 123 6.23 14.26 -20.48
CA VAL H 123 7.64 14.39 -20.13
C VAL H 123 8.04 15.85 -20.20
N VAL H 124 7.59 16.54 -21.23
CA VAL H 124 7.99 17.94 -21.43
C VAL H 124 7.33 18.86 -20.39
N LYS H 125 6.13 18.48 -19.93
CA LYS H 125 5.45 19.24 -18.90
C LYS H 125 6.26 19.26 -17.60
N TYR H 126 6.89 18.15 -17.25
CA TYR H 126 7.56 18.04 -15.97
C TYR H 126 9.07 18.20 -16.06
N SER H 127 9.61 17.95 -17.24
CA SER H 127 11.02 18.24 -17.49
C SER H 127 11.14 19.09 -18.75
N PRO H 128 10.73 20.34 -18.64
CA PRO H 128 10.71 21.33 -19.72
C PRO H 128 12.04 21.46 -20.48
N HIS H 129 13.16 21.29 -19.78
CA HIS H 129 14.45 21.55 -20.39
C HIS H 129 15.27 20.32 -20.78
N CYS H 130 14.73 19.13 -20.49
CA CYS H 130 15.50 17.89 -20.66
C CYS H 130 15.89 17.64 -22.11
N LYS H 131 16.87 16.77 -22.31
CA LYS H 131 17.07 16.21 -23.63
C LYS H 131 16.20 14.98 -23.71
N LEU H 132 15.70 14.67 -24.90
CA LEU H 132 15.03 13.39 -25.16
C LEU H 132 15.94 12.44 -25.91
N LEU H 133 16.14 11.24 -25.38
CA LEU H 133 16.81 10.19 -26.13
C LEU H 133 15.78 9.13 -26.46
N VAL H 134 15.42 9.06 -27.74
CA VAL H 134 14.43 8.10 -28.17
C VAL H 134 15.14 6.78 -28.50
N VAL H 135 14.57 5.67 -28.05
CA VAL H 135 15.16 4.36 -28.33
C VAL H 135 14.16 3.43 -29.03
N SER H 136 12.89 3.82 -29.04
CA SER H 136 11.81 2.99 -29.55
C SER H 136 11.95 2.72 -31.05
N ASN H 137 11.49 1.55 -31.50
CA ASN H 137 11.49 1.23 -32.92
C ASN H 137 10.10 1.38 -33.53
N PRO H 138 10.02 1.90 -34.76
CA PRO H 138 11.14 2.36 -35.59
C PRO H 138 11.75 3.67 -35.07
N VAL H 139 13.06 3.67 -34.79
CA VAL H 139 13.65 4.70 -33.95
C VAL H 139 13.81 6.03 -34.66
N ASP H 140 14.11 6.01 -35.95
CA ASP H 140 14.26 7.26 -36.67
C ASP H 140 12.93 8.00 -36.84
N ILE H 141 11.90 7.23 -37.21
CA ILE H 141 10.56 7.75 -37.30
C ILE H 141 10.03 8.20 -35.94
N LEU H 142 10.37 7.48 -34.88
CA LEU H 142 9.82 7.80 -33.57
C LEU H 142 10.56 8.96 -32.90
N THR H 143 11.78 9.23 -33.36
CA THR H 143 12.51 10.39 -32.87
C THR H 143 11.90 11.64 -33.48
N TYR H 144 11.40 11.50 -34.71
CA TYR H 144 10.76 12.61 -35.39
C TYR H 144 9.44 12.91 -34.68
N VAL H 145 8.73 11.84 -34.37
CA VAL H 145 7.47 11.96 -33.64
C VAL H 145 7.63 12.60 -32.25
N ALA H 146 8.63 12.16 -31.49
CA ALA H 146 8.92 12.83 -30.22
C ALA H 146 9.28 14.29 -30.50
N TRP H 147 10.03 14.51 -31.58
CA TRP H 147 10.49 15.86 -31.89
C TRP H 147 9.32 16.78 -32.21
N LYS H 148 8.43 16.34 -33.09
CA LYS H 148 7.35 17.19 -33.53
C LYS H 148 6.37 17.46 -32.39
N ILE H 149 6.03 16.43 -31.61
CA ILE H 149 5.15 16.59 -30.47
C ILE H 149 5.78 17.45 -29.38
N SER H 150 7.05 17.20 -29.06
CA SER H 150 7.66 17.85 -27.91
C SER H 150 7.63 19.37 -28.07
N GLY H 151 7.95 19.83 -29.28
CA GLY H 151 8.18 21.25 -29.49
C GLY H 151 9.64 21.66 -29.33
N PHE H 152 10.48 20.73 -28.90
CA PHE H 152 11.89 21.04 -28.66
C PHE H 152 12.66 21.40 -29.92
N PRO H 153 13.76 22.14 -29.78
CA PRO H 153 14.73 22.32 -30.86
C PRO H 153 15.48 21.03 -31.16
N LYS H 154 15.91 20.90 -32.42
CA LYS H 154 16.48 19.64 -32.90
C LYS H 154 17.68 19.18 -32.08
N ASN H 155 18.36 20.13 -31.44
CA ASN H 155 19.58 19.81 -30.69
C ASN H 155 19.29 18.98 -29.43
N ARG H 156 18.05 19.03 -28.95
CA ARG H 156 17.70 18.37 -27.68
C ARG H 156 16.87 17.10 -27.85
N VAL H 157 16.71 16.63 -29.08
CA VAL H 157 16.00 15.39 -29.33
C VAL H 157 16.87 14.42 -30.12
N ILE H 158 17.33 13.39 -29.43
CA ILE H 158 18.31 12.44 -29.95
C ILE H 158 17.65 11.07 -30.12
N GLY H 159 17.74 10.51 -31.32
CA GLY H 159 17.37 9.12 -31.51
C GLY H 159 18.60 8.24 -31.39
N SER H 160 18.46 7.08 -30.76
CA SER H 160 19.63 6.24 -30.50
C SER H 160 20.15 5.65 -31.79
N GLY H 161 19.31 5.61 -32.83
CA GLY H 161 19.83 5.39 -34.17
C GLY H 161 20.79 4.22 -34.35
N CYS H 162 21.93 4.48 -34.99
CA CYS H 162 22.86 3.43 -35.39
C CYS H 162 23.98 3.24 -34.39
N ASN H 163 23.75 3.70 -33.17
CA ASN H 163 24.79 3.61 -32.15
C ASN H 163 25.17 2.16 -31.89
N LEU H 164 24.20 1.38 -31.42
CA LEU H 164 24.48 -0.02 -31.12
C LEU H 164 24.90 -0.83 -32.35
N ASP H 165 24.32 -0.51 -33.50
CA ASP H 165 24.72 -1.13 -34.75
C ASP H 165 26.21 -0.92 -35.06
N SER H 166 26.68 0.32 -34.89
CA SER H 166 28.10 0.62 -35.01
C SER H 166 28.92 -0.24 -34.05
N ALA H 167 28.43 -0.41 -32.84
CA ALA H 167 29.17 -1.13 -31.82
C ALA H 167 29.20 -2.62 -32.17
N ARG H 168 28.08 -3.14 -32.63
CA ARG H 168 28.01 -4.52 -33.06
C ARG H 168 29.03 -4.79 -34.17
N PHE H 169 29.15 -3.83 -35.07
CA PHE H 169 29.99 -3.98 -36.26
C PHE H 169 31.45 -4.00 -35.88
N ARG H 170 31.79 -3.19 -34.88
CA ARG H 170 33.16 -3.04 -34.39
C ARG H 170 33.55 -4.25 -33.57
N TYR H 171 32.61 -4.82 -32.85
CA TYR H 171 32.85 -6.09 -32.21
C TYR H 171 33.18 -7.13 -33.28
N LEU H 172 32.32 -7.25 -34.28
CA LEU H 172 32.51 -8.25 -35.33
C LEU H 172 33.75 -7.93 -36.17
N MET H 173 34.06 -6.64 -36.28
CA MET H 173 35.24 -6.22 -37.02
C MET H 173 36.46 -6.78 -36.29
N GLY H 174 36.38 -6.78 -34.97
CA GLY H 174 37.52 -7.13 -34.14
C GLY H 174 37.64 -8.60 -33.79
N GLU H 175 36.62 -9.38 -34.12
CA GLU H 175 36.74 -10.85 -34.03
C GLU H 175 37.45 -11.35 -35.27
N ARG H 176 37.29 -10.62 -36.37
CA ARG H 176 37.88 -11.00 -37.63
C ARG H 176 39.36 -10.68 -37.67
N LEU H 177 39.74 -9.59 -37.00
CA LEU H 177 41.12 -9.12 -37.06
C LEU H 177 41.93 -9.52 -35.83
N GLY H 178 41.24 -10.01 -34.79
CA GLY H 178 41.94 -10.41 -33.58
C GLY H 178 42.31 -9.22 -32.71
N VAL H 179 41.41 -8.24 -32.66
CA VAL H 179 41.67 -7.03 -31.90
C VAL H 179 40.43 -6.59 -31.15
N HIS H 180 40.63 -5.88 -30.06
CA HIS H 180 39.51 -5.38 -29.29
C HIS H 180 38.78 -4.32 -30.09
N ALA H 181 37.44 -4.37 -30.05
CA ALA H 181 36.60 -3.47 -30.82
C ALA H 181 37.03 -2.03 -30.60
N LEU H 182 37.52 -1.75 -29.39
CA LEU H 182 37.98 -0.42 -29.07
C LEU H 182 38.99 0.12 -30.10
N SER H 183 39.77 -0.77 -30.72
CA SER H 183 40.79 -0.36 -31.67
C SER H 183 40.34 -0.49 -33.12
N CYS H 184 39.20 -1.14 -33.33
CA CYS H 184 38.59 -1.20 -34.66
C CYS H 184 37.62 -0.03 -34.84
N HIS H 185 37.65 0.58 -36.01
CA HIS H 185 36.83 1.76 -36.28
C HIS H 185 36.03 1.66 -37.57
N GLY H 186 34.71 1.52 -37.44
CA GLY H 186 33.84 1.57 -38.59
C GLY H 186 32.62 2.43 -38.29
N TRP H 187 31.89 2.83 -39.33
CA TRP H 187 30.66 3.57 -39.10
C TRP H 187 29.48 3.04 -39.91
N ILE H 188 28.39 2.76 -39.22
CA ILE H 188 27.13 2.45 -39.86
C ILE H 188 26.21 3.66 -39.70
N LEU H 189 25.82 4.26 -40.82
CA LEU H 189 25.07 5.49 -40.78
C LEU H 189 23.74 5.33 -41.53
N GLY H 190 22.87 6.32 -41.41
CA GLY H 190 21.63 6.30 -42.17
C GLY H 190 20.41 5.88 -41.37
N GLU H 191 19.43 5.31 -42.06
CA GLU H 191 18.23 4.75 -41.43
C GLU H 191 18.59 3.51 -40.63
N HIS H 192 18.24 3.47 -39.36
CA HIS H 192 18.51 2.29 -38.53
C HIS H 192 17.75 1.08 -39.02
N GLY H 193 18.45 0.01 -39.39
CA GLY H 193 17.78 -1.17 -39.89
C GLY H 193 18.42 -1.76 -41.13
N ASP H 194 17.61 -2.41 -41.98
CA ASP H 194 18.12 -3.13 -43.14
C ASP H 194 18.71 -2.22 -44.21
N SER H 195 18.38 -0.93 -44.16
CA SER H 195 18.83 0.00 -45.19
C SER H 195 19.94 0.93 -44.70
N SER H 196 20.62 0.52 -43.63
CA SER H 196 21.71 1.32 -43.08
C SER H 196 22.94 1.25 -43.98
N VAL H 197 23.71 2.31 -44.03
CA VAL H 197 24.87 2.36 -44.91
C VAL H 197 26.15 2.07 -44.15
N PRO H 198 26.76 0.90 -44.37
CA PRO H 198 28.08 0.62 -43.79
C PRO H 198 29.14 1.42 -44.54
N VAL H 199 29.74 2.41 -43.88
CA VAL H 199 30.68 3.31 -44.54
C VAL H 199 32.08 2.70 -44.64
N TRP H 200 32.37 2.01 -45.74
CA TRP H 200 33.60 1.24 -45.86
C TRP H 200 34.83 2.15 -45.85
N SER H 201 34.70 3.30 -46.49
CA SER H 201 35.84 4.17 -46.69
C SER H 201 36.49 4.56 -45.38
N GLY H 202 35.71 4.54 -44.29
CA GLY H 202 36.21 5.03 -43.02
C GLY H 202 36.68 3.93 -42.07
N MET H 203 36.62 2.69 -42.53
CA MET H 203 37.07 1.56 -41.71
C MET H 203 38.59 1.55 -41.60
N ASN H 204 39.09 1.25 -40.39
CA ASN H 204 40.52 1.37 -40.10
C ASN H 204 40.88 0.82 -38.72
N VAL H 205 42.09 0.28 -38.62
CA VAL H 205 42.70 -0.03 -37.34
C VAL H 205 43.96 0.80 -37.19
N ALA H 206 43.99 1.66 -36.17
CA ALA H 206 45.14 2.52 -35.93
C ALA H 206 45.35 3.43 -37.13
N GLY H 207 44.25 3.83 -37.76
CA GLY H 207 44.32 4.81 -38.81
C GLY H 207 44.67 4.22 -40.18
N VAL H 208 44.86 2.90 -40.24
CA VAL H 208 45.21 2.24 -41.49
C VAL H 208 44.00 1.79 -42.30
N SER H 209 43.68 2.56 -43.35
CA SER H 209 42.48 2.36 -44.13
C SER H 209 42.39 0.99 -44.81
N LEU H 210 41.38 0.22 -44.42
CA LEU H 210 41.22 -1.16 -44.88
C LEU H 210 40.85 -1.22 -46.37
N LYS H 211 40.01 -0.30 -46.83
CA LYS H 211 39.54 -0.39 -48.21
C LYS H 211 40.68 -0.10 -49.15
N THR H 212 41.71 0.58 -48.64
CA THR H 212 42.91 0.81 -49.42
C THR H 212 43.83 -0.42 -49.40
N LEU H 213 43.79 -1.18 -48.31
CA LEU H 213 44.48 -2.48 -48.24
C LEU H 213 43.75 -3.48 -49.12
N HIS H 214 42.44 -3.32 -49.18
CA HIS H 214 41.56 -4.31 -49.77
C HIS H 214 40.47 -3.56 -50.51
N PRO H 215 40.76 -3.13 -51.76
CA PRO H 215 39.83 -2.28 -52.51
C PRO H 215 38.48 -2.95 -52.78
N GLU H 216 38.46 -4.27 -52.64
CA GLU H 216 37.25 -5.08 -52.84
C GLU H 216 36.33 -5.09 -51.62
N LEU H 217 36.78 -4.43 -50.55
CA LEU H 217 36.08 -4.45 -49.28
C LEU H 217 34.65 -3.93 -49.45
N GLY H 218 33.68 -4.72 -49.00
CA GLY H 218 32.30 -4.31 -49.09
C GLY H 218 31.54 -4.93 -50.25
N THR H 219 32.23 -5.13 -51.38
CA THR H 219 31.59 -5.60 -52.61
C THR H 219 31.32 -7.10 -52.60
N ASP H 220 30.44 -7.52 -53.50
CA ASP H 220 30.08 -8.93 -53.62
C ASP H 220 31.34 -9.75 -53.85
N ALA H 221 32.10 -9.36 -54.88
CA ALA H 221 33.27 -10.11 -55.31
C ALA H 221 34.34 -10.19 -54.22
N ASP H 222 34.16 -9.40 -53.16
CA ASP H 222 35.05 -9.48 -52.00
C ASP H 222 35.08 -10.92 -51.47
N LYS H 223 36.17 -11.61 -51.75
CA LYS H 223 36.33 -13.03 -51.41
C LYS H 223 36.25 -13.28 -49.90
N GLU H 224 36.42 -12.23 -49.11
CA GLU H 224 36.29 -12.35 -47.66
C GLU H 224 34.87 -12.03 -47.19
N GLN H 225 34.05 -11.48 -48.08
CA GLN H 225 32.61 -11.45 -47.86
C GLN H 225 32.16 -10.48 -46.76
N TRP H 226 32.89 -9.37 -46.62
CA TRP H 226 32.65 -8.45 -45.52
C TRP H 226 31.26 -7.82 -45.51
N LYS H 227 30.66 -7.68 -46.69
CA LYS H 227 29.29 -7.20 -46.77
C LYS H 227 28.36 -8.03 -45.88
N GLN H 228 28.70 -9.29 -45.67
CA GLN H 228 27.95 -10.15 -44.75
C GLN H 228 28.00 -9.64 -43.31
N VAL H 229 29.07 -8.92 -42.98
CA VAL H 229 29.20 -8.44 -41.62
C VAL H 229 28.21 -7.32 -41.38
N HIS H 230 27.99 -6.47 -42.39
CA HIS H 230 26.87 -5.54 -42.32
C HIS H 230 25.57 -6.32 -42.12
N LYS H 231 25.33 -7.30 -42.98
CA LYS H 231 24.14 -8.13 -42.88
C LYS H 231 23.96 -8.75 -41.50
N GLN H 232 25.04 -9.24 -40.89
CA GLN H 232 24.95 -9.82 -39.54
C GLN H 232 24.43 -8.80 -38.56
N VAL H 233 25.04 -7.62 -38.60
CA VAL H 233 24.65 -6.49 -37.76
C VAL H 233 23.15 -6.21 -37.89
N VAL H 234 22.71 -5.92 -39.11
CA VAL H 234 21.30 -5.67 -39.38
C VAL H 234 20.37 -6.80 -38.87
N ASP H 235 20.91 -8.01 -38.75
CA ASP H 235 20.10 -9.19 -38.43
C ASP H 235 20.22 -9.60 -36.96
N SER H 236 21.26 -9.14 -36.29
CA SER H 236 21.60 -9.72 -35.00
C SER H 236 20.47 -9.53 -34.00
N ALA H 237 19.82 -8.38 -34.05
CA ALA H 237 18.72 -8.07 -33.14
C ALA H 237 17.60 -9.08 -33.31
N TYR H 238 17.37 -9.49 -34.55
CA TYR H 238 16.38 -10.53 -34.82
C TYR H 238 16.91 -11.89 -34.34
N GLU H 239 18.17 -12.18 -34.67
CA GLU H 239 18.82 -13.42 -34.25
C GLU H 239 18.66 -13.64 -32.76
N VAL H 240 19.12 -12.66 -31.99
CA VAL H 240 19.07 -12.71 -30.53
C VAL H 240 17.63 -12.81 -30.01
N ILE H 241 16.69 -12.17 -30.68
CA ILE H 241 15.29 -12.23 -30.25
C ILE H 241 14.72 -13.61 -30.45
N LYS H 242 15.03 -14.22 -31.59
CA LYS H 242 14.59 -15.59 -31.84
C LYS H 242 15.22 -16.52 -30.80
N LEU H 243 16.44 -16.16 -30.38
CA LEU H 243 17.19 -16.97 -29.41
C LEU H 243 16.69 -16.90 -27.97
N LYS H 244 16.65 -15.69 -27.41
CA LYS H 244 16.38 -15.54 -25.99
C LYS H 244 15.06 -14.83 -25.70
N GLY H 245 14.35 -14.45 -26.76
CA GLY H 245 13.03 -13.87 -26.60
C GLY H 245 12.98 -12.38 -26.88
N TYR H 246 14.09 -11.70 -26.62
CA TYR H 246 14.15 -10.26 -26.63
C TYR H 246 15.65 -9.91 -26.62
N THR H 247 16.01 -8.64 -26.83
CA THR H 247 17.40 -8.24 -26.62
C THR H 247 17.48 -7.03 -25.71
N THR H 248 18.51 -6.98 -24.87
CA THR H 248 18.59 -5.92 -23.86
C THR H 248 19.98 -5.41 -23.55
N TRP H 249 20.91 -6.33 -23.27
CA TRP H 249 22.18 -5.93 -22.68
C TRP H 249 22.99 -4.98 -23.56
N ALA H 250 23.16 -5.30 -24.84
CA ALA H 250 23.91 -4.40 -25.71
C ALA H 250 23.23 -3.03 -25.77
N ILE H 251 21.94 -3.01 -26.12
CA ILE H 251 21.25 -1.74 -26.33
C ILE H 251 21.37 -0.90 -25.06
N GLY H 252 21.33 -1.58 -23.91
CA GLY H 252 21.37 -0.87 -22.65
C GLY H 252 22.72 -0.25 -22.37
N LEU H 253 23.77 -0.87 -22.87
CA LEU H 253 25.11 -0.36 -22.66
C LEU H 253 25.38 0.82 -23.59
N SER H 254 24.95 0.69 -24.85
CA SER H 254 25.14 1.77 -25.80
C SER H 254 24.38 3.03 -25.36
N VAL H 255 23.15 2.85 -24.88
CA VAL H 255 22.35 3.98 -24.41
C VAL H 255 22.99 4.64 -23.19
N ALA H 256 23.65 3.84 -22.36
CA ALA H 256 24.31 4.39 -21.18
C ALA H 256 25.56 5.14 -21.59
N ASP H 257 26.20 4.70 -22.67
CA ASP H 257 27.35 5.44 -23.18
C ASP H 257 26.95 6.78 -23.80
N LEU H 258 25.79 6.80 -24.45
CA LEU H 258 25.22 8.07 -24.90
C LEU H 258 24.91 8.93 -23.69
N ALA H 259 24.36 8.31 -22.65
CA ALA H 259 24.01 9.04 -21.44
C ALA H 259 25.28 9.61 -20.83
N GLU H 260 26.38 8.87 -20.91
CA GLU H 260 27.62 9.36 -20.33
C GLU H 260 28.11 10.63 -21.05
N SER H 261 27.95 10.67 -22.36
CA SER H 261 28.41 11.82 -23.14
C SER H 261 27.60 13.09 -22.85
N ILE H 262 26.28 12.98 -22.84
CA ILE H 262 25.39 14.06 -22.43
C ILE H 262 25.65 14.51 -20.99
N MET H 263 25.51 13.59 -20.03
CA MET H 263 25.62 13.96 -18.61
C MET H 263 26.98 14.58 -18.24
N LYS H 264 28.03 14.22 -18.96
CA LYS H 264 29.36 14.75 -18.65
C LYS H 264 29.83 15.76 -19.69
N ASN H 265 28.97 16.13 -20.62
CA ASN H 265 29.33 17.08 -21.67
C ASN H 265 30.67 16.75 -22.33
N LEU H 266 30.85 15.49 -22.71
CA LEU H 266 32.10 14.99 -23.26
C LEU H 266 32.34 15.50 -24.69
N ARG H 267 31.26 15.79 -25.40
CA ARG H 267 31.36 16.11 -26.80
C ARG H 267 32.15 15.03 -27.54
N ARG H 268 31.78 13.78 -27.31
CA ARG H 268 32.26 12.67 -28.13
C ARG H 268 31.39 12.62 -29.36
N VAL H 269 31.89 11.97 -30.42
CA VAL H 269 31.15 11.81 -31.66
C VAL H 269 30.53 10.41 -31.68
N HIS H 270 29.21 10.33 -31.91
CA HIS H 270 28.50 9.04 -31.94
C HIS H 270 27.65 8.94 -33.19
N PRO H 271 27.46 7.72 -33.70
CA PRO H 271 26.48 7.46 -34.77
C PRO H 271 25.04 7.36 -34.25
N ILE H 272 24.41 8.52 -34.07
CA ILE H 272 23.05 8.61 -33.55
C ILE H 272 22.20 9.47 -34.51
N SER H 273 20.89 9.21 -34.59
CA SER H 273 20.04 9.95 -35.53
C SER H 273 19.69 11.34 -35.03
N THR H 274 19.79 12.32 -35.93
CA THR H 274 19.55 13.72 -35.61
C THR H 274 18.76 14.30 -36.77
N MET H 275 18.09 15.43 -36.54
CA MET H 275 17.37 16.13 -37.61
C MET H 275 18.38 16.74 -38.58
N LEU H 276 18.52 16.18 -39.77
CA LEU H 276 19.58 16.65 -40.67
C LEU H 276 19.11 17.39 -41.91
N LYS H 277 17.88 17.91 -41.87
CA LYS H 277 17.39 18.73 -42.96
C LYS H 277 18.41 19.83 -43.21
N GLY H 278 18.74 20.04 -44.48
CA GLY H 278 19.74 21.04 -44.82
C GLY H 278 21.13 20.43 -44.89
N LEU H 279 21.24 19.14 -44.59
CA LEU H 279 22.52 18.47 -44.57
C LEU H 279 22.53 17.24 -45.49
N TYR H 280 23.71 16.90 -46.00
CA TYR H 280 23.89 15.68 -46.79
C TYR H 280 22.98 15.63 -47.99
N GLY H 281 22.47 16.79 -48.41
CA GLY H 281 21.62 16.85 -49.58
C GLY H 281 20.17 16.56 -49.27
N ILE H 282 19.85 16.46 -47.99
CA ILE H 282 18.52 16.07 -47.56
C ILE H 282 17.63 17.26 -47.28
N LYS H 283 16.42 17.23 -47.80
CA LYS H 283 15.60 18.43 -47.80
C LYS H 283 14.34 18.25 -46.97
N GLU H 284 14.16 17.07 -46.38
CA GLU H 284 12.98 16.81 -45.55
C GLU H 284 13.27 16.88 -44.05
N ASP H 285 12.22 17.10 -43.25
CA ASP H 285 12.31 17.00 -41.80
C ASP H 285 12.43 15.55 -41.38
N VAL H 286 13.66 15.04 -41.32
CA VAL H 286 13.89 13.64 -40.98
C VAL H 286 15.13 13.39 -40.13
N PHE H 287 15.07 12.34 -39.33
CA PHE H 287 16.19 11.95 -38.49
C PHE H 287 16.93 10.75 -39.13
N LEU H 288 18.24 10.89 -39.27
CA LEU H 288 19.11 9.84 -39.77
C LEU H 288 20.38 9.84 -38.91
N SER H 289 21.05 8.70 -38.83
CA SER H 289 22.33 8.61 -38.10
C SER H 289 23.50 9.20 -38.90
N VAL H 290 24.03 10.31 -38.41
CA VAL H 290 25.32 10.83 -38.86
C VAL H 290 26.21 10.98 -37.62
N PRO H 291 27.52 11.17 -37.83
CA PRO H 291 28.44 11.37 -36.70
C PRO H 291 28.14 12.67 -35.98
N CYS H 292 27.52 12.55 -34.80
CA CYS H 292 27.01 13.73 -34.08
C CYS H 292 27.85 13.98 -32.86
N VAL H 293 28.16 15.24 -32.59
CA VAL H 293 28.94 15.54 -31.41
C VAL H 293 27.95 15.71 -30.26
N LEU H 294 28.08 14.86 -29.24
CA LEU H 294 27.08 14.78 -28.20
C LEU H 294 27.59 15.40 -26.90
N GLY H 295 26.86 16.40 -26.40
CA GLY H 295 27.24 17.06 -25.16
C GLY H 295 26.02 17.39 -24.30
N GLN H 296 26.18 18.28 -23.33
CA GLN H 296 25.09 18.57 -22.39
C GLN H 296 23.91 19.33 -23.00
N ASN H 297 24.10 19.89 -24.19
CA ASN H 297 23.01 20.55 -24.88
C ASN H 297 22.56 19.69 -26.08
N GLY H 298 22.71 18.38 -25.93
CA GLY H 298 22.35 17.47 -27.00
C GLY H 298 23.31 17.58 -28.17
N ILE H 299 22.79 17.41 -29.38
CA ILE H 299 23.61 17.38 -30.58
C ILE H 299 23.87 18.79 -31.10
N SER H 300 25.12 19.22 -31.06
CA SER H 300 25.44 20.60 -31.38
C SER H 300 26.21 20.75 -32.70
N ASP H 301 26.79 19.64 -33.16
CA ASP H 301 27.58 19.67 -34.37
C ASP H 301 27.52 18.30 -35.02
N VAL H 302 27.54 18.25 -36.35
CA VAL H 302 27.61 16.99 -37.06
C VAL H 302 28.87 16.93 -37.92
N VAL H 303 29.49 15.75 -37.93
CA VAL H 303 30.62 15.50 -38.82
C VAL H 303 30.15 15.15 -40.23
N LYS H 304 30.46 16.02 -41.18
CA LYS H 304 30.07 15.82 -42.58
C LYS H 304 31.00 14.83 -43.26
N VAL H 305 30.71 13.54 -43.09
CA VAL H 305 31.41 12.44 -43.78
C VAL H 305 31.42 12.55 -45.31
N THR H 306 32.53 12.18 -45.94
CA THR H 306 32.62 12.18 -47.39
C THR H 306 32.13 10.86 -47.98
N LEU H 307 31.05 10.92 -48.76
CA LEU H 307 30.41 9.70 -49.28
C LEU H 307 30.64 9.45 -50.77
N THR H 308 30.43 8.20 -51.18
CA THR H 308 30.39 7.88 -52.60
C THR H 308 29.01 8.26 -53.08
N SER H 309 28.84 8.41 -54.40
CA SER H 309 27.56 8.80 -54.97
C SER H 309 26.45 7.82 -54.63
N GLU H 310 26.79 6.53 -54.51
CA GLU H 310 25.81 5.54 -54.11
C GLU H 310 25.44 5.70 -52.63
N GLU H 311 26.44 5.79 -51.76
CA GLU H 311 26.20 5.99 -50.33
C GLU H 311 25.28 7.18 -50.13
N GLU H 312 25.45 8.18 -51.00
CA GLU H 312 24.77 9.46 -50.84
C GLU H 312 23.29 9.37 -51.21
N ALA H 313 23.00 8.96 -52.43
CA ALA H 313 21.62 8.84 -52.90
C ALA H 313 20.89 7.76 -52.11
N HIS H 314 21.66 6.93 -51.42
CA HIS H 314 21.08 5.91 -50.55
C HIS H 314 20.60 6.59 -49.26
N LEU H 315 21.38 7.55 -48.80
CA LEU H 315 20.94 8.40 -47.70
C LEU H 315 19.73 9.22 -48.14
N LYS H 316 19.65 9.53 -49.42
CA LYS H 316 18.50 10.24 -49.98
C LYS H 316 17.28 9.32 -50.00
N LYS H 317 17.46 8.10 -50.48
CA LYS H 317 16.36 7.16 -50.55
C LYS H 317 15.73 7.01 -49.17
N SER H 318 16.56 7.08 -48.13
CA SER H 318 16.08 6.81 -46.79
C SER H 318 15.38 8.02 -46.20
N ALA H 319 15.87 9.21 -46.53
CA ALA H 319 15.19 10.42 -46.10
C ALA H 319 13.76 10.39 -46.63
N ASP H 320 13.63 10.10 -47.94
CA ASP H 320 12.33 10.12 -48.62
C ASP H 320 11.35 9.03 -48.16
N THR H 321 11.89 7.87 -47.81
CA THR H 321 11.09 6.79 -47.25
C THR H 321 10.50 7.19 -45.90
N LEU H 322 11.35 7.65 -44.98
CA LEU H 322 10.88 8.03 -43.64
C LEU H 322 9.79 9.10 -43.73
N TRP H 323 10.07 10.16 -44.49
CA TRP H 323 9.15 11.28 -44.63
C TRP H 323 7.85 10.81 -45.25
N GLY H 324 7.95 9.84 -46.15
CA GLY H 324 6.78 9.22 -46.72
C GLY H 324 5.92 8.64 -45.63
N ILE H 325 6.55 7.86 -44.74
CA ILE H 325 5.83 7.22 -43.66
C ILE H 325 5.26 8.23 -42.66
N GLN H 326 6.03 9.27 -42.34
CA GLN H 326 5.56 10.33 -41.45
C GLN H 326 4.32 11.05 -42.01
N LYS H 327 4.36 11.37 -43.31
CA LYS H 327 3.24 12.07 -43.93
C LYS H 327 1.92 11.37 -43.62
N GLU H 328 1.99 10.08 -43.31
CA GLU H 328 0.78 9.29 -43.08
C GLU H 328 0.47 9.02 -41.60
N LEU H 329 1.34 9.50 -40.71
CA LEU H 329 1.05 9.42 -39.29
C LEU H 329 0.04 10.50 -38.92
N GLN H 330 -0.81 10.21 -37.93
CA GLN H 330 -1.75 11.21 -37.46
C GLN H 330 -1.41 11.75 -36.06
N PHE H 331 -1.30 13.06 -35.96
CA PHE H 331 -0.83 13.71 -34.74
C PHE H 331 -1.94 14.34 -33.92
#